data_4GEZ
#
_entry.id   4GEZ
#
_cell.length_a   113.325
_cell.length_b   113.331
_cell.length_c   114.305
_cell.angle_alpha   81.47
_cell.angle_beta   81.55
_cell.angle_gamma   67.72
#
_symmetry.space_group_name_H-M   'P 1'
#
loop_
_entity.id
_entity.type
_entity.pdbx_description
1 polymer Neuraminidase
2 branched alpha-L-fucopyranose-(1-6)-2-acetamido-2-deoxy-beta-D-glucopyranose
3 branched 2-acetamido-2-deoxy-beta-D-glucopyranose-(1-4)-[beta-L-fucopyranose-(1-6)]2-acetamido-2-deoxy-beta-D-glucopyranose
4 non-polymer 'CALCIUM ION'
5 non-polymer 2-acetamido-2-deoxy-beta-D-glucopyranose
6 non-polymer alpha-L-fucopyranose
7 water water
#
_entity_poly.entity_id   1
_entity_poly.type   'polypeptide(L)'
_entity_poly.pdbx_seq_one_letter_code
;GSGDSGSPGEKFYWRAKSQMCEVKGWVPTHRGFPWGPELPGDLILSRRAYVSCDLTSCFKFFIAYGLSANQHLLNTSMEW
EESLYKTPIGSASTLSTSEMILPGRSSSACFDGLKWTVLVANGRDRNSFIMIKYGEEVTDTFSASRGGPLRLPNSECICI
EGSCFVIVSDGPNVNQSVHRIYELQNGTVQRWKQLNTTGINFEYSTCYTINNLIKCTGTNLWNDAKRPLLRFTKELNYQI
VEPCNGAPTDFPRGGLTTPSCKMAQEKGEGGIQGFILDEKPAWTSKTKAESSQNGFVLEQIPNGIESEGTVSLSYELFSN
KRTGRSGFFQPKGDLISGCQRICFWLEIEDQTVGLGMIQELSTFCGINSPVQNINWDS
;
_entity_poly.pdbx_strand_id   A,B,C,D,E,F,G,H,I,J,K,L
#
loop_
_chem_comp.id
_chem_comp.type
_chem_comp.name
_chem_comp.formula
CA non-polymer 'CALCIUM ION' 'Ca 2'
FUC L-saccharide, alpha linking alpha-L-fucopyranose 'C6 H12 O5'
FUL L-saccharide, beta linking beta-L-fucopyranose 'C6 H12 O5'
NAG D-saccharide, beta linking 2-acetamido-2-deoxy-beta-D-glucopyranose 'C8 H15 N O6'
#
# COMPACT_ATOMS: atom_id res chain seq x y z
N TYR A 13 -44.30 -4.97 0.46
CA TYR A 13 -43.79 -5.62 1.66
C TYR A 13 -42.84 -6.77 1.34
N TRP A 14 -41.56 -6.43 1.23
CA TRP A 14 -40.51 -7.35 0.83
C TRP A 14 -40.30 -8.51 1.80
N ARG A 15 -40.20 -9.71 1.24
CA ARG A 15 -39.84 -10.91 1.97
C ARG A 15 -38.64 -11.54 1.27
N ALA A 16 -37.63 -11.96 2.02
CA ALA A 16 -36.52 -12.70 1.42
C ALA A 16 -37.02 -14.07 0.96
N LYS A 17 -36.53 -14.52 -0.20
CA LYS A 17 -36.98 -15.78 -0.80
C LYS A 17 -36.62 -17.06 -0.05
N SER A 18 -37.04 -18.20 -0.61
CA SER A 18 -37.08 -19.47 0.10
C SER A 18 -35.78 -19.97 0.73
N GLN A 19 -34.70 -20.06 -0.05
CA GLN A 19 -33.46 -20.57 0.53
C GLN A 19 -32.23 -19.77 0.14
N MET A 20 -31.21 -19.85 0.99
CA MET A 20 -29.95 -19.17 0.75
C MET A 20 -29.26 -19.75 -0.47
N CYS A 21 -28.61 -18.88 -1.23
CA CYS A 21 -27.77 -19.33 -2.33
C CYS A 21 -26.57 -20.06 -1.74
N GLU A 22 -26.09 -21.07 -2.43
CA GLU A 22 -24.88 -21.75 -1.99
C GLU A 22 -23.73 -20.76 -2.10
N VAL A 23 -22.93 -20.65 -1.04
CA VAL A 23 -21.81 -19.71 -1.04
C VAL A 23 -20.49 -20.46 -1.07
N LYS A 24 -19.73 -20.25 -2.17
CA LYS A 24 -18.44 -20.91 -2.36
C LYS A 24 -17.31 -19.89 -2.36
N GLY A 25 -17.68 -18.62 -2.42
CA GLY A 25 -16.70 -17.56 -2.50
C GLY A 25 -17.30 -16.20 -2.27
N TRP A 26 -16.44 -15.21 -2.10
CA TRP A 26 -16.87 -13.84 -1.84
C TRP A 26 -16.15 -12.93 -2.82
N VAL A 27 -16.91 -12.10 -3.52
CA VAL A 27 -16.33 -11.18 -4.51
C VAL A 27 -16.69 -9.75 -4.16
N PRO A 28 -15.74 -8.83 -4.36
CA PRO A 28 -15.97 -7.42 -4.01
C PRO A 28 -16.89 -6.71 -5.00
N THR A 29 -17.92 -6.06 -4.48
CA THR A 29 -18.84 -5.29 -5.30
C THR A 29 -18.46 -3.83 -5.21
N HIS A 30 -17.81 -3.47 -4.11
CA HIS A 30 -17.31 -2.10 -3.93
C HIS A 30 -15.93 -2.08 -3.28
N ARG A 31 -15.01 -1.44 -4.00
CA ARG A 31 -13.62 -1.34 -3.61
C ARG A 31 -13.06 -0.23 -4.47
N GLY A 32 -12.67 0.87 -3.84
CA GLY A 32 -12.30 2.08 -4.55
C GLY A 32 -10.82 2.26 -4.77
N PHE A 33 -10.41 3.50 -4.97
CA PHE A 33 -9.04 3.85 -5.27
C PHE A 33 -8.50 4.78 -4.17
N PRO A 34 -7.17 4.91 -4.06
CA PRO A 34 -6.59 5.77 -3.01
C PRO A 34 -6.94 7.24 -3.21
N TRP A 35 -7.42 7.88 -2.15
CA TRP A 35 -7.80 9.29 -2.21
C TRP A 35 -6.61 10.17 -1.85
N GLY A 36 -5.43 9.55 -1.81
CA GLY A 36 -4.17 10.25 -1.84
C GLY A 36 -3.85 10.92 -0.53
N PRO A 37 -2.65 11.52 -0.46
CA PRO A 37 -2.21 12.27 0.73
C PRO A 37 -3.18 13.39 1.02
N GLU A 38 -3.49 14.23 0.05
CA GLU A 38 -4.41 15.36 0.26
C GLU A 38 -5.82 15.10 -0.23
N LEU A 39 -6.79 15.48 0.60
CA LEU A 39 -8.20 15.33 0.28
C LEU A 39 -8.77 16.69 -0.14
N PRO A 40 -9.79 16.69 -1.00
CA PRO A 40 -10.58 17.89 -1.26
C PRO A 40 -11.38 18.25 -0.01
N GLY A 41 -11.85 19.49 0.09
CA GLY A 41 -12.45 19.99 1.31
C GLY A 41 -13.88 19.59 1.64
N ASP A 42 -14.62 19.12 0.66
CA ASP A 42 -16.07 18.92 0.83
C ASP A 42 -16.46 17.48 1.19
N LEU A 43 -15.48 16.64 1.49
CA LEU A 43 -15.78 15.26 1.90
C LEU A 43 -16.21 15.21 3.36
N ILE A 44 -17.16 14.33 3.64
CA ILE A 44 -17.66 14.15 4.99
C ILE A 44 -16.90 13.06 5.73
N LEU A 45 -16.39 13.40 6.91
CA LEU A 45 -15.67 12.43 7.73
C LEU A 45 -16.72 11.62 8.48
N SER A 46 -16.53 10.31 8.55
CA SER A 46 -17.57 9.43 9.07
C SER A 46 -17.04 8.35 9.99
N ARG A 47 -17.96 7.70 10.71
CA ARG A 47 -17.66 6.53 11.52
C ARG A 47 -18.94 5.71 11.64
N ARG A 48 -18.80 4.45 12.10
CA ARG A 48 -19.93 3.56 12.32
C ARG A 48 -20.83 3.42 11.10
N ALA A 49 -20.21 3.27 9.93
CA ALA A 49 -20.97 3.12 8.68
C ALA A 49 -21.44 1.68 8.48
N TYR A 50 -22.56 1.54 7.77
CA TYR A 50 -23.11 0.23 7.40
C TYR A 50 -23.91 0.39 6.12
N VAL A 51 -24.38 -0.72 5.55
CA VAL A 51 -25.08 -0.69 4.27
C VAL A 51 -26.50 -1.22 4.42
N SER A 52 -27.45 -0.58 3.75
CA SER A 52 -28.83 -1.08 3.67
C SER A 52 -29.40 -0.70 2.31
N CYS A 53 -30.24 -1.58 1.76
CA CYS A 53 -30.72 -1.44 0.39
C CYS A 53 -32.24 -1.35 0.34
N ASP A 54 -32.76 -0.62 -0.64
CA ASP A 54 -34.18 -0.64 -0.95
C ASP A 54 -34.43 -1.59 -2.12
N LEU A 55 -35.53 -1.40 -2.84
CA LEU A 55 -35.88 -2.30 -3.94
C LEU A 55 -34.95 -2.15 -5.14
N THR A 56 -34.37 -0.96 -5.31
CA THR A 56 -33.53 -0.70 -6.47
C THR A 56 -32.03 -0.74 -6.14
N SER A 57 -31.64 0.01 -5.11
CA SER A 57 -30.22 0.22 -4.83
C SER A 57 -29.86 0.15 -3.34
N CYS A 58 -28.56 0.19 -3.06
CA CYS A 58 -28.05 0.15 -1.70
C CYS A 58 -27.51 1.50 -1.28
N PHE A 59 -27.46 1.74 0.04
CA PHE A 59 -27.03 3.04 0.56
C PHE A 59 -26.04 2.91 1.71
N LYS A 60 -25.15 3.89 1.84
CA LYS A 60 -24.29 3.96 3.01
C LYS A 60 -24.95 4.83 4.07
N PHE A 61 -25.05 4.30 5.28
CA PHE A 61 -25.52 5.05 6.43
C PHE A 61 -24.30 5.21 7.34
N PHE A 62 -24.09 6.42 7.85
CA PHE A 62 -22.90 6.67 8.67
C PHE A 62 -23.10 7.82 9.64
N ILE A 63 -22.24 7.87 10.66
CA ILE A 63 -22.24 8.95 11.63
C ILE A 63 -21.20 9.98 11.24
N ALA A 64 -21.65 11.17 10.87
CA ALA A 64 -20.77 12.22 10.38
C ALA A 64 -20.29 13.11 11.52
N TYR A 65 -19.01 13.50 11.48
CA TYR A 65 -18.41 14.30 12.54
C TYR A 65 -17.56 15.48 12.06
N GLY A 66 -17.29 15.53 10.74
CA GLY A 66 -16.45 16.60 10.23
C GLY A 66 -16.30 16.68 8.72
N LEU A 67 -15.56 17.70 8.28
CA LEU A 67 -15.27 17.90 6.86
C LEU A 67 -13.79 17.71 6.59
N SER A 68 -13.46 17.23 5.39
CA SER A 68 -12.08 16.92 5.04
C SER A 68 -11.18 18.15 4.92
N ALA A 69 -11.78 19.31 4.72
CA ALA A 69 -11.04 20.56 4.70
C ALA A 69 -10.27 20.78 6.00
N ASN A 70 -10.73 20.12 7.06
CA ASN A 70 -10.11 20.23 8.38
C ASN A 70 -9.38 18.94 8.75
N GLN A 71 -8.96 18.19 7.73
CA GLN A 71 -8.14 16.98 7.85
C GLN A 71 -6.99 17.06 8.87
N HIS A 72 -6.28 18.18 8.86
CA HIS A 72 -5.11 18.39 9.71
C HIS A 72 -5.40 19.30 10.90
N LEU A 73 -6.68 19.62 11.08
CA LEU A 73 -7.10 20.58 12.10
C LEU A 73 -8.10 19.93 13.05
N LEU A 74 -8.34 18.63 12.85
CA LEU A 74 -9.31 17.91 13.67
C LEU A 74 -8.67 16.81 14.50
N ASN A 75 -9.17 16.66 15.73
CA ASN A 75 -8.78 15.60 16.64
C ASN A 75 -9.27 14.22 16.16
N THR A 76 -8.54 13.17 16.53
CA THR A 76 -8.95 11.81 16.22
C THR A 76 -9.01 10.96 17.48
N SER A 77 -10.22 10.60 17.90
CA SER A 77 -11.45 10.91 17.14
C SER A 77 -12.27 11.98 17.83
N MET A 78 -13.31 12.46 17.16
CA MET A 78 -14.12 13.56 17.67
C MET A 78 -15.48 13.10 18.20
N GLU A 79 -15.65 13.22 19.51
CA GLU A 79 -16.89 12.82 20.17
C GLU A 79 -17.79 14.03 20.41
N TRP A 80 -17.98 14.86 19.40
CA TRP A 80 -18.79 16.05 19.59
C TRP A 80 -20.18 15.84 19.03
N GLU A 81 -20.63 16.82 18.26
CA GLU A 81 -21.95 16.83 17.68
C GLU A 81 -21.95 15.96 16.45
N GLU A 82 -22.60 14.81 16.54
CA GLU A 82 -22.57 13.81 15.49
C GLU A 82 -23.95 13.74 14.85
N SER A 83 -23.99 13.40 13.57
CA SER A 83 -25.25 13.39 12.84
C SER A 83 -25.27 12.24 11.86
N LEU A 84 -26.42 11.59 11.74
CA LEU A 84 -26.56 10.45 10.84
C LEU A 84 -26.84 10.93 9.41
N TYR A 85 -26.05 10.43 8.47
CA TYR A 85 -26.19 10.81 7.07
C TYR A 85 -26.32 9.57 6.19
N LYS A 86 -26.78 9.75 4.95
CA LYS A 86 -26.77 8.66 4.00
C LYS A 86 -26.29 9.11 2.63
N THR A 87 -25.67 8.18 1.92
CA THR A 87 -25.08 8.42 0.62
C THR A 87 -25.40 7.20 -0.23
N PRO A 88 -25.75 7.41 -1.50
CA PRO A 88 -25.91 6.30 -2.42
C PRO A 88 -24.63 5.47 -2.48
N ILE A 89 -24.74 4.15 -2.40
CA ILE A 89 -23.57 3.28 -2.57
C ILE A 89 -23.04 3.60 -3.97
N GLY A 90 -21.73 3.68 -4.12
CA GLY A 90 -21.18 4.08 -5.41
C GLY A 90 -20.84 5.55 -5.50
N SER A 91 -21.40 6.35 -4.58
CA SER A 91 -21.07 7.78 -4.54
C SER A 91 -20.19 8.10 -3.33
N ALA A 92 -19.29 9.06 -3.52
CA ALA A 92 -18.49 9.55 -2.40
C ALA A 92 -19.38 10.38 -1.49
N SER A 93 -19.10 10.34 -0.19
CA SER A 93 -19.89 11.12 0.75
C SER A 93 -19.41 12.56 0.75
N THR A 94 -20.17 13.45 0.10
CA THR A 94 -19.84 14.87 0.06
C THR A 94 -21.03 15.69 0.55
N LEU A 95 -20.81 16.98 0.77
CA LEU A 95 -21.88 17.89 1.18
C LEU A 95 -22.96 18.02 0.10
N SER A 96 -22.58 17.72 -1.14
CA SER A 96 -23.47 17.82 -2.28
C SER A 96 -24.13 16.48 -2.64
N THR A 97 -23.58 15.38 -2.12
CA THR A 97 -24.12 14.06 -2.42
C THR A 97 -24.79 13.39 -1.22
N SER A 98 -24.45 13.82 0.00
CA SER A 98 -24.97 13.15 1.20
C SER A 98 -26.11 13.95 1.80
N GLU A 99 -27.01 13.27 2.50
CA GLU A 99 -28.23 13.87 3.01
C GLU A 99 -28.36 13.61 4.51
N MET A 100 -28.65 14.65 5.28
CA MET A 100 -28.83 14.49 6.72
C MET A 100 -30.13 13.74 6.98
N ILE A 101 -30.12 12.83 7.95
CA ILE A 101 -31.32 12.10 8.33
C ILE A 101 -31.76 12.54 9.73
N LEU A 102 -30.94 12.24 10.73
CA LEU A 102 -31.20 12.65 12.10
C LEU A 102 -29.87 12.81 12.84
N PRO A 103 -29.84 13.67 13.88
CA PRO A 103 -28.68 13.70 14.78
C PRO A 103 -28.61 12.36 15.53
N GLY A 104 -27.41 11.86 15.78
CA GLY A 104 -27.27 10.54 16.40
C GLY A 104 -25.85 10.11 16.68
N ARG A 105 -25.71 9.15 17.61
CA ARG A 105 -24.41 8.64 18.03
C ARG A 105 -24.23 7.21 17.51
N SER A 106 -25.35 6.49 17.43
CA SER A 106 -25.37 5.17 16.80
C SER A 106 -26.72 5.02 16.12
N SER A 107 -26.84 4.06 15.19
CA SER A 107 -28.05 3.98 14.38
C SER A 107 -28.34 2.59 13.80
N SER A 108 -29.53 2.46 13.21
CA SER A 108 -29.91 1.31 12.41
C SER A 108 -30.95 1.75 11.40
N ALA A 109 -30.98 1.11 10.24
CA ALA A 109 -31.93 1.46 9.20
C ALA A 109 -32.31 0.23 8.39
N CYS A 110 -33.54 0.18 7.89
CA CYS A 110 -34.01 -0.92 7.07
C CYS A 110 -35.22 -0.51 6.24
N PHE A 111 -35.40 -1.15 5.08
CA PHE A 111 -36.47 -0.82 4.17
C PHE A 111 -37.51 -1.94 4.15
N ASP A 112 -38.78 -1.57 4.36
CA ASP A 112 -39.87 -2.55 4.53
C ASP A 112 -40.58 -2.95 3.24
N GLY A 113 -40.30 -2.23 2.17
CA GLY A 113 -40.98 -2.45 0.90
C GLY A 113 -41.66 -1.19 0.44
N LEU A 114 -41.87 -0.28 1.39
CA LEU A 114 -42.48 1.01 1.12
C LEU A 114 -41.61 2.17 1.57
N LYS A 115 -41.22 2.16 2.83
CA LYS A 115 -40.51 3.30 3.41
C LYS A 115 -39.31 2.90 4.24
N TRP A 116 -38.45 3.87 4.55
CA TRP A 116 -37.30 3.61 5.39
C TRP A 116 -37.68 3.75 6.86
N THR A 117 -37.19 2.82 7.66
CA THR A 117 -37.29 2.93 9.10
C THR A 117 -35.88 3.25 9.55
N VAL A 118 -35.72 4.34 10.28
CA VAL A 118 -34.41 4.75 10.77
C VAL A 118 -34.48 4.97 12.28
N LEU A 119 -33.54 4.38 13.01
CA LEU A 119 -33.44 4.58 14.44
C LEU A 119 -32.09 5.22 14.76
N VAL A 120 -32.09 6.17 15.67
CA VAL A 120 -30.86 6.78 16.18
C VAL A 120 -30.93 6.90 17.69
N ALA A 121 -29.78 6.84 18.35
CA ALA A 121 -29.71 7.00 19.80
C ALA A 121 -28.93 8.26 20.12
N ASN A 122 -29.44 9.06 21.05
CA ASN A 122 -28.72 10.26 21.45
C ASN A 122 -28.62 10.36 22.97
N GLY A 123 -27.57 11.01 23.44
CA GLY A 123 -27.37 11.20 24.86
C GLY A 123 -26.47 10.12 25.44
N ARG A 124 -25.84 10.43 26.56
CA ARG A 124 -25.11 9.43 27.34
C ARG A 124 -25.94 9.27 28.58
N ASP A 125 -25.55 8.36 29.47
CA ASP A 125 -26.25 8.15 30.75
C ASP A 125 -27.77 8.00 30.60
N ARG A 126 -28.49 8.46 31.62
CA ARG A 126 -29.92 8.19 31.76
C ARG A 126 -30.79 8.97 30.77
N ASN A 127 -30.26 10.08 30.27
CA ASN A 127 -30.97 10.91 29.30
C ASN A 127 -30.99 10.30 27.89
N SER A 128 -30.25 9.22 27.70
CA SER A 128 -30.22 8.51 26.43
C SER A 128 -31.61 8.04 26.01
N PHE A 129 -31.91 8.19 24.72
CA PHE A 129 -33.17 7.71 24.16
C PHE A 129 -33.02 7.48 22.65
N ILE A 130 -34.03 6.87 22.05
CA ILE A 130 -34.00 6.52 20.64
C ILE A 130 -35.14 7.20 19.87
N MET A 131 -34.84 7.73 18.71
CA MET A 131 -35.88 8.26 17.82
C MET A 131 -36.10 7.27 16.70
N ILE A 132 -37.35 7.07 16.31
CA ILE A 132 -37.66 6.22 15.17
C ILE A 132 -38.34 7.08 14.11
N LYS A 133 -37.81 7.03 12.89
CA LYS A 133 -38.33 7.82 11.79
C LYS A 133 -38.84 6.87 10.72
N TYR A 134 -40.00 7.19 10.16
CA TYR A 134 -40.57 6.36 9.11
C TYR A 134 -40.98 7.27 7.96
N GLY A 135 -40.15 7.27 6.92
CA GLY A 135 -40.33 8.14 5.76
C GLY A 135 -40.56 9.61 6.05
N GLU A 136 -39.48 10.31 6.40
CA GLU A 136 -39.45 11.78 6.49
C GLU A 136 -40.08 12.37 7.76
N GLU A 137 -40.83 11.56 8.51
CA GLU A 137 -41.43 12.01 9.77
C GLU A 137 -41.04 11.14 10.96
N VAL A 138 -40.85 11.77 12.12
CA VAL A 138 -40.54 11.05 13.35
C VAL A 138 -41.82 10.45 13.91
N THR A 139 -41.80 9.15 14.20
CA THR A 139 -43.01 8.41 14.52
C THR A 139 -43.04 7.93 15.97
N ASP A 140 -41.86 7.64 16.53
CA ASP A 140 -41.80 7.12 17.89
C ASP A 140 -40.47 7.41 18.59
N THR A 141 -40.52 7.36 19.92
CA THR A 141 -39.34 7.52 20.76
C THR A 141 -39.51 6.60 21.96
N PHE A 142 -38.41 6.21 22.58
CA PHE A 142 -38.44 5.54 23.87
C PHE A 142 -37.14 5.77 24.63
N SER A 143 -37.20 5.75 25.95
CA SER A 143 -36.06 6.10 26.79
C SER A 143 -35.41 4.88 27.41
N ALA A 144 -34.24 5.09 27.99
CA ALA A 144 -33.50 4.04 28.67
C ALA A 144 -34.24 3.47 29.88
N SER A 145 -34.11 2.15 30.08
CA SER A 145 -34.75 1.48 31.21
C SER A 145 -33.71 1.09 32.26
N ARG A 146 -32.46 1.03 31.85
CA ARG A 146 -31.39 0.50 32.70
C ARG A 146 -30.26 1.48 33.01
N GLY A 147 -30.58 2.78 33.06
CA GLY A 147 -29.62 3.76 33.51
C GLY A 147 -28.61 4.20 32.46
N GLY A 148 -27.90 3.23 31.88
CA GLY A 148 -26.85 3.49 30.89
C GLY A 148 -27.40 4.00 29.57
N PRO A 149 -26.51 4.29 28.61
CA PRO A 149 -26.95 4.81 27.32
C PRO A 149 -27.62 3.74 26.43
N LEU A 150 -28.64 4.15 25.67
CA LEU A 150 -29.25 3.27 24.69
C LEU A 150 -28.31 3.18 23.48
N ARG A 151 -28.19 1.99 22.91
CA ARG A 151 -27.24 1.77 21.83
C ARG A 151 -27.87 0.95 20.70
N LEU A 152 -27.69 1.44 19.47
CA LEU A 152 -28.11 0.71 18.29
C LEU A 152 -26.86 0.06 17.70
N PRO A 153 -27.03 -1.02 16.94
CA PRO A 153 -25.87 -1.86 16.61
C PRO A 153 -25.00 -1.34 15.47
N ASN A 154 -25.41 -0.23 14.85
CA ASN A 154 -24.72 0.31 13.69
C ASN A 154 -24.66 -0.70 12.56
N SER A 155 -25.81 -1.26 12.24
CA SER A 155 -25.98 -2.19 11.14
C SER A 155 -27.46 -2.23 10.77
N GLU A 156 -27.73 -2.71 9.56
CA GLU A 156 -29.08 -2.87 9.02
C GLU A 156 -30.00 -3.59 10.01
N CYS A 157 -31.19 -3.03 10.25
CA CYS A 157 -32.21 -3.77 10.98
C CYS A 157 -32.92 -4.68 9.99
N ILE A 158 -33.81 -5.55 10.48
CA ILE A 158 -34.40 -6.58 9.63
C ILE A 158 -35.91 -6.45 9.48
N CYS A 159 -36.38 -6.38 8.23
CA CYS A 159 -37.82 -6.28 7.95
C CYS A 159 -38.39 -7.55 7.33
N ILE A 160 -39.50 -8.03 7.89
CA ILE A 160 -40.22 -9.17 7.32
C ILE A 160 -41.72 -8.87 7.28
N GLU A 161 -42.30 -8.87 6.09
CA GLU A 161 -43.73 -8.70 5.91
C GLU A 161 -44.30 -7.49 6.65
N GLY A 162 -43.56 -6.39 6.64
CA GLY A 162 -44.00 -5.17 7.28
C GLY A 162 -43.55 -5.06 8.73
N SER A 163 -42.89 -6.10 9.23
CA SER A 163 -42.37 -6.08 10.60
C SER A 163 -40.86 -5.93 10.60
N CYS A 164 -40.36 -4.92 11.32
CA CYS A 164 -38.92 -4.67 11.36
C CYS A 164 -38.32 -4.97 12.72
N PHE A 165 -37.14 -5.58 12.73
CA PHE A 165 -36.54 -6.01 13.99
C PHE A 165 -35.14 -5.44 14.16
N VAL A 166 -34.84 -5.01 15.39
CA VAL A 166 -33.56 -4.38 15.69
C VAL A 166 -33.21 -4.70 17.13
N ILE A 167 -31.92 -4.84 17.42
CA ILE A 167 -31.48 -5.13 18.79
C ILE A 167 -30.98 -3.87 19.47
N VAL A 168 -31.56 -3.55 20.62
CA VAL A 168 -31.21 -2.34 21.35
C VAL A 168 -30.49 -2.77 22.62
N SER A 169 -29.35 -2.13 22.89
CA SER A 169 -28.55 -2.48 24.06
C SER A 169 -28.60 -1.37 25.10
N ASP A 170 -28.51 -1.73 26.37
CA ASP A 170 -28.56 -0.75 27.44
C ASP A 170 -27.68 -1.20 28.61
N GLY A 171 -27.41 -0.29 29.54
CA GLY A 171 -26.54 -0.56 30.67
C GLY A 171 -25.18 0.08 30.49
N PRO A 172 -24.66 0.71 31.57
CA PRO A 172 -23.41 1.49 31.57
C PRO A 172 -22.17 0.63 31.67
N ASN A 173 -22.36 -0.66 31.93
CA ASN A 173 -21.25 -1.59 32.10
C ASN A 173 -21.39 -2.84 31.23
N VAL A 174 -20.28 -3.33 30.70
CA VAL A 174 -20.29 -4.52 29.85
C VAL A 174 -20.58 -5.79 30.65
N ASN A 175 -20.29 -5.74 31.95
CA ASN A 175 -20.49 -6.90 32.82
C ASN A 175 -21.93 -7.09 33.29
N GLN A 176 -22.78 -6.12 32.99
CA GLN A 176 -24.22 -6.26 33.21
C GLN A 176 -25.00 -5.44 32.19
N SER A 177 -24.92 -5.86 30.94
CA SER A 177 -25.62 -5.16 29.86
C SER A 177 -26.95 -5.86 29.61
N VAL A 178 -27.93 -5.10 29.09
CA VAL A 178 -29.18 -5.71 28.69
C VAL A 178 -29.40 -5.49 27.20
N HIS A 179 -30.08 -6.44 26.57
CA HIS A 179 -30.29 -6.42 25.13
C HIS A 179 -31.70 -6.85 24.81
N ARG A 180 -32.35 -6.13 23.92
CA ARG A 180 -33.74 -6.40 23.59
C ARG A 180 -33.96 -6.44 22.09
N ILE A 181 -34.88 -7.30 21.67
CA ILE A 181 -35.36 -7.27 20.29
C ILE A 181 -36.60 -6.39 20.25
N TYR A 182 -36.57 -5.36 19.42
CA TYR A 182 -37.75 -4.52 19.21
C TYR A 182 -38.41 -4.88 17.89
N GLU A 183 -39.74 -4.97 17.90
CA GLU A 183 -40.49 -5.21 16.68
C GLU A 183 -41.21 -3.91 16.31
N LEU A 184 -40.99 -3.46 15.08
CA LEU A 184 -41.53 -2.19 14.64
C LEU A 184 -42.45 -2.35 13.44
N GLN A 185 -43.43 -1.45 13.35
CA GLN A 185 -44.31 -1.40 12.21
C GLN A 185 -44.69 0.05 11.96
N ASN A 186 -44.47 0.50 10.73
CA ASN A 186 -44.76 1.88 10.35
C ASN A 186 -44.06 2.89 11.26
N GLY A 187 -42.84 2.53 11.66
CA GLY A 187 -42.03 3.36 12.53
C GLY A 187 -42.52 3.37 13.96
N THR A 188 -43.36 2.39 14.30
CA THR A 188 -43.95 2.32 15.63
C THR A 188 -43.62 1.02 16.34
N VAL A 189 -43.21 1.12 17.61
CA VAL A 189 -42.91 -0.06 18.43
C VAL A 189 -44.20 -0.85 18.71
N GLN A 190 -44.19 -2.13 18.33
CA GLN A 190 -45.32 -3.01 18.61
C GLN A 190 -45.13 -3.73 19.93
N ARG A 191 -43.95 -4.32 20.09
CA ARG A 191 -43.57 -4.99 21.31
C ARG A 191 -42.07 -5.17 21.35
N TRP A 192 -41.54 -5.51 22.52
CA TRP A 192 -40.11 -5.78 22.66
C TRP A 192 -39.91 -6.98 23.57
N LYS A 193 -38.76 -7.60 23.44
CA LYS A 193 -38.44 -8.82 24.18
C LYS A 193 -37.03 -8.72 24.73
N GLN A 194 -36.91 -8.85 26.05
CA GLN A 194 -35.58 -8.83 26.64
C GLN A 194 -35.02 -10.24 26.63
N LEU A 195 -33.78 -10.35 26.16
CA LEU A 195 -33.12 -11.64 26.07
C LEU A 195 -32.37 -11.89 27.36
N ASN A 196 -32.30 -13.17 27.74
CA ASN A 196 -31.43 -13.59 28.83
C ASN A 196 -30.00 -13.71 28.31
N THR A 197 -29.22 -12.65 28.54
CA THR A 197 -27.83 -12.60 28.07
C THR A 197 -26.87 -12.64 29.25
N THR A 198 -27.37 -13.10 30.39
CA THR A 198 -26.58 -13.17 31.62
C THR A 198 -25.34 -14.04 31.41
N GLY A 199 -24.20 -13.52 31.81
CA GLY A 199 -22.94 -14.23 31.64
C GLY A 199 -22.15 -13.72 30.44
N ILE A 200 -22.84 -13.08 29.50
CA ILE A 200 -22.19 -12.56 28.29
C ILE A 200 -22.54 -11.10 28.00
N ASN A 201 -21.98 -10.58 26.92
CA ASN A 201 -22.26 -9.24 26.42
C ASN A 201 -22.54 -9.34 24.92
N PHE A 202 -23.55 -8.62 24.43
CA PHE A 202 -24.00 -8.77 23.05
C PHE A 202 -24.12 -7.44 22.32
N GLU A 203 -22.99 -6.86 21.96
CA GLU A 203 -22.99 -5.57 21.26
C GLU A 203 -22.83 -5.71 19.75
N TYR A 204 -23.03 -4.60 19.05
CA TYR A 204 -22.76 -4.49 17.61
C TYR A 204 -23.41 -5.58 16.76
N SER A 205 -24.66 -5.90 17.06
CA SER A 205 -25.39 -6.94 16.32
C SER A 205 -25.45 -6.64 14.83
N THR A 206 -25.08 -7.62 14.02
CA THR A 206 -25.31 -7.54 12.59
C THR A 206 -26.10 -8.79 12.21
N CYS A 207 -27.18 -8.60 11.47
CA CYS A 207 -28.17 -9.64 11.32
C CYS A 207 -28.49 -9.87 9.85
N TYR A 208 -29.05 -11.03 9.55
CA TYR A 208 -29.58 -11.31 8.22
C TYR A 208 -30.75 -12.26 8.42
N THR A 209 -31.65 -12.35 7.44
CA THR A 209 -32.82 -13.21 7.57
C THR A 209 -32.94 -14.25 6.45
N ILE A 210 -33.49 -15.41 6.80
CA ILE A 210 -33.85 -16.44 5.81
C ILE A 210 -35.11 -17.18 6.26
N ASN A 211 -36.06 -17.27 5.33
CA ASN A 211 -37.36 -17.91 5.53
C ASN A 211 -37.93 -17.77 6.94
N ASN A 212 -38.18 -16.53 7.35
CA ASN A 212 -38.73 -16.21 8.66
C ASN A 212 -37.82 -16.58 9.84
N LEU A 213 -36.53 -16.68 9.59
CA LEU A 213 -35.55 -16.84 10.66
C LEU A 213 -34.63 -15.64 10.59
N ILE A 214 -34.30 -15.06 11.75
CA ILE A 214 -33.31 -14.00 11.80
C ILE A 214 -32.09 -14.53 12.54
N LYS A 215 -30.92 -14.31 11.95
CA LYS A 215 -29.68 -14.77 12.56
C LYS A 215 -28.76 -13.57 12.69
N CYS A 216 -28.28 -13.33 13.91
CA CYS A 216 -27.44 -12.18 14.18
C CYS A 216 -26.15 -12.64 14.82
N THR A 217 -25.06 -11.97 14.47
CA THR A 217 -23.77 -12.22 15.08
C THR A 217 -23.50 -11.06 16.02
N GLY A 218 -23.07 -11.33 17.24
CA GLY A 218 -22.80 -10.28 18.20
C GLY A 218 -21.32 -10.10 18.46
N THR A 219 -21.01 -9.14 19.32
CA THR A 219 -19.63 -8.90 19.72
C THR A 219 -19.62 -8.80 21.24
N ASN A 220 -18.77 -9.60 21.88
CA ASN A 220 -18.67 -9.58 23.33
C ASN A 220 -17.49 -8.71 23.75
N LEU A 221 -17.81 -7.57 24.37
CA LEU A 221 -16.80 -6.62 24.80
C LEU A 221 -16.33 -6.91 26.22
N TRP A 222 -16.86 -7.97 26.81
CA TRP A 222 -16.69 -8.20 28.24
C TRP A 222 -15.68 -9.32 28.54
N ASN A 223 -16.03 -10.55 28.17
CA ASN A 223 -15.30 -11.73 28.64
C ASN A 223 -15.17 -12.84 27.61
N ASP A 224 -15.23 -12.49 26.32
CA ASP A 224 -15.23 -13.51 25.27
C ASP A 224 -14.60 -13.04 23.95
N ALA A 225 -13.75 -13.90 23.38
CA ALA A 225 -13.15 -13.63 22.08
C ALA A 225 -13.85 -14.42 20.98
N LYS A 226 -14.79 -15.29 21.37
CA LYS A 226 -15.70 -15.88 20.39
C LYS A 226 -16.89 -14.95 20.24
N ARG A 227 -17.61 -15.06 19.12
CA ARG A 227 -18.76 -14.21 18.90
C ARG A 227 -20.06 -14.93 19.24
N PRO A 228 -20.84 -14.34 20.15
CA PRO A 228 -22.14 -14.90 20.50
C PRO A 228 -23.08 -14.86 19.30
N LEU A 229 -23.93 -15.86 19.20
CA LEU A 229 -24.84 -15.97 18.06
C LEU A 229 -26.28 -15.95 18.56
N LEU A 230 -27.15 -15.34 17.77
CA LEU A 230 -28.56 -15.24 18.10
C LEU A 230 -29.40 -15.73 16.93
N ARG A 231 -30.44 -16.51 17.23
CA ARG A 231 -31.39 -16.94 16.22
C ARG A 231 -32.78 -16.69 16.75
N PHE A 232 -33.60 -16.02 15.96
CA PHE A 232 -34.98 -15.78 16.36
C PHE A 232 -36.00 -15.68 15.23
N THR A 233 -37.27 -15.74 15.59
CA THR A 233 -38.37 -15.76 14.62
C THR A 233 -39.19 -14.48 14.72
N LYS A 234 -40.17 -14.36 13.82
CA LYS A 234 -41.07 -13.21 13.78
C LYS A 234 -41.86 -13.06 15.08
N GLU A 235 -42.09 -14.19 15.74
CA GLU A 235 -42.83 -14.22 17.01
C GLU A 235 -41.91 -14.18 18.22
N LEU A 236 -40.64 -13.84 17.98
CA LEU A 236 -39.65 -13.66 19.04
C LEU A 236 -39.27 -14.92 19.82
N ASN A 237 -39.41 -16.09 19.20
CA ASN A 237 -38.81 -17.29 19.77
C ASN A 237 -37.33 -17.22 19.47
N TYR A 238 -36.48 -17.34 20.49
CA TYR A 238 -35.06 -17.08 20.28
C TYR A 238 -34.17 -18.10 20.97
N GLN A 239 -32.90 -18.12 20.59
CA GLN A 239 -31.91 -19.01 21.17
C GLN A 239 -30.52 -18.37 21.07
N ILE A 240 -29.75 -18.39 22.14
CA ILE A 240 -28.39 -17.85 22.08
C ILE A 240 -27.38 -19.01 22.06
N VAL A 241 -26.48 -18.97 21.09
CA VAL A 241 -25.58 -20.08 20.79
C VAL A 241 -24.13 -19.62 20.82
N GLU A 242 -23.24 -20.49 21.28
CA GLU A 242 -21.81 -20.20 21.31
C GLU A 242 -21.14 -21.09 20.26
N PRO A 243 -20.20 -20.54 19.50
CA PRO A 243 -19.48 -21.37 18.52
C PRO A 243 -18.70 -22.49 19.20
N CYS A 244 -18.81 -23.70 18.66
CA CYS A 244 -18.14 -24.85 19.25
C CYS A 244 -16.81 -25.01 18.54
N ASN A 245 -16.42 -23.92 17.89
CA ASN A 245 -15.17 -23.79 17.17
C ASN A 245 -14.02 -23.83 18.17
N GLY A 246 -12.79 -23.79 17.67
CA GLY A 246 -11.65 -23.57 18.53
C GLY A 246 -10.92 -22.29 18.10
N ALA A 247 -11.53 -21.59 17.16
CA ALA A 247 -10.92 -20.42 16.53
C ALA A 247 -11.73 -19.15 16.76
N PRO A 248 -11.29 -18.32 17.72
CA PRO A 248 -11.95 -17.06 18.02
C PRO A 248 -11.84 -16.11 16.82
N THR A 249 -12.87 -15.30 16.60
CA THR A 249 -12.89 -14.40 15.45
C THR A 249 -12.97 -12.91 15.84
N ASP A 250 -13.10 -12.65 17.14
CA ASP A 250 -13.16 -11.27 17.64
C ASP A 250 -11.77 -10.64 17.59
N PHE A 251 -11.70 -9.32 17.70
CA PHE A 251 -10.43 -8.63 17.92
C PHE A 251 -10.59 -7.62 19.04
N PRO A 252 -9.74 -7.69 20.07
CA PRO A 252 -8.60 -8.60 20.20
C PRO A 252 -9.03 -10.02 20.55
N ARG A 253 -8.08 -10.95 20.49
CA ARG A 253 -8.33 -12.36 20.82
C ARG A 253 -7.01 -13.06 21.07
N GLY A 254 -7.07 -14.25 21.68
CA GLY A 254 -5.88 -15.06 21.83
C GLY A 254 -5.75 -16.00 20.65
N GLY A 255 -4.87 -16.98 20.77
CA GLY A 255 -4.64 -17.96 19.71
C GLY A 255 -5.62 -19.11 19.73
N LEU A 256 -5.37 -20.10 18.87
CA LEU A 256 -6.22 -21.29 18.77
C LEU A 256 -6.23 -22.17 20.03
N THR A 257 -7.38 -22.79 20.28
CA THR A 257 -7.54 -23.73 21.39
C THR A 257 -8.29 -24.97 20.90
N THR A 258 -8.47 -25.93 21.80
CA THR A 258 -9.23 -27.15 21.55
C THR A 258 -10.72 -26.86 21.40
N PRO A 259 -11.35 -27.40 20.35
CA PRO A 259 -12.78 -27.18 20.12
C PRO A 259 -13.65 -27.52 21.34
N SER A 260 -14.50 -26.57 21.73
CA SER A 260 -15.45 -26.74 22.82
C SER A 260 -16.47 -25.62 22.73
N CYS A 261 -17.60 -25.77 23.41
CA CYS A 261 -18.64 -24.74 23.38
C CYS A 261 -18.48 -23.70 24.49
N LYS A 262 -17.29 -23.65 25.10
CA LYS A 262 -17.02 -22.66 26.14
C LYS A 262 -16.39 -21.40 25.56
N MET A 263 -16.63 -20.27 26.23
CA MET A 263 -16.10 -18.97 25.82
C MET A 263 -14.57 -18.95 25.81
N ALA A 264 -14.00 -18.15 24.91
CA ALA A 264 -12.56 -17.97 24.87
C ALA A 264 -12.21 -16.74 25.68
N GLN A 265 -11.76 -16.96 26.92
CA GLN A 265 -11.57 -15.87 27.86
C GLN A 265 -10.25 -15.10 27.73
N GLU A 266 -9.26 -15.67 27.05
CA GLU A 266 -8.02 -14.92 26.86
C GLU A 266 -8.29 -13.73 25.95
N LYS A 267 -8.00 -12.54 26.46
CA LYS A 267 -8.21 -11.29 25.72
C LYS A 267 -9.66 -11.11 25.30
N GLY A 268 -10.58 -11.46 26.20
CA GLY A 268 -12.00 -11.35 25.95
C GLY A 268 -12.49 -9.91 26.03
N GLU A 269 -11.83 -9.11 26.86
CA GLU A 269 -12.13 -7.68 26.98
C GLU A 269 -11.95 -6.96 25.67
N GLY A 270 -12.91 -6.11 25.31
CA GLY A 270 -12.83 -5.40 24.05
C GLY A 270 -13.46 -6.24 22.96
N GLY A 271 -13.39 -5.75 21.74
CA GLY A 271 -13.96 -6.46 20.62
C GLY A 271 -14.18 -5.51 19.46
N ILE A 272 -14.62 -6.04 18.33
CA ILE A 272 -14.97 -5.21 17.19
C ILE A 272 -16.12 -5.86 16.47
N GLN A 273 -16.98 -5.05 15.85
CA GLN A 273 -18.13 -5.58 15.14
C GLN A 273 -17.66 -6.57 14.08
N GLY A 274 -18.33 -7.72 14.01
CA GLY A 274 -17.92 -8.76 13.08
C GLY A 274 -19.09 -9.69 12.85
N PHE A 275 -18.95 -10.60 11.89
CA PHE A 275 -20.08 -11.41 11.47
C PHE A 275 -19.72 -12.89 11.38
N ILE A 276 -20.73 -13.74 11.58
CA ILE A 276 -20.58 -15.15 11.33
C ILE A 276 -21.80 -15.63 10.56
N LEU A 277 -21.56 -16.24 9.41
CA LEU A 277 -22.65 -16.77 8.60
C LEU A 277 -22.96 -18.18 9.07
N ASP A 278 -23.97 -18.33 9.92
CA ASP A 278 -24.33 -19.66 10.40
C ASP A 278 -25.41 -20.35 9.54
N GLU A 279 -24.95 -21.08 8.53
CA GLU A 279 -25.80 -21.81 7.60
C GLU A 279 -25.36 -23.26 7.49
N LYS A 280 -25.78 -23.96 6.44
CA LYS A 280 -25.59 -25.41 6.42
C LYS A 280 -24.16 -25.83 6.09
N PRO A 281 -23.45 -25.07 5.26
CA PRO A 281 -22.05 -24.82 5.60
C PRO A 281 -21.91 -23.43 6.22
N ALA A 282 -21.11 -23.28 7.26
CA ALA A 282 -20.97 -21.98 7.90
C ALA A 282 -19.72 -21.24 7.40
N TRP A 283 -19.74 -19.92 7.48
CA TRP A 283 -18.57 -19.12 7.12
C TRP A 283 -18.14 -18.26 8.30
N THR A 284 -16.84 -18.25 8.57
CA THR A 284 -16.29 -17.45 9.65
C THR A 284 -15.42 -16.37 9.02
N SER A 285 -15.20 -15.28 9.74
CA SER A 285 -14.39 -14.18 9.22
C SER A 285 -13.65 -13.46 10.34
N LYS A 286 -12.42 -13.04 10.05
CA LYS A 286 -11.56 -12.41 11.04
C LYS A 286 -10.30 -11.85 10.40
N THR A 287 -9.56 -11.06 11.17
CA THR A 287 -8.25 -10.58 10.75
C THR A 287 -7.32 -11.77 10.54
N LYS A 288 -6.21 -11.56 9.83
CA LYS A 288 -5.28 -12.63 9.51
C LYS A 288 -4.61 -13.21 10.76
N ALA A 289 -4.12 -12.32 11.63
CA ALA A 289 -3.45 -12.75 12.86
C ALA A 289 -4.00 -11.97 14.06
N GLU A 290 -3.77 -12.49 15.25
CA GLU A 290 -4.28 -11.89 16.48
C GLU A 290 -3.36 -10.78 16.97
N SER A 291 -2.20 -10.66 16.34
CA SER A 291 -1.18 -9.71 16.76
C SER A 291 -1.48 -8.28 16.29
N SER A 292 -2.25 -8.16 15.22
CA SER A 292 -2.50 -6.86 14.59
C SER A 292 -3.84 -6.86 13.87
N GLN A 293 -4.36 -5.67 13.60
CA GLN A 293 -5.67 -5.53 12.97
C GLN A 293 -5.52 -5.48 11.46
N ASN A 294 -4.64 -6.32 10.93
CA ASN A 294 -4.38 -6.33 9.50
C ASN A 294 -4.93 -7.57 8.82
N GLY A 295 -5.38 -7.39 7.57
CA GLY A 295 -5.89 -8.51 6.79
C GLY A 295 -7.31 -8.91 7.12
N PHE A 296 -7.84 -9.88 6.38
CA PHE A 296 -9.19 -10.40 6.57
C PHE A 296 -9.26 -11.76 5.89
N VAL A 297 -9.64 -12.78 6.65
CA VAL A 297 -9.75 -14.13 6.09
C VAL A 297 -11.13 -14.76 6.31
N LEU A 298 -11.68 -15.35 5.27
CA LEU A 298 -12.97 -16.04 5.36
C LEU A 298 -12.72 -17.53 5.33
N GLU A 299 -13.33 -18.25 6.27
CA GLU A 299 -13.17 -19.70 6.33
C GLU A 299 -14.50 -20.44 6.37
N GLN A 300 -14.61 -21.50 5.57
CA GLN A 300 -15.83 -22.28 5.46
C GLN A 300 -15.80 -23.48 6.42
N ILE A 301 -16.92 -23.71 7.12
CA ILE A 301 -17.05 -24.83 8.03
C ILE A 301 -18.33 -25.61 7.70
N PRO A 302 -18.18 -26.70 6.93
CA PRO A 302 -19.26 -27.52 6.36
C PRO A 302 -20.32 -28.04 7.33
N ASN A 303 -19.91 -28.48 8.52
CA ASN A 303 -20.86 -29.04 9.48
C ASN A 303 -21.59 -28.01 10.34
N GLY A 304 -21.42 -26.73 10.03
CA GLY A 304 -22.08 -25.67 10.79
C GLY A 304 -21.16 -25.20 11.90
N ILE A 305 -21.54 -24.12 12.59
CA ILE A 305 -20.66 -23.52 13.60
C ILE A 305 -20.83 -24.10 15.02
N GLU A 306 -21.84 -24.95 15.20
CA GLU A 306 -22.02 -25.63 16.48
C GLU A 306 -21.29 -26.96 16.46
N SER A 307 -20.55 -27.18 15.39
CA SER A 307 -19.75 -28.38 15.25
C SER A 307 -18.32 -28.08 15.69
N GLU A 308 -17.44 -29.03 15.43
CA GLU A 308 -16.03 -28.81 15.59
C GLU A 308 -15.60 -27.89 14.46
N GLY A 309 -14.54 -27.13 14.67
CA GLY A 309 -14.16 -26.10 13.73
C GLY A 309 -13.32 -26.66 12.59
N THR A 310 -13.94 -27.47 11.75
CA THR A 310 -13.23 -28.09 10.63
C THR A 310 -13.41 -27.28 9.34
N VAL A 311 -12.30 -26.68 8.92
CA VAL A 311 -12.28 -25.76 7.79
C VAL A 311 -11.98 -26.51 6.49
N SER A 312 -12.79 -26.27 5.47
CA SER A 312 -12.60 -26.85 4.16
C SER A 312 -12.02 -25.79 3.22
N LEU A 313 -12.58 -24.58 3.30
CA LEU A 313 -12.14 -23.47 2.45
C LEU A 313 -11.66 -22.29 3.28
N SER A 314 -10.56 -21.67 2.85
CA SER A 314 -10.00 -20.51 3.54
C SER A 314 -9.54 -19.44 2.54
N TYR A 315 -10.23 -18.30 2.53
CA TYR A 315 -9.85 -17.21 1.63
C TYR A 315 -9.24 -16.05 2.39
N GLU A 316 -8.05 -15.65 1.99
CA GLU A 316 -7.40 -14.48 2.57
C GLU A 316 -7.64 -13.29 1.66
N LEU A 317 -8.70 -12.54 1.95
CA LEU A 317 -9.07 -11.39 1.11
C LEU A 317 -8.09 -10.25 1.26
N PHE A 318 -7.56 -10.07 2.47
CA PHE A 318 -6.57 -9.04 2.71
C PHE A 318 -5.45 -9.60 3.58
N SER A 319 -4.24 -9.09 3.38
CA SER A 319 -3.09 -9.48 4.20
C SER A 319 -2.55 -8.31 5.01
N ASN A 320 -2.23 -7.23 4.32
CA ASN A 320 -1.58 -6.06 4.93
C ASN A 320 -2.56 -4.94 5.26
N LYS A 321 -3.68 -4.91 4.54
CA LYS A 321 -4.69 -3.88 4.73
C LYS A 321 -5.17 -3.82 6.17
N ARG A 322 -5.20 -2.62 6.75
CA ARG A 322 -5.76 -2.46 8.08
C ARG A 322 -7.28 -2.62 7.95
N THR A 323 -7.85 -3.45 8.81
CA THR A 323 -9.24 -3.86 8.68
C THR A 323 -9.94 -3.42 9.96
N GLY A 324 -11.24 -3.10 9.86
CA GLY A 324 -11.98 -2.64 11.02
C GLY A 324 -13.28 -3.42 11.17
N ARG A 325 -14.37 -2.69 11.34
CA ARG A 325 -15.69 -3.28 11.53
C ARG A 325 -16.15 -4.04 10.29
N SER A 326 -17.03 -5.03 10.49
CA SER A 326 -17.67 -5.75 9.41
C SER A 326 -19.07 -6.17 9.83
N GLY A 327 -19.96 -6.35 8.86
CA GLY A 327 -21.34 -6.73 9.15
C GLY A 327 -22.11 -7.09 7.89
N PHE A 328 -23.31 -7.64 8.08
CA PHE A 328 -24.13 -8.12 6.98
C PHE A 328 -24.97 -7.01 6.34
N PHE A 329 -25.31 -7.22 5.07
CA PHE A 329 -26.43 -6.55 4.44
C PHE A 329 -26.98 -7.48 3.34
N GLN A 330 -28.27 -7.36 3.06
CA GLN A 330 -28.90 -8.16 2.02
C GLN A 330 -29.50 -7.29 0.93
N PRO A 331 -29.19 -7.60 -0.34
CA PRO A 331 -29.82 -6.91 -1.47
C PRO A 331 -31.29 -7.32 -1.59
N LYS A 332 -32.19 -6.35 -1.70
CA LYS A 332 -33.63 -6.64 -1.83
C LYS A 332 -34.07 -6.35 -3.25
N GLY A 333 -33.62 -7.19 -4.18
CA GLY A 333 -33.90 -7.03 -5.60
C GLY A 333 -33.50 -8.31 -6.30
N ASP A 334 -32.31 -8.31 -6.89
CA ASP A 334 -31.70 -9.50 -7.50
C ASP A 334 -32.66 -10.37 -8.34
N LEU A 335 -32.79 -10.04 -9.62
CA LEU A 335 -33.71 -10.75 -10.51
C LEU A 335 -33.09 -11.90 -11.32
N ILE A 336 -31.89 -12.34 -10.96
CA ILE A 336 -31.26 -13.43 -11.70
C ILE A 336 -31.25 -14.72 -10.88
N SER A 337 -31.22 -14.59 -9.57
CA SER A 337 -31.24 -15.74 -8.69
C SER A 337 -32.61 -15.88 -8.03
N GLY A 338 -33.08 -17.11 -7.93
CA GLY A 338 -34.34 -17.38 -7.26
C GLY A 338 -34.03 -17.68 -5.81
N CYS A 339 -32.75 -17.58 -5.47
CA CYS A 339 -32.28 -17.79 -4.11
C CYS A 339 -31.82 -16.46 -3.50
N GLN A 340 -31.78 -16.41 -2.18
CA GLN A 340 -31.43 -15.20 -1.44
C GLN A 340 -29.92 -15.01 -1.34
N ARG A 341 -29.42 -13.93 -1.95
CA ARG A 341 -28.00 -13.63 -1.84
C ARG A 341 -27.66 -13.03 -0.48
N ILE A 342 -26.41 -13.20 -0.07
CA ILE A 342 -25.92 -12.64 1.17
C ILE A 342 -24.64 -11.85 0.89
N CYS A 343 -24.51 -10.72 1.55
CA CYS A 343 -23.38 -9.84 1.34
C CYS A 343 -22.91 -9.35 2.70
N PHE A 344 -21.66 -8.87 2.75
CA PHE A 344 -21.17 -8.21 3.95
C PHE A 344 -20.39 -6.94 3.59
N TRP A 345 -20.36 -5.98 4.50
CA TRP A 345 -19.56 -4.77 4.32
C TRP A 345 -18.34 -4.87 5.21
N LEU A 346 -17.28 -4.12 4.88
CA LEU A 346 -16.03 -4.26 5.60
C LEU A 346 -15.26 -2.94 5.56
N GLU A 347 -14.91 -2.42 6.73
CA GLU A 347 -14.10 -1.19 6.80
C GLU A 347 -12.66 -1.50 6.42
N ILE A 348 -12.15 -0.81 5.41
CA ILE A 348 -10.74 -0.93 5.07
C ILE A 348 -10.09 0.45 5.04
N GLU A 349 -8.94 0.57 5.70
CA GLU A 349 -8.28 1.86 5.82
C GLU A 349 -7.55 2.25 4.54
N ASP A 350 -7.81 3.47 4.07
CA ASP A 350 -7.05 4.07 2.98
C ASP A 350 -5.75 4.60 3.57
N GLN A 351 -4.69 3.80 3.46
CA GLN A 351 -3.41 4.13 4.08
C GLN A 351 -2.68 5.32 3.45
N THR A 352 -3.13 5.76 2.28
CA THR A 352 -2.55 6.95 1.64
C THR A 352 -3.05 8.20 2.35
N VAL A 353 -4.10 8.05 3.16
CA VAL A 353 -4.64 9.14 3.96
C VAL A 353 -4.21 8.93 5.41
N GLY A 354 -3.49 9.89 5.97
CA GLY A 354 -2.96 9.76 7.32
C GLY A 354 -3.98 9.59 8.42
N LEU A 355 -3.58 8.90 9.49
CA LEU A 355 -4.34 8.82 10.74
C LEU A 355 -5.70 8.11 10.65
N GLY A 356 -5.86 7.26 9.63
CA GLY A 356 -7.08 6.48 9.47
C GLY A 356 -8.32 7.36 9.33
N MET A 357 -8.15 8.56 8.81
CA MET A 357 -9.26 9.47 8.58
C MET A 357 -10.21 8.92 7.52
N ILE A 358 -9.69 8.05 6.66
CA ILE A 358 -10.50 7.45 5.62
C ILE A 358 -10.59 5.94 5.82
N GLN A 359 -11.77 5.50 6.24
CA GLN A 359 -12.12 4.09 6.27
C GLN A 359 -13.04 3.88 5.08
N GLU A 360 -12.52 3.23 4.05
CA GLU A 360 -13.38 2.89 2.92
C GLU A 360 -14.33 1.78 3.35
N LEU A 361 -15.60 1.91 2.96
CA LEU A 361 -16.56 0.87 3.27
C LEU A 361 -16.66 -0.09 2.08
N SER A 362 -15.89 -1.17 2.12
CA SER A 362 -15.89 -2.16 1.05
C SER A 362 -17.07 -3.10 1.22
N THR A 363 -17.51 -3.72 0.13
CA THR A 363 -18.60 -4.68 0.17
C THR A 363 -18.23 -5.93 -0.62
N PHE A 364 -18.61 -7.08 -0.09
CA PHE A 364 -18.38 -8.36 -0.74
C PHE A 364 -19.70 -9.14 -0.80
N CYS A 365 -19.94 -9.88 -1.87
CA CYS A 365 -21.11 -10.75 -1.95
C CYS A 365 -20.69 -12.20 -2.17
N GLY A 366 -21.50 -13.13 -1.65
CA GLY A 366 -21.20 -14.53 -1.80
C GLY A 366 -21.62 -15.05 -3.17
N ILE A 367 -20.86 -15.99 -3.71
CA ILE A 367 -21.21 -16.60 -4.99
C ILE A 367 -21.15 -18.14 -4.97
N ASN A 368 -21.95 -18.76 -5.84
CA ASN A 368 -22.01 -20.23 -5.95
C ASN A 368 -20.87 -20.81 -6.78
N SER A 369 -20.07 -19.96 -7.41
CA SER A 369 -18.92 -20.44 -8.15
C SER A 369 -17.69 -20.28 -7.26
N PRO A 370 -16.76 -21.24 -7.34
CA PRO A 370 -15.50 -21.04 -6.62
C PRO A 370 -14.72 -19.96 -7.33
N VAL A 371 -13.86 -19.25 -6.59
CA VAL A 371 -13.14 -18.11 -7.15
C VAL A 371 -11.69 -18.21 -6.70
N GLN A 372 -10.79 -17.53 -7.41
CA GLN A 372 -9.38 -17.53 -7.07
C GLN A 372 -9.16 -16.95 -5.67
N ASN A 373 -8.15 -17.46 -4.96
CA ASN A 373 -7.80 -16.89 -3.67
C ASN A 373 -6.93 -15.66 -3.88
N ILE A 374 -7.54 -14.63 -4.45
CA ILE A 374 -6.84 -13.38 -4.80
C ILE A 374 -6.79 -12.41 -3.61
N ASN A 375 -5.67 -11.71 -3.47
CA ASN A 375 -5.49 -10.71 -2.42
C ASN A 375 -5.92 -9.34 -2.95
N TRP A 376 -6.80 -8.66 -2.21
CA TRP A 376 -7.32 -7.36 -2.64
C TRP A 376 -6.55 -6.15 -2.10
N ASP A 377 -5.33 -6.38 -1.61
CA ASP A 377 -4.44 -5.29 -1.22
C ASP A 377 -4.10 -4.42 -2.43
N TYR B 13 -54.92 21.51 -3.13
CA TYR B 13 -55.30 22.54 -2.18
C TYR B 13 -55.29 22.02 -0.74
N TRP B 14 -54.10 22.10 -0.15
CA TRP B 14 -53.81 21.59 1.18
C TRP B 14 -54.60 22.28 2.30
N ARG B 15 -55.11 21.46 3.21
CA ARG B 15 -55.74 21.93 4.44
C ARG B 15 -54.96 21.31 5.58
N ALA B 16 -54.73 22.08 6.64
CA ALA B 16 -54.12 21.53 7.84
C ALA B 16 -55.08 20.49 8.39
N LYS B 17 -54.54 19.41 8.94
CA LYS B 17 -55.39 18.31 9.40
C LYS B 17 -56.32 18.73 10.53
N SER B 18 -57.20 17.82 10.95
CA SER B 18 -58.31 18.16 11.84
C SER B 18 -57.90 18.77 13.18
N GLN B 19 -56.93 18.16 13.84
CA GLN B 19 -56.53 18.63 15.17
C GLN B 19 -55.03 18.80 15.34
N MET B 20 -54.64 19.68 16.25
CA MET B 20 -53.24 19.77 16.63
C MET B 20 -52.88 18.48 17.34
N CYS B 21 -51.70 17.95 17.06
CA CYS B 21 -51.22 16.79 17.80
C CYS B 21 -50.90 17.25 19.21
N GLU B 22 -51.09 16.37 20.18
CA GLU B 22 -50.68 16.71 21.54
C GLU B 22 -49.17 16.84 21.54
N VAL B 23 -48.67 17.90 22.16
CA VAL B 23 -47.23 18.12 22.22
C VAL B 23 -46.75 17.98 23.66
N LYS B 24 -45.89 16.99 23.90
CA LYS B 24 -45.36 16.75 25.25
C LYS B 24 -43.85 16.96 25.28
N GLY B 25 -43.25 17.09 24.11
CA GLY B 25 -41.81 17.25 23.99
C GLY B 25 -41.41 17.65 22.59
N TRP B 26 -40.15 18.03 22.41
CA TRP B 26 -39.65 18.45 21.12
C TRP B 26 -38.37 17.70 20.79
N VAL B 27 -38.33 17.08 19.62
CA VAL B 27 -37.15 16.35 19.17
C VAL B 27 -36.64 16.94 17.86
N PRO B 28 -35.31 17.02 17.71
CA PRO B 28 -34.68 17.59 16.52
C PRO B 28 -34.77 16.64 15.34
N THR B 29 -35.21 17.17 14.20
CA THR B 29 -35.28 16.40 12.97
C THR B 29 -34.06 16.71 12.12
N HIS B 30 -33.47 17.88 12.36
CA HIS B 30 -32.25 18.26 11.66
C HIS B 30 -31.27 18.95 12.59
N ARG B 31 -30.07 18.39 12.63
CA ARG B 31 -28.99 18.88 13.48
C ARG B 31 -27.72 18.26 12.95
N GLY B 32 -26.82 19.10 12.45
CA GLY B 32 -25.66 18.63 11.72
C GLY B 32 -24.40 18.54 12.55
N PHE B 33 -23.26 18.58 11.88
CA PHE B 33 -21.97 18.41 12.52
C PHE B 33 -21.09 19.64 12.29
N PRO B 34 -20.03 19.81 13.11
CA PRO B 34 -19.19 20.99 12.94
C PRO B 34 -18.50 21.02 11.59
N TRP B 35 -18.61 22.13 10.88
CA TRP B 35 -17.97 22.27 9.57
C TRP B 35 -16.58 22.85 9.74
N GLY B 36 -16.13 22.86 10.99
CA GLY B 36 -14.72 23.01 11.29
C GLY B 36 -14.23 24.43 11.12
N PRO B 37 -12.97 24.66 11.49
CA PRO B 37 -12.29 25.95 11.33
C PRO B 37 -12.33 26.40 9.88
N GLU B 38 -11.89 25.55 8.96
CA GLU B 38 -11.84 25.93 7.56
C GLU B 38 -13.00 25.34 6.77
N LEU B 39 -13.57 26.16 5.90
CA LEU B 39 -14.70 25.74 5.08
C LEU B 39 -14.23 25.45 3.65
N PRO B 40 -14.94 24.56 2.95
CA PRO B 40 -14.75 24.40 1.51
C PRO B 40 -15.26 25.65 0.80
N GLY B 41 -14.83 25.87 -0.43
CA GLY B 41 -15.10 27.13 -1.11
C GLY B 41 -16.48 27.35 -1.70
N ASP B 42 -17.25 26.29 -1.93
CA ASP B 42 -18.50 26.43 -2.68
C ASP B 42 -19.74 26.54 -1.79
N LEU B 43 -19.55 26.77 -0.50
CA LEU B 43 -20.71 26.94 0.38
C LEU B 43 -21.28 28.35 0.23
N ILE B 44 -22.61 28.44 0.28
CA ILE B 44 -23.27 29.74 0.20
C ILE B 44 -23.52 30.30 1.60
N LEU B 45 -23.06 31.52 1.82
CA LEU B 45 -23.27 32.20 3.11
C LEU B 45 -24.66 32.82 3.09
N SER B 46 -25.39 32.68 4.19
CA SER B 46 -26.79 33.06 4.21
C SER B 46 -27.19 33.78 5.49
N ARG B 47 -28.38 34.38 5.46
CA ARG B 47 -28.99 34.97 6.63
C ARG B 47 -30.51 34.95 6.44
N ARG B 48 -31.25 35.19 7.51
CA ARG B 48 -32.71 35.25 7.44
C ARG B 48 -33.30 33.97 6.84
N ALA B 49 -32.76 32.83 7.26
CA ALA B 49 -33.21 31.55 6.75
C ALA B 49 -34.48 31.10 7.46
N TYR B 50 -35.30 30.31 6.76
CA TYR B 50 -36.51 29.71 7.35
C TYR B 50 -36.85 28.45 6.58
N VAL B 51 -37.87 27.72 7.05
CA VAL B 51 -38.23 26.44 6.46
C VAL B 51 -39.66 26.49 5.96
N SER B 52 -39.90 25.89 4.80
CA SER B 52 -41.25 25.71 4.29
C SER B 52 -41.29 24.41 3.52
N CYS B 53 -42.40 23.69 3.62
CA CYS B 53 -42.50 22.35 3.05
C CYS B 53 -43.59 22.28 2.00
N ASP B 54 -43.41 21.40 1.02
CA ASP B 54 -44.50 21.04 0.13
C ASP B 54 -45.07 19.69 0.59
N LEU B 55 -45.71 18.97 -0.31
CA LEU B 55 -46.40 17.72 0.05
C LEU B 55 -45.47 16.55 0.40
N THR B 56 -44.28 16.53 -0.18
CA THR B 56 -43.33 15.43 0.06
C THR B 56 -42.19 15.83 1.00
N SER B 57 -41.56 16.97 0.73
CA SER B 57 -40.34 17.36 1.44
C SER B 57 -40.32 18.81 1.88
N CYS B 58 -39.33 19.17 2.70
CA CYS B 58 -39.18 20.52 3.23
C CYS B 58 -37.98 21.25 2.62
N PHE B 59 -37.97 22.57 2.68
CA PHE B 59 -36.90 23.35 2.07
C PHE B 59 -36.39 24.48 2.95
N LYS B 60 -35.10 24.79 2.80
CA LYS B 60 -34.53 25.96 3.45
C LYS B 60 -34.60 27.13 2.47
N PHE B 61 -35.16 28.25 2.94
CA PHE B 61 -35.17 29.46 2.16
C PHE B 61 -34.27 30.44 2.87
N PHE B 62 -33.38 31.10 2.14
CA PHE B 62 -32.41 31.98 2.76
C PHE B 62 -31.96 33.11 1.83
N ILE B 63 -31.43 34.17 2.45
CA ILE B 63 -30.89 35.28 1.68
C ILE B 63 -29.39 35.10 1.53
N ALA B 64 -28.96 34.88 0.30
CA ALA B 64 -27.57 34.57 0.04
C ALA B 64 -26.81 35.88 -0.20
N TYR B 65 -25.60 35.97 0.32
CA TYR B 65 -24.80 37.20 0.20
C TYR B 65 -23.34 36.96 -0.17
N GLY B 66 -22.89 35.71 -0.13
CA GLY B 66 -21.50 35.42 -0.42
C GLY B 66 -21.11 33.96 -0.52
N LEU B 67 -19.83 33.72 -0.80
CA LEU B 67 -19.30 32.37 -0.89
C LEU B 67 -18.30 32.11 0.22
N SER B 68 -18.19 30.85 0.65
CA SER B 68 -17.32 30.47 1.74
C SER B 68 -15.84 30.58 1.40
N ALA B 69 -15.52 30.55 0.10
CA ALA B 69 -14.16 30.77 -0.36
C ALA B 69 -13.64 32.13 0.10
N ASN B 70 -14.56 33.03 0.40
CA ASN B 70 -14.24 34.39 0.85
C ASN B 70 -14.59 34.55 2.33
N GLN B 71 -14.59 33.43 3.05
CA GLN B 71 -14.78 33.37 4.51
C GLN B 71 -14.05 34.46 5.29
N HIS B 72 -12.82 34.76 4.87
CA HIS B 72 -11.97 35.71 5.58
C HIS B 72 -11.76 37.02 4.81
N LEU B 73 -12.50 37.23 3.73
CA LEU B 73 -12.29 38.38 2.86
C LEU B 73 -13.54 39.24 2.74
N LEU B 74 -14.56 38.91 3.52
CA LEU B 74 -15.83 39.60 3.45
C LEU B 74 -16.11 40.34 4.76
N ASN B 75 -16.77 41.50 4.63
CA ASN B 75 -17.20 42.24 5.80
C ASN B 75 -18.22 41.40 6.55
N THR B 76 -18.30 41.57 7.86
CA THR B 76 -19.28 40.85 8.63
C THR B 76 -20.12 41.85 9.43
N SER B 77 -21.36 42.07 8.99
CA SER B 77 -21.96 41.37 7.85
C SER B 77 -22.18 42.30 6.65
N MET B 78 -22.56 41.73 5.51
CA MET B 78 -22.68 42.48 4.25
C MET B 78 -24.11 42.77 3.77
N GLU B 79 -24.45 44.06 3.71
CA GLU B 79 -25.76 44.51 3.25
C GLU B 79 -25.73 44.93 1.78
N TRP B 80 -25.17 44.08 0.93
CA TRP B 80 -24.98 44.40 -0.48
C TRP B 80 -26.00 43.71 -1.39
N GLU B 81 -25.52 43.10 -2.47
CA GLU B 81 -26.43 42.47 -3.43
C GLU B 81 -26.83 41.12 -2.88
N GLU B 82 -28.08 41.02 -2.44
CA GLU B 82 -28.55 39.80 -1.80
C GLU B 82 -29.59 39.12 -2.66
N SER B 83 -29.65 37.81 -2.58
CA SER B 83 -30.54 37.04 -3.44
C SER B 83 -31.11 35.87 -2.65
N LEU B 84 -32.40 35.58 -2.87
CA LEU B 84 -33.06 34.49 -2.18
C LEU B 84 -32.78 33.17 -2.88
N TYR B 85 -32.38 32.19 -2.09
CA TYR B 85 -32.07 30.86 -2.60
C TYR B 85 -32.87 29.82 -1.82
N LYS B 86 -32.97 28.63 -2.39
CA LYS B 86 -33.63 27.53 -1.73
C LYS B 86 -32.74 26.30 -1.78
N THR B 87 -32.83 25.47 -0.74
CA THR B 87 -32.04 24.26 -0.65
C THR B 87 -32.91 23.20 0.00
N PRO B 88 -32.88 21.98 -0.54
CA PRO B 88 -33.58 20.86 0.09
C PRO B 88 -33.10 20.70 1.53
N ILE B 89 -34.03 20.54 2.47
CA ILE B 89 -33.66 20.23 3.84
C ILE B 89 -32.88 18.92 3.78
N GLY B 90 -31.82 18.81 4.57
CA GLY B 90 -31.00 17.60 4.52
C GLY B 90 -29.77 17.77 3.64
N SER B 91 -29.81 18.76 2.76
CA SER B 91 -28.64 19.07 1.93
C SER B 91 -27.98 20.35 2.43
N ALA B 92 -26.66 20.39 2.34
CA ALA B 92 -25.91 21.61 2.64
C ALA B 92 -26.13 22.60 1.50
N SER B 93 -26.15 23.90 1.82
CA SER B 93 -26.35 24.91 0.78
C SER B 93 -25.06 25.20 0.01
N THR B 94 -24.97 24.65 -1.21
CA THR B 94 -23.80 24.86 -2.06
C THR B 94 -24.22 25.38 -3.43
N LEU B 95 -23.24 25.76 -4.25
CA LEU B 95 -23.49 26.26 -5.60
C LEU B 95 -24.11 25.18 -6.49
N SER B 96 -23.90 23.93 -6.11
CA SER B 96 -24.40 22.79 -6.88
C SER B 96 -25.72 22.21 -6.36
N THR B 97 -26.10 22.58 -5.14
CA THR B 97 -27.32 22.06 -4.51
C THR B 97 -28.43 23.09 -4.38
N SER B 98 -28.09 24.37 -4.42
CA SER B 98 -29.06 25.43 -4.16
C SER B 98 -29.58 26.06 -5.45
N GLU B 99 -30.79 26.60 -5.39
CA GLU B 99 -31.48 27.10 -6.57
C GLU B 99 -31.87 28.56 -6.34
N MET B 100 -31.53 29.43 -7.29
CA MET B 100 -31.90 30.83 -7.19
C MET B 100 -33.39 30.99 -7.42
N ILE B 101 -34.02 31.87 -6.66
CA ILE B 101 -35.43 32.18 -6.87
C ILE B 101 -35.61 33.61 -7.37
N LEU B 102 -35.29 34.59 -6.51
CA LEU B 102 -35.39 36.00 -6.86
C LEU B 102 -34.38 36.81 -6.05
N PRO B 103 -33.97 37.98 -6.59
CA PRO B 103 -33.21 38.91 -5.74
C PRO B 103 -34.13 39.40 -4.63
N GLY B 104 -33.60 39.63 -3.45
CA GLY B 104 -34.44 40.01 -2.32
C GLY B 104 -33.68 40.29 -1.04
N ARG B 105 -34.30 41.05 -0.15
CA ARG B 105 -33.67 41.46 1.09
C ARG B 105 -34.34 40.76 2.27
N SER B 106 -35.64 40.49 2.09
CA SER B 106 -36.41 39.66 3.01
C SER B 106 -37.40 38.92 2.12
N SER B 107 -37.98 37.85 2.64
CA SER B 107 -38.80 36.99 1.82
C SER B 107 -39.84 36.22 2.62
N SER B 108 -40.75 35.58 1.90
CA SER B 108 -41.68 34.62 2.48
C SER B 108 -42.05 33.65 1.38
N ALA B 109 -42.32 32.41 1.75
CA ALA B 109 -42.64 31.38 0.78
C ALA B 109 -43.66 30.41 1.36
N CYS B 110 -44.51 29.85 0.51
CA CYS B 110 -45.51 28.89 0.95
C CYS B 110 -46.04 28.07 -0.23
N PHE B 111 -46.41 26.82 0.06
CA PHE B 111 -46.92 25.92 -0.97
C PHE B 111 -48.40 25.67 -0.72
N ASP B 112 -49.23 25.90 -1.74
CA ASP B 112 -50.68 25.85 -1.59
C ASP B 112 -51.29 24.47 -1.85
N GLY B 113 -50.47 23.56 -2.38
CA GLY B 113 -50.95 22.23 -2.71
C GLY B 113 -50.74 21.96 -4.18
N LEU B 114 -50.54 23.05 -4.93
CA LEU B 114 -50.31 22.97 -6.36
C LEU B 114 -48.97 23.62 -6.71
N LYS B 115 -48.80 24.88 -6.31
CA LYS B 115 -47.58 25.61 -6.68
C LYS B 115 -47.00 26.42 -5.53
N TRP B 116 -45.74 26.83 -5.69
CA TRP B 116 -45.08 27.66 -4.70
C TRP B 116 -45.41 29.13 -4.91
N THR B 117 -45.72 29.82 -3.82
CA THR B 117 -45.87 31.25 -3.83
C THR B 117 -44.67 31.78 -3.10
N VAL B 118 -43.93 32.68 -3.74
CA VAL B 118 -42.75 33.26 -3.15
C VAL B 118 -42.86 34.78 -3.19
N LEU B 119 -42.59 35.42 -2.07
CA LEU B 119 -42.59 36.87 -2.00
C LEU B 119 -41.19 37.33 -1.62
N VAL B 120 -40.72 38.39 -2.28
CA VAL B 120 -39.45 39.01 -1.92
C VAL B 120 -39.65 40.52 -1.85
N ALA B 121 -38.88 41.16 -0.98
CA ALA B 121 -38.93 42.61 -0.85
C ALA B 121 -37.58 43.14 -1.27
N ASN B 122 -37.58 44.17 -2.12
CA ASN B 122 -36.33 44.77 -2.56
C ASN B 122 -36.40 46.28 -2.40
N GLY B 123 -35.24 46.89 -2.19
CA GLY B 123 -35.16 48.33 -2.07
C GLY B 123 -35.26 48.72 -0.61
N ARG B 124 -34.70 49.88 -0.28
CA ARG B 124 -34.86 50.47 1.02
C ARG B 124 -35.64 51.73 0.69
N ASP B 125 -36.02 52.50 1.70
CA ASP B 125 -36.73 53.75 1.46
C ASP B 125 -38.03 53.60 0.67
N ARG B 126 -38.38 54.67 -0.03
CA ARG B 126 -39.67 54.82 -0.70
C ARG B 126 -39.73 54.00 -2.01
N ASN B 127 -38.57 53.72 -2.57
CA ASN B 127 -38.48 52.90 -3.79
C ASN B 127 -38.70 51.41 -3.51
N SER B 128 -38.77 51.06 -2.23
CA SER B 128 -39.02 49.68 -1.82
C SER B 128 -40.33 49.17 -2.39
N PHE B 129 -40.33 47.93 -2.84
CA PHE B 129 -41.53 47.28 -3.37
C PHE B 129 -41.41 45.77 -3.20
N ILE B 130 -42.51 45.05 -3.44
CA ILE B 130 -42.53 43.61 -3.26
C ILE B 130 -42.90 42.89 -4.56
N MET B 131 -42.14 41.84 -4.88
CA MET B 131 -42.46 40.98 -6.02
C MET B 131 -43.09 39.69 -5.52
N ILE B 132 -44.09 39.21 -6.24
CA ILE B 132 -44.72 37.94 -5.91
C ILE B 132 -44.58 36.97 -7.09
N LYS B 133 -44.13 35.76 -6.81
CA LYS B 133 -43.93 34.74 -7.84
C LYS B 133 -44.86 33.57 -7.60
N TYR B 134 -45.44 33.03 -8.67
CA TYR B 134 -46.30 31.85 -8.53
C TYR B 134 -45.90 30.81 -9.58
N GLY B 135 -45.16 29.79 -9.14
CA GLY B 135 -44.67 28.75 -10.03
C GLY B 135 -44.03 29.27 -11.30
N GLU B 136 -42.80 29.78 -11.17
CA GLU B 136 -41.96 30.19 -12.31
C GLU B 136 -42.22 31.53 -13.00
N GLU B 137 -43.35 32.17 -12.72
CA GLU B 137 -43.56 33.52 -13.25
C GLU B 137 -43.88 34.53 -12.16
N VAL B 138 -43.39 35.75 -12.35
CA VAL B 138 -43.71 36.85 -11.45
C VAL B 138 -45.13 37.28 -11.81
N THR B 139 -46.00 37.33 -10.82
CA THR B 139 -47.44 37.50 -11.05
C THR B 139 -47.95 38.84 -10.54
N ASP B 140 -47.32 39.37 -9.50
CA ASP B 140 -47.80 40.62 -8.93
C ASP B 140 -46.70 41.44 -8.28
N THR B 141 -46.94 42.75 -8.15
CA THR B 141 -46.02 43.67 -7.51
C THR B 141 -46.84 44.72 -6.79
N PHE B 142 -46.28 45.30 -5.73
CA PHE B 142 -46.86 46.49 -5.12
C PHE B 142 -45.80 47.28 -4.36
N SER B 143 -46.00 48.59 -4.25
CA SER B 143 -44.99 49.47 -3.70
C SER B 143 -45.33 49.89 -2.28
N ALA B 144 -44.36 50.49 -1.62
CA ALA B 144 -44.54 51.00 -0.26
C ALA B 144 -45.58 52.12 -0.19
N SER B 145 -46.38 52.13 0.86
CA SER B 145 -47.42 53.13 1.03
C SER B 145 -47.00 54.14 2.12
N ARG B 146 -46.10 53.72 3.01
CA ARG B 146 -45.73 54.51 4.18
C ARG B 146 -44.24 54.89 4.25
N GLY B 147 -43.60 55.07 3.10
CA GLY B 147 -42.25 55.61 3.09
C GLY B 147 -41.11 54.65 3.38
N GLY B 148 -41.17 53.95 4.50
CA GLY B 148 -40.11 53.06 4.93
C GLY B 148 -39.94 51.83 4.07
N PRO B 149 -38.94 50.99 4.36
CA PRO B 149 -38.76 49.82 3.52
C PRO B 149 -39.86 48.80 3.76
N LEU B 150 -40.32 48.14 2.70
CA LEU B 150 -41.30 47.08 2.86
C LEU B 150 -40.54 45.88 3.43
N ARG B 151 -41.17 45.17 4.36
CA ARG B 151 -40.49 44.13 5.09
C ARG B 151 -41.30 42.86 5.12
N LEU B 152 -40.70 41.76 4.72
CA LEU B 152 -41.34 40.46 4.80
C LEU B 152 -40.78 39.76 6.03
N PRO B 153 -41.54 38.81 6.59
CA PRO B 153 -41.20 38.32 7.94
C PRO B 153 -40.06 37.31 7.99
N ASN B 154 -39.57 36.88 6.83
CA ASN B 154 -38.53 35.86 6.76
C ASN B 154 -39.02 34.59 7.46
N SER B 155 -40.21 34.17 7.08
CA SER B 155 -40.81 32.96 7.61
C SER B 155 -41.86 32.48 6.65
N GLU B 156 -42.25 31.22 6.80
CA GLU B 156 -43.33 30.61 6.03
C GLU B 156 -44.58 31.48 6.04
N CYS B 157 -45.16 31.73 4.88
CA CYS B 157 -46.49 32.32 4.86
C CYS B 157 -47.47 31.16 4.99
N ILE B 158 -48.75 31.45 5.18
CA ILE B 158 -49.70 30.38 5.47
C ILE B 158 -50.77 30.25 4.39
N CYS B 159 -50.89 29.05 3.81
CA CYS B 159 -51.88 28.78 2.78
C CYS B 159 -53.03 27.90 3.27
N ILE B 160 -54.25 28.33 3.00
CA ILE B 160 -55.45 27.55 3.32
C ILE B 160 -56.39 27.50 2.14
N GLU B 161 -56.66 26.30 1.64
CA GLU B 161 -57.62 26.08 0.55
C GLU B 161 -57.40 26.99 -0.65
N GLY B 162 -56.14 27.19 -1.03
CA GLY B 162 -55.81 28.00 -2.19
C GLY B 162 -55.57 29.46 -1.87
N SER B 163 -55.81 29.86 -0.63
CA SER B 163 -55.55 31.23 -0.20
C SER B 163 -54.32 31.31 0.70
N CYS B 164 -53.38 32.17 0.35
CA CYS B 164 -52.16 32.31 1.13
C CYS B 164 -52.14 33.62 1.89
N PHE B 165 -51.68 33.58 3.13
CA PHE B 165 -51.72 34.76 3.98
C PHE B 165 -50.32 35.10 4.46
N VAL B 166 -49.99 36.38 4.44
CA VAL B 166 -48.67 36.84 4.81
C VAL B 166 -48.79 38.25 5.38
N ILE B 167 -47.96 38.56 6.37
CA ILE B 167 -47.95 39.87 6.97
C ILE B 167 -46.77 40.69 6.44
N VAL B 168 -47.08 41.88 5.92
CA VAL B 168 -46.07 42.77 5.36
C VAL B 168 -45.94 43.98 6.25
N SER B 169 -44.71 44.40 6.54
CA SER B 169 -44.50 45.58 7.37
C SER B 169 -44.00 46.73 6.52
N ASP B 170 -44.37 47.94 6.94
CA ASP B 170 -44.04 49.16 6.23
C ASP B 170 -43.82 50.25 7.28
N GLY B 171 -43.24 51.36 6.87
CA GLY B 171 -42.90 52.43 7.79
C GLY B 171 -41.40 52.47 8.06
N PRO B 172 -40.82 53.67 8.07
CA PRO B 172 -39.39 53.92 8.21
C PRO B 172 -38.93 53.87 9.65
N ASN B 173 -39.89 53.87 10.57
CA ASN B 173 -39.58 53.93 11.98
C ASN B 173 -40.30 52.85 12.78
N VAL B 174 -39.63 52.34 13.82
CA VAL B 174 -40.21 51.32 14.69
C VAL B 174 -41.31 51.93 15.58
N ASN B 175 -41.22 53.24 15.83
CA ASN B 175 -42.22 53.93 16.64
C ASN B 175 -43.46 54.36 15.85
N GLN B 176 -43.39 54.19 14.53
CA GLN B 176 -44.54 54.42 13.67
C GLN B 176 -44.50 53.46 12.47
N SER B 177 -44.64 52.17 12.77
CA SER B 177 -44.64 51.15 11.75
C SER B 177 -46.08 50.76 11.44
N VAL B 178 -46.33 50.31 10.22
CA VAL B 178 -47.65 49.80 9.88
C VAL B 178 -47.53 48.35 9.44
N HIS B 179 -48.58 47.57 9.68
CA HIS B 179 -48.54 46.15 9.39
C HIS B 179 -49.84 45.68 8.78
N ARG B 180 -49.76 44.88 7.73
CA ARG B 180 -50.95 44.44 7.02
C ARG B 180 -50.96 42.94 6.83
N ILE B 181 -52.15 42.35 6.89
CA ILE B 181 -52.33 40.96 6.51
C ILE B 181 -52.75 40.96 5.05
N TYR B 182 -51.97 40.30 4.20
CA TYR B 182 -52.33 40.21 2.78
C TYR B 182 -52.92 38.84 2.47
N GLU B 183 -53.99 38.84 1.67
CA GLU B 183 -54.58 37.60 1.18
C GLU B 183 -54.20 37.45 -0.28
N LEU B 184 -53.59 36.33 -0.61
CA LEU B 184 -53.13 36.09 -1.98
C LEU B 184 -53.78 34.84 -2.57
N GLN B 185 -53.91 34.84 -3.88
CA GLN B 185 -54.40 33.67 -4.62
C GLN B 185 -53.65 33.63 -5.94
N ASN B 186 -53.00 32.51 -6.21
CA ASN B 186 -52.14 32.35 -7.39
C ASN B 186 -51.11 33.45 -7.52
N GLY B 187 -50.56 33.91 -6.40
CA GLY B 187 -49.57 34.97 -6.45
C GLY B 187 -50.16 36.32 -6.78
N THR B 188 -51.47 36.47 -6.58
CA THR B 188 -52.16 37.73 -6.86
C THR B 188 -52.82 38.25 -5.59
N VAL B 189 -52.61 39.53 -5.30
CA VAL B 189 -53.23 40.19 -4.15
C VAL B 189 -54.74 40.25 -4.32
N GLN B 190 -55.49 39.64 -3.40
CA GLN B 190 -56.94 39.73 -3.44
C GLN B 190 -57.40 40.89 -2.57
N ARG B 191 -56.94 40.89 -1.33
CA ARG B 191 -57.27 41.96 -0.41
C ARG B 191 -56.35 41.94 0.81
N TRP B 192 -56.34 43.04 1.57
CA TRP B 192 -55.53 43.12 2.76
C TRP B 192 -56.28 43.85 3.87
N LYS B 193 -55.77 43.73 5.10
CA LYS B 193 -56.37 44.37 6.26
C LYS B 193 -55.24 45.05 7.00
N GLN B 194 -55.35 46.37 7.17
CA GLN B 194 -54.34 47.09 7.93
C GLN B 194 -54.69 47.02 9.40
N LEU B 195 -53.71 46.65 10.20
CA LEU B 195 -53.92 46.40 11.62
C LEU B 195 -53.73 47.65 12.47
N ASN B 196 -54.54 47.79 13.53
CA ASN B 196 -54.31 48.80 14.55
C ASN B 196 -53.25 48.32 15.54
N THR B 197 -52.01 48.74 15.32
CA THR B 197 -50.89 48.33 16.14
C THR B 197 -50.31 49.49 16.93
N THR B 198 -51.12 50.54 17.10
CA THR B 198 -50.65 51.74 17.81
C THR B 198 -50.19 51.40 19.23
N GLY B 199 -48.99 51.84 19.57
CA GLY B 199 -48.41 51.53 20.87
C GLY B 199 -47.40 50.41 20.80
N ILE B 200 -47.48 49.58 19.76
CA ILE B 200 -46.55 48.46 19.62
C ILE B 200 -45.85 48.39 18.25
N ASN B 201 -44.98 47.39 18.11
CA ASN B 201 -44.29 47.11 16.86
C ASN B 201 -44.37 45.61 16.62
N PHE B 202 -44.65 45.20 15.39
CA PHE B 202 -44.93 43.79 15.10
C PHE B 202 -44.12 43.28 13.92
N GLU B 203 -42.82 43.09 14.14
CA GLU B 203 -41.91 42.61 13.08
C GLU B 203 -41.68 41.10 13.17
N TYR B 204 -41.03 40.55 12.15
CA TYR B 204 -40.58 39.16 12.14
C TYR B 204 -41.69 38.15 12.47
N SER B 205 -42.86 38.36 11.88
CA SER B 205 -44.00 37.48 12.09
C SER B 205 -43.64 36.04 11.71
N THR B 206 -43.91 35.09 12.60
CA THR B 206 -43.85 33.68 12.24
C THR B 206 -45.19 33.07 12.64
N CYS B 207 -45.80 32.34 11.71
CA CYS B 207 -47.20 31.98 11.84
C CYS B 207 -47.42 30.50 11.63
N TYR B 208 -48.58 30.04 12.09
CA TYR B 208 -49.02 28.68 11.79
C TYR B 208 -50.54 28.68 11.74
N THR B 209 -51.13 27.66 11.12
CA THR B 209 -52.59 27.60 11.02
C THR B 209 -53.14 26.38 11.73
N ILE B 210 -54.30 26.55 12.34
CA ILE B 210 -55.00 25.45 12.98
C ILE B 210 -56.51 25.68 12.91
N ASN B 211 -57.22 24.63 12.49
CA ASN B 211 -58.65 24.66 12.22
C ASN B 211 -59.13 25.97 11.59
N ASN B 212 -58.56 26.30 10.43
CA ASN B 212 -58.91 27.49 9.66
C ASN B 212 -58.67 28.81 10.40
N LEU B 213 -57.79 28.78 11.39
CA LEU B 213 -57.34 29.99 12.08
C LEU B 213 -55.85 30.15 11.88
N ILE B 214 -55.40 31.40 11.74
CA ILE B 214 -53.97 31.65 11.66
C ILE B 214 -53.51 32.36 12.93
N LYS B 215 -52.42 31.86 13.49
CA LYS B 215 -51.84 32.44 14.69
C LYS B 215 -50.39 32.78 14.40
N CYS B 216 -50.02 34.02 14.67
CA CYS B 216 -48.69 34.51 14.37
C CYS B 216 -48.08 35.08 15.64
N THR B 217 -46.78 34.89 15.82
CA THR B 217 -46.07 35.51 16.93
C THR B 217 -45.19 36.61 16.34
N GLY B 218 -45.21 37.79 16.95
CA GLY B 218 -44.44 38.90 16.42
C GLY B 218 -43.24 39.25 17.28
N THR B 219 -42.50 40.28 16.86
CA THR B 219 -41.36 40.78 17.60
C THR B 219 -41.46 42.30 17.72
N ASN B 220 -41.36 42.81 18.94
CA ASN B 220 -41.40 44.26 19.17
C ASN B 220 -40.00 44.81 19.33
N LEU B 221 -39.56 45.59 18.34
CA LEU B 221 -38.21 46.14 18.30
C LEU B 221 -38.14 47.52 18.96
N TRP B 222 -39.30 47.96 19.47
CA TRP B 222 -39.48 49.34 19.92
C TRP B 222 -39.52 49.48 21.44
N ASN B 223 -40.55 48.89 22.05
CA ASN B 223 -40.89 49.17 23.45
C ASN B 223 -41.36 47.96 24.26
N ASP B 224 -41.00 46.75 23.84
CA ASP B 224 -41.50 45.56 24.53
C ASP B 224 -40.54 44.37 24.47
N ALA B 225 -40.35 43.72 25.61
CA ALA B 225 -39.54 42.51 25.66
C ALA B 225 -40.44 41.29 25.69
N LYS B 226 -41.74 41.53 25.77
CA LYS B 226 -42.73 40.48 25.56
C LYS B 226 -43.04 40.38 24.07
N ARG B 227 -43.54 39.22 23.65
CA ARG B 227 -43.89 39.05 22.24
C ARG B 227 -45.38 39.20 22.01
N PRO B 228 -45.74 40.17 21.14
CA PRO B 228 -47.13 40.36 20.74
C PRO B 228 -47.61 39.19 19.92
N LEU B 229 -48.89 38.85 20.05
CA LEU B 229 -49.47 37.70 19.37
C LEU B 229 -50.60 38.15 18.47
N LEU B 230 -50.77 37.45 17.35
CA LEU B 230 -51.84 37.78 16.42
C LEU B 230 -52.67 36.56 16.11
N ARG B 231 -53.99 36.73 16.08
CA ARG B 231 -54.91 35.67 15.70
C ARG B 231 -55.86 36.26 14.67
N PHE B 232 -56.04 35.57 13.55
CA PHE B 232 -56.99 36.04 12.54
C PHE B 232 -57.64 34.94 11.72
N THR B 233 -58.70 35.32 11.00
CA THR B 233 -59.50 34.41 10.21
C THR B 233 -59.29 34.68 8.72
N LYS B 234 -59.88 33.83 7.88
CA LYS B 234 -59.79 34.00 6.43
C LYS B 234 -60.44 35.30 5.97
N GLU B 235 -61.39 35.81 6.75
CA GLU B 235 -62.04 37.08 6.44
C GLU B 235 -61.30 38.26 7.04
N LEU B 236 -60.11 38.00 7.55
CA LEU B 236 -59.23 39.04 8.08
C LEU B 236 -59.82 39.74 9.30
N ASN B 237 -60.72 39.05 10.01
CA ASN B 237 -61.15 39.52 11.31
C ASN B 237 -60.00 39.19 12.24
N TYR B 238 -59.54 40.16 13.02
CA TYR B 238 -58.31 39.94 13.76
C TYR B 238 -58.38 40.38 15.22
N GLN B 239 -57.41 39.89 15.98
CA GLN B 239 -57.26 40.20 17.38
C GLN B 239 -55.79 40.13 17.71
N ILE B 240 -55.29 41.15 18.39
CA ILE B 240 -53.90 41.17 18.83
C ILE B 240 -53.88 40.98 20.34
N VAL B 241 -53.04 40.05 20.81
CA VAL B 241 -53.06 39.65 22.22
C VAL B 241 -51.68 39.82 22.84
N GLU B 242 -51.64 40.24 24.10
CA GLU B 242 -50.39 40.36 24.83
C GLU B 242 -50.36 39.25 25.88
N PRO B 243 -49.22 38.57 26.00
CA PRO B 243 -49.05 37.50 26.99
C PRO B 243 -49.21 38.02 28.42
N CYS B 244 -49.96 37.29 29.23
CA CYS B 244 -50.27 37.72 30.58
C CYS B 244 -49.28 37.08 31.54
N ASN B 245 -48.19 36.59 30.95
CA ASN B 245 -47.07 35.99 31.66
C ASN B 245 -46.33 37.03 32.50
N GLY B 246 -45.31 36.58 33.21
CA GLY B 246 -44.36 37.48 33.85
C GLY B 246 -42.98 37.20 33.29
N ALA B 247 -42.92 36.35 32.27
CA ALA B 247 -41.66 35.87 31.71
C ALA B 247 -41.49 36.27 30.24
N PRO B 248 -40.71 37.33 30.00
CA PRO B 248 -40.41 37.82 28.65
C PRO B 248 -39.61 36.79 27.85
N THR B 249 -39.85 36.71 26.54
CA THR B 249 -39.17 35.72 25.70
C THR B 249 -38.33 36.34 24.57
N ASP B 250 -38.41 37.65 24.40
CA ASP B 250 -37.62 38.33 23.38
C ASP B 250 -36.18 38.39 23.84
N PHE B 251 -35.27 38.69 22.92
CA PHE B 251 -33.91 39.05 23.29
C PHE B 251 -33.49 40.29 22.49
N PRO B 252 -33.07 41.35 23.18
CA PRO B 252 -32.86 41.41 24.65
C PRO B 252 -34.15 41.46 25.47
N ARG B 253 -34.01 41.32 26.79
CA ARG B 253 -35.12 41.37 27.73
C ARG B 253 -34.63 41.60 29.16
N GLY B 254 -35.53 41.97 30.05
CA GLY B 254 -35.20 42.10 31.46
C GLY B 254 -35.48 40.80 32.20
N GLY B 255 -35.47 40.86 33.53
CA GLY B 255 -35.72 39.68 34.35
C GLY B 255 -37.21 39.42 34.57
N LEU B 256 -37.52 38.42 35.39
CA LEU B 256 -38.91 38.09 35.71
C LEU B 256 -39.62 39.23 36.45
N THR B 257 -40.92 39.36 36.20
CA THR B 257 -41.75 40.36 36.87
C THR B 257 -43.04 39.70 37.35
N THR B 258 -43.88 40.49 38.02
CA THR B 258 -45.19 40.01 38.44
C THR B 258 -46.07 39.84 37.20
N PRO B 259 -46.67 38.65 37.04
CA PRO B 259 -47.55 38.40 35.89
C PRO B 259 -48.67 39.43 35.76
N SER B 260 -48.79 40.01 34.58
CA SER B 260 -49.85 40.95 34.25
C SER B 260 -49.86 41.06 32.74
N CYS B 261 -50.95 41.60 32.19
CA CYS B 261 -51.06 41.75 30.75
C CYS B 261 -50.44 43.06 30.28
N LYS B 262 -49.53 43.60 31.09
CA LYS B 262 -48.81 44.81 30.73
C LYS B 262 -47.60 44.45 29.91
N MET B 263 -47.24 45.32 28.98
CA MET B 263 -46.06 45.12 28.16
C MET B 263 -44.83 45.13 29.06
N ALA B 264 -43.80 44.40 28.65
CA ALA B 264 -42.54 44.40 29.40
C ALA B 264 -41.65 45.48 28.82
N GLN B 265 -41.59 46.61 29.51
CA GLN B 265 -40.91 47.80 29.02
C GLN B 265 -39.40 47.77 29.21
N GLU B 266 -38.92 46.96 30.15
CA GLU B 266 -37.48 46.86 30.41
C GLU B 266 -36.74 46.18 29.26
N LYS B 267 -35.79 46.90 28.67
CA LYS B 267 -35.03 46.42 27.53
C LYS B 267 -35.96 46.03 26.38
N GLY B 268 -37.00 46.83 26.18
CA GLY B 268 -37.98 46.55 25.15
C GLY B 268 -37.40 46.82 23.79
N GLU B 269 -36.47 47.77 23.73
CA GLU B 269 -35.76 48.06 22.50
C GLU B 269 -34.99 46.86 21.98
N GLY B 270 -35.08 46.64 20.68
CA GLY B 270 -34.41 45.52 20.06
C GLY B 270 -35.29 44.29 20.10
N GLY B 271 -34.76 43.19 19.59
CA GLY B 271 -35.50 41.94 19.55
C GLY B 271 -34.93 41.01 18.50
N ILE B 272 -35.45 39.80 18.46
CA ILE B 272 -35.05 38.81 17.46
C ILE B 272 -36.26 37.96 17.16
N GLN B 273 -36.36 37.47 15.92
CA GLN B 273 -37.48 36.64 15.52
C GLN B 273 -37.60 35.43 16.44
N GLY B 274 -38.82 35.13 16.87
CA GLY B 274 -39.06 34.06 17.81
C GLY B 274 -40.52 33.65 17.78
N PHE B 275 -40.85 32.59 18.50
CA PHE B 275 -42.18 32.00 18.38
C PHE B 275 -42.86 31.73 19.72
N ILE B 276 -44.18 31.78 19.70
CA ILE B 276 -44.99 31.35 20.84
C ILE B 276 -46.11 30.49 20.30
N LEU B 277 -46.24 29.28 20.83
CA LEU B 277 -47.29 28.38 20.39
C LEU B 277 -48.55 28.71 21.18
N ASP B 278 -49.45 29.47 20.56
CA ASP B 278 -50.66 29.91 21.24
C ASP B 278 -51.77 28.88 21.06
N GLU B 279 -51.79 27.90 21.96
CA GLU B 279 -52.81 26.85 21.94
C GLU B 279 -53.41 26.64 23.33
N LYS B 280 -54.06 25.49 23.55
CA LYS B 280 -54.81 25.30 24.78
C LYS B 280 -53.83 25.00 25.93
N PRO B 281 -52.92 24.04 25.75
CA PRO B 281 -51.74 24.33 26.57
C PRO B 281 -50.75 25.08 25.68
N ALA B 282 -50.12 26.12 26.22
CA ALA B 282 -49.23 26.95 25.42
C ALA B 282 -47.77 26.52 25.57
N TRP B 283 -46.96 26.83 24.56
CA TRP B 283 -45.52 26.60 24.65
C TRP B 283 -44.79 27.91 24.43
N THR B 284 -43.83 28.20 25.30
CA THR B 284 -43.04 29.42 25.21
C THR B 284 -41.60 29.03 24.88
N SER B 285 -40.83 29.97 24.32
CA SER B 285 -39.45 29.69 23.92
C SER B 285 -38.59 30.94 24.06
N LYS B 286 -37.35 30.74 24.50
CA LYS B 286 -36.42 31.85 24.75
C LYS B 286 -35.01 31.34 25.06
N THR B 287 -34.05 32.27 25.07
CA THR B 287 -32.69 31.96 25.52
C THR B 287 -32.73 31.54 26.98
N LYS B 288 -31.67 30.88 27.45
CA LYS B 288 -31.61 30.39 28.82
C LYS B 288 -31.59 31.51 29.86
N ALA B 289 -30.76 32.52 29.60
CA ALA B 289 -30.65 33.68 30.48
C ALA B 289 -30.75 34.96 29.65
N GLU B 290 -31.07 36.07 30.30
CA GLU B 290 -31.25 37.34 29.59
C GLU B 290 -29.92 38.06 29.39
N SER B 291 -28.88 37.56 30.05
CA SER B 291 -27.58 38.20 30.01
C SER B 291 -26.84 37.88 28.71
N SER B 292 -27.22 36.78 28.08
CA SER B 292 -26.52 36.31 26.88
C SER B 292 -27.46 35.53 25.95
N GLN B 293 -27.08 35.45 24.68
CA GLN B 293 -27.90 34.83 23.65
C GLN B 293 -27.57 33.34 23.51
N ASN B 294 -27.36 32.69 24.65
CA ASN B 294 -26.96 31.28 24.67
C ASN B 294 -28.08 30.37 25.19
N GLY B 295 -28.16 29.16 24.64
CA GLY B 295 -29.13 28.19 25.09
C GLY B 295 -30.53 28.43 24.55
N PHE B 296 -31.44 27.50 24.81
CA PHE B 296 -32.80 27.59 24.33
C PHE B 296 -33.70 26.70 25.17
N VAL B 297 -34.73 27.28 25.77
CA VAL B 297 -35.65 26.53 26.63
C VAL B 297 -37.11 26.64 26.22
N LEU B 298 -37.78 25.49 26.20
CA LEU B 298 -39.20 25.42 25.87
C LEU B 298 -39.98 25.17 27.16
N GLU B 299 -41.00 25.98 27.41
CA GLU B 299 -41.80 25.81 28.61
C GLU B 299 -43.30 25.72 28.29
N GLN B 300 -43.96 24.76 28.92
CA GLN B 300 -45.37 24.50 28.67
C GLN B 300 -46.24 25.24 29.67
N ILE B 301 -47.33 25.85 29.19
CA ILE B 301 -48.26 26.56 30.06
C ILE B 301 -49.70 26.08 29.75
N PRO B 302 -50.20 25.12 30.55
CA PRO B 302 -51.50 24.44 30.40
C PRO B 302 -52.72 25.37 30.31
N ASN B 303 -52.74 26.44 31.10
CA ASN B 303 -53.88 27.34 31.12
C ASN B 303 -53.89 28.36 29.98
N GLY B 304 -52.95 28.20 29.05
CA GLY B 304 -52.84 29.11 27.91
C GLY B 304 -51.93 30.27 28.26
N ILE B 305 -51.58 31.07 27.25
CA ILE B 305 -50.65 32.18 27.45
C ILE B 305 -51.34 33.47 27.87
N GLU B 306 -52.67 33.47 27.87
CA GLU B 306 -53.43 34.60 28.40
C GLU B 306 -53.72 34.40 29.87
N SER B 307 -53.13 33.35 30.44
CA SER B 307 -53.26 33.05 31.86
C SER B 307 -52.06 33.62 32.60
N GLU B 308 -51.94 33.30 33.88
CA GLU B 308 -50.71 33.62 34.58
C GLU B 308 -49.69 32.61 34.09
N GLY B 309 -48.42 32.96 34.13
CA GLY B 309 -47.41 32.14 33.49
C GLY B 309 -46.97 30.97 34.34
N THR B 310 -47.86 29.98 34.49
CA THR B 310 -47.55 28.81 35.31
C THR B 310 -46.99 27.66 34.47
N VAL B 311 -45.72 27.34 34.71
CA VAL B 311 -45.00 26.36 33.91
C VAL B 311 -45.17 24.96 34.49
N SER B 312 -45.52 24.01 33.64
CA SER B 312 -45.65 22.61 34.04
C SER B 312 -44.43 21.85 33.56
N LEU B 313 -44.05 22.08 32.31
CA LEU B 313 -42.95 21.39 31.67
C LEU B 313 -41.87 22.37 31.23
N SER B 314 -40.61 22.04 31.47
CA SER B 314 -39.50 22.90 31.06
C SER B 314 -38.37 22.08 30.47
N TYR B 315 -38.14 22.23 29.16
CA TYR B 315 -37.06 21.52 28.48
C TYR B 315 -35.95 22.48 28.09
N GLU B 316 -34.73 22.14 28.51
CA GLU B 316 -33.55 22.91 28.12
C GLU B 316 -32.87 22.21 26.95
N LEU B 317 -33.22 22.63 25.74
CA LEU B 317 -32.70 22.00 24.53
C LEU B 317 -31.23 22.33 24.32
N PHE B 318 -30.84 23.55 24.69
CA PHE B 318 -29.45 23.98 24.58
C PHE B 318 -29.04 24.75 25.85
N SER B 319 -27.77 24.65 26.22
CA SER B 319 -27.28 25.41 27.36
C SER B 319 -26.25 26.46 26.91
N ASN B 320 -25.22 26.01 26.20
CA ASN B 320 -24.12 26.88 25.82
C ASN B 320 -24.12 27.37 24.36
N LYS B 321 -24.77 26.64 23.47
CA LYS B 321 -24.84 27.01 22.06
C LYS B 321 -25.38 28.43 21.87
N ARG B 322 -24.72 29.24 21.05
CA ARG B 322 -25.25 30.57 20.79
C ARG B 322 -26.46 30.41 19.88
N THR B 323 -27.55 31.09 20.25
CA THR B 323 -28.85 30.87 19.64
C THR B 323 -29.33 32.14 18.95
N GLY B 324 -30.13 31.99 17.89
CA GLY B 324 -30.65 33.15 17.17
C GLY B 324 -32.14 33.10 16.88
N ARG B 325 -32.49 33.38 15.63
CA ARG B 325 -33.88 33.42 15.19
C ARG B 325 -34.54 32.04 15.33
N SER B 326 -35.86 32.04 15.50
CA SER B 326 -36.66 30.82 15.45
C SER B 326 -38.05 31.15 14.94
N GLY B 327 -38.71 30.15 14.36
CA GLY B 327 -40.04 30.37 13.80
C GLY B 327 -40.71 29.05 13.44
N PHE B 328 -42.00 29.11 13.13
CA PHE B 328 -42.79 27.91 12.87
C PHE B 328 -42.65 27.41 11.44
N PHE B 329 -42.84 26.11 11.26
CA PHE B 329 -43.19 25.56 9.95
C PHE B 329 -44.02 24.29 10.14
N GLN B 330 -44.90 24.03 9.19
CA GLN B 330 -45.75 22.86 9.26
C GLN B 330 -45.48 21.94 8.10
N PRO B 331 -45.18 20.67 8.39
CA PRO B 331 -45.01 19.68 7.32
C PRO B 331 -46.37 19.39 6.69
N LYS B 332 -46.46 19.42 5.37
CA LYS B 332 -47.74 19.19 4.69
C LYS B 332 -47.75 17.82 4.05
N GLY B 333 -47.87 16.80 4.88
CA GLY B 333 -47.82 15.43 4.42
C GLY B 333 -48.31 14.49 5.50
N ASP B 334 -47.38 13.95 6.28
CA ASP B 334 -47.68 13.03 7.37
C ASP B 334 -48.65 11.95 6.93
N LEU B 335 -48.08 10.87 6.39
CA LEU B 335 -48.88 9.79 5.85
C LEU B 335 -49.12 8.77 6.96
N ILE B 336 -48.71 9.13 8.16
CA ILE B 336 -48.82 8.26 9.34
C ILE B 336 -49.72 8.79 10.46
N SER B 337 -49.78 10.12 10.63
CA SER B 337 -50.61 10.72 11.67
C SER B 337 -51.85 11.40 11.09
N GLY B 338 -52.96 11.27 11.80
CA GLY B 338 -54.20 11.91 11.37
C GLY B 338 -54.33 13.28 12.00
N CYS B 339 -53.32 13.67 12.76
CA CYS B 339 -53.30 14.99 13.37
C CYS B 339 -52.25 15.90 12.73
N GLN B 340 -52.46 17.20 12.85
CA GLN B 340 -51.55 18.19 12.25
C GLN B 340 -50.34 18.42 13.15
N ARG B 341 -49.17 18.08 12.63
CA ARG B 341 -47.92 18.28 13.34
C ARG B 341 -47.48 19.74 13.34
N ILE B 342 -46.69 20.12 14.34
CA ILE B 342 -46.10 21.45 14.39
C ILE B 342 -44.61 21.29 14.62
N CYS B 343 -43.82 22.10 13.92
CA CYS B 343 -42.38 22.05 14.01
C CYS B 343 -41.88 23.49 14.08
N PHE B 344 -40.65 23.66 14.54
CA PHE B 344 -40.00 24.96 14.46
C PHE B 344 -38.55 24.83 14.01
N TRP B 345 -38.04 25.89 13.37
CA TRP B 345 -36.64 25.96 12.99
C TRP B 345 -35.93 26.92 13.94
N LEU B 346 -34.62 26.76 14.08
CA LEU B 346 -33.86 27.57 15.03
C LEU B 346 -32.42 27.73 14.59
N GLU B 347 -31.95 28.98 14.54
CA GLU B 347 -30.56 29.27 14.20
C GLU B 347 -29.65 28.93 15.36
N ILE B 348 -28.69 28.04 15.11
CA ILE B 348 -27.66 27.74 16.08
C ILE B 348 -26.29 27.93 15.45
N GLU B 349 -25.42 28.64 16.16
CA GLU B 349 -24.10 28.98 15.63
C GLU B 349 -23.13 27.79 15.66
N ASP B 350 -22.50 27.52 14.53
CA ASP B 350 -21.42 26.55 14.50
C ASP B 350 -20.19 27.27 15.02
N GLN B 351 -19.89 27.07 16.29
CA GLN B 351 -18.80 27.78 16.97
C GLN B 351 -17.42 27.38 16.48
N THR B 352 -17.34 26.30 15.70
CA THR B 352 -16.07 25.90 15.10
C THR B 352 -15.72 26.83 13.94
N VAL B 353 -16.72 27.55 13.43
CA VAL B 353 -16.53 28.52 12.36
C VAL B 353 -16.59 29.93 12.94
N GLY B 354 -15.51 30.69 12.80
CA GLY B 354 -15.40 32.02 13.38
C GLY B 354 -16.41 33.05 12.91
N LEU B 355 -16.68 34.04 13.76
CA LEU B 355 -17.42 35.25 13.39
C LEU B 355 -18.89 35.01 13.01
N GLY B 356 -19.45 33.90 13.48
CA GLY B 356 -20.84 33.57 13.24
C GLY B 356 -21.19 33.46 11.78
N MET B 357 -20.20 33.06 10.99
CA MET B 357 -20.39 32.88 9.55
C MET B 357 -21.34 31.74 9.24
N ILE B 358 -21.43 30.76 10.13
CA ILE B 358 -22.32 29.63 9.92
C ILE B 358 -23.37 29.54 11.03
N GLN B 359 -24.61 29.89 10.69
CA GLN B 359 -25.74 29.65 11.58
C GLN B 359 -26.47 28.47 10.99
N GLU B 360 -26.35 27.31 11.62
CA GLU B 360 -27.09 26.15 11.15
C GLU B 360 -28.56 26.36 11.44
N LEU B 361 -29.40 25.99 10.47
CA LEU B 361 -30.84 26.07 10.65
C LEU B 361 -31.32 24.71 11.14
N SER B 362 -31.39 24.55 12.45
CA SER B 362 -31.85 23.30 13.06
C SER B 362 -33.37 23.27 13.06
N THR B 363 -33.96 22.09 13.12
CA THR B 363 -35.41 21.94 13.17
C THR B 363 -35.84 21.00 14.29
N PHE B 364 -36.93 21.33 14.97
CA PHE B 364 -37.50 20.49 16.01
C PHE B 364 -38.98 20.26 15.73
N CYS B 365 -39.46 19.04 16.01
CA CYS B 365 -40.87 18.74 15.85
C CYS B 365 -41.46 18.27 17.17
N GLY B 366 -42.75 18.58 17.37
CA GLY B 366 -43.43 18.18 18.58
C GLY B 366 -43.83 16.72 18.52
N ILE B 367 -43.83 16.06 19.68
CA ILE B 367 -44.26 14.67 19.76
C ILE B 367 -45.28 14.48 20.90
N ASN B 368 -46.16 13.48 20.74
CA ASN B 368 -47.19 13.21 21.74
C ASN B 368 -46.63 12.44 22.92
N SER B 369 -45.39 12.00 22.77
CA SER B 369 -44.72 11.28 23.85
C SER B 369 -43.79 12.24 24.60
N PRO B 370 -43.69 12.08 25.93
CA PRO B 370 -42.70 12.83 26.71
C PRO B 370 -41.30 12.32 26.41
N VAL B 371 -40.30 13.17 26.59
CA VAL B 371 -38.94 12.83 26.20
C VAL B 371 -37.97 13.29 27.29
N GLN B 372 -36.78 12.73 27.31
CA GLN B 372 -35.75 13.16 28.25
C GLN B 372 -35.39 14.62 28.03
N ASN B 373 -35.03 15.33 29.11
CA ASN B 373 -34.55 16.70 28.97
C ASN B 373 -33.07 16.67 28.60
N ILE B 374 -32.79 16.25 27.36
CA ILE B 374 -31.44 16.11 26.86
C ILE B 374 -30.91 17.45 26.33
N ASN B 375 -29.62 17.71 26.57
CA ASN B 375 -28.97 18.93 26.08
C ASN B 375 -28.38 18.60 24.72
N TRP B 376 -28.73 19.41 23.72
CA TRP B 376 -28.26 19.17 22.36
C TRP B 376 -26.99 19.94 22.00
N ASP B 377 -26.33 20.50 23.01
CA ASP B 377 -25.01 21.13 22.81
C ASP B 377 -23.99 20.09 22.37
N TYR C 13 -45.09 20.94 -30.20
CA TYR C 13 -45.05 21.95 -31.26
C TYR C 13 -45.63 23.28 -30.78
N TRP C 14 -44.76 24.07 -30.15
CA TRP C 14 -45.11 25.35 -29.53
C TRP C 14 -45.57 26.41 -30.54
N ARG C 15 -46.67 27.08 -30.19
CA ARG C 15 -47.21 28.21 -30.94
C ARG C 15 -47.24 29.43 -30.04
N ALA C 16 -46.82 30.57 -30.57
CA ALA C 16 -46.87 31.83 -29.85
C ALA C 16 -48.30 32.28 -29.58
N LYS C 17 -48.52 32.91 -28.44
CA LYS C 17 -49.84 33.38 -28.01
C LYS C 17 -50.39 34.45 -28.93
N SER C 18 -51.61 34.92 -28.66
CA SER C 18 -52.30 35.82 -29.58
C SER C 18 -51.59 37.17 -29.73
N GLN C 19 -51.33 37.84 -28.61
CA GLN C 19 -50.68 39.15 -28.64
C GLN C 19 -49.64 39.35 -27.54
N MET C 20 -48.73 40.29 -27.76
CA MET C 20 -47.74 40.64 -26.74
C MET C 20 -48.46 41.24 -25.54
N CYS C 21 -47.99 40.90 -24.35
CA CYS C 21 -48.53 41.51 -23.13
C CYS C 21 -48.13 42.98 -23.04
N GLU C 22 -49.02 43.76 -22.44
CA GLU C 22 -48.77 45.16 -22.20
C GLU C 22 -47.63 45.25 -21.18
N VAL C 23 -46.60 46.03 -21.50
CA VAL C 23 -45.42 46.13 -20.64
C VAL C 23 -45.26 47.54 -20.06
N LYS C 24 -45.34 47.64 -18.73
CA LYS C 24 -45.25 48.93 -18.06
C LYS C 24 -44.01 49.02 -17.18
N GLY C 25 -43.34 47.88 -17.03
CA GLY C 25 -42.15 47.81 -16.19
C GLY C 25 -41.38 46.53 -16.41
N TRP C 26 -40.18 46.48 -15.84
CA TRP C 26 -39.31 45.32 -15.96
C TRP C 26 -38.84 44.91 -14.57
N VAL C 27 -38.98 43.62 -14.24
CA VAL C 27 -38.53 43.13 -12.95
C VAL C 27 -37.54 41.99 -13.13
N PRO C 28 -36.50 41.97 -12.27
CA PRO C 28 -35.50 40.93 -12.40
C PRO C 28 -36.01 39.60 -11.88
N THR C 29 -35.88 38.57 -12.71
CA THR C 29 -36.29 37.23 -12.34
C THR C 29 -35.04 36.47 -11.91
N HIS C 30 -33.88 36.96 -12.34
CA HIS C 30 -32.61 36.39 -11.93
C HIS C 30 -31.59 37.48 -11.64
N ARG C 31 -31.05 37.46 -10.42
CA ARG C 31 -30.09 38.45 -9.97
C ARG C 31 -29.44 37.87 -8.73
N GLY C 32 -28.13 37.61 -8.82
CA GLY C 32 -27.43 36.87 -7.78
C GLY C 32 -26.72 37.75 -6.76
N PHE C 33 -25.73 37.15 -6.12
CA PHE C 33 -24.98 37.79 -5.05
C PHE C 33 -23.49 37.83 -5.41
N PRO C 34 -22.71 38.69 -4.74
CA PRO C 34 -21.28 38.79 -5.08
C PRO C 34 -20.53 37.50 -4.81
N TRP C 35 -19.75 37.04 -5.78
CA TRP C 35 -18.97 35.82 -5.63
C TRP C 35 -17.55 36.09 -5.10
N GLY C 36 -17.35 37.32 -4.63
CA GLY C 36 -16.22 37.65 -3.79
C GLY C 36 -14.93 37.74 -4.57
N PRO C 37 -13.86 38.17 -3.90
CA PRO C 37 -12.51 38.23 -4.46
C PRO C 37 -12.05 36.86 -4.94
N GLU C 38 -12.15 35.85 -4.08
CA GLU C 38 -11.69 34.50 -4.41
C GLU C 38 -12.84 33.61 -4.86
N LEU C 39 -12.61 32.83 -5.91
CA LEU C 39 -13.61 31.89 -6.42
C LEU C 39 -13.22 30.46 -6.04
N PRO C 40 -14.21 29.57 -5.91
CA PRO C 40 -13.92 28.13 -5.82
C PRO C 40 -13.38 27.64 -7.17
N GLY C 41 -12.72 26.49 -7.18
CA GLY C 41 -12.00 26.03 -8.36
C GLY C 41 -12.80 25.43 -9.51
N ASP C 42 -14.02 25.01 -9.24
CA ASP C 42 -14.79 24.24 -10.22
C ASP C 42 -15.77 25.08 -11.04
N LEU C 43 -15.70 26.41 -10.93
CA LEU C 43 -16.60 27.24 -11.72
C LEU C 43 -16.09 27.33 -13.15
N ILE C 44 -17.03 27.29 -14.09
CA ILE C 44 -16.69 27.35 -15.51
C ILE C 44 -16.70 28.79 -16.01
N LEU C 45 -15.60 29.22 -16.61
CA LEU C 45 -15.50 30.55 -17.18
C LEU C 45 -16.18 30.54 -18.54
N SER C 46 -16.98 31.56 -18.81
CA SER C 46 -17.84 31.54 -19.99
C SER C 46 -17.88 32.88 -20.70
N ARG C 47 -18.41 32.87 -21.91
CA ARG C 47 -18.67 34.09 -22.67
C ARG C 47 -19.83 33.80 -23.62
N ARG C 48 -20.39 34.85 -24.20
CA ARG C 48 -21.47 34.72 -25.18
C ARG C 48 -22.65 33.91 -24.64
N ALA C 49 -23.03 34.16 -23.40
CA ALA C 49 -24.15 33.45 -22.79
C ALA C 49 -25.50 34.06 -23.21
N TYR C 50 -26.53 33.22 -23.24
CA TYR C 50 -27.90 33.65 -23.51
C TYR C 50 -28.89 32.66 -22.89
N VAL C 51 -30.18 32.96 -22.96
CA VAL C 51 -31.21 32.15 -22.31
C VAL C 51 -32.21 31.59 -23.31
N SER C 52 -32.59 30.33 -23.12
CA SER C 52 -33.66 29.72 -23.90
C SER C 52 -34.43 28.73 -23.02
N CYS C 53 -35.74 28.64 -23.22
CA CYS C 53 -36.58 27.85 -22.33
C CYS C 53 -37.27 26.72 -23.09
N ASP C 54 -37.53 25.62 -22.39
CA ASP C 54 -38.40 24.58 -22.93
C ASP C 54 -39.80 24.76 -22.34
N LEU C 55 -40.58 23.69 -22.32
CA LEU C 55 -41.94 23.77 -21.79
C LEU C 55 -41.96 23.93 -20.27
N THR C 56 -40.92 23.44 -19.61
CA THR C 56 -40.86 23.47 -18.15
C THR C 56 -39.94 24.56 -17.59
N SER C 57 -38.71 24.60 -18.07
CA SER C 57 -37.70 25.48 -17.46
C SER C 57 -36.81 26.22 -18.47
N CYS C 58 -35.99 27.14 -17.95
CA CYS C 58 -35.07 27.89 -18.79
C CYS C 58 -33.64 27.43 -18.55
N PHE C 59 -32.77 27.67 -19.52
CA PHE C 59 -31.39 27.23 -19.42
C PHE C 59 -30.45 28.33 -19.87
N LYS C 60 -29.24 28.36 -19.30
CA LYS C 60 -28.21 29.24 -19.79
C LYS C 60 -27.37 28.48 -20.78
N PHE C 61 -27.18 29.05 -21.96
CA PHE C 61 -26.28 28.47 -22.94
C PHE C 61 -25.08 29.38 -23.04
N PHE C 62 -23.89 28.78 -23.02
CA PHE C 62 -22.66 29.57 -23.01
C PHE C 62 -21.49 28.84 -23.66
N ILE C 63 -20.50 29.63 -24.05
CA ILE C 63 -19.27 29.10 -24.62
C ILE C 63 -18.26 29.03 -23.48
N ALA C 64 -17.86 27.82 -23.13
CA ALA C 64 -16.95 27.61 -22.00
C ALA C 64 -15.51 27.64 -22.51
N TYR C 65 -14.61 28.26 -21.75
CA TYR C 65 -13.21 28.39 -22.16
C TYR C 65 -12.19 28.05 -21.07
N GLY C 66 -12.65 27.94 -19.83
CA GLY C 66 -11.73 27.67 -18.73
C GLY C 66 -12.40 27.39 -17.39
N LEU C 67 -11.57 27.10 -16.40
CA LEU C 67 -12.03 26.81 -15.04
C LEU C 67 -11.56 27.90 -14.09
N SER C 68 -12.33 28.13 -13.03
CA SER C 68 -12.05 29.20 -12.09
C SER C 68 -10.77 28.96 -11.29
N ALA C 69 -10.35 27.71 -11.18
CA ALA C 69 -9.09 27.39 -10.51
C ALA C 69 -7.91 28.08 -11.20
N ASN C 70 -8.08 28.39 -12.48
CA ASN C 70 -7.04 29.03 -13.25
C ASN C 70 -7.39 30.48 -13.56
N GLN C 71 -8.22 31.05 -12.69
CA GLN C 71 -8.63 32.46 -12.69
C GLN C 71 -7.48 33.44 -12.96
N HIS C 72 -6.30 33.13 -12.45
CA HIS C 72 -5.15 34.04 -12.58
C HIS C 72 -4.03 33.45 -13.44
N LEU C 73 -4.31 32.35 -14.12
CA LEU C 73 -3.29 31.62 -14.88
C LEU C 73 -3.68 31.50 -16.36
N LEU C 74 -4.76 32.17 -16.74
CA LEU C 74 -5.31 32.09 -18.09
C LEU C 74 -5.17 33.41 -18.84
N ASN C 75 -4.95 33.33 -20.14
CA ASN C 75 -4.99 34.52 -20.98
C ASN C 75 -6.42 35.04 -20.93
N THR C 76 -6.59 36.36 -21.02
CA THR C 76 -7.93 36.94 -21.04
C THR C 76 -8.07 37.90 -22.22
N SER C 77 -8.86 37.49 -23.21
CA SER C 77 -9.67 36.28 -23.10
C SER C 77 -9.07 35.15 -23.93
N MET C 78 -9.57 33.93 -23.74
CA MET C 78 -9.00 32.79 -24.44
C MET C 78 -9.90 32.31 -25.56
N GLU C 79 -9.46 32.55 -26.78
CA GLU C 79 -10.19 32.11 -27.96
C GLU C 79 -9.54 30.84 -28.47
N TRP C 80 -9.33 29.90 -27.57
CA TRP C 80 -8.69 28.64 -27.91
C TRP C 80 -9.77 27.61 -28.08
N GLU C 81 -9.61 26.47 -27.42
CA GLU C 81 -10.58 25.41 -27.58
C GLU C 81 -11.78 25.75 -26.71
N GLU C 82 -12.84 26.17 -27.38
CA GLU C 82 -14.03 26.66 -26.71
C GLU C 82 -15.14 25.65 -26.95
N SER C 83 -16.05 25.53 -25.99
CA SER C 83 -17.06 24.49 -26.07
C SER C 83 -18.39 24.99 -25.54
N LEU C 84 -19.47 24.60 -26.21
CA LEU C 84 -20.80 25.04 -25.81
C LEU C 84 -21.34 24.20 -24.67
N TYR C 85 -21.78 24.86 -23.62
CA TYR C 85 -22.29 24.21 -22.42
C TYR C 85 -23.69 24.72 -22.10
N LYS C 86 -24.40 23.98 -21.25
CA LYS C 86 -25.71 24.39 -20.76
C LYS C 86 -25.83 24.19 -19.26
N THR C 87 -26.56 25.08 -18.61
CA THR C 87 -26.79 25.03 -17.17
C THR C 87 -28.23 25.44 -16.92
N PRO C 88 -28.92 24.73 -16.02
CA PRO C 88 -30.25 25.17 -15.60
C PRO C 88 -30.16 26.58 -15.04
N ILE C 89 -31.04 27.48 -15.49
CA ILE C 89 -31.11 28.84 -14.95
C ILE C 89 -31.34 28.73 -13.44
N GLY C 90 -30.70 29.58 -12.65
CA GLY C 90 -30.86 29.45 -11.21
C GLY C 90 -29.75 28.65 -10.55
N SER C 91 -29.01 27.89 -11.36
CA SER C 91 -27.85 27.15 -10.87
C SER C 91 -26.58 27.85 -11.35
N ALA C 92 -25.54 27.82 -10.53
CA ALA C 92 -24.24 28.33 -10.96
C ALA C 92 -23.65 27.35 -11.95
N SER C 93 -22.90 27.84 -12.94
CA SER C 93 -22.29 26.93 -13.91
C SER C 93 -21.00 26.33 -13.35
N THR C 94 -21.08 25.07 -12.92
CA THR C 94 -19.93 24.33 -12.40
C THR C 94 -19.79 23.01 -13.14
N LEU C 95 -18.71 22.28 -12.87
CA LEU C 95 -18.48 20.99 -13.50
C LEU C 95 -19.53 19.95 -13.13
N SER C 96 -20.23 20.18 -12.02
CA SER C 96 -21.25 19.23 -11.57
C SER C 96 -22.66 19.64 -11.97
N THR C 97 -22.84 20.89 -12.39
CA THR C 97 -24.17 21.39 -12.77
C THR C 97 -24.29 21.66 -14.27
N SER C 98 -23.16 21.86 -14.94
CA SER C 98 -23.19 22.23 -16.35
C SER C 98 -22.98 21.01 -17.23
N GLU C 99 -23.50 21.05 -18.44
CA GLU C 99 -23.56 19.88 -19.31
C GLU C 99 -22.99 20.21 -20.69
N MET C 100 -22.06 19.39 -21.16
CA MET C 100 -21.48 19.61 -22.49
C MET C 100 -22.49 19.29 -23.58
N ILE C 101 -22.53 20.15 -24.60
CA ILE C 101 -23.39 19.97 -25.76
C ILE C 101 -22.55 19.73 -27.03
N LEU C 102 -21.80 20.73 -27.45
CA LEU C 102 -20.95 20.62 -28.64
C LEU C 102 -19.75 21.58 -28.57
N PRO C 103 -18.66 21.25 -29.29
CA PRO C 103 -17.58 22.25 -29.43
C PRO C 103 -18.11 23.42 -30.26
N GLY C 104 -17.71 24.65 -29.94
CA GLY C 104 -18.23 25.80 -30.64
C GLY C 104 -17.64 27.14 -30.24
N ARG C 105 -17.74 28.11 -31.14
CA ARG C 105 -17.18 29.45 -30.93
C ARG C 105 -18.33 30.43 -30.78
N SER C 106 -19.44 30.10 -31.44
CA SER C 106 -20.69 30.82 -31.28
C SER C 106 -21.81 29.81 -31.45
N SER C 107 -23.01 30.16 -30.99
CA SER C 107 -24.10 29.20 -30.98
C SER C 107 -25.49 29.83 -31.01
N SER C 108 -26.49 28.96 -31.17
CA SER C 108 -27.89 29.34 -31.02
C SER C 108 -28.63 28.09 -30.62
N ALA C 109 -29.69 28.24 -29.84
CA ALA C 109 -30.48 27.11 -29.40
C ALA C 109 -31.92 27.53 -29.33
N CYS C 110 -32.82 26.59 -29.60
CA CYS C 110 -34.25 26.84 -29.55
C CYS C 110 -35.00 25.53 -29.40
N PHE C 111 -36.14 25.59 -28.70
CA PHE C 111 -36.94 24.40 -28.45
C PHE C 111 -38.27 24.51 -29.20
N ASP C 112 -38.60 23.47 -29.97
CA ASP C 112 -39.77 23.50 -30.85
C ASP C 112 -41.05 22.98 -30.20
N GLY C 113 -40.91 22.33 -29.05
CA GLY C 113 -42.06 21.72 -28.39
C GLY C 113 -41.85 20.23 -28.18
N LEU C 114 -40.89 19.68 -28.92
CA LEU C 114 -40.55 18.26 -28.83
C LEU C 114 -39.09 18.06 -28.46
N LYS C 115 -38.19 18.66 -29.24
CA LYS C 115 -36.76 18.48 -29.03
C LYS C 115 -36.00 19.80 -29.13
N TRP C 116 -34.76 19.80 -28.66
CA TRP C 116 -33.90 20.96 -28.80
C TRP C 116 -33.17 20.97 -30.13
N THR C 117 -33.13 22.15 -30.75
CA THR C 117 -32.30 22.38 -31.92
C THR C 117 -31.15 23.25 -31.45
N VAL C 118 -29.93 22.79 -31.68
CA VAL C 118 -28.75 23.53 -31.27
C VAL C 118 -27.83 23.68 -32.47
N LEU C 119 -27.36 24.90 -32.70
CA LEU C 119 -26.40 25.15 -33.77
C LEU C 119 -25.13 25.70 -33.16
N VAL C 120 -23.99 25.25 -33.67
CA VAL C 120 -22.70 25.79 -33.26
C VAL C 120 -21.88 26.11 -34.50
N ALA C 121 -21.02 27.12 -34.39
CA ALA C 121 -20.15 27.48 -35.49
C ALA C 121 -18.72 27.20 -35.07
N ASN C 122 -17.96 26.56 -35.94
CA ASN C 122 -16.57 26.26 -35.62
C ASN C 122 -15.64 26.64 -36.77
N GLY C 123 -14.41 27.01 -36.43
CA GLY C 123 -13.41 27.34 -37.42
C GLY C 123 -13.43 28.81 -37.75
N ARG C 124 -12.30 29.32 -38.23
CA ARG C 124 -12.22 30.66 -38.77
C ARG C 124 -11.95 30.43 -40.24
N ASP C 125 -11.91 31.50 -41.03
CA ASP C 125 -11.62 31.42 -42.45
C ASP C 125 -12.52 30.40 -43.21
N ARG C 126 -11.99 29.80 -44.25
CA ARG C 126 -12.76 29.04 -45.22
C ARG C 126 -13.23 27.66 -44.72
N ASN C 127 -12.50 27.10 -43.77
CA ASN C 127 -12.88 25.82 -43.19
C ASN C 127 -14.02 25.94 -42.19
N SER C 128 -14.40 27.18 -41.87
CA SER C 128 -15.50 27.43 -40.96
C SER C 128 -16.79 26.81 -41.48
N PHE C 129 -17.54 26.19 -40.57
CA PHE C 129 -18.83 25.59 -40.91
C PHE C 129 -19.71 25.50 -39.67
N ILE C 130 -20.97 25.12 -39.87
CA ILE C 130 -21.93 25.03 -38.76
C ILE C 130 -22.48 23.62 -38.63
N MET C 131 -22.57 23.13 -37.39
CA MET C 131 -23.19 21.85 -37.11
C MET C 131 -24.57 22.12 -36.54
N ILE C 132 -25.54 21.30 -36.90
CA ILE C 132 -26.89 21.42 -36.35
C ILE C 132 -27.22 20.13 -35.62
N LYS C 133 -27.65 20.27 -34.37
CA LYS C 133 -28.00 19.11 -33.57
C LYS C 133 -29.48 19.19 -33.23
N TYR C 134 -30.16 18.05 -33.32
CA TYR C 134 -31.59 17.97 -33.01
C TYR C 134 -31.85 16.79 -32.08
N GLY C 135 -32.06 17.10 -30.80
CA GLY C 135 -32.28 16.08 -29.79
C GLY C 135 -31.25 14.96 -29.79
N GLU C 136 -30.06 15.25 -29.28
CA GLU C 136 -29.01 14.24 -29.02
C GLU C 136 -28.18 13.75 -30.21
N GLU C 137 -28.64 13.98 -31.44
CA GLU C 137 -27.82 13.61 -32.61
C GLU C 137 -27.61 14.76 -33.59
N VAL C 138 -26.42 14.81 -34.19
CA VAL C 138 -26.10 15.82 -35.20
C VAL C 138 -26.73 15.39 -36.51
N THR C 139 -27.50 16.29 -37.11
CA THR C 139 -28.35 15.94 -38.25
C THR C 139 -27.89 16.59 -39.55
N ASP C 140 -27.29 17.77 -39.46
CA ASP C 140 -26.87 18.47 -40.67
C ASP C 140 -25.71 19.44 -40.44
N THR C 141 -25.01 19.76 -41.52
CA THR C 141 -23.90 20.71 -41.48
C THR C 141 -23.93 21.50 -42.78
N PHE C 142 -23.36 22.70 -42.76
CA PHE C 142 -23.14 23.47 -43.98
C PHE C 142 -21.95 24.40 -43.83
N SER C 143 -21.31 24.75 -44.94
CA SER C 143 -20.03 25.45 -44.90
C SER C 143 -20.14 26.94 -45.20
N ALA C 144 -19.06 27.66 -44.93
CA ALA C 144 -18.97 29.08 -45.26
C ALA C 144 -19.02 29.20 -46.77
N SER C 145 -19.74 30.21 -47.27
CA SER C 145 -19.87 30.40 -48.70
C SER C 145 -19.04 31.59 -49.15
N ARG C 146 -18.73 32.46 -48.20
CA ARG C 146 -18.09 33.73 -48.50
C ARG C 146 -16.73 33.87 -47.84
N GLY C 147 -16.03 32.74 -47.69
CA GLY C 147 -14.65 32.77 -47.25
C GLY C 147 -14.49 32.90 -45.75
N GLY C 148 -15.11 33.94 -45.18
CA GLY C 148 -14.98 34.23 -43.76
C GLY C 148 -15.62 33.20 -42.86
N PRO C 149 -15.50 33.41 -41.54
CA PRO C 149 -16.04 32.46 -40.55
C PRO C 149 -17.57 32.50 -40.51
N LEU C 150 -18.21 31.36 -40.29
CA LEU C 150 -19.65 31.38 -40.08
C LEU C 150 -19.89 31.86 -38.66
N ARG C 151 -20.92 32.68 -38.47
CA ARG C 151 -21.15 33.29 -37.17
C ARG C 151 -22.61 33.17 -36.76
N LEU C 152 -22.83 32.67 -35.55
CA LEU C 152 -24.17 32.61 -34.99
C LEU C 152 -24.33 33.75 -33.97
N PRO C 153 -25.57 34.19 -33.72
CA PRO C 153 -25.78 35.44 -32.99
C PRO C 153 -25.65 35.34 -31.47
N ASN C 154 -25.42 34.13 -30.96
CA ASN C 154 -25.34 33.91 -29.52
C ASN C 154 -26.61 34.36 -28.83
N SER C 155 -27.74 33.89 -29.35
CA SER C 155 -29.04 34.21 -28.77
C SER C 155 -30.03 33.12 -29.18
N GLU C 156 -31.12 33.02 -28.45
CA GLU C 156 -32.22 32.11 -28.76
C GLU C 156 -32.65 32.26 -30.23
N CYS C 157 -32.74 31.14 -30.94
CA CYS C 157 -33.36 31.13 -32.27
C CYS C 157 -34.86 30.97 -32.08
N ILE C 158 -35.63 31.05 -33.15
CA ILE C 158 -37.08 31.08 -33.05
C ILE C 158 -37.76 29.87 -33.69
N CYS C 159 -38.55 29.15 -32.91
CA CYS C 159 -39.31 28.02 -33.42
C CYS C 159 -40.80 28.32 -33.46
N ILE C 160 -41.41 28.10 -34.63
CA ILE C 160 -42.85 28.26 -34.81
C ILE C 160 -43.44 27.07 -35.56
N GLU C 161 -44.38 26.38 -34.91
CA GLU C 161 -45.12 25.28 -35.51
C GLU C 161 -44.21 24.24 -36.15
N GLY C 162 -43.12 23.92 -35.48
CA GLY C 162 -42.18 22.90 -35.92
C GLY C 162 -41.07 23.45 -36.80
N SER C 163 -41.17 24.72 -37.17
CA SER C 163 -40.14 25.36 -37.99
C SER C 163 -39.29 26.32 -37.16
N CYS C 164 -37.98 26.14 -37.20
CA CYS C 164 -37.07 26.98 -36.42
C CYS C 164 -36.28 27.90 -37.33
N PHE C 165 -36.08 29.14 -36.89
CA PHE C 165 -35.44 30.15 -37.72
C PHE C 165 -34.25 30.78 -37.03
N VAL C 166 -33.17 30.99 -37.78
CA VAL C 166 -31.93 31.52 -37.23
C VAL C 166 -31.21 32.34 -38.29
N ILE C 167 -30.53 33.39 -37.87
CA ILE C 167 -29.77 34.22 -38.80
C ILE C 167 -28.29 33.89 -38.75
N VAL C 168 -27.72 33.58 -39.90
CA VAL C 168 -26.31 33.21 -39.97
C VAL C 168 -25.53 34.30 -40.71
N SER C 169 -24.39 34.68 -40.16
CA SER C 169 -23.54 35.72 -40.75
C SER C 169 -22.27 35.10 -41.31
N ASP C 170 -21.75 35.71 -42.37
CA ASP C 170 -20.55 35.20 -43.04
C ASP C 170 -19.77 36.39 -43.59
N GLY C 171 -18.52 36.16 -43.97
CA GLY C 171 -17.66 37.23 -44.45
C GLY C 171 -16.61 37.63 -43.42
N PRO C 172 -15.37 37.86 -43.89
CA PRO C 172 -14.21 38.17 -43.04
C PRO C 172 -14.17 39.64 -42.60
N ASN C 173 -14.99 40.49 -43.21
CA ASN C 173 -15.01 41.90 -42.85
C ASN C 173 -16.41 42.45 -42.61
N VAL C 174 -16.53 43.38 -41.66
CA VAL C 174 -17.81 44.01 -41.33
C VAL C 174 -18.33 44.94 -42.43
N ASN C 175 -17.42 45.44 -43.26
CA ASN C 175 -17.82 46.35 -44.34
C ASN C 175 -18.38 45.67 -45.58
N GLN C 176 -18.29 44.34 -45.61
CA GLN C 176 -18.95 43.54 -46.65
C GLN C 176 -19.34 42.18 -46.08
N SER C 177 -20.27 42.19 -45.14
CA SER C 177 -20.71 40.96 -44.51
C SER C 177 -21.98 40.48 -45.21
N VAL C 178 -22.24 39.18 -45.14
CA VAL C 178 -23.48 38.64 -45.67
C VAL C 178 -24.29 37.97 -44.56
N HIS C 179 -25.61 37.99 -44.70
CA HIS C 179 -26.50 37.47 -43.66
C HIS C 179 -27.65 36.67 -44.27
N ARG C 180 -27.94 35.52 -43.68
CA ARG C 180 -28.97 34.64 -44.21
C ARG C 180 -29.91 34.13 -43.13
N ILE C 181 -31.17 33.94 -43.49
CA ILE C 181 -32.12 33.25 -42.63
C ILE C 181 -32.20 31.78 -43.01
N TYR C 182 -31.90 30.89 -42.07
CA TYR C 182 -32.05 29.46 -42.29
C TYR C 182 -33.31 28.93 -41.61
N GLU C 183 -34.06 28.11 -42.33
CA GLU C 183 -35.26 27.50 -41.79
C GLU C 183 -35.02 26.02 -41.53
N LEU C 184 -35.28 25.59 -40.30
CA LEU C 184 -35.00 24.21 -39.92
C LEU C 184 -36.24 23.44 -39.48
N GLN C 185 -36.20 22.14 -39.72
CA GLN C 185 -37.25 21.24 -39.28
C GLN C 185 -36.57 19.92 -38.97
N ASN C 186 -36.78 19.44 -37.74
CA ASN C 186 -36.12 18.22 -37.26
C ASN C 186 -34.59 18.28 -37.41
N GLY C 187 -34.04 19.47 -37.20
CA GLY C 187 -32.60 19.70 -37.28
C GLY C 187 -32.02 19.69 -38.68
N THR C 188 -32.88 19.80 -39.69
CA THR C 188 -32.45 19.80 -41.09
C THR C 188 -32.90 21.07 -41.80
N VAL C 189 -31.98 21.66 -42.56
CA VAL C 189 -32.26 22.86 -43.33
C VAL C 189 -33.32 22.55 -44.40
N GLN C 190 -34.42 23.29 -44.37
CA GLN C 190 -35.47 23.14 -45.36
C GLN C 190 -35.18 24.07 -46.52
N ARG C 191 -34.85 25.32 -46.20
CA ARG C 191 -34.45 26.30 -47.19
C ARG C 191 -33.77 27.48 -46.51
N TRP C 192 -33.11 28.34 -47.30
CA TRP C 192 -32.49 29.54 -46.76
C TRP C 192 -32.64 30.76 -47.66
N LYS C 193 -32.54 31.94 -47.06
CA LYS C 193 -32.76 33.21 -47.75
C LYS C 193 -31.68 34.23 -47.36
N GLN C 194 -30.97 34.74 -48.35
CA GLN C 194 -29.96 35.77 -48.09
C GLN C 194 -30.59 37.16 -48.08
N LEU C 195 -30.24 37.96 -47.08
CA LEU C 195 -30.81 39.28 -46.93
C LEU C 195 -29.98 40.31 -47.70
N ASN C 196 -30.65 41.32 -48.25
CA ASN C 196 -29.98 42.47 -48.82
C ASN C 196 -29.57 43.46 -47.71
N THR C 197 -28.31 43.39 -47.31
CA THR C 197 -27.79 44.21 -46.23
C THR C 197 -26.73 45.23 -46.69
N THR C 198 -26.75 45.58 -47.98
CA THR C 198 -25.78 46.54 -48.51
C THR C 198 -25.85 47.89 -47.82
N GLY C 199 -24.70 48.39 -47.38
CA GLY C 199 -24.62 49.66 -46.69
C GLY C 199 -24.56 49.50 -45.19
N ILE C 200 -25.03 48.33 -44.71
CA ILE C 200 -25.04 48.06 -43.28
C ILE C 200 -24.41 46.72 -42.88
N ASN C 201 -24.38 46.47 -41.58
CA ASN C 201 -23.87 45.24 -41.00
C ASN C 201 -24.85 44.78 -39.91
N PHE C 202 -25.17 43.48 -39.87
CA PHE C 202 -26.23 43.00 -38.99
C PHE C 202 -25.79 41.79 -38.17
N GLU C 203 -24.94 42.03 -37.17
CA GLU C 203 -24.42 40.96 -36.34
C GLU C 203 -25.23 40.80 -35.06
N TYR C 204 -24.98 39.71 -34.34
CA TYR C 204 -25.54 39.48 -33.00
C TYR C 204 -27.07 39.63 -32.92
N SER C 205 -27.79 39.05 -33.88
CA SER C 205 -29.25 39.13 -33.89
C SER C 205 -29.84 38.59 -32.59
N THR C 206 -30.76 39.34 -31.99
CA THR C 206 -31.58 38.80 -30.90
C THR C 206 -33.05 38.97 -31.26
N CYS C 207 -33.80 37.88 -31.15
CA CYS C 207 -35.12 37.82 -31.78
C CYS C 207 -36.21 37.37 -30.84
N TYR C 208 -37.45 37.67 -31.24
CA TYR C 208 -38.65 37.18 -30.58
C TYR C 208 -39.75 37.03 -31.63
N THR C 209 -40.79 36.26 -31.32
CA THR C 209 -41.88 36.08 -32.28
C THR C 209 -43.24 36.50 -31.74
N ILE C 210 -44.04 37.08 -32.62
CA ILE C 210 -45.44 37.39 -32.34
C ILE C 210 -46.32 37.37 -33.59
N ASN C 211 -47.47 36.70 -33.44
CA ASN C 211 -48.46 36.54 -34.49
C ASN C 211 -47.85 36.31 -35.88
N ASN C 212 -47.11 35.20 -36.01
CA ASN C 212 -46.45 34.81 -37.26
C ASN C 212 -45.38 35.78 -37.76
N LEU C 213 -44.87 36.64 -36.87
CA LEU C 213 -43.76 37.50 -37.22
C LEU C 213 -42.57 37.28 -36.30
N ILE C 214 -41.36 37.31 -36.87
CA ILE C 214 -40.14 37.28 -36.08
C ILE C 214 -39.49 38.66 -36.19
N LYS C 215 -39.09 39.20 -35.04
CA LYS C 215 -38.46 40.51 -35.01
C LYS C 215 -37.10 40.39 -34.35
N CYS C 216 -36.09 40.91 -35.03
CA CYS C 216 -34.74 40.83 -34.53
C CYS C 216 -34.15 42.22 -34.45
N THR C 217 -33.35 42.45 -33.41
CA THR C 217 -32.59 43.69 -33.30
C THR C 217 -31.18 43.27 -33.65
N GLY C 218 -30.52 44.02 -34.51
CA GLY C 218 -29.17 43.67 -34.91
C GLY C 218 -28.15 44.62 -34.33
N THR C 219 -26.89 44.38 -34.64
CA THR C 219 -25.82 45.25 -34.19
C THR C 219 -24.91 45.51 -35.38
N ASN C 220 -24.67 46.79 -35.66
CA ASN C 220 -23.78 47.17 -36.76
C ASN C 220 -22.41 47.50 -36.19
N LEU C 221 -21.42 46.68 -36.50
CA LEU C 221 -20.07 46.88 -35.99
C LEU C 221 -19.24 47.79 -36.90
N TRP C 222 -19.87 48.26 -37.97
CA TRP C 222 -19.18 48.96 -39.06
C TRP C 222 -19.44 50.47 -39.10
N ASN C 223 -20.68 50.85 -39.36
CA ASN C 223 -20.99 52.23 -39.72
C ASN C 223 -22.28 52.79 -39.10
N ASP C 224 -22.71 52.22 -37.97
CA ASP C 224 -23.96 52.66 -37.39
C ASP C 224 -24.01 52.47 -35.86
N ALA C 225 -24.43 53.52 -35.15
CA ALA C 225 -24.59 53.47 -33.70
C ALA C 225 -26.06 53.28 -33.37
N LYS C 226 -26.89 53.31 -34.40
CA LYS C 226 -28.28 52.89 -34.26
C LYS C 226 -28.32 51.39 -34.50
N ARG C 227 -29.36 50.73 -34.02
CA ARG C 227 -29.49 49.30 -34.22
C ARG C 227 -30.45 49.01 -35.37
N PRO C 228 -29.96 48.33 -36.40
CA PRO C 228 -30.83 47.92 -37.52
C PRO C 228 -31.84 46.88 -37.05
N LEU C 229 -33.03 46.92 -37.64
CA LEU C 229 -34.13 46.06 -37.22
C LEU C 229 -34.56 45.12 -38.34
N LEU C 230 -35.00 43.92 -37.97
CA LEU C 230 -35.44 42.96 -38.96
C LEU C 230 -36.82 42.42 -38.60
N ARG C 231 -37.70 42.34 -39.60
CA ARG C 231 -39.01 41.74 -39.43
C ARG C 231 -39.19 40.77 -40.58
N PHE C 232 -39.59 39.55 -40.28
CA PHE C 232 -39.86 38.60 -41.34
C PHE C 232 -40.92 37.57 -41.00
N THR C 233 -41.40 36.87 -42.02
CA THR C 233 -42.46 35.89 -41.87
C THR C 233 -41.92 34.48 -42.13
N LYS C 234 -42.77 33.48 -41.91
CA LYS C 234 -42.41 32.09 -42.16
C LYS C 234 -42.06 31.86 -43.62
N GLU C 235 -42.57 32.72 -44.49
CA GLU C 235 -42.33 32.60 -45.91
C GLU C 235 -41.08 33.39 -46.30
N LEU C 236 -40.33 33.83 -45.28
CA LEU C 236 -39.07 34.54 -45.47
C LEU C 236 -39.23 35.88 -46.19
N ASN C 237 -40.42 36.45 -46.11
CA ASN C 237 -40.65 37.81 -46.55
C ASN C 237 -40.08 38.72 -45.49
N TYR C 238 -39.22 39.66 -45.87
CA TYR C 238 -38.53 40.45 -44.85
C TYR C 238 -38.49 41.93 -45.19
N GLN C 239 -38.16 42.72 -44.18
CA GLN C 239 -38.01 44.16 -44.30
C GLN C 239 -36.95 44.57 -43.28
N ILE C 240 -35.98 45.37 -43.70
CA ILE C 240 -34.95 45.84 -42.78
C ILE C 240 -35.17 47.32 -42.52
N VAL C 241 -35.22 47.69 -41.23
CA VAL C 241 -35.64 49.03 -40.83
C VAL C 241 -34.59 49.72 -39.96
N GLU C 242 -34.46 51.03 -40.14
CA GLU C 242 -33.57 51.86 -39.33
C GLU C 242 -34.45 52.69 -38.41
N PRO C 243 -34.06 52.79 -37.14
CA PRO C 243 -34.83 53.59 -36.17
C PRO C 243 -34.86 55.05 -36.57
N CYS C 244 -36.04 55.67 -36.51
CA CYS C 244 -36.19 57.04 -36.97
C CYS C 244 -36.05 57.99 -35.77
N ASN C 245 -35.54 57.42 -34.69
CA ASN C 245 -35.23 58.16 -33.46
C ASN C 245 -34.02 59.08 -33.63
N GLY C 246 -33.70 59.81 -32.56
CA GLY C 246 -32.46 60.55 -32.48
C GLY C 246 -31.58 60.04 -31.35
N ALA C 247 -31.98 58.94 -30.72
CA ALA C 247 -31.27 58.42 -29.56
C ALA C 247 -30.70 57.02 -29.83
N PRO C 248 -29.40 56.98 -30.16
CA PRO C 248 -28.69 55.73 -30.44
C PRO C 248 -28.61 54.87 -29.20
N THR C 249 -28.67 53.55 -29.37
CA THR C 249 -28.67 52.64 -28.23
C THR C 249 -27.47 51.68 -28.23
N ASP C 250 -26.68 51.72 -29.29
CA ASP C 250 -25.48 50.87 -29.40
C ASP C 250 -24.37 51.39 -28.48
N PHE C 251 -23.37 50.55 -28.24
CA PHE C 251 -22.14 50.99 -27.58
C PHE C 251 -20.95 50.44 -28.34
N PRO C 252 -20.02 51.31 -28.76
CA PRO C 252 -19.98 52.75 -28.47
C PRO C 252 -21.01 53.53 -29.30
N ARG C 253 -21.16 54.81 -28.99
CA ARG C 253 -22.08 55.67 -29.72
C ARG C 253 -21.74 57.14 -29.45
N GLY C 254 -22.29 58.02 -30.28
CA GLY C 254 -22.14 59.45 -30.06
C GLY C 254 -23.27 59.98 -29.20
N GLY C 255 -23.43 61.29 -29.16
CA GLY C 255 -24.46 61.93 -28.35
C GLY C 255 -25.82 62.01 -29.01
N LEU C 256 -26.76 62.68 -28.34
CA LEU C 256 -28.11 62.88 -28.88
C LEU C 256 -28.06 63.71 -30.15
N THR C 257 -28.95 63.41 -31.10
CA THR C 257 -29.00 64.15 -32.36
C THR C 257 -30.44 64.53 -32.69
N THR C 258 -30.60 65.28 -33.79
CA THR C 258 -31.92 65.60 -34.31
C THR C 258 -32.51 64.34 -34.94
N PRO C 259 -33.73 63.98 -34.53
CA PRO C 259 -34.46 62.80 -35.02
C PRO C 259 -34.55 62.72 -36.54
N SER C 260 -34.20 61.56 -37.09
CA SER C 260 -34.29 61.29 -38.52
C SER C 260 -34.17 59.78 -38.72
N CYS C 261 -34.54 59.30 -39.92
CA CYS C 261 -34.41 57.88 -40.22
C CYS C 261 -33.03 57.60 -40.80
N LYS C 262 -32.11 58.53 -40.59
CA LYS C 262 -30.76 58.38 -41.09
C LYS C 262 -29.88 57.76 -40.01
N MET C 263 -28.91 56.95 -40.45
CA MET C 263 -28.01 56.27 -39.52
C MET C 263 -27.16 57.25 -38.73
N ALA C 264 -26.79 56.85 -37.52
CA ALA C 264 -25.92 57.66 -36.66
C ALA C 264 -24.47 57.27 -36.91
N GLN C 265 -23.78 58.09 -37.67
CA GLN C 265 -22.44 57.77 -38.15
C GLN C 265 -21.37 57.99 -37.10
N GLU C 266 -21.67 58.81 -36.10
CA GLU C 266 -20.72 59.12 -35.04
C GLU C 266 -20.46 57.88 -34.17
N LYS C 267 -19.19 57.45 -34.17
CA LYS C 267 -18.75 56.25 -33.44
C LYS C 267 -19.53 54.98 -33.81
N GLY C 268 -19.77 54.80 -35.11
CA GLY C 268 -20.50 53.64 -35.57
C GLY C 268 -19.70 52.35 -35.53
N GLU C 269 -18.39 52.45 -35.71
CA GLU C 269 -17.51 51.28 -35.64
C GLU C 269 -17.59 50.61 -34.27
N GLY C 270 -17.68 49.28 -34.28
CA GLY C 270 -17.78 48.54 -33.03
C GLY C 270 -19.24 48.39 -32.67
N GLY C 271 -19.50 47.76 -31.52
CA GLY C 271 -20.87 47.55 -31.07
C GLY C 271 -20.93 46.46 -30.02
N ILE C 272 -22.12 46.26 -29.47
CA ILE C 272 -22.32 45.19 -28.51
C ILE C 272 -23.74 44.69 -28.74
N GLN C 273 -23.95 43.40 -28.54
CA GLN C 273 -25.26 42.79 -28.75
C GLN C 273 -26.30 43.50 -27.89
N GLY C 274 -27.45 43.81 -28.48
CA GLY C 274 -28.48 44.56 -27.78
C GLY C 274 -29.83 44.39 -28.44
N PHE C 275 -30.88 44.88 -27.79
CA PHE C 275 -32.24 44.60 -28.24
C PHE C 275 -33.12 45.84 -28.32
N ILE C 276 -34.08 45.80 -29.22
CA ILE C 276 -35.13 46.80 -29.28
C ILE C 276 -36.45 46.10 -29.47
N LEU C 277 -37.39 46.37 -28.57
CA LEU C 277 -38.72 45.79 -28.65
C LEU C 277 -39.60 46.65 -29.54
N ASP C 278 -39.73 46.30 -30.82
CA ASP C 278 -40.59 47.07 -31.70
C ASP C 278 -42.03 46.53 -31.77
N GLU C 279 -42.87 47.07 -30.89
CA GLU C 279 -44.28 46.74 -30.79
C GLU C 279 -45.08 48.03 -30.82
N LYS C 280 -46.31 48.01 -30.31
CA LYS C 280 -47.17 49.18 -30.48
C LYS C 280 -46.76 50.34 -29.58
N PRO C 281 -46.55 50.09 -28.28
CA PRO C 281 -45.51 50.96 -27.73
C PRO C 281 -44.19 50.21 -27.76
N ALA C 282 -43.12 50.91 -28.12
CA ALA C 282 -41.80 50.27 -28.25
C ALA C 282 -40.96 50.46 -26.99
N TRP C 283 -40.00 49.56 -26.78
CA TRP C 283 -39.05 49.72 -25.70
C TRP C 283 -37.62 49.73 -26.21
N THR C 284 -36.85 50.71 -25.74
CA THR C 284 -35.47 50.85 -26.13
C THR C 284 -34.61 50.60 -24.90
N SER C 285 -33.35 50.23 -25.10
CA SER C 285 -32.47 49.92 -23.99
C SER C 285 -31.03 50.29 -24.33
N LYS C 286 -30.29 50.75 -23.33
CA LYS C 286 -28.91 51.17 -23.53
C LYS C 286 -28.23 51.45 -22.20
N THR C 287 -26.90 51.60 -22.25
CA THR C 287 -26.15 52.07 -21.09
C THR C 287 -26.64 53.47 -20.73
N LYS C 288 -26.34 53.92 -19.52
CA LYS C 288 -26.81 55.22 -19.06
C LYS C 288 -26.21 56.37 -19.86
N ALA C 289 -24.89 56.33 -20.09
CA ALA C 289 -24.19 57.37 -20.84
C ALA C 289 -23.30 56.75 -21.90
N GLU C 290 -22.90 57.55 -22.89
CA GLU C 290 -22.11 57.03 -24.01
C GLU C 290 -20.63 57.04 -23.65
N SER C 291 -20.30 57.68 -22.53
CA SER C 291 -18.91 57.86 -22.12
C SER C 291 -18.36 56.58 -21.49
N SER C 292 -19.25 55.72 -21.02
CA SER C 292 -18.84 54.52 -20.31
C SER C 292 -19.86 53.40 -20.49
N GLN C 293 -19.42 52.17 -20.26
CA GLN C 293 -20.25 51.00 -20.45
C GLN C 293 -20.96 50.66 -19.14
N ASN C 294 -21.36 51.71 -18.43
CA ASN C 294 -21.99 51.58 -17.12
C ASN C 294 -23.48 51.88 -17.14
N GLY C 295 -24.22 51.18 -16.28
CA GLY C 295 -25.64 51.44 -16.11
C GLY C 295 -26.46 50.81 -17.22
N PHE C 296 -27.78 50.90 -17.10
CA PHE C 296 -28.69 50.35 -18.10
C PHE C 296 -30.04 51.03 -17.91
N VAL C 297 -30.53 51.66 -18.97
CA VAL C 297 -31.81 52.38 -18.92
C VAL C 297 -32.80 51.90 -19.97
N LEU C 298 -34.04 51.69 -19.54
CA LEU C 298 -35.09 51.27 -20.45
C LEU C 298 -36.03 52.44 -20.70
N GLU C 299 -36.30 52.73 -21.96
CA GLU C 299 -37.20 53.84 -22.31
C GLU C 299 -38.33 53.40 -23.22
N GLN C 300 -39.54 53.88 -22.91
CA GLN C 300 -40.74 53.52 -23.67
C GLN C 300 -41.06 54.57 -24.74
N ILE C 301 -41.41 54.10 -25.94
CA ILE C 301 -41.79 54.99 -27.03
C ILE C 301 -43.15 54.54 -27.61
N PRO C 302 -44.23 55.21 -27.17
CA PRO C 302 -45.63 54.87 -27.48
C PRO C 302 -45.92 54.79 -28.98
N ASN C 303 -45.34 55.70 -29.76
CA ASN C 303 -45.62 55.75 -31.19
C ASN C 303 -44.81 54.77 -32.04
N GLY C 304 -44.08 53.87 -31.40
CA GLY C 304 -43.29 52.89 -32.11
C GLY C 304 -41.91 53.45 -32.39
N ILE C 305 -40.99 52.63 -32.87
CA ILE C 305 -39.61 53.08 -33.07
C ILE C 305 -39.36 53.69 -34.46
N GLU C 306 -40.36 53.60 -35.34
CA GLU C 306 -40.26 54.26 -36.66
C GLU C 306 -40.86 55.66 -36.63
N SER C 307 -41.25 56.11 -35.44
CA SER C 307 -41.76 57.45 -35.26
C SER C 307 -40.62 58.32 -34.80
N GLU C 308 -40.94 59.55 -34.40
CA GLU C 308 -39.98 60.39 -33.71
C GLU C 308 -39.86 59.83 -32.31
N GLY C 309 -38.72 60.05 -31.67
CA GLY C 309 -38.42 59.41 -30.41
C GLY C 309 -38.93 60.07 -29.14
N THR C 310 -40.25 60.02 -28.90
CA THR C 310 -40.82 60.67 -27.73
C THR C 310 -40.96 59.70 -26.56
N VAL C 311 -40.23 59.97 -25.48
CA VAL C 311 -40.16 59.06 -24.34
C VAL C 311 -41.26 59.35 -23.33
N SER C 312 -41.96 58.31 -22.90
CA SER C 312 -42.99 58.45 -21.87
C SER C 312 -42.46 57.90 -20.54
N LEU C 313 -41.87 56.71 -20.61
CA LEU C 313 -41.32 56.06 -19.42
C LEU C 313 -39.83 55.78 -19.60
N SER C 314 -39.07 56.05 -18.54
CA SER C 314 -37.63 55.81 -18.56
C SER C 314 -37.23 55.17 -17.23
N TYR C 315 -36.83 53.91 -17.28
CA TYR C 315 -36.41 53.19 -16.09
C TYR C 315 -34.90 53.02 -16.10
N GLU C 316 -34.24 53.47 -15.04
CA GLU C 316 -32.81 53.27 -14.91
C GLU C 316 -32.58 52.05 -14.03
N LEU C 317 -32.46 50.89 -14.65
CA LEU C 317 -32.32 49.62 -13.94
C LEU C 317 -30.97 49.51 -13.23
N PHE C 318 -29.93 50.07 -13.85
CA PHE C 318 -28.63 50.09 -13.22
C PHE C 318 -27.99 51.47 -13.43
N SER C 319 -27.19 51.91 -12.47
CA SER C 319 -26.49 53.19 -12.59
C SER C 319 -24.98 53.00 -12.68
N ASN C 320 -24.42 52.28 -11.72
CA ASN C 320 -22.97 52.11 -11.64
C ASN C 320 -22.43 50.79 -12.20
N LYS C 321 -23.28 49.75 -12.22
CA LYS C 321 -22.88 48.43 -12.71
C LYS C 321 -22.33 48.48 -14.13
N ARG C 322 -21.20 47.81 -14.33
CA ARG C 322 -20.63 47.69 -15.66
C ARG C 322 -21.53 46.70 -16.42
N THR C 323 -21.89 47.08 -17.63
CA THR C 323 -22.94 46.39 -18.38
C THR C 323 -22.39 45.80 -19.66
N GLY C 324 -22.96 44.69 -20.11
CA GLY C 324 -22.50 44.06 -21.33
C GLY C 324 -23.61 43.72 -22.30
N ARG C 325 -23.58 42.50 -22.82
CA ARG C 325 -24.55 42.05 -23.81
C ARG C 325 -25.96 41.96 -23.25
N SER C 326 -26.95 42.09 -24.14
CA SER C 326 -28.35 41.90 -23.79
C SER C 326 -29.09 41.34 -25.00
N GLY C 327 -30.18 40.61 -24.75
CA GLY C 327 -30.95 40.00 -25.82
C GLY C 327 -32.25 39.41 -25.32
N PHE C 328 -33.13 39.01 -26.25
CA PHE C 328 -34.46 38.52 -25.90
C PHE C 328 -34.48 37.04 -25.53
N PHE C 329 -35.46 36.64 -24.71
CA PHE C 329 -35.90 35.26 -24.63
C PHE C 329 -37.38 35.21 -24.24
N GLN C 330 -38.10 34.21 -24.72
CA GLN C 330 -39.50 34.08 -24.38
C GLN C 330 -39.70 32.81 -23.58
N PRO C 331 -40.29 32.94 -22.38
CA PRO C 331 -40.63 31.74 -21.61
C PRO C 331 -41.79 31.02 -22.27
N LYS C 332 -41.65 29.71 -22.46
CA LYS C 332 -42.67 28.90 -23.13
C LYS C 332 -43.36 28.05 -22.07
N GLY C 333 -44.18 28.69 -21.26
CA GLY C 333 -44.87 28.04 -20.16
C GLY C 333 -45.98 28.95 -19.69
N ASP C 334 -45.73 29.72 -18.64
CA ASP C 334 -46.68 30.72 -18.12
C ASP C 334 -48.13 30.22 -18.04
N LEU C 335 -48.47 29.59 -16.92
CA LEU C 335 -49.79 29.00 -16.75
C LEU C 335 -50.78 29.95 -16.08
N ILE C 336 -50.38 31.20 -15.91
CA ILE C 336 -51.22 32.19 -15.23
C ILE C 336 -51.65 33.30 -16.18
N SER C 337 -50.82 33.59 -17.19
CA SER C 337 -51.13 34.62 -18.17
C SER C 337 -51.56 34.04 -19.52
N GLY C 338 -52.58 34.64 -20.13
CA GLY C 338 -53.07 34.22 -21.43
C GLY C 338 -52.49 34.99 -22.60
N CYS C 339 -51.58 35.91 -22.30
CA CYS C 339 -50.88 36.69 -23.33
C CYS C 339 -49.39 36.35 -23.39
N GLN C 340 -48.74 36.71 -24.49
CA GLN C 340 -47.31 36.41 -24.65
C GLN C 340 -46.39 37.40 -23.94
N ARG C 341 -45.70 36.89 -22.92
CA ARG C 341 -44.73 37.67 -22.17
C ARG C 341 -43.41 37.80 -22.93
N ILE C 342 -42.63 38.81 -22.59
CA ILE C 342 -41.32 39.01 -23.17
C ILE C 342 -40.31 39.24 -22.05
N CYS C 343 -39.12 38.68 -22.23
CA CYS C 343 -38.08 38.82 -21.23
C CYS C 343 -36.77 39.11 -21.94
N PHE C 344 -35.82 39.68 -21.21
CA PHE C 344 -34.47 39.83 -21.74
C PHE C 344 -33.43 39.42 -20.70
N TRP C 345 -32.26 38.99 -21.19
CA TRP C 345 -31.13 38.72 -20.30
C TRP C 345 -30.13 39.84 -20.48
N LEU C 346 -29.27 40.03 -19.48
CA LEU C 346 -28.30 41.12 -19.51
C LEU C 346 -27.07 40.73 -18.71
N GLU C 347 -25.90 40.87 -19.34
CA GLU C 347 -24.64 40.59 -18.68
C GLU C 347 -24.32 41.72 -17.71
N ILE C 348 -24.14 41.37 -16.44
CA ILE C 348 -23.70 42.32 -15.44
C ILE C 348 -22.44 41.77 -14.79
N GLU C 349 -21.41 42.60 -14.73
CA GLU C 349 -20.11 42.18 -14.23
C GLU C 349 -20.09 42.16 -12.70
N ASP C 350 -19.65 41.04 -12.14
CA ASP C 350 -19.47 40.92 -10.70
C ASP C 350 -18.18 41.65 -10.35
N GLN C 351 -18.31 42.90 -9.89
CA GLN C 351 -17.16 43.76 -9.64
C GLN C 351 -16.28 43.28 -8.49
N THR C 352 -16.79 42.33 -7.70
CA THR C 352 -16.00 41.73 -6.63
C THR C 352 -15.01 40.71 -7.21
N VAL C 353 -15.26 40.29 -8.46
CA VAL C 353 -14.35 39.39 -9.14
C VAL C 353 -13.54 40.22 -10.12
N GLY C 354 -12.22 40.23 -9.94
CA GLY C 354 -11.35 41.05 -10.75
C GLY C 354 -11.37 40.72 -12.22
N LEU C 355 -11.08 41.73 -13.05
CA LEU C 355 -10.81 41.54 -14.47
C LEU C 355 -12.00 41.05 -15.29
N GLY C 356 -13.22 41.23 -14.77
CA GLY C 356 -14.42 40.85 -15.48
C GLY C 356 -14.52 39.38 -15.84
N MET C 357 -13.93 38.52 -15.02
CA MET C 357 -14.01 37.07 -15.25
C MET C 357 -15.44 36.55 -15.08
N ILE C 358 -16.25 37.28 -14.33
CA ILE C 358 -17.62 36.87 -14.08
C ILE C 358 -18.66 37.85 -14.60
N GLN C 359 -19.35 37.44 -15.67
CA GLN C 359 -20.50 38.17 -16.16
C GLN C 359 -21.72 37.38 -15.72
N GLU C 360 -22.43 37.87 -14.70
CA GLU C 360 -23.66 37.21 -14.32
C GLU C 360 -24.68 37.45 -15.42
N LEU C 361 -25.42 36.40 -15.77
CA LEU C 361 -26.48 36.54 -16.75
C LEU C 361 -27.78 36.81 -16.01
N SER C 362 -28.08 38.09 -15.80
CA SER C 362 -29.30 38.48 -15.11
C SER C 362 -30.45 38.48 -16.11
N THR C 363 -31.67 38.33 -15.62
CA THR C 363 -32.85 38.30 -16.50
C THR C 363 -33.92 39.25 -15.99
N PHE C 364 -34.61 39.90 -16.92
CA PHE C 364 -35.72 40.78 -16.58
C PHE C 364 -36.94 40.40 -17.41
N CYS C 365 -38.13 40.47 -16.81
CA CYS C 365 -39.36 40.24 -17.55
C CYS C 365 -40.31 41.43 -17.46
N GLY C 366 -41.06 41.65 -18.52
CA GLY C 366 -42.01 42.76 -18.55
C GLY C 366 -43.25 42.39 -17.77
N ILE C 367 -43.85 43.38 -17.13
CA ILE C 367 -45.10 43.19 -16.41
C ILE C 367 -46.10 44.27 -16.82
N ASN C 368 -47.39 43.96 -16.69
CA ASN C 368 -48.47 44.88 -17.06
C ASN C 368 -48.68 45.97 -16.03
N SER C 369 -47.98 45.87 -14.91
CA SER C 369 -48.06 46.85 -13.84
C SER C 369 -46.93 47.87 -13.88
N PRO C 370 -47.22 49.12 -13.48
CA PRO C 370 -46.15 50.11 -13.34
C PRO C 370 -45.33 49.77 -12.10
N VAL C 371 -44.03 50.11 -12.08
CA VAL C 371 -43.17 49.73 -10.95
C VAL C 371 -42.19 50.86 -10.61
N GLN C 372 -41.65 50.84 -9.41
CA GLN C 372 -40.68 51.84 -8.95
C GLN C 372 -39.42 51.91 -9.80
N ASN C 373 -38.84 53.10 -9.90
CA ASN C 373 -37.55 53.27 -10.58
C ASN C 373 -36.41 52.92 -9.64
N ILE C 374 -36.30 51.64 -9.30
CA ILE C 374 -35.27 51.16 -8.36
C ILE C 374 -33.93 50.89 -9.04
N ASN C 375 -32.84 51.20 -8.36
CA ASN C 375 -31.51 50.93 -8.87
C ASN C 375 -31.09 49.53 -8.41
N TRP C 376 -30.73 48.66 -9.35
CA TRP C 376 -30.36 47.30 -8.99
C TRP C 376 -28.86 47.10 -8.77
N ASP C 377 -28.13 48.21 -8.61
CA ASP C 377 -26.71 48.13 -8.24
C ASP C 377 -26.55 47.45 -6.87
N TYR D 13 -35.10 -5.63 -25.31
CA TYR D 13 -34.11 -6.33 -26.13
C TYR D 13 -33.76 -5.61 -27.44
N TRP D 14 -32.75 -4.76 -27.33
CA TRP D 14 -32.23 -3.92 -28.41
C TRP D 14 -31.63 -4.71 -29.57
N ARG D 15 -31.98 -4.30 -30.79
CA ARG D 15 -31.32 -4.84 -31.99
C ARG D 15 -30.75 -3.73 -32.88
N ALA D 16 -29.56 -3.98 -33.44
CA ALA D 16 -29.01 -3.08 -34.43
C ALA D 16 -29.89 -3.12 -35.68
N LYS D 17 -30.05 -1.97 -36.33
CA LYS D 17 -30.91 -1.85 -37.51
C LYS D 17 -30.43 -2.64 -38.72
N SER D 18 -31.23 -2.63 -39.78
CA SER D 18 -30.99 -3.44 -40.96
C SER D 18 -29.70 -3.08 -41.67
N GLN D 19 -29.45 -1.78 -41.83
CA GLN D 19 -28.30 -1.33 -42.61
C GLN D 19 -27.41 -0.26 -41.97
N MET D 20 -26.14 -0.26 -42.39
CA MET D 20 -25.18 0.78 -42.03
C MET D 20 -25.52 2.10 -42.69
N CYS D 21 -25.33 3.19 -41.96
CA CYS D 21 -25.43 4.51 -42.57
C CYS D 21 -24.24 4.73 -43.48
N GLU D 22 -24.45 5.39 -44.60
CA GLU D 22 -23.36 5.79 -45.47
C GLU D 22 -22.56 6.88 -44.75
N VAL D 23 -21.24 6.72 -44.67
CA VAL D 23 -20.40 7.69 -43.96
C VAL D 23 -19.43 8.46 -44.85
N LYS D 24 -19.58 9.78 -44.90
CA LYS D 24 -18.70 10.64 -45.70
C LYS D 24 -17.89 11.63 -44.86
N GLY D 25 -18.16 11.69 -43.57
CA GLY D 25 -17.46 12.63 -42.71
C GLY D 25 -17.67 12.31 -41.23
N TRP D 26 -16.86 12.95 -40.39
CA TRP D 26 -16.92 12.71 -38.96
C TRP D 26 -16.99 14.05 -38.23
N VAL D 27 -17.96 14.17 -37.34
CA VAL D 27 -18.15 15.40 -36.59
C VAL D 27 -18.05 15.14 -35.10
N PRO D 28 -17.44 16.08 -34.37
CA PRO D 28 -17.25 15.91 -32.93
C PRO D 28 -18.56 16.11 -32.20
N THR D 29 -18.90 15.15 -31.34
CA THR D 29 -20.09 15.26 -30.51
C THR D 29 -19.64 15.69 -29.12
N HIS D 30 -18.38 15.42 -28.82
CA HIS D 30 -17.81 15.85 -27.56
C HIS D 30 -16.37 16.33 -27.71
N ARG D 31 -16.11 17.56 -27.28
CA ARG D 31 -14.81 18.18 -27.36
C ARG D 31 -14.86 19.38 -26.43
N GLY D 32 -14.10 19.33 -25.35
CA GLY D 32 -14.22 20.31 -24.28
C GLY D 32 -13.23 21.44 -24.36
N PHE D 33 -12.99 22.06 -23.21
CA PHE D 33 -12.13 23.23 -23.09
C PHE D 33 -10.98 22.93 -22.12
N PRO D 34 -9.90 23.73 -22.17
CA PRO D 34 -8.74 23.47 -21.31
C PRO D 34 -9.04 23.60 -19.82
N TRP D 35 -8.59 22.62 -19.04
CA TRP D 35 -8.80 22.65 -17.60
C TRP D 35 -7.61 23.29 -16.90
N GLY D 36 -6.74 23.92 -17.70
CA GLY D 36 -5.77 24.88 -17.20
C GLY D 36 -4.64 24.20 -16.47
N PRO D 37 -3.65 24.99 -16.04
CA PRO D 37 -2.52 24.49 -15.27
C PRO D 37 -2.96 23.79 -13.99
N GLU D 38 -3.77 24.49 -13.17
CA GLU D 38 -4.19 23.95 -11.88
C GLU D 38 -5.62 23.38 -11.92
N LEU D 39 -5.82 22.23 -11.28
CA LEU D 39 -7.13 21.60 -11.25
C LEU D 39 -7.81 21.74 -9.89
N PRO D 40 -9.15 21.74 -9.88
CA PRO D 40 -9.88 21.60 -8.61
C PRO D 40 -9.65 20.19 -8.05
N GLY D 41 -9.88 20.02 -6.74
CA GLY D 41 -9.47 18.79 -6.06
C GLY D 41 -10.33 17.55 -6.21
N ASP D 42 -11.57 17.71 -6.67
CA ASP D 42 -12.51 16.60 -6.66
C ASP D 42 -12.60 15.85 -7.98
N LEU D 43 -11.69 16.11 -8.91
CA LEU D 43 -11.68 15.40 -10.18
C LEU D 43 -11.08 14.02 -10.02
N ILE D 44 -11.66 13.05 -10.73
CA ILE D 44 -11.17 11.69 -10.69
C ILE D 44 -10.19 11.45 -11.84
N LEU D 45 -9.00 10.95 -11.50
CA LEU D 45 -7.99 10.65 -12.50
C LEU D 45 -8.30 9.28 -13.10
N SER D 46 -8.17 9.16 -14.43
CA SER D 46 -8.61 7.96 -15.13
C SER D 46 -7.67 7.49 -16.23
N ARG D 47 -7.90 6.24 -16.66
CA ARG D 47 -7.23 5.66 -17.81
C ARG D 47 -8.14 4.59 -18.37
N ARG D 48 -7.86 4.14 -19.59
CA ARG D 48 -8.64 3.09 -20.23
C ARG D 48 -10.13 3.42 -20.28
N ALA D 49 -10.43 4.68 -20.62
CA ALA D 49 -11.82 5.11 -20.74
C ALA D 49 -12.41 4.72 -22.10
N TYR D 50 -13.72 4.53 -22.13
CA TYR D 50 -14.45 4.25 -23.36
C TYR D 50 -15.91 4.72 -23.21
N VAL D 51 -16.69 4.62 -24.28
CA VAL D 51 -18.06 5.11 -24.31
C VAL D 51 -19.04 3.97 -24.59
N SER D 52 -20.18 3.98 -23.89
CA SER D 52 -21.26 3.05 -24.19
C SER D 52 -22.61 3.72 -23.87
N CYS D 53 -23.63 3.41 -24.67
CA CYS D 53 -24.91 4.11 -24.55
C CYS D 53 -26.05 3.17 -24.19
N ASP D 54 -27.04 3.73 -23.51
CA ASP D 54 -28.31 3.03 -23.33
C ASP D 54 -29.28 3.51 -24.39
N LEU D 55 -30.58 3.35 -24.14
CA LEU D 55 -31.57 3.76 -25.12
C LEU D 55 -31.72 5.28 -25.17
N THR D 56 -31.41 5.93 -24.05
CA THR D 56 -31.58 7.37 -23.89
C THR D 56 -30.27 8.16 -24.01
N SER D 57 -29.26 7.75 -23.26
CA SER D 57 -28.03 8.53 -23.11
C SER D 57 -26.74 7.71 -23.21
N CYS D 58 -25.60 8.41 -23.31
CA CYS D 58 -24.30 7.75 -23.37
C CYS D 58 -23.49 7.97 -22.10
N PHE D 59 -22.54 7.07 -21.84
CA PHE D 59 -21.77 7.15 -20.59
C PHE D 59 -20.29 6.92 -20.83
N LYS D 60 -19.46 7.54 -19.99
CA LYS D 60 -18.04 7.25 -19.98
C LYS D 60 -17.76 6.20 -18.90
N PHE D 61 -17.06 5.14 -19.29
CA PHE D 61 -16.61 4.13 -18.34
C PHE D 61 -15.10 4.26 -18.27
N PHE D 62 -14.56 4.23 -17.05
CA PHE D 62 -13.12 4.43 -16.87
C PHE D 62 -12.58 3.73 -15.65
N ILE D 63 -11.27 3.54 -15.63
CA ILE D 63 -10.58 2.97 -14.48
C ILE D 63 -10.01 4.13 -13.67
N ALA D 64 -10.55 4.31 -12.46
CA ALA D 64 -10.17 5.43 -11.62
C ALA D 64 -9.00 5.01 -10.75
N TYR D 65 -8.02 5.90 -10.56
CA TYR D 65 -6.83 5.58 -9.79
C TYR D 65 -6.41 6.68 -8.80
N GLY D 66 -7.04 7.84 -8.88
CA GLY D 66 -6.67 8.94 -8.00
C GLY D 66 -7.52 10.19 -8.05
N LEU D 67 -7.18 11.15 -7.19
CA LEU D 67 -7.88 12.44 -7.13
C LEU D 67 -6.96 13.56 -7.63
N SER D 68 -7.56 14.59 -8.23
CA SER D 68 -6.80 15.70 -8.81
C SER D 68 -6.11 16.52 -7.74
N ALA D 69 -6.61 16.47 -6.51
CA ALA D 69 -5.96 17.14 -5.40
C ALA D 69 -4.53 16.63 -5.18
N ASN D 70 -4.28 15.41 -5.64
CA ASN D 70 -2.96 14.79 -5.52
C ASN D 70 -2.28 14.72 -6.89
N GLN D 71 -2.70 15.62 -7.77
CA GLN D 71 -2.13 15.85 -9.11
C GLN D 71 -0.61 15.77 -9.15
N HIS D 72 0.04 16.44 -8.21
CA HIS D 72 1.48 16.53 -8.16
C HIS D 72 2.13 15.61 -7.11
N LEU D 73 1.35 14.69 -6.55
CA LEU D 73 1.82 13.85 -5.46
C LEU D 73 1.69 12.35 -5.79
N LEU D 74 1.30 12.05 -7.03
CA LEU D 74 1.10 10.66 -7.41
C LEU D 74 2.16 10.22 -8.41
N ASN D 75 2.64 9.00 -8.24
CA ASN D 75 3.62 8.38 -9.12
C ASN D 75 3.12 8.03 -10.51
N THR D 76 4.05 8.01 -11.46
CA THR D 76 3.80 7.48 -12.78
C THR D 76 4.89 6.44 -13.00
N SER D 77 4.50 5.17 -12.94
CA SER D 77 3.08 4.82 -12.82
C SER D 77 2.68 4.27 -11.46
N MET D 78 1.36 4.28 -11.21
CA MET D 78 0.77 3.63 -10.06
C MET D 78 -0.25 2.63 -10.57
N GLU D 79 0.11 1.35 -10.52
CA GLU D 79 -0.74 0.28 -11.02
C GLU D 79 -1.40 -0.39 -9.82
N TRP D 80 -2.00 0.44 -8.95
CA TRP D 80 -2.44 -0.06 -7.66
C TRP D 80 -3.92 -0.37 -7.58
N GLU D 81 -4.57 0.13 -6.53
CA GLU D 81 -5.96 -0.21 -6.31
C GLU D 81 -6.78 0.60 -7.29
N GLU D 82 -7.27 -0.09 -8.32
CA GLU D 82 -7.97 0.56 -9.40
C GLU D 82 -9.43 0.15 -9.35
N SER D 83 -10.30 1.04 -9.80
CA SER D 83 -11.73 0.78 -9.68
C SER D 83 -12.45 1.33 -10.91
N LEU D 84 -13.42 0.57 -11.40
CA LEU D 84 -14.17 0.99 -12.58
C LEU D 84 -15.31 1.92 -12.17
N TYR D 85 -15.38 3.07 -12.84
CA TYR D 85 -16.39 4.10 -12.57
C TYR D 85 -17.14 4.45 -13.85
N LYS D 86 -18.29 5.11 -13.69
CA LYS D 86 -19.03 5.61 -14.84
C LYS D 86 -19.48 7.04 -14.61
N THR D 87 -19.52 7.80 -15.71
CA THR D 87 -19.90 9.20 -15.69
C THR D 87 -20.71 9.47 -16.94
N PRO D 88 -21.83 10.18 -16.81
CA PRO D 88 -22.58 10.61 -18.00
C PRO D 88 -21.69 11.41 -18.94
N ILE D 89 -21.67 11.05 -20.22
CA ILE D 89 -20.98 11.86 -21.21
C ILE D 89 -21.62 13.25 -21.13
N GLY D 90 -20.82 14.30 -21.26
CA GLY D 90 -21.35 15.64 -21.08
C GLY D 90 -21.05 16.19 -19.71
N SER D 91 -20.73 15.31 -18.76
CA SER D 91 -20.29 15.72 -17.43
C SER D 91 -18.82 15.39 -17.22
N ALA D 92 -18.12 16.22 -16.45
CA ALA D 92 -16.76 15.89 -16.05
C ALA D 92 -16.82 14.77 -15.01
N SER D 93 -15.82 13.90 -14.98
CA SER D 93 -15.80 12.82 -14.00
C SER D 93 -15.29 13.31 -12.66
N THR D 94 -16.21 13.52 -11.72
CA THR D 94 -15.89 14.02 -10.37
C THR D 94 -16.48 13.11 -9.29
N LEU D 95 -16.13 13.38 -8.04
CA LEU D 95 -16.62 12.60 -6.90
C LEU D 95 -18.14 12.71 -6.73
N SER D 96 -18.73 13.80 -7.23
CA SER D 96 -20.17 14.04 -7.11
C SER D 96 -20.94 13.64 -8.36
N THR D 97 -20.22 13.42 -9.46
CA THR D 97 -20.85 13.08 -10.73
C THR D 97 -20.60 11.63 -11.13
N SER D 98 -19.52 11.04 -10.63
CA SER D 98 -19.14 9.70 -11.05
C SER D 98 -19.60 8.67 -10.03
N GLU D 99 -19.85 7.45 -10.51
CA GLU D 99 -20.47 6.39 -9.72
C GLU D 99 -19.61 5.13 -9.76
N MET D 100 -19.29 4.57 -8.58
CA MET D 100 -18.49 3.35 -8.58
C MET D 100 -19.32 2.17 -9.08
N ILE D 101 -18.70 1.31 -9.89
CA ILE D 101 -19.34 0.11 -10.38
C ILE D 101 -18.69 -1.13 -9.76
N LEU D 102 -17.42 -1.37 -10.08
CA LEU D 102 -16.68 -2.51 -9.55
C LEU D 102 -15.18 -2.21 -9.48
N PRO D 103 -14.47 -2.90 -8.57
CA PRO D 103 -13.01 -2.83 -8.62
C PRO D 103 -12.57 -3.50 -9.92
N GLY D 104 -11.53 -2.98 -10.57
CA GLY D 104 -11.13 -3.53 -11.86
C GLY D 104 -9.87 -2.91 -12.42
N ARG D 105 -9.20 -3.67 -13.29
CA ARG D 105 -7.93 -3.28 -13.86
C ARG D 105 -8.15 -3.03 -15.36
N SER D 106 -9.10 -3.78 -15.91
CA SER D 106 -9.60 -3.58 -17.26
C SER D 106 -11.09 -3.93 -17.23
N SER D 107 -11.84 -3.49 -18.23
CA SER D 107 -13.30 -3.65 -18.19
C SER D 107 -13.96 -3.70 -19.56
N SER D 108 -15.24 -4.00 -19.56
CA SER D 108 -16.10 -3.92 -20.74
C SER D 108 -17.52 -3.72 -20.28
N ALA D 109 -18.32 -3.00 -21.08
CA ALA D 109 -19.71 -2.72 -20.71
C ALA D 109 -20.58 -2.65 -21.95
N CYS D 110 -21.84 -3.08 -21.82
CA CYS D 110 -22.80 -3.02 -22.90
C CYS D 110 -24.22 -3.08 -22.35
N PHE D 111 -25.16 -2.45 -23.05
CA PHE D 111 -26.54 -2.39 -22.62
C PHE D 111 -27.40 -3.24 -23.55
N ASP D 112 -28.20 -4.14 -22.98
CA ASP D 112 -28.95 -5.11 -23.79
C ASP D 112 -30.34 -4.65 -24.19
N GLY D 113 -30.80 -3.55 -23.60
CA GLY D 113 -32.14 -3.05 -23.84
C GLY D 113 -32.94 -2.95 -22.56
N LEU D 114 -32.48 -3.67 -21.54
CA LEU D 114 -33.11 -3.66 -20.22
C LEU D 114 -32.10 -3.26 -19.16
N LYS D 115 -30.97 -3.96 -19.10
CA LYS D 115 -29.97 -3.72 -18.07
C LYS D 115 -28.55 -3.66 -18.61
N TRP D 116 -27.64 -3.15 -17.80
CA TRP D 116 -26.23 -3.10 -18.17
C TRP D 116 -25.52 -4.40 -17.81
N THR D 117 -24.67 -4.86 -18.73
CA THR D 117 -23.76 -5.96 -18.43
C THR D 117 -22.40 -5.31 -18.30
N VAL D 118 -21.75 -5.51 -17.17
CA VAL D 118 -20.45 -4.93 -16.92
C VAL D 118 -19.48 -6.04 -16.53
N LEU D 119 -18.30 -6.04 -17.17
CA LEU D 119 -17.27 -7.02 -16.86
C LEU D 119 -16.00 -6.32 -16.37
N VAL D 120 -15.38 -6.88 -15.35
CA VAL D 120 -14.09 -6.39 -14.88
C VAL D 120 -13.14 -7.56 -14.70
N ALA D 121 -11.86 -7.31 -14.90
CA ALA D 121 -10.84 -8.33 -14.69
C ALA D 121 -9.96 -7.83 -13.55
N ASN D 122 -9.63 -8.73 -12.62
CA ASN D 122 -8.77 -8.33 -11.50
C ASN D 122 -7.63 -9.30 -11.31
N GLY D 123 -6.52 -8.81 -10.78
CA GLY D 123 -5.39 -9.65 -10.49
C GLY D 123 -4.41 -9.70 -11.64
N ARG D 124 -3.18 -10.03 -11.34
CA ARG D 124 -2.18 -10.34 -12.35
C ARG D 124 -1.94 -11.82 -12.18
N ASP D 125 -1.15 -12.41 -13.08
CA ASP D 125 -0.84 -13.85 -13.01
C ASP D 125 -2.06 -14.78 -12.93
N ARG D 126 -1.86 -15.93 -12.30
CA ARG D 126 -2.82 -17.04 -12.35
C ARG D 126 -4.08 -16.82 -11.50
N ASN D 127 -3.96 -15.98 -10.47
CA ASN D 127 -5.10 -15.66 -9.61
C ASN D 127 -6.11 -14.73 -10.28
N SER D 128 -5.77 -14.27 -11.49
CA SER D 128 -6.67 -13.41 -12.26
C SER D 128 -8.01 -14.08 -12.54
N PHE D 129 -9.09 -13.30 -12.48
CA PHE D 129 -10.41 -13.81 -12.83
C PHE D 129 -11.30 -12.65 -13.27
N ILE D 130 -12.49 -12.97 -13.77
CA ILE D 130 -13.41 -11.96 -14.27
C ILE D 130 -14.74 -11.97 -13.53
N MET D 131 -15.24 -10.79 -13.16
CA MET D 131 -16.56 -10.67 -12.57
C MET D 131 -17.51 -10.11 -13.60
N ILE D 132 -18.74 -10.63 -13.62
CA ILE D 132 -19.79 -10.12 -14.48
C ILE D 132 -20.92 -9.59 -13.62
N LYS D 133 -21.32 -8.36 -13.90
CA LYS D 133 -22.37 -7.71 -13.14
C LYS D 133 -23.52 -7.45 -14.10
N TYR D 134 -24.74 -7.71 -13.63
CA TYR D 134 -25.92 -7.47 -14.45
C TYR D 134 -26.92 -6.70 -13.62
N GLY D 135 -26.98 -5.39 -13.86
CA GLY D 135 -27.83 -4.50 -13.09
C GLY D 135 -27.71 -4.64 -11.58
N GLU D 136 -26.62 -4.10 -11.03
CA GLU D 136 -26.42 -3.99 -9.58
C GLU D 136 -25.97 -5.29 -8.90
N GLU D 137 -26.10 -6.41 -9.58
CA GLU D 137 -25.70 -7.68 -8.97
C GLU D 137 -24.68 -8.49 -9.78
N VAL D 138 -23.75 -9.13 -9.06
CA VAL D 138 -22.74 -9.97 -9.70
C VAL D 138 -23.40 -11.30 -10.05
N THR D 139 -23.28 -11.70 -11.32
CA THR D 139 -24.06 -12.84 -11.83
C THR D 139 -23.19 -14.04 -12.17
N ASP D 140 -21.94 -13.77 -12.57
CA ASP D 140 -21.06 -14.87 -12.93
C ASP D 140 -19.59 -14.48 -12.75
N THR D 141 -18.73 -15.49 -12.62
CA THR D 141 -17.29 -15.29 -12.53
C THR D 141 -16.63 -16.45 -13.27
N PHE D 142 -15.40 -16.23 -13.72
CA PHE D 142 -14.54 -17.30 -14.20
C PHE D 142 -13.08 -16.88 -14.09
N SER D 143 -12.20 -17.86 -13.89
CA SER D 143 -10.80 -17.57 -13.57
C SER D 143 -9.91 -17.78 -14.79
N ALA D 144 -8.67 -17.34 -14.67
CA ALA D 144 -7.72 -17.53 -15.75
C ALA D 144 -7.46 -19.02 -16.03
N SER D 145 -7.40 -19.37 -17.31
CA SER D 145 -7.19 -20.76 -17.72
C SER D 145 -5.78 -20.95 -18.28
N ARG D 146 -5.17 -19.86 -18.75
CA ARG D 146 -3.89 -19.96 -19.45
C ARG D 146 -2.76 -19.20 -18.75
N GLY D 147 -2.81 -19.16 -17.42
CA GLY D 147 -1.69 -18.65 -16.63
C GLY D 147 -1.57 -17.15 -16.50
N GLY D 148 -1.52 -16.44 -17.62
CA GLY D 148 -1.33 -15.00 -17.63
C GLY D 148 -2.52 -14.22 -17.08
N PRO D 149 -2.39 -12.89 -17.00
CA PRO D 149 -3.51 -12.12 -16.47
C PRO D 149 -4.68 -12.08 -17.47
N LEU D 150 -5.91 -12.15 -16.97
CA LEU D 150 -7.07 -12.01 -17.84
C LEU D 150 -7.24 -10.54 -18.20
N ARG D 151 -7.59 -10.29 -19.45
CA ARG D 151 -7.65 -8.93 -19.95
C ARG D 151 -8.94 -8.68 -20.73
N LEU D 152 -9.61 -7.59 -20.39
CA LEU D 152 -10.80 -7.15 -21.11
C LEU D 152 -10.36 -6.02 -22.04
N PRO D 153 -11.11 -5.77 -23.11
CA PRO D 153 -10.58 -4.92 -24.18
C PRO D 153 -10.68 -3.42 -23.92
N ASN D 154 -11.31 -3.05 -22.80
CA ASN D 154 -11.53 -1.64 -22.46
C ASN D 154 -12.30 -0.93 -23.56
N SER D 155 -13.39 -1.54 -23.99
CA SER D 155 -14.27 -0.98 -25.01
C SER D 155 -15.63 -1.62 -24.87
N GLU D 156 -16.66 -0.99 -25.46
CA GLU D 156 -18.02 -1.49 -25.47
C GLU D 156 -18.11 -2.96 -25.90
N CYS D 157 -18.81 -3.79 -25.13
CA CYS D 157 -19.14 -5.12 -25.63
C CYS D 157 -20.40 -5.01 -26.49
N ILE D 158 -20.77 -6.09 -27.17
CA ILE D 158 -21.85 -6.02 -28.15
C ILE D 158 -23.01 -6.95 -27.80
N CYS D 159 -24.22 -6.38 -27.71
CA CYS D 159 -25.43 -7.15 -27.44
C CYS D 159 -26.33 -7.26 -28.67
N ILE D 160 -26.78 -8.48 -28.97
CA ILE D 160 -27.75 -8.70 -30.05
C ILE D 160 -28.87 -9.62 -29.52
N GLU D 161 -30.09 -9.09 -29.49
CA GLU D 161 -31.28 -9.82 -29.02
C GLU D 161 -31.08 -10.52 -27.69
N GLY D 162 -30.46 -9.84 -26.73
CA GLY D 162 -30.29 -10.37 -25.40
C GLY D 162 -29.01 -11.15 -25.22
N SER D 163 -28.27 -11.37 -26.30
CA SER D 163 -27.00 -12.06 -26.21
C SER D 163 -25.87 -11.06 -26.34
N CYS D 164 -24.98 -11.06 -25.35
CA CYS D 164 -23.89 -10.10 -25.32
C CYS D 164 -22.55 -10.78 -25.58
N PHE D 165 -21.69 -10.09 -26.34
CA PHE D 165 -20.42 -10.66 -26.76
C PHE D 165 -19.25 -9.79 -26.37
N VAL D 166 -18.17 -10.42 -25.92
CA VAL D 166 -16.96 -9.73 -25.48
C VAL D 166 -15.79 -10.66 -25.75
N ILE D 167 -14.64 -10.09 -26.10
CA ILE D 167 -13.45 -10.89 -26.34
C ILE D 167 -12.54 -10.78 -25.12
N VAL D 168 -12.15 -11.92 -24.56
CA VAL D 168 -11.33 -11.97 -23.36
C VAL D 168 -9.96 -12.50 -23.76
N SER D 169 -8.90 -11.84 -23.29
CA SER D 169 -7.55 -12.27 -23.61
C SER D 169 -6.87 -12.86 -22.39
N ASP D 170 -5.99 -13.81 -22.63
CA ASP D 170 -5.28 -14.51 -21.56
C ASP D 170 -3.89 -14.85 -22.05
N GLY D 171 -3.00 -15.23 -21.13
CA GLY D 171 -1.62 -15.52 -21.47
C GLY D 171 -0.71 -14.40 -21.01
N PRO D 172 0.45 -14.75 -20.42
CA PRO D 172 1.41 -13.82 -19.82
C PRO D 172 2.36 -13.16 -20.83
N ASN D 173 2.41 -13.68 -22.05
CA ASN D 173 3.30 -13.13 -23.06
C ASN D 173 2.55 -12.83 -24.35
N VAL D 174 2.95 -11.77 -25.05
CA VAL D 174 2.27 -11.37 -26.28
C VAL D 174 2.53 -12.37 -27.41
N ASN D 175 3.64 -13.09 -27.33
CA ASN D 175 3.94 -14.08 -28.37
C ASN D 175 3.23 -15.42 -28.18
N GLN D 176 2.53 -15.56 -27.07
CA GLN D 176 1.68 -16.72 -26.86
C GLN D 176 0.45 -16.32 -26.07
N SER D 177 -0.35 -15.46 -26.67
CA SER D 177 -1.58 -15.01 -26.05
C SER D 177 -2.72 -15.84 -26.60
N VAL D 178 -3.77 -16.01 -25.82
CA VAL D 178 -4.95 -16.70 -26.28
C VAL D 178 -6.14 -15.77 -26.18
N HIS D 179 -7.12 -15.93 -27.06
CA HIS D 179 -8.26 -15.03 -27.10
C HIS D 179 -9.54 -15.81 -27.32
N ARG D 180 -10.57 -15.46 -26.57
CA ARG D 180 -11.82 -16.20 -26.62
C ARG D 180 -12.99 -15.23 -26.80
N ILE D 181 -14.00 -15.67 -27.53
CA ILE D 181 -15.26 -14.94 -27.59
C ILE D 181 -16.22 -15.56 -26.58
N TYR D 182 -16.70 -14.76 -25.64
CA TYR D 182 -17.68 -15.25 -24.68
C TYR D 182 -19.06 -14.74 -25.07
N GLU D 183 -20.05 -15.61 -25.03
CA GLU D 183 -21.43 -15.19 -25.28
C GLU D 183 -22.15 -15.21 -23.96
N LEU D 184 -22.75 -14.08 -23.59
CA LEU D 184 -23.40 -13.95 -22.31
C LEU D 184 -24.87 -13.61 -22.52
N GLN D 185 -25.69 -14.04 -21.56
CA GLN D 185 -27.09 -13.71 -21.53
C GLN D 185 -27.49 -13.56 -20.07
N ASN D 186 -28.09 -12.42 -19.75
CA ASN D 186 -28.45 -12.07 -18.38
C ASN D 186 -27.24 -12.10 -17.43
N GLY D 187 -26.09 -11.68 -17.94
CA GLY D 187 -24.87 -11.61 -17.15
C GLY D 187 -24.27 -12.98 -16.84
N THR D 188 -24.70 -14.00 -17.56
CA THR D 188 -24.23 -15.36 -17.34
C THR D 188 -23.61 -15.93 -18.62
N VAL D 189 -22.46 -16.57 -18.49
CA VAL D 189 -21.79 -17.18 -19.63
C VAL D 189 -22.64 -18.30 -20.21
N GLN D 190 -22.95 -18.18 -21.50
CA GLN D 190 -23.70 -19.22 -22.20
C GLN D 190 -22.72 -20.20 -22.82
N ARG D 191 -21.73 -19.65 -23.53
CA ARG D 191 -20.68 -20.44 -24.11
C ARG D 191 -19.52 -19.55 -24.50
N TRP D 192 -18.36 -20.17 -24.75
CA TRP D 192 -17.21 -19.42 -25.25
C TRP D 192 -16.48 -20.23 -26.30
N LYS D 193 -15.72 -19.53 -27.14
CA LYS D 193 -14.99 -20.17 -28.21
C LYS D 193 -13.61 -19.56 -28.25
N GLN D 194 -12.59 -20.39 -28.14
CA GLN D 194 -11.22 -19.90 -28.23
C GLN D 194 -10.84 -19.77 -29.69
N LEU D 195 -10.26 -18.62 -30.03
CA LEU D 195 -9.91 -18.33 -31.41
C LEU D 195 -8.53 -18.87 -31.69
N ASN D 196 -8.31 -19.35 -32.91
CA ASN D 196 -6.95 -19.66 -33.32
C ASN D 196 -6.28 -18.37 -33.78
N THR D 197 -5.45 -17.80 -32.91
CA THR D 197 -4.77 -16.55 -33.20
C THR D 197 -3.29 -16.83 -33.36
N THR D 198 -2.95 -18.08 -33.66
CA THR D 198 -1.55 -18.51 -33.81
C THR D 198 -0.85 -17.68 -34.87
N GLY D 199 0.31 -17.12 -34.51
CA GLY D 199 1.06 -16.28 -35.40
C GLY D 199 0.89 -14.79 -35.12
N ILE D 200 -0.22 -14.43 -34.46
CA ILE D 200 -0.51 -13.03 -34.15
C ILE D 200 -0.87 -12.79 -32.68
N ASN D 201 -1.14 -11.54 -32.34
CA ASN D 201 -1.61 -11.14 -31.01
C ASN D 201 -2.80 -10.20 -31.18
N PHE D 202 -3.85 -10.40 -30.37
CA PHE D 202 -5.12 -9.70 -30.60
C PHE D 202 -5.65 -9.05 -29.32
N GLU D 203 -5.02 -7.95 -28.92
CA GLU D 203 -5.40 -7.19 -27.72
C GLU D 203 -6.31 -5.99 -28.04
N TYR D 204 -6.83 -5.36 -27.00
CA TYR D 204 -7.55 -4.09 -27.10
C TYR D 204 -8.65 -4.08 -28.17
N SER D 205 -9.40 -5.17 -28.27
CA SER D 205 -10.47 -5.26 -29.25
C SER D 205 -11.53 -4.16 -29.09
N THR D 206 -11.85 -3.49 -30.19
CA THR D 206 -13.00 -2.59 -30.19
C THR D 206 -13.93 -3.00 -31.33
N CYS D 207 -15.20 -3.17 -31.00
CA CYS D 207 -16.13 -3.86 -31.89
C CYS D 207 -17.38 -3.04 -32.13
N TYR D 208 -18.07 -3.37 -33.23
CA TYR D 208 -19.38 -2.81 -33.52
C TYR D 208 -20.16 -3.89 -34.24
N THR D 209 -21.48 -3.76 -34.30
CA THR D 209 -22.29 -4.77 -34.97
C THR D 209 -23.12 -4.20 -36.11
N ILE D 210 -23.29 -5.00 -37.16
CA ILE D 210 -24.20 -4.67 -38.24
C ILE D 210 -24.74 -5.96 -38.85
N ASN D 211 -26.06 -5.98 -39.08
CA ASN D 211 -26.72 -7.18 -39.59
C ASN D 211 -26.27 -8.49 -38.94
N ASN D 212 -26.44 -8.61 -37.64
CA ASN D 212 -26.12 -9.86 -36.94
C ASN D 212 -24.67 -10.28 -37.10
N LEU D 213 -23.82 -9.33 -37.46
CA LEU D 213 -22.39 -9.59 -37.57
C LEU D 213 -21.66 -8.71 -36.56
N ILE D 214 -20.62 -9.26 -35.95
CA ILE D 214 -19.78 -8.45 -35.07
C ILE D 214 -18.43 -8.29 -35.75
N LYS D 215 -17.94 -7.06 -35.82
CA LYS D 215 -16.67 -6.78 -36.45
C LYS D 215 -15.79 -6.05 -35.44
N CYS D 216 -14.59 -6.57 -35.25
CA CYS D 216 -13.67 -6.06 -34.25
C CYS D 216 -12.33 -5.72 -34.86
N THR D 217 -11.72 -4.65 -34.35
CA THR D 217 -10.35 -4.32 -34.71
C THR D 217 -9.48 -4.64 -33.51
N GLY D 218 -8.35 -5.31 -33.74
CA GLY D 218 -7.47 -5.66 -32.64
C GLY D 218 -6.19 -4.86 -32.68
N THR D 219 -5.32 -5.10 -31.72
CA THR D 219 -4.03 -4.46 -31.65
C THR D 219 -2.99 -5.54 -31.41
N ASN D 220 -1.96 -5.58 -32.25
CA ASN D 220 -0.89 -6.56 -32.10
C ASN D 220 0.27 -5.93 -31.36
N LEU D 221 0.49 -6.38 -30.13
CA LEU D 221 1.55 -5.81 -29.29
C LEU D 221 2.85 -6.57 -29.51
N TRP D 222 2.81 -7.56 -30.40
CA TRP D 222 3.91 -8.50 -30.58
C TRP D 222 4.73 -8.26 -31.85
N ASN D 223 4.11 -8.48 -33.01
CA ASN D 223 4.86 -8.58 -34.26
C ASN D 223 4.19 -7.92 -35.49
N ASP D 224 3.32 -6.94 -35.27
CA ASP D 224 2.61 -6.31 -36.38
C ASP D 224 2.21 -4.86 -36.14
N ALA D 225 2.43 -4.02 -37.14
CA ALA D 225 2.06 -2.61 -37.09
C ALA D 225 0.74 -2.37 -37.81
N LYS D 226 0.22 -3.42 -38.44
CA LYS D 226 -1.14 -3.40 -38.96
C LYS D 226 -2.11 -3.85 -37.88
N ARG D 227 -3.38 -3.50 -38.01
CA ARG D 227 -4.38 -3.95 -37.04
C ARG D 227 -5.12 -5.15 -37.60
N PRO D 228 -5.05 -6.27 -36.88
CA PRO D 228 -5.78 -7.50 -37.25
C PRO D 228 -7.29 -7.30 -37.11
N LEU D 229 -8.06 -7.96 -37.96
CA LEU D 229 -9.51 -7.79 -37.97
C LEU D 229 -10.21 -9.10 -37.67
N LEU D 230 -11.34 -9.01 -36.98
CA LEU D 230 -12.15 -10.17 -36.65
C LEU D 230 -13.60 -9.93 -37.06
N ARG D 231 -14.22 -10.95 -37.65
CA ARG D 231 -15.63 -10.92 -38.00
C ARG D 231 -16.27 -12.19 -37.47
N PHE D 232 -17.39 -12.07 -36.75
CA PHE D 232 -18.09 -13.26 -36.31
C PHE D 232 -19.60 -13.11 -36.17
N THR D 233 -20.26 -14.25 -36.01
CA THR D 233 -21.72 -14.33 -35.98
C THR D 233 -22.20 -14.69 -34.58
N LYS D 234 -23.51 -14.67 -34.38
CA LYS D 234 -24.10 -15.03 -33.10
C LYS D 234 -23.79 -16.49 -32.75
N GLU D 235 -23.51 -17.29 -33.77
CA GLU D 235 -23.22 -18.71 -33.59
C GLU D 235 -21.73 -18.98 -33.38
N LEU D 236 -20.98 -17.90 -33.15
CA LEU D 236 -19.54 -17.97 -32.85
C LEU D 236 -18.73 -18.51 -34.02
N ASN D 237 -19.29 -18.42 -35.22
CA ASN D 237 -18.54 -18.71 -36.43
C ASN D 237 -17.73 -17.46 -36.80
N TYR D 238 -16.43 -17.61 -37.04
CA TYR D 238 -15.56 -16.45 -37.20
C TYR D 238 -14.53 -16.55 -38.32
N GLN D 239 -13.93 -15.40 -38.64
CA GLN D 239 -12.88 -15.27 -39.65
C GLN D 239 -11.94 -14.15 -39.21
N ILE D 240 -10.64 -14.40 -39.28
CA ILE D 240 -9.65 -13.38 -38.94
C ILE D 240 -8.97 -12.85 -40.21
N VAL D 241 -8.94 -11.52 -40.36
CA VAL D 241 -8.51 -10.89 -41.60
C VAL D 241 -7.36 -9.89 -41.36
N GLU D 242 -6.43 -9.84 -42.31
CA GLU D 242 -5.34 -8.87 -42.29
C GLU D 242 -5.60 -7.87 -43.41
N PRO D 243 -5.40 -6.59 -43.13
CA PRO D 243 -5.58 -5.54 -44.16
C PRO D 243 -4.62 -5.71 -45.32
N CYS D 244 -5.12 -5.59 -46.54
CA CYS D 244 -4.32 -5.78 -47.73
C CYS D 244 -3.79 -4.41 -48.14
N ASN D 245 -3.82 -3.49 -47.19
CA ASN D 245 -3.32 -2.13 -47.32
C ASN D 245 -1.81 -2.12 -47.48
N GLY D 246 -1.25 -0.93 -47.67
CA GLY D 246 0.18 -0.73 -47.57
C GLY D 246 0.44 0.29 -46.47
N ALA D 247 -0.63 0.70 -45.78
CA ALA D 247 -0.56 1.76 -44.79
C ALA D 247 -0.98 1.30 -43.39
N PRO D 248 0.02 1.03 -42.54
CA PRO D 248 -0.17 0.60 -41.14
C PRO D 248 -0.81 1.70 -40.30
N THR D 249 -1.63 1.33 -39.32
CA THR D 249 -2.34 2.29 -38.48
C THR D 249 -2.02 2.18 -36.99
N ASP D 250 -1.23 1.19 -36.60
CA ASP D 250 -0.86 1.03 -35.20
C ASP D 250 0.19 2.08 -34.84
N PHE D 251 0.41 2.30 -33.55
CA PHE D 251 1.54 3.09 -33.08
C PHE D 251 2.26 2.38 -31.93
N PRO D 252 3.59 2.19 -32.08
CA PRO D 252 4.40 2.70 -33.19
C PRO D 252 4.19 1.91 -34.49
N ARG D 253 4.78 2.40 -35.57
CA ARG D 253 4.68 1.76 -36.88
C ARG D 253 5.79 2.27 -37.79
N GLY D 254 6.03 1.56 -38.88
CA GLY D 254 7.02 2.01 -39.85
C GLY D 254 6.38 2.91 -40.90
N GLY D 255 7.11 3.17 -41.98
CA GLY D 255 6.63 4.04 -43.04
C GLY D 255 5.77 3.30 -44.05
N LEU D 256 5.35 4.00 -45.09
CA LEU D 256 4.54 3.40 -46.15
C LEU D 256 5.34 2.36 -46.94
N THR D 257 4.67 1.29 -47.33
CA THR D 257 5.28 0.24 -48.15
C THR D 257 4.29 -0.18 -49.26
N THR D 258 4.73 -1.13 -50.09
CA THR D 258 3.88 -1.70 -51.13
C THR D 258 2.76 -2.54 -50.53
N PRO D 259 1.52 -2.27 -50.95
CA PRO D 259 0.30 -2.96 -50.51
C PRO D 259 0.38 -4.48 -50.64
N SER D 260 -0.02 -5.19 -49.57
CA SER D 260 -0.06 -6.65 -49.57
C SER D 260 -0.89 -7.10 -48.38
N CYS D 261 -1.27 -8.37 -48.38
CA CYS D 261 -2.02 -8.93 -47.25
C CYS D 261 -1.04 -9.44 -46.19
N LYS D 262 0.19 -8.95 -46.27
CA LYS D 262 1.24 -9.31 -45.34
C LYS D 262 1.30 -8.35 -44.15
N MET D 263 1.67 -8.89 -42.99
CA MET D 263 1.82 -8.10 -41.77
C MET D 263 2.94 -7.07 -41.91
N ALA D 264 2.80 -5.96 -41.21
CA ALA D 264 3.83 -4.92 -41.19
C ALA D 264 4.78 -5.16 -40.01
N GLN D 265 5.95 -5.71 -40.31
CA GLN D 265 6.88 -6.18 -39.28
C GLN D 265 7.75 -5.09 -38.65
N GLU D 266 7.96 -3.99 -39.36
CA GLU D 266 8.79 -2.92 -38.82
C GLU D 266 8.09 -2.24 -37.66
N LYS D 267 8.74 -2.28 -36.50
CA LYS D 267 8.19 -1.72 -35.26
C LYS D 267 6.85 -2.35 -34.89
N GLY D 268 6.77 -3.67 -35.04
CA GLY D 268 5.55 -4.39 -34.72
C GLY D 268 5.36 -4.50 -33.21
N GLU D 269 6.47 -4.53 -32.48
CA GLU D 269 6.42 -4.55 -31.03
C GLU D 269 5.73 -3.31 -30.47
N GLY D 270 4.83 -3.52 -29.51
CA GLY D 270 4.10 -2.41 -28.93
C GLY D 270 2.84 -2.16 -29.73
N GLY D 271 2.10 -1.12 -29.35
CA GLY D 271 0.86 -0.79 -30.02
C GLY D 271 -0.03 0.08 -29.17
N ILE D 272 -1.16 0.52 -29.73
CA ILE D 272 -2.14 1.29 -28.98
C ILE D 272 -3.52 0.94 -29.50
N GLN D 273 -4.52 0.97 -28.63
CA GLN D 273 -5.89 0.63 -29.00
C GLN D 273 -6.35 1.52 -30.15
N GLY D 274 -6.99 0.91 -31.14
CA GLY D 274 -7.42 1.65 -32.32
C GLY D 274 -8.47 0.88 -33.09
N PHE D 275 -9.03 1.53 -34.10
CA PHE D 275 -10.17 0.98 -34.82
C PHE D 275 -10.02 1.09 -36.33
N ILE D 276 -10.68 0.16 -37.02
CA ILE D 276 -10.81 0.24 -38.46
C ILE D 276 -12.26 -0.05 -38.77
N LEU D 277 -12.91 0.86 -39.47
CA LEU D 277 -14.30 0.65 -39.85
C LEU D 277 -14.25 -0.15 -41.14
N ASP D 278 -14.39 -1.48 -41.02
CA ASP D 278 -14.33 -2.31 -42.20
C ASP D 278 -15.68 -2.58 -42.86
N GLU D 279 -16.04 -1.66 -43.74
CA GLU D 279 -17.23 -1.80 -44.55
C GLU D 279 -16.81 -1.49 -45.97
N LYS D 280 -17.79 -1.26 -46.84
CA LYS D 280 -17.53 -0.97 -48.23
C LYS D 280 -18.35 0.26 -48.57
N PRO D 281 -17.75 1.45 -48.38
CA PRO D 281 -16.31 1.71 -48.21
C PRO D 281 -15.80 1.66 -46.78
N ALA D 282 -14.51 1.37 -46.63
CA ALA D 282 -13.89 1.27 -45.31
C ALA D 282 -13.23 2.58 -44.88
N TRP D 283 -13.08 2.77 -43.57
CA TRP D 283 -12.38 3.91 -43.00
C TRP D 283 -11.20 3.48 -42.13
N THR D 284 -10.06 4.11 -42.34
CA THR D 284 -8.88 3.80 -41.56
C THR D 284 -8.61 5.01 -40.68
N SER D 285 -7.91 4.80 -39.57
CA SER D 285 -7.65 5.88 -38.63
C SER D 285 -6.28 5.68 -38.01
N LYS D 286 -5.56 6.78 -37.82
CA LYS D 286 -4.18 6.70 -37.32
C LYS D 286 -3.63 8.07 -37.01
N THR D 287 -2.47 8.07 -36.36
CA THR D 287 -1.74 9.30 -36.16
C THR D 287 -1.31 9.91 -37.51
N LYS D 288 -0.97 11.20 -37.50
CA LYS D 288 -0.59 11.97 -38.69
C LYS D 288 0.70 11.44 -39.30
N ALA D 289 1.71 11.25 -38.45
CA ALA D 289 3.01 10.74 -38.87
C ALA D 289 3.45 9.63 -37.91
N GLU D 290 4.40 8.81 -38.34
CA GLU D 290 4.81 7.65 -37.55
C GLU D 290 5.88 8.02 -36.53
N SER D 291 6.41 9.22 -36.65
CA SER D 291 7.51 9.68 -35.80
C SER D 291 7.02 10.12 -34.43
N SER D 292 5.74 10.49 -34.33
CA SER D 292 5.21 11.08 -33.11
C SER D 292 3.74 10.77 -32.90
N GLN D 293 3.30 10.85 -31.65
CA GLN D 293 1.94 10.52 -31.27
C GLN D 293 1.03 11.75 -31.26
N ASN D 294 1.23 12.64 -32.24
CA ASN D 294 0.46 13.89 -32.33
C ASN D 294 -0.51 13.82 -33.49
N GLY D 295 -1.72 14.37 -33.34
CA GLY D 295 -2.69 14.41 -34.44
C GLY D 295 -3.45 13.12 -34.69
N PHE D 296 -4.39 13.15 -35.63
CA PHE D 296 -5.21 11.99 -35.95
C PHE D 296 -5.82 12.17 -37.34
N VAL D 297 -5.62 11.19 -38.22
CA VAL D 297 -6.14 11.30 -39.58
C VAL D 297 -7.05 10.12 -39.95
N LEU D 298 -8.18 10.43 -40.56
CA LEU D 298 -9.14 9.44 -41.03
C LEU D 298 -9.03 9.36 -42.54
N GLU D 299 -8.90 8.15 -43.07
CA GLU D 299 -8.79 7.98 -44.52
C GLU D 299 -9.83 6.97 -45.01
N GLN D 300 -10.50 7.31 -46.11
CA GLN D 300 -11.53 6.46 -46.68
C GLN D 300 -10.94 5.58 -47.76
N ILE D 301 -11.29 4.30 -47.75
CA ILE D 301 -10.79 3.35 -48.73
C ILE D 301 -12.01 2.64 -49.31
N PRO D 302 -12.49 3.10 -50.49
CA PRO D 302 -13.74 2.69 -51.16
C PRO D 302 -13.98 1.20 -51.45
N ASN D 303 -12.96 0.47 -51.90
CA ASN D 303 -13.12 -0.94 -52.28
C ASN D 303 -13.04 -1.96 -51.13
N GLY D 304 -13.01 -1.45 -49.90
CA GLY D 304 -12.87 -2.29 -48.71
C GLY D 304 -11.42 -2.40 -48.28
N ILE D 305 -11.18 -2.97 -47.09
CA ILE D 305 -9.84 -3.03 -46.51
C ILE D 305 -9.07 -4.28 -46.96
N GLU D 306 -9.77 -5.16 -47.67
CA GLU D 306 -9.16 -6.35 -48.23
C GLU D 306 -8.65 -6.07 -49.64
N SER D 307 -8.76 -4.81 -50.06
CA SER D 307 -8.25 -4.36 -51.34
C SER D 307 -6.91 -3.70 -51.08
N GLU D 308 -6.34 -3.10 -52.11
CA GLU D 308 -5.18 -2.24 -51.92
C GLU D 308 -5.73 -0.94 -51.35
N GLY D 309 -4.92 -0.22 -50.60
CA GLY D 309 -5.41 0.93 -49.86
C GLY D 309 -5.46 2.23 -50.64
N THR D 310 -6.37 2.34 -51.60
CA THR D 310 -6.47 3.56 -52.40
C THR D 310 -7.48 4.50 -51.77
N VAL D 311 -6.98 5.66 -51.32
CA VAL D 311 -7.75 6.61 -50.52
C VAL D 311 -8.52 7.62 -51.37
N SER D 312 -9.79 7.83 -51.03
CA SER D 312 -10.63 8.83 -51.70
C SER D 312 -10.77 10.08 -50.84
N LEU D 313 -10.99 9.89 -49.53
CA LEU D 313 -11.13 10.99 -48.58
C LEU D 313 -10.07 10.92 -47.49
N SER D 314 -9.51 12.06 -47.12
CA SER D 314 -8.52 12.12 -46.05
C SER D 314 -8.79 13.33 -45.14
N TYR D 315 -9.18 13.05 -43.91
CA TYR D 315 -9.46 14.11 -42.93
C TYR D 315 -8.39 14.20 -41.85
N GLU D 316 -7.84 15.40 -41.68
CA GLU D 316 -6.90 15.66 -40.60
C GLU D 316 -7.65 16.32 -39.46
N LEU D 317 -8.17 15.48 -38.56
CA LEU D 317 -9.00 15.93 -37.45
C LEU D 317 -8.18 16.66 -36.39
N PHE D 318 -6.95 16.20 -36.19
CA PHE D 318 -6.02 16.83 -35.28
C PHE D 318 -4.65 16.86 -35.95
N SER D 319 -3.85 17.88 -35.66
CA SER D 319 -2.49 17.96 -36.19
C SER D 319 -1.44 17.86 -35.07
N ASN D 320 -1.54 18.75 -34.10
CA ASN D 320 -0.55 18.83 -33.03
C ASN D 320 -1.00 18.17 -31.72
N LYS D 321 -2.31 18.07 -31.52
CA LYS D 321 -2.85 17.46 -30.30
C LYS D 321 -2.29 16.07 -30.11
N ARG D 322 -1.84 15.76 -28.90
CA ARG D 322 -1.32 14.42 -28.65
C ARG D 322 -2.51 13.45 -28.58
N THR D 323 -2.38 12.33 -29.28
CA THR D 323 -3.51 11.42 -29.49
C THR D 323 -3.20 10.09 -28.82
N GLY D 324 -4.23 9.42 -28.31
CA GLY D 324 -4.03 8.15 -27.64
C GLY D 324 -5.00 7.08 -28.13
N ARG D 325 -5.63 6.38 -27.20
CA ARG D 325 -6.52 5.29 -27.54
C ARG D 325 -7.71 5.80 -28.34
N SER D 326 -8.28 4.93 -29.17
CA SER D 326 -9.51 5.22 -29.90
C SER D 326 -10.29 3.93 -30.09
N GLY D 327 -11.62 4.02 -30.21
CA GLY D 327 -12.44 2.84 -30.36
C GLY D 327 -13.88 3.18 -30.71
N PHE D 328 -14.68 2.17 -31.05
CA PHE D 328 -16.06 2.36 -31.49
C PHE D 328 -17.04 2.48 -30.33
N PHE D 329 -18.16 3.15 -30.59
CA PHE D 329 -19.37 2.95 -29.80
C PHE D 329 -20.58 3.22 -30.69
N GLN D 330 -21.69 2.54 -30.40
CA GLN D 330 -22.90 2.74 -31.18
C GLN D 330 -24.00 3.33 -30.32
N PRO D 331 -24.58 4.46 -30.77
CA PRO D 331 -25.75 5.04 -30.09
C PRO D 331 -26.95 4.12 -30.33
N LYS D 332 -27.66 3.77 -29.26
CA LYS D 332 -28.79 2.85 -29.37
C LYS D 332 -30.10 3.59 -29.18
N GLY D 333 -30.48 4.36 -30.19
CA GLY D 333 -31.68 5.16 -30.15
C GLY D 333 -32.01 5.64 -31.55
N ASP D 334 -31.57 6.86 -31.86
CA ASP D 334 -31.73 7.46 -33.18
C ASP D 334 -33.13 7.30 -33.76
N LEU D 335 -34.03 8.20 -33.40
CA LEU D 335 -35.39 8.15 -33.89
C LEU D 335 -35.54 9.05 -35.12
N ILE D 336 -34.39 9.40 -35.71
CA ILE D 336 -34.34 10.22 -36.91
C ILE D 336 -33.82 9.37 -38.08
N SER D 337 -32.96 8.40 -37.78
CA SER D 337 -32.37 7.54 -38.81
C SER D 337 -32.90 6.10 -38.84
N GLY D 338 -33.10 5.58 -40.06
CA GLY D 338 -33.48 4.19 -40.25
C GLY D 338 -32.24 3.34 -40.50
N CYS D 339 -31.08 3.99 -40.45
CA CYS D 339 -29.80 3.33 -40.61
C CYS D 339 -29.04 3.36 -39.29
N GLN D 340 -28.05 2.47 -39.15
CA GLN D 340 -27.26 2.40 -37.93
C GLN D 340 -26.13 3.42 -37.92
N ARG D 341 -26.14 4.34 -36.96
CA ARG D 341 -25.07 5.30 -36.83
C ARG D 341 -23.82 4.63 -36.25
N ILE D 342 -22.66 5.16 -36.58
CA ILE D 342 -21.40 4.69 -36.03
C ILE D 342 -20.61 5.88 -35.53
N CYS D 343 -20.00 5.73 -34.37
CA CYS D 343 -19.23 6.78 -33.75
C CYS D 343 -17.96 6.18 -33.19
N PHE D 344 -16.98 7.02 -32.92
CA PHE D 344 -15.79 6.58 -32.21
C PHE D 344 -15.41 7.56 -31.13
N TRP D 345 -14.74 7.05 -30.10
CA TRP D 345 -14.20 7.91 -29.04
C TRP D 345 -12.69 7.99 -29.24
N LEU D 346 -12.07 9.02 -28.70
CA LEU D 346 -10.64 9.24 -28.90
C LEU D 346 -10.03 10.03 -27.76
N GLU D 347 -8.92 9.50 -27.23
CA GLU D 347 -8.18 10.19 -26.18
C GLU D 347 -7.39 11.34 -26.79
N ILE D 348 -7.62 12.55 -26.29
CA ILE D 348 -6.80 13.70 -26.67
C ILE D 348 -6.24 14.31 -25.39
N GLU D 349 -4.94 14.53 -25.37
CA GLU D 349 -4.27 15.02 -24.18
C GLU D 349 -4.50 16.52 -24.02
N ASP D 350 -4.92 16.91 -22.82
CA ASP D 350 -5.02 18.32 -22.48
C ASP D 350 -3.62 18.82 -22.12
N GLN D 351 -2.95 19.45 -23.07
CA GLN D 351 -1.57 19.89 -22.87
C GLN D 351 -1.43 21.00 -21.84
N THR D 352 -2.55 21.61 -21.47
CA THR D 352 -2.54 22.64 -20.44
C THR D 352 -2.39 22.01 -19.07
N VAL D 353 -2.61 20.69 -19.00
CA VAL D 353 -2.40 19.94 -17.76
C VAL D 353 -1.13 19.09 -17.90
N GLY D 354 -0.16 19.33 -17.02
CA GLY D 354 1.13 18.64 -17.10
C GLY D 354 1.06 17.13 -16.95
N LEU D 355 2.05 16.45 -17.53
CA LEU D 355 2.28 15.02 -17.30
C LEU D 355 1.13 14.14 -17.83
N GLY D 356 0.31 14.72 -18.71
CA GLY D 356 -0.77 13.98 -19.33
C GLY D 356 -1.76 13.36 -18.36
N MET D 357 -1.95 13.99 -17.21
CA MET D 357 -2.89 13.51 -16.21
C MET D 357 -4.33 13.54 -16.72
N ILE D 358 -4.56 14.40 -17.72
CA ILE D 358 -5.89 14.56 -18.30
C ILE D 358 -5.92 14.13 -19.76
N GLN D 359 -6.56 13.00 -20.04
CA GLN D 359 -6.87 12.58 -21.40
C GLN D 359 -8.32 12.88 -21.59
N GLU D 360 -8.63 13.94 -22.34
CA GLU D 360 -10.03 14.21 -22.63
C GLU D 360 -10.53 13.14 -23.56
N LEU D 361 -11.72 12.60 -23.26
CA LEU D 361 -12.32 11.60 -24.15
C LEU D 361 -13.28 12.28 -25.11
N SER D 362 -12.76 12.65 -26.27
CA SER D 362 -13.56 13.27 -27.30
C SER D 362 -14.31 12.19 -28.05
N THR D 363 -15.42 12.56 -28.68
CA THR D 363 -16.20 11.62 -29.48
C THR D 363 -16.53 12.24 -30.83
N PHE D 364 -16.49 11.41 -31.87
CA PHE D 364 -16.85 11.84 -33.20
C PHE D 364 -17.91 10.86 -33.73
N CYS D 365 -18.89 11.38 -34.47
CA CYS D 365 -19.89 10.52 -35.10
C CYS D 365 -19.88 10.71 -36.61
N GLY D 366 -20.19 9.65 -37.33
CA GLY D 366 -20.19 9.69 -38.77
C GLY D 366 -21.43 10.37 -39.32
N ILE D 367 -21.28 11.06 -40.43
CA ILE D 367 -22.39 11.73 -41.10
C ILE D 367 -22.43 11.34 -42.58
N ASN D 368 -23.63 11.43 -43.16
CA ASN D 368 -23.86 11.05 -44.55
C ASN D 368 -23.37 12.10 -45.54
N SER D 369 -23.02 13.26 -45.02
CA SER D 369 -22.52 14.36 -45.84
C SER D 369 -21.00 14.47 -45.75
N PRO D 370 -20.36 14.89 -46.84
CA PRO D 370 -18.93 15.22 -46.74
C PRO D 370 -18.82 16.50 -45.93
N VAL D 371 -17.70 16.72 -45.25
CA VAL D 371 -17.56 17.87 -44.36
C VAL D 371 -16.17 18.48 -44.57
N GLN D 372 -15.98 19.74 -44.18
CA GLN D 372 -14.68 20.38 -44.31
C GLN D 372 -13.57 19.73 -43.47
N ASN D 373 -12.34 19.80 -43.98
CA ASN D 373 -11.16 19.28 -43.28
C ASN D 373 -10.67 20.29 -42.24
N ILE D 374 -11.45 20.47 -41.17
CA ILE D 374 -11.15 21.42 -40.11
C ILE D 374 -10.20 20.81 -39.08
N ASN D 375 -9.29 21.64 -38.54
CA ASN D 375 -8.37 21.20 -37.50
C ASN D 375 -9.05 21.45 -36.17
N TRP D 376 -9.22 20.40 -35.36
CA TRP D 376 -9.90 20.53 -34.07
C TRP D 376 -8.97 20.76 -32.88
N ASP D 377 -7.72 21.14 -33.16
CA ASP D 377 -6.80 21.52 -32.10
C ASP D 377 -7.36 22.72 -31.33
N TYR E 13 42.13 30.46 23.51
CA TYR E 13 42.00 29.22 24.29
C TYR E 13 41.21 29.44 25.59
N TRP E 14 39.91 29.22 25.49
CA TRP E 14 38.96 29.46 26.57
C TRP E 14 39.26 28.68 27.85
N ARG E 15 39.07 29.37 28.97
CA ARG E 15 39.30 28.81 30.30
C ARG E 15 38.01 28.77 31.12
N ALA E 16 37.75 27.63 31.75
CA ALA E 16 36.65 27.56 32.70
C ALA E 16 37.04 28.36 33.93
N LYS E 17 36.09 29.09 34.51
CA LYS E 17 36.39 29.94 35.65
C LYS E 17 36.75 29.13 36.89
N SER E 18 37.15 29.81 37.96
CA SER E 18 37.71 29.13 39.13
C SER E 18 36.68 28.21 39.78
N GLN E 19 35.49 28.75 40.06
CA GLN E 19 34.44 27.94 40.65
C GLN E 19 33.05 28.12 40.06
N MET E 20 32.26 27.08 40.25
CA MET E 20 30.85 27.06 39.86
C MET E 20 30.08 28.06 40.71
N CYS E 21 29.10 28.70 40.07
CA CYS E 21 28.20 29.60 40.76
C CYS E 21 27.30 28.87 41.74
N GLU E 22 26.92 29.55 42.80
CA GLU E 22 25.91 29.03 43.70
C GLU E 22 24.65 28.94 42.85
N VAL E 23 23.99 27.79 42.85
CA VAL E 23 22.78 27.65 42.05
C VAL E 23 21.57 27.44 42.95
N LYS E 24 20.65 28.40 42.91
CA LYS E 24 19.47 28.36 43.77
C LYS E 24 18.18 28.24 42.97
N GLY E 25 18.28 28.41 41.66
CA GLY E 25 17.11 28.38 40.81
C GLY E 25 17.47 28.28 39.34
N TRP E 26 16.47 28.03 38.50
CA TRP E 26 16.67 27.89 37.08
C TRP E 26 15.64 28.77 36.35
N VAL E 27 16.13 29.62 35.46
CA VAL E 27 15.25 30.53 34.71
C VAL E 27 15.43 30.34 33.21
N PRO E 28 14.34 30.44 32.43
CA PRO E 28 14.39 30.21 30.99
C PRO E 28 15.01 31.39 30.26
N THR E 29 15.98 31.09 29.39
CA THR E 29 16.61 32.11 28.56
C THR E 29 16.02 32.04 27.16
N HIS E 30 15.49 30.87 26.81
CA HIS E 30 14.82 30.68 25.53
C HIS E 30 13.57 29.82 25.69
N ARG E 31 12.44 30.38 25.28
CA ARG E 31 11.15 29.74 25.39
C ARG E 31 10.25 30.54 24.47
N GLY E 32 9.75 29.90 23.41
CA GLY E 32 9.07 30.62 22.35
C GLY E 32 7.57 30.65 22.48
N PHE E 33 6.92 30.85 21.34
CA PHE E 33 5.47 30.97 21.26
C PHE E 33 4.96 29.86 20.36
N PRO E 34 3.66 29.53 20.47
CA PRO E 34 3.12 28.44 19.65
C PRO E 34 3.16 28.76 18.17
N TRP E 35 3.68 27.84 17.36
CA TRP E 35 3.77 28.03 15.91
C TRP E 35 2.51 27.52 15.22
N GLY E 36 1.48 27.29 16.04
CA GLY E 36 0.12 27.16 15.55
C GLY E 36 -0.09 25.82 14.88
N PRO E 37 -1.34 25.55 14.47
CA PRO E 37 -1.67 24.34 13.73
C PRO E 37 -0.84 24.28 12.44
N GLU E 38 -0.84 25.36 11.67
CA GLU E 38 -0.13 25.38 10.39
C GLU E 38 1.25 26.05 10.44
N LEU E 39 2.23 25.43 9.78
CA LEU E 39 3.58 25.97 9.72
C LEU E 39 3.84 26.59 8.34
N PRO E 40 4.75 27.59 8.29
CA PRO E 40 5.27 28.09 7.01
C PRO E 40 6.14 27.02 6.35
N GLY E 41 6.39 27.15 5.05
CA GLY E 41 7.04 26.10 4.30
C GLY E 41 8.55 25.94 4.42
N ASP E 42 9.23 26.99 4.88
CA ASP E 42 10.70 27.01 4.84
C ASP E 42 11.36 26.62 6.16
N LEU E 43 10.58 26.08 7.10
CA LEU E 43 11.19 25.65 8.36
C LEU E 43 11.89 24.31 8.16
N ILE E 44 13.02 24.16 8.84
CA ILE E 44 13.77 22.92 8.77
C ILE E 44 13.34 21.99 9.89
N LEU E 45 12.96 20.77 9.54
CA LEU E 45 12.59 19.79 10.54
C LEU E 45 13.89 19.18 11.07
N SER E 46 13.97 19.01 12.39
CA SER E 46 15.22 18.65 13.03
C SER E 46 15.04 17.61 14.13
N ARG E 47 16.15 17.01 14.54
CA ARG E 47 16.17 16.12 15.70
C ARG E 47 17.57 16.13 16.30
N ARG E 48 17.70 15.60 17.52
CA ARG E 48 19.01 15.51 18.19
C ARG E 48 19.73 16.85 18.31
N ALA E 49 18.97 17.88 18.64
CA ALA E 49 19.52 19.23 18.77
C ALA E 49 20.19 19.43 20.12
N TYR E 50 21.16 20.34 20.14
CA TYR E 50 21.84 20.74 21.37
C TYR E 50 22.39 22.15 21.20
N VAL E 51 22.94 22.72 22.27
CA VAL E 51 23.39 24.11 22.27
C VAL E 51 24.90 24.17 22.52
N SER E 52 25.59 25.03 21.81
CA SER E 52 27.02 25.26 22.07
C SER E 52 27.33 26.73 21.78
N CYS E 53 28.22 27.32 22.58
CA CYS E 53 28.48 28.75 22.50
C CYS E 53 29.93 29.06 22.18
N ASP E 54 30.16 30.17 21.48
CA ASP E 54 31.49 30.73 21.36
C ASP E 54 31.62 31.88 22.36
N LEU E 55 32.54 32.81 22.11
CA LEU E 55 32.78 33.89 23.07
C LEU E 55 31.66 34.93 23.13
N THR E 56 30.92 35.08 22.03
CA THR E 56 29.86 36.08 21.99
C THR E 56 28.46 35.46 22.15
N SER E 57 28.16 34.45 21.35
CA SER E 57 26.80 33.94 21.27
C SER E 57 26.70 32.42 21.23
N CYS E 58 25.48 31.91 21.36
CA CYS E 58 25.21 30.48 21.36
C CYS E 58 24.53 30.04 20.07
N PHE E 59 24.63 28.74 19.76
CA PHE E 59 24.06 28.23 18.51
C PHE E 59 23.32 26.92 18.73
N LYS E 60 22.31 26.67 17.89
CA LYS E 60 21.66 25.37 17.86
C LYS E 60 22.33 24.51 16.80
N PHE E 61 22.75 23.31 17.20
CA PHE E 61 23.26 22.33 16.28
C PHE E 61 22.20 21.23 16.26
N PHE E 62 21.82 20.78 15.07
CA PHE E 62 20.74 19.81 14.95
C PHE E 62 20.88 18.96 13.70
N ILE E 63 20.21 17.82 13.71
CA ILE E 63 20.20 16.93 12.56
C ILE E 63 18.94 17.20 11.74
N ALA E 64 19.13 17.74 10.55
CA ALA E 64 18.00 18.14 9.71
C ALA E 64 17.61 16.97 8.83
N TYR E 65 16.30 16.77 8.65
CA TYR E 65 15.80 15.65 7.85
C TYR E 65 14.67 16.04 6.89
N GLY E 66 14.14 17.26 7.04
CA GLY E 66 13.04 17.69 6.18
C GLY E 66 12.59 19.13 6.30
N LEU E 67 11.62 19.52 5.47
CA LEU E 67 11.05 20.87 5.48
C LEU E 67 9.58 20.87 5.92
N SER E 68 9.17 21.95 6.55
CA SER E 68 7.83 22.09 7.09
C SER E 68 6.76 22.16 6.00
N ALA E 69 7.17 22.51 4.79
CA ALA E 69 6.26 22.50 3.65
C ALA E 69 5.65 21.11 3.44
N ASN E 70 6.36 20.09 3.94
CA ASN E 70 5.95 18.70 3.83
C ASN E 70 5.55 18.13 5.19
N GLN E 71 5.08 19.02 6.08
CA GLN E 71 4.52 18.68 7.39
C GLN E 71 3.60 17.45 7.40
N HIS E 72 2.73 17.36 6.39
CA HIS E 72 1.72 16.31 6.27
C HIS E 72 2.04 15.23 5.24
N LEU E 73 3.26 15.23 4.71
CA LEU E 73 3.64 14.34 3.62
C LEU E 73 4.86 13.48 3.92
N LEU E 74 5.37 13.57 5.14
CA LEU E 74 6.59 12.87 5.53
C LEU E 74 6.30 11.83 6.61
N ASN E 75 7.00 10.69 6.60
CA ASN E 75 6.88 9.76 7.71
C ASN E 75 7.44 10.42 8.96
N THR E 76 6.89 10.04 10.11
CA THR E 76 7.41 10.52 11.37
C THR E 76 7.76 9.31 12.21
N SER E 77 9.06 9.06 12.34
CA SER E 77 10.08 9.96 11.80
C SER E 77 10.85 9.40 10.60
N MET E 78 11.68 10.26 9.99
CA MET E 78 12.36 9.94 8.75
C MET E 78 13.82 9.54 8.95
N GLU E 79 14.12 8.27 8.65
CA GLU E 79 15.47 7.75 8.81
C GLU E 79 16.22 7.77 7.47
N TRP E 80 16.17 8.90 6.79
CA TRP E 80 16.78 9.00 5.48
C TRP E 80 18.12 9.73 5.51
N GLU E 81 18.28 10.63 4.55
CA GLU E 81 19.50 11.38 4.37
C GLU E 81 19.50 12.56 5.33
N GLU E 82 20.36 12.49 6.34
CA GLU E 82 20.35 13.48 7.41
C GLU E 82 21.59 14.34 7.31
N SER E 83 21.47 15.57 7.78
CA SER E 83 22.57 16.52 7.67
C SER E 83 22.61 17.40 8.90
N LEU E 84 23.83 17.67 9.38
CA LEU E 84 23.99 18.53 10.55
C LEU E 84 23.94 19.98 10.11
N TYR E 85 23.09 20.76 10.78
CA TYR E 85 22.91 22.17 10.48
C TYR E 85 23.11 22.98 11.75
N LYS E 86 23.31 24.28 11.59
CA LYS E 86 23.41 25.17 12.74
C LYS E 86 22.59 26.44 12.55
N THR E 87 22.08 26.96 13.66
CA THR E 87 21.26 28.16 13.66
C THR E 87 21.65 28.96 14.90
N PRO E 88 21.80 30.28 14.74
CA PRO E 88 22.02 31.16 15.90
C PRO E 88 20.89 30.97 16.89
N ILE E 89 21.19 30.80 18.17
CA ILE E 89 20.15 30.75 19.20
C ILE E 89 19.37 32.07 19.12
N GLY E 90 18.06 32.01 19.29
CA GLY E 90 17.24 33.21 19.14
C GLY E 90 16.59 33.30 17.78
N SER E 91 17.14 32.56 16.81
CA SER E 91 16.57 32.52 15.47
C SER E 91 15.85 31.20 15.23
N ALA E 92 14.76 31.24 14.47
CA ALA E 92 14.11 30.02 14.04
C ALA E 92 14.97 29.37 12.97
N SER E 93 14.97 28.05 12.91
CA SER E 93 15.76 27.36 11.90
C SER E 93 15.04 27.35 10.55
N THR E 94 15.50 28.19 9.64
CA THR E 94 14.92 28.25 8.29
C THR E 94 16.00 28.06 7.24
N LEU E 95 15.58 27.92 5.98
CA LEU E 95 16.52 27.78 4.87
C LEU E 95 17.38 29.04 4.70
N SER E 96 16.86 30.17 5.19
CA SER E 96 17.54 31.45 5.05
C SER E 96 18.37 31.82 6.28
N THR E 97 18.16 31.11 7.40
CA THR E 97 18.87 31.40 8.64
C THR E 97 19.86 30.30 9.05
N SER E 98 19.66 29.08 8.57
CA SER E 98 20.49 27.95 9.01
C SER E 98 21.54 27.59 7.97
N GLU E 99 22.64 26.98 8.41
CA GLU E 99 23.75 26.68 7.51
C GLU E 99 24.16 25.22 7.63
N MET E 100 24.33 24.56 6.47
CA MET E 100 24.78 23.18 6.47
C MET E 100 26.24 23.15 6.92
N ILE E 101 26.58 22.16 7.74
CA ILE E 101 27.95 21.97 8.20
C ILE E 101 28.52 20.69 7.60
N LEU E 102 27.96 19.55 7.98
CA LEU E 102 28.39 18.25 7.46
C LEU E 102 27.21 17.28 7.46
N PRO E 103 27.25 16.30 6.54
CA PRO E 103 26.27 15.21 6.61
C PRO E 103 26.54 14.43 7.89
N GLY E 104 25.49 13.94 8.55
CA GLY E 104 25.67 13.27 9.82
C GLY E 104 24.40 12.70 10.43
N ARG E 105 24.58 11.70 11.28
CA ARG E 105 23.47 11.00 11.93
C ARG E 105 23.47 11.34 13.42
N SER E 106 24.65 11.58 13.95
CA SER E 106 24.81 12.09 15.30
C SER E 106 26.02 13.00 15.28
N SER E 107 26.15 13.87 16.28
CA SER E 107 27.19 14.89 16.23
C SER E 107 27.61 15.43 17.59
N SER E 108 28.69 16.21 17.57
CA SER E 108 29.12 16.99 18.73
C SER E 108 29.89 18.19 18.20
N ALA E 109 29.81 19.32 18.90
CA ALA E 109 30.50 20.53 18.49
C ALA E 109 30.96 21.29 19.71
N CYS E 110 32.10 21.97 19.60
CA CYS E 110 32.64 22.75 20.70
C CYS E 110 33.61 23.79 20.15
N PHE E 111 33.71 24.92 20.85
CA PHE E 111 34.54 26.03 20.42
C PHE E 111 35.75 26.17 21.36
N ASP E 112 36.94 26.19 20.79
CA ASP E 112 38.18 26.16 21.59
C ASP E 112 38.73 27.52 21.99
N GLY E 113 38.18 28.59 21.40
CA GLY E 113 38.67 29.92 21.65
C GLY E 113 39.09 30.60 20.37
N LEU E 114 39.31 29.80 19.33
CA LEU E 114 39.66 30.31 18.00
C LEU E 114 38.65 29.82 16.97
N LYS E 115 38.46 28.52 16.91
CA LYS E 115 37.58 27.92 15.91
C LYS E 115 36.63 26.87 16.47
N TRP E 116 35.65 26.50 15.66
CA TRP E 116 34.73 25.46 16.03
C TRP E 116 35.31 24.10 15.68
N THR E 117 35.18 23.17 16.62
CA THR E 117 35.50 21.78 16.37
C THR E 117 34.16 21.08 16.26
N VAL E 118 33.95 20.40 15.14
CA VAL E 118 32.68 19.72 14.88
C VAL E 118 32.95 18.27 14.50
N LEU E 119 32.22 17.36 15.16
CA LEU E 119 32.31 15.95 14.85
C LEU E 119 30.95 15.43 14.42
N VAL E 120 30.93 14.60 13.38
CA VAL E 120 29.71 13.94 12.92
C VAL E 120 29.99 12.45 12.72
N ALA E 121 28.98 11.62 12.91
CA ALA E 121 29.11 10.18 12.70
C ALA E 121 28.19 9.77 11.55
N ASN E 122 28.70 8.97 10.63
CA ASN E 122 27.90 8.51 9.50
C ASN E 122 28.00 7.01 9.29
N GLY E 123 26.94 6.43 8.72
CA GLY E 123 26.91 5.02 8.39
C GLY E 123 26.28 4.16 9.47
N ARG E 124 25.79 3.00 9.05
CA ARG E 124 25.34 1.95 9.95
C ARG E 124 26.32 0.80 9.76
N ASP E 125 26.19 -0.24 10.58
CA ASP E 125 27.10 -1.39 10.54
C ASP E 125 28.57 -1.00 10.62
N ARG E 126 29.40 -1.81 9.97
CA ARG E 126 30.85 -1.73 10.07
C ARG E 126 31.45 -0.55 9.30
N ASN E 127 30.69 -0.04 8.33
CA ASN E 127 31.11 1.11 7.54
C ASN E 127 31.05 2.45 8.30
N SER E 128 30.48 2.43 9.49
CA SER E 128 30.39 3.64 10.31
C SER E 128 31.77 4.22 10.61
N PHE E 129 31.87 5.55 10.52
CA PHE E 129 33.10 6.24 10.86
C PHE E 129 32.75 7.67 11.25
N ILE E 130 33.74 8.40 11.76
CA ILE E 130 33.52 9.77 12.21
C ILE E 130 34.40 10.77 11.45
N MET E 131 33.81 11.88 11.03
CA MET E 131 34.56 12.96 10.42
C MET E 131 34.75 14.08 11.42
N ILE E 132 35.93 14.68 11.43
CA ILE E 132 36.21 15.82 12.31
C ILE E 132 36.55 17.02 11.47
N LYS E 133 35.86 18.13 11.73
CA LYS E 133 36.06 19.37 10.99
C LYS E 133 36.58 20.43 11.94
N TYR E 134 37.54 21.22 11.50
CA TYR E 134 38.08 22.30 12.32
C TYR E 134 38.10 23.58 11.51
N GLY E 135 37.14 24.46 11.77
CA GLY E 135 36.99 25.71 11.06
C GLY E 135 37.02 25.62 9.55
N GLU E 136 35.91 25.14 8.97
CA GLU E 136 35.68 25.14 7.53
C GLU E 136 36.38 24.04 6.73
N GLU E 137 37.35 23.37 7.34
CA GLU E 137 38.06 22.28 6.68
C GLU E 137 38.00 20.96 7.46
N VAL E 138 37.88 19.85 6.74
CA VAL E 138 37.87 18.53 7.36
C VAL E 138 39.32 18.15 7.67
N THR E 139 39.57 17.79 8.93
CA THR E 139 40.93 17.64 9.44
C THR E 139 41.30 16.21 9.80
N ASP E 140 40.33 15.42 10.22
CA ASP E 140 40.61 14.06 10.65
C ASP E 140 39.39 13.14 10.51
N THR E 141 39.66 11.83 10.47
CA THR E 141 38.62 10.81 10.42
C THR E 141 39.09 9.60 11.21
N PHE E 142 38.15 8.80 11.70
CA PHE E 142 38.49 7.50 12.24
C PHE E 142 37.32 6.52 12.13
N SER E 143 37.62 5.24 12.03
CA SER E 143 36.60 4.24 11.74
C SER E 143 36.23 3.43 12.98
N ALA E 144 35.15 2.67 12.86
CA ALA E 144 34.70 1.80 13.93
C ALA E 144 35.70 0.69 14.22
N SER E 145 35.86 0.36 15.50
CA SER E 145 36.79 -0.68 15.92
C SER E 145 36.03 -1.94 16.34
N ARG E 146 34.75 -1.78 16.70
CA ARG E 146 33.99 -2.87 17.29
C ARG E 146 32.76 -3.31 16.52
N GLY E 147 32.79 -3.21 15.20
CA GLY E 147 31.73 -3.75 14.37
C GLY E 147 30.49 -2.88 14.27
N GLY E 148 29.93 -2.51 15.42
CA GLY E 148 28.73 -1.71 15.49
C GLY E 148 28.91 -0.28 15.01
N PRO E 149 27.82 0.50 15.00
CA PRO E 149 27.90 1.90 14.52
C PRO E 149 28.62 2.82 15.51
N LEU E 150 29.40 3.76 14.99
CA LEU E 150 30.00 4.79 15.84
C LEU E 150 28.94 5.81 16.22
N ARG E 151 28.99 6.29 17.46
CA ARG E 151 27.96 7.18 17.97
C ARG E 151 28.55 8.39 18.69
N LEU E 152 28.06 9.57 18.31
CA LEU E 152 28.40 10.80 19.02
C LEU E 152 27.20 11.11 19.92
N PRO E 153 27.45 11.86 21.01
CA PRO E 153 26.45 11.97 22.08
C PRO E 153 25.32 12.97 21.83
N ASN E 154 25.39 13.69 20.72
CA ASN E 154 24.43 14.76 20.42
C ASN E 154 24.41 15.79 21.53
N SER E 155 25.60 16.23 21.92
CA SER E 155 25.75 17.26 22.93
C SER E 155 27.11 17.93 22.76
N GLU E 156 27.23 19.11 23.32
CA GLU E 156 28.46 19.89 23.32
C GLU E 156 29.65 19.07 23.80
N CYS E 157 30.75 19.09 23.04
CA CYS E 157 32.00 18.54 23.55
C CYS E 157 32.68 19.62 24.40
N ILE E 158 33.77 19.26 25.07
CA ILE E 158 34.39 20.16 26.05
C ILE E 158 35.82 20.55 25.67
N CYS E 159 36.08 21.86 25.60
CA CYS E 159 37.42 22.36 25.28
C CYS E 159 38.10 22.99 26.49
N ILE E 160 39.33 22.56 26.76
CA ILE E 160 40.15 23.11 27.85
C ILE E 160 41.55 23.40 27.34
N GLU E 161 41.95 24.67 27.45
CA GLU E 161 43.29 25.11 27.08
C GLU E 161 43.68 24.64 25.68
N GLY E 162 42.71 24.65 24.76
CA GLY E 162 42.95 24.27 23.39
C GLY E 162 42.74 22.79 23.11
N SER E 163 42.46 22.00 24.14
CA SER E 163 42.19 20.58 23.97
C SER E 163 40.71 20.26 24.13
N CYS E 164 40.14 19.57 23.14
CA CYS E 164 38.72 19.26 23.17
C CYS E 164 38.47 17.78 23.41
N PHE E 165 37.45 17.49 24.23
CA PHE E 165 37.18 16.12 24.65
C PHE E 165 35.76 15.70 24.31
N VAL E 166 35.61 14.46 23.87
CA VAL E 166 34.31 13.95 23.45
C VAL E 166 34.26 12.46 23.71
N ILE E 167 33.07 11.93 24.04
CA ILE E 167 32.91 10.52 24.30
C ILE E 167 32.32 9.84 23.07
N VAL E 168 33.01 8.80 22.59
CA VAL E 168 32.56 8.08 21.40
C VAL E 168 32.11 6.69 21.80
N SER E 169 30.94 6.28 21.32
CA SER E 169 30.39 4.96 21.63
C SER E 169 30.43 4.06 20.39
N ASP E 170 30.59 2.77 20.61
CA ASP E 170 30.69 1.80 19.53
C ASP E 170 30.06 0.48 20.01
N GLY E 171 29.79 -0.42 19.06
CA GLY E 171 29.14 -1.68 19.38
C GLY E 171 27.68 -1.69 18.95
N PRO E 172 27.23 -2.80 18.33
CA PRO E 172 25.90 -2.95 17.75
C PRO E 172 24.86 -3.35 18.77
N ASN E 173 25.31 -3.71 19.97
CA ASN E 173 24.39 -4.17 21.00
C ASN E 173 24.60 -3.43 22.31
N VAL E 174 23.50 -3.12 23.01
CA VAL E 174 23.57 -2.37 24.26
C VAL E 174 24.18 -3.17 25.41
N ASN E 175 24.13 -4.49 25.30
CA ASN E 175 24.67 -5.37 26.33
C ASN E 175 26.20 -5.52 26.28
N GLN E 176 26.80 -4.99 25.22
CA GLN E 176 28.25 -4.93 25.11
C GLN E 176 28.70 -3.72 24.32
N SER E 177 28.52 -2.55 24.89
CA SER E 177 28.92 -1.31 24.23
C SER E 177 30.32 -0.93 24.70
N VAL E 178 31.07 -0.22 23.87
CA VAL E 178 32.36 0.31 24.29
C VAL E 178 32.29 1.83 24.22
N HIS E 179 33.04 2.49 25.08
CA HIS E 179 33.02 3.94 25.15
C HIS E 179 34.42 4.49 25.34
N ARG E 180 34.76 5.53 24.60
CA ARG E 180 36.10 6.09 24.65
C ARG E 180 36.06 7.60 24.79
N ILE E 181 37.04 8.14 25.49
CA ILE E 181 37.25 9.59 25.48
C ILE E 181 38.29 9.89 24.43
N TYR E 182 37.93 10.74 23.46
CA TYR E 182 38.90 11.18 22.45
C TYR E 182 39.37 12.56 22.81
N GLU E 183 40.68 12.79 22.72
CA GLU E 183 41.24 14.11 22.98
C GLU E 183 41.65 14.68 21.64
N LEU E 184 41.14 15.87 21.34
CA LEU E 184 41.35 16.48 20.05
C LEU E 184 42.09 17.79 20.21
N GLN E 185 42.86 18.14 19.20
CA GLN E 185 43.53 19.43 19.17
C GLN E 185 43.60 19.84 17.70
N ASN E 186 43.07 21.04 17.41
CA ASN E 186 42.99 21.53 16.04
C ASN E 186 42.28 20.55 15.10
N GLY E 187 41.25 19.88 15.62
CA GLY E 187 40.46 18.95 14.84
C GLY E 187 41.18 17.66 14.53
N THR E 188 42.26 17.40 15.27
CA THR E 188 43.05 16.19 15.07
C THR E 188 43.13 15.36 16.35
N VAL E 189 42.90 14.05 16.22
CA VAL E 189 42.97 13.14 17.36
C VAL E 189 44.40 13.06 17.89
N GLN E 190 44.56 13.39 19.17
CA GLN E 190 45.86 13.30 19.82
C GLN E 190 46.02 11.95 20.51
N ARG E 191 45.01 11.57 21.27
CA ARG E 191 44.99 10.27 21.93
C ARG E 191 43.54 9.96 22.31
N TRP E 192 43.28 8.69 22.63
CA TRP E 192 41.97 8.29 23.12
C TRP E 192 42.13 7.27 24.24
N LYS E 193 41.09 7.13 25.05
CA LYS E 193 41.15 6.29 26.23
C LYS E 193 39.88 5.46 26.30
N GLN E 194 39.99 4.13 26.29
CA GLN E 194 38.79 3.30 26.38
C GLN E 194 38.46 3.07 27.85
N LEU E 195 37.19 3.30 28.18
CA LEU E 195 36.73 3.19 29.56
C LEU E 195 36.28 1.77 29.83
N ASN E 196 36.51 1.33 31.06
CA ASN E 196 35.94 0.07 31.50
C ASN E 196 34.49 0.29 31.92
N THR E 197 33.57 -0.02 30.99
CA THR E 197 32.15 0.23 31.19
C THR E 197 31.33 -1.07 31.33
N THR E 198 32.01 -2.17 31.67
CA THR E 198 31.37 -3.48 31.81
C THR E 198 30.28 -3.50 32.89
N GLY E 199 29.12 -4.04 32.54
CA GLY E 199 28.01 -4.11 33.46
C GLY E 199 27.00 -3.01 33.20
N ILE E 200 27.44 -1.93 32.57
CA ILE E 200 26.57 -0.80 32.27
C ILE E 200 26.64 -0.38 30.80
N ASN E 201 25.85 0.63 30.45
CA ASN E 201 25.85 1.21 29.12
C ASN E 201 25.87 2.73 29.30
N PHE E 202 26.66 3.43 28.49
CA PHE E 202 26.92 4.85 28.71
C PHE E 202 26.69 5.69 27.45
N GLU E 203 25.43 5.91 27.08
CA GLU E 203 25.11 6.68 25.88
C GLU E 203 24.74 8.13 26.16
N TYR E 204 24.68 8.92 25.09
CA TYR E 204 24.19 10.29 25.11
C TYR E 204 24.85 11.14 26.19
N SER E 205 26.17 11.01 26.34
CA SER E 205 26.89 11.79 27.34
C SER E 205 26.68 13.29 27.13
N THR E 206 26.32 13.99 28.19
CA THR E 206 26.31 15.45 28.18
C THR E 206 27.19 15.93 29.32
N CYS E 207 28.11 16.83 28.99
CA CYS E 207 29.23 17.12 29.86
C CYS E 207 29.35 18.61 30.12
N TYR E 208 30.05 18.95 31.20
CA TYR E 208 30.43 20.34 31.49
C TYR E 208 31.76 20.30 32.20
N THR E 209 32.48 21.42 32.21
CA THR E 209 33.79 21.45 32.85
C THR E 209 33.89 22.47 33.97
N ILE E 210 34.62 22.09 35.02
CA ILE E 210 34.95 22.99 36.11
C ILE E 210 36.31 22.66 36.73
N ASN E 211 37.13 23.69 36.88
CA ASN E 211 38.49 23.60 37.43
C ASN E 211 39.26 22.34 36.99
N ASN E 212 39.48 22.21 35.68
CA ASN E 212 40.20 21.08 35.08
C ASN E 212 39.55 19.71 35.31
N LEU E 213 38.25 19.72 35.60
CA LEU E 213 37.48 18.48 35.67
C LEU E 213 36.36 18.51 34.63
N ILE E 214 36.12 17.37 34.00
CA ILE E 214 34.97 17.23 33.11
C ILE E 214 34.01 16.25 33.76
N LYS E 215 32.73 16.62 33.81
CA LYS E 215 31.73 15.77 34.41
C LYS E 215 30.63 15.52 33.40
N CYS E 216 30.33 14.24 33.16
CA CYS E 216 29.36 13.86 32.15
C CYS E 216 28.27 12.99 32.77
N THR E 217 27.04 13.19 32.34
CA THR E 217 25.95 12.33 32.76
C THR E 217 25.61 11.45 31.55
N GLY E 218 25.46 10.15 31.77
CA GLY E 218 25.16 9.24 30.68
C GLY E 218 23.74 8.74 30.76
N THR E 219 23.38 7.89 29.80
CA THR E 219 22.07 7.27 29.77
C THR E 219 22.30 5.79 29.54
N ASN E 220 21.72 4.96 30.40
CA ASN E 220 21.86 3.51 30.26
C ASN E 220 20.62 2.96 29.59
N LEU E 221 20.80 2.49 28.35
CA LEU E 221 19.69 1.97 27.56
C LEU E 221 19.53 0.48 27.79
N TRP E 222 20.36 -0.08 28.66
CA TRP E 222 20.47 -1.53 28.79
C TRP E 222 19.77 -2.07 30.04
N ASN E 223 20.27 -1.71 31.22
CA ASN E 223 19.84 -2.37 32.45
C ASN E 223 19.71 -1.44 33.66
N ASP E 224 19.50 -0.14 33.40
CA ASP E 224 19.44 0.83 34.49
C ASP E 224 18.58 2.07 34.22
N ALA E 225 17.77 2.45 35.22
CA ALA E 225 16.95 3.65 35.14
C ALA E 225 17.61 4.81 35.89
N LYS E 226 18.73 4.52 36.54
CA LYS E 226 19.58 5.58 37.07
C LYS E 226 20.54 5.99 35.97
N ARG E 227 21.09 7.20 36.07
CA ARG E 227 22.03 7.67 35.04
C ARG E 227 23.45 7.52 35.54
N PRO E 228 24.28 6.80 34.76
CA PRO E 228 25.70 6.65 35.11
C PRO E 228 26.44 7.98 35.04
N LEU E 229 27.43 8.15 35.90
CA LEU E 229 28.18 9.41 35.96
C LEU E 229 29.64 9.20 35.64
N LEU E 230 30.23 10.19 34.98
CA LEU E 230 31.64 10.15 34.61
C LEU E 230 32.35 11.42 35.03
N ARG E 231 33.55 11.26 35.60
CA ARG E 231 34.40 12.39 35.93
C ARG E 231 35.78 12.12 35.39
N PHE E 232 36.36 13.08 34.67
CA PHE E 232 37.72 12.91 34.18
C PHE E 232 38.48 14.22 34.04
N THR E 233 39.79 14.08 33.84
CA THR E 233 40.72 15.22 33.78
C THR E 233 41.30 15.36 32.38
N LYS E 234 42.09 16.42 32.17
CA LYS E 234 42.76 16.64 30.90
C LYS E 234 43.72 15.48 30.57
N GLU E 235 44.21 14.81 31.61
CA GLU E 235 45.12 13.69 31.45
C GLU E 235 44.37 12.37 31.35
N LEU E 236 43.05 12.47 31.21
CA LEU E 236 42.18 11.31 31.02
C LEU E 236 42.19 10.35 32.22
N ASN E 237 42.49 10.86 33.42
CA ASN E 237 42.29 10.08 34.64
C ASN E 237 40.80 10.13 34.90
N TYR E 238 40.18 8.97 35.09
CA TYR E 238 38.72 8.94 35.16
C TYR E 238 38.18 8.07 36.27
N GLN E 239 36.90 8.24 36.56
CA GLN E 239 36.19 7.47 37.57
C GLN E 239 34.73 7.39 37.16
N ILE E 240 34.14 6.20 37.22
CA ILE E 240 32.71 6.05 36.92
C ILE E 240 31.96 5.79 38.22
N VAL E 241 30.92 6.58 38.46
CA VAL E 241 30.22 6.59 39.74
C VAL E 241 28.73 6.33 39.50
N GLU E 242 28.10 5.63 40.42
CA GLU E 242 26.68 5.37 40.33
C GLU E 242 26.00 6.19 41.41
N PRO E 243 24.87 6.84 41.07
CA PRO E 243 24.15 7.64 42.06
C PRO E 243 23.68 6.79 43.23
N CYS E 244 23.91 7.28 44.44
CA CYS E 244 23.62 6.53 45.66
C CYS E 244 22.23 6.95 46.09
N ASN E 245 21.53 7.54 45.14
CA ASN E 245 20.16 8.02 45.26
C ASN E 245 19.17 6.87 45.45
N GLY E 246 17.91 7.23 45.64
CA GLY E 246 16.81 6.27 45.56
C GLY E 246 15.82 6.67 44.49
N ALA E 247 16.16 7.73 43.75
CA ALA E 247 15.27 8.30 42.75
C ALA E 247 15.87 8.27 41.35
N PRO E 248 15.46 7.29 40.54
CA PRO E 248 15.93 7.18 39.16
C PRO E 248 15.46 8.38 38.36
N THR E 249 16.28 8.83 37.40
CA THR E 249 15.94 10.03 36.62
C THR E 249 15.79 9.75 35.12
N ASP E 250 16.06 8.51 34.71
CA ASP E 250 15.90 8.12 33.32
C ASP E 250 14.42 7.94 32.98
N PHE E 251 14.10 7.89 31.69
CA PHE E 251 12.77 7.49 31.21
C PHE E 251 12.93 6.46 30.10
N PRO E 252 12.28 5.29 30.26
CA PRO E 252 11.33 4.95 31.32
C PRO E 252 12.03 4.66 32.63
N ARG E 253 11.27 4.50 33.71
CA ARG E 253 11.84 4.18 35.01
C ARG E 253 10.77 3.58 35.93
N GLY E 254 11.22 2.94 37.00
CA GLY E 254 10.28 2.43 37.99
C GLY E 254 10.03 3.48 39.04
N GLY E 255 9.39 3.07 40.13
CA GLY E 255 9.07 3.97 41.22
C GLY E 255 10.26 4.12 42.16
N LEU E 256 10.04 4.82 43.27
CA LEU E 256 11.09 5.02 44.26
C LEU E 256 11.54 3.69 44.87
N THR E 257 12.82 3.62 45.22
CA THR E 257 13.39 2.44 45.86
C THR E 257 14.20 2.90 47.06
N THR E 258 14.74 1.94 47.80
CA THR E 258 15.61 2.24 48.94
C THR E 258 16.92 2.81 48.44
N PRO E 259 17.33 3.96 48.99
CA PRO E 259 18.59 4.61 48.60
C PRO E 259 19.78 3.66 48.70
N SER E 260 20.55 3.54 47.62
CA SER E 260 21.75 2.73 47.60
C SER E 260 22.57 3.09 46.36
N CYS E 261 23.83 2.67 46.34
CA CYS E 261 24.69 2.97 45.20
C CYS E 261 24.56 1.90 44.11
N LYS E 262 23.53 1.08 44.20
CA LYS E 262 23.29 0.03 43.22
C LYS E 262 22.33 0.51 42.14
N MET E 263 22.47 -0.05 40.93
CA MET E 263 21.65 0.31 39.79
C MET E 263 20.17 0.01 40.02
N ALA E 264 19.31 0.81 39.38
CA ALA E 264 17.88 0.55 39.42
C ALA E 264 17.48 -0.25 38.19
N GLN E 265 17.31 -1.56 38.37
CA GLN E 265 17.09 -2.48 37.25
C GLN E 265 15.67 -2.47 36.75
N GLU E 266 14.76 -1.95 37.56
CA GLU E 266 13.35 -1.89 37.18
C GLU E 266 13.19 -0.91 36.03
N LYS E 267 12.71 -1.44 34.90
CA LYS E 267 12.53 -0.67 33.67
C LYS E 267 13.82 0.02 33.22
N GLY E 268 14.93 -0.70 33.34
CA GLY E 268 16.24 -0.18 32.98
C GLY E 268 16.46 -0.09 31.49
N GLU E 269 15.83 -0.98 30.74
CA GLU E 269 15.90 -0.97 29.28
C GLU E 269 15.35 0.32 28.68
N GLY E 270 16.08 0.88 27.72
CA GLY E 270 15.66 2.11 27.10
C GLY E 270 16.19 3.28 27.89
N GLY E 271 15.83 4.49 27.48
CA GLY E 271 16.29 5.68 28.16
C GLY E 271 16.20 6.89 27.25
N ILE E 272 16.50 8.06 27.79
CA ILE E 272 16.55 9.27 26.98
C ILE E 272 17.65 10.17 27.54
N GLN E 273 18.28 10.95 26.67
CA GLN E 273 19.40 11.81 27.07
C GLN E 273 19.01 12.73 28.22
N GLY E 274 19.87 12.82 29.23
CA GLY E 274 19.57 13.60 30.41
C GLY E 274 20.80 13.99 31.19
N PHE E 275 20.63 14.83 32.20
CA PHE E 275 21.77 15.39 32.91
C PHE E 275 21.62 15.34 34.42
N ILE E 276 22.76 15.26 35.10
CA ILE E 276 22.79 15.42 36.54
C ILE E 276 23.96 16.33 36.88
N LEU E 277 23.68 17.39 37.62
CA LEU E 277 24.73 18.32 38.05
C LEU E 277 25.33 17.81 39.36
N ASP E 278 26.47 17.13 39.27
CA ASP E 278 27.13 16.62 40.48
C ASP E 278 28.18 17.58 41.05
N GLU E 279 27.71 18.46 41.94
CA GLU E 279 28.56 19.43 42.61
C GLU E 279 28.32 19.38 44.11
N LYS E 280 28.71 20.46 44.80
CA LYS E 280 28.67 20.50 46.26
C LYS E 280 27.22 20.32 46.72
N PRO E 281 26.31 21.24 46.33
CA PRO E 281 24.99 20.62 46.32
C PRO E 281 24.72 20.13 44.91
N ALA E 282 24.11 18.97 44.77
CA ALA E 282 23.87 18.39 43.44
C ALA E 282 22.47 18.74 42.95
N TRP E 283 22.28 18.76 41.63
CA TRP E 283 20.97 18.97 41.05
C TRP E 283 20.55 17.81 40.18
N THR E 284 19.33 17.34 40.39
CA THR E 284 18.78 16.23 39.63
C THR E 284 17.65 16.76 38.77
N SER E 285 17.37 16.08 37.67
CA SER E 285 16.32 16.50 36.75
C SER E 285 15.69 15.29 36.07
N LYS E 286 14.38 15.36 35.84
CA LYS E 286 13.62 14.24 35.31
C LYS E 286 12.20 14.68 34.98
N THR E 287 11.46 13.82 34.28
CA THR E 287 10.04 14.05 34.04
C THR E 287 9.32 14.12 35.38
N LYS E 288 8.11 14.67 35.38
CA LYS E 288 7.34 14.84 36.61
C LYS E 288 7.00 13.49 37.23
N ALA E 289 6.48 12.58 36.41
CA ALA E 289 6.10 11.25 36.86
C ALA E 289 6.66 10.19 35.90
N GLU E 290 6.71 8.95 36.37
CA GLU E 290 7.28 7.84 35.60
C GLU E 290 6.27 7.21 34.65
N SER E 291 5.00 7.58 34.79
CA SER E 291 3.94 6.98 34.00
C SER E 291 3.89 7.61 32.60
N SER E 292 4.44 8.81 32.47
CA SER E 292 4.36 9.56 31.23
C SER E 292 5.58 10.48 31.07
N GLN E 293 5.86 10.87 29.83
CA GLN E 293 7.04 11.68 29.52
C GLN E 293 6.68 13.17 29.58
N ASN E 294 5.88 13.54 30.56
CA ASN E 294 5.41 14.92 30.70
C ASN E 294 6.02 15.64 31.89
N GLY E 295 6.22 16.94 31.75
CA GLY E 295 6.73 17.74 32.85
C GLY E 295 8.23 17.62 33.04
N PHE E 296 8.77 18.38 33.99
CA PHE E 296 10.19 18.39 34.27
C PHE E 296 10.40 18.97 35.66
N VAL E 297 11.09 18.23 36.52
CA VAL E 297 11.32 18.68 37.89
C VAL E 297 12.82 18.73 38.21
N LEU E 298 13.25 19.82 38.83
CA LEU E 298 14.63 19.95 39.25
C LEU E 298 14.64 19.82 40.77
N GLU E 299 15.48 18.94 41.28
CA GLU E 299 15.58 18.76 42.73
C GLU E 299 17.03 18.86 43.20
N GLN E 300 17.23 19.64 44.26
CA GLN E 300 18.56 19.92 44.79
C GLN E 300 18.97 18.96 45.91
N ILE E 301 20.23 18.51 45.89
CA ILE E 301 20.75 17.60 46.90
C ILE E 301 22.07 18.12 47.50
N PRO E 302 21.99 18.78 48.67
CA PRO E 302 23.10 19.44 49.35
C PRO E 302 24.30 18.53 49.62
N ASN E 303 24.05 17.29 50.01
CA ASN E 303 25.14 16.36 50.33
C ASN E 303 25.76 15.67 49.11
N GLY E 304 25.33 16.05 47.92
CA GLY E 304 25.91 15.46 46.71
C GLY E 304 25.17 14.23 46.26
N ILE E 305 25.49 13.73 45.06
CA ILE E 305 24.78 12.60 44.46
C ILE E 305 25.35 11.24 44.87
N GLU E 306 26.49 11.24 45.54
CA GLU E 306 27.03 9.98 46.07
C GLU E 306 26.52 9.79 47.49
N SER E 307 25.64 10.69 47.90
CA SER E 307 25.01 10.60 49.21
C SER E 307 23.64 9.95 49.10
N GLU E 308 22.95 9.97 50.22
CA GLU E 308 21.54 9.58 50.30
C GLU E 308 20.70 10.66 49.66
N GLY E 309 19.51 10.30 49.17
CA GLY E 309 18.72 11.22 48.40
C GLY E 309 17.84 12.16 49.20
N THR E 310 18.45 13.09 49.94
CA THR E 310 17.65 14.06 50.70
C THR E 310 17.55 15.36 49.93
N VAL E 311 16.34 15.69 49.50
CA VAL E 311 16.08 16.85 48.65
C VAL E 311 15.78 18.06 49.53
N SER E 312 16.40 19.19 49.21
CA SER E 312 16.15 20.43 49.95
C SER E 312 15.18 21.29 49.16
N LEU E 313 15.44 21.40 47.85
CA LEU E 313 14.63 22.23 46.96
C LEU E 313 14.04 21.41 45.81
N SER E 314 12.78 21.68 45.48
CA SER E 314 12.10 20.98 44.38
C SER E 314 11.34 21.96 43.50
N TYR E 315 11.81 22.13 42.26
CA TYR E 315 11.18 23.04 41.31
C TYR E 315 10.47 22.21 40.25
N GLU E 316 9.19 22.48 40.03
CA GLU E 316 8.47 21.84 38.93
C GLU E 316 8.41 22.81 37.77
N LEU E 317 9.38 22.72 36.87
CA LEU E 317 9.48 23.66 35.75
C LEU E 317 8.37 23.45 34.73
N PHE E 318 7.98 22.19 34.55
CA PHE E 318 6.86 21.86 33.68
C PHE E 318 6.01 20.78 34.33
N SER E 319 4.70 20.83 34.07
CA SER E 319 3.78 19.83 34.59
C SER E 319 3.17 19.00 33.48
N ASN E 320 2.56 19.66 32.51
CA ASN E 320 1.85 18.99 31.43
C ASN E 320 2.61 18.92 30.10
N LYS E 321 3.55 19.84 29.90
CA LYS E 321 4.35 19.86 28.67
C LYS E 321 5.04 18.53 28.43
N ARG E 322 4.95 18.02 27.20
CA ARG E 322 5.68 16.80 26.87
C ARG E 322 7.16 17.13 26.79
N THR E 323 7.97 16.31 27.41
CA THR E 323 9.38 16.60 27.63
C THR E 323 10.21 15.56 26.91
N GLY E 324 11.39 15.96 26.43
CA GLY E 324 12.25 15.03 25.72
C GLY E 324 13.68 15.10 26.22
N ARG E 325 14.63 15.16 25.30
CA ARG E 325 16.04 15.19 25.64
C ARG E 325 16.39 16.45 26.43
N SER E 326 17.42 16.35 27.26
CA SER E 326 17.96 17.50 27.99
C SER E 326 19.47 17.31 28.14
N GLY E 327 20.21 18.41 28.26
CA GLY E 327 21.64 18.31 28.37
C GLY E 327 22.29 19.63 28.75
N PHE E 328 23.58 19.59 29.07
CA PHE E 328 24.29 20.77 29.54
C PHE E 328 24.82 21.63 28.39
N PHE E 329 24.98 22.91 28.68
CA PHE E 329 25.87 23.77 27.90
C PHE E 329 26.40 24.88 28.80
N GLN E 330 27.61 25.34 28.50
CA GLN E 330 28.20 26.44 29.25
C GLN E 330 28.45 27.63 28.35
N PRO E 331 27.94 28.80 28.74
CA PRO E 331 28.27 30.02 27.99
C PRO E 331 29.74 30.37 28.19
N LYS E 332 30.45 30.70 27.12
CA LYS E 332 31.86 31.03 27.23
C LYS E 332 32.06 32.53 27.04
N GLY E 333 31.63 33.31 28.02
CA GLY E 333 31.72 34.76 27.93
C GLY E 333 31.46 35.40 29.27
N ASP E 334 30.22 35.86 29.46
CA ASP E 334 29.76 36.41 30.75
C ASP E 334 30.73 37.39 31.41
N LEU E 335 30.56 38.67 31.12
CA LEU E 335 31.46 39.70 31.63
C LEU E 335 30.98 40.21 32.99
N ILE E 336 29.98 39.55 33.56
CA ILE E 336 29.38 39.98 34.81
C ILE E 336 29.66 39.02 35.98
N SER E 337 29.85 37.74 35.68
CA SER E 337 30.10 36.77 36.72
C SER E 337 31.57 36.41 36.80
N GLY E 338 32.07 36.32 38.03
CA GLY E 338 33.43 35.87 38.26
C GLY E 338 33.35 34.38 38.50
N CYS E 339 32.12 33.87 38.38
CA CYS E 339 31.86 32.45 38.54
C CYS E 339 31.47 31.78 37.23
N GLN E 340 31.66 30.46 37.16
CA GLN E 340 31.27 29.70 35.99
C GLN E 340 29.80 29.38 36.07
N ARG E 341 29.02 29.97 35.17
CA ARG E 341 27.60 29.69 35.13
C ARG E 341 27.34 28.36 34.47
N ILE E 342 26.21 27.75 34.79
CA ILE E 342 25.83 26.49 34.20
C ILE E 342 24.43 26.61 33.64
N CYS E 343 24.24 26.03 32.46
CA CYS E 343 22.97 26.10 31.76
C CYS E 343 22.65 24.74 31.21
N PHE E 344 21.37 24.51 30.92
CA PHE E 344 20.96 23.31 30.21
C PHE E 344 19.90 23.60 29.15
N TRP E 345 19.86 22.76 28.12
CA TRP E 345 18.82 22.83 27.11
C TRP E 345 17.84 21.69 27.34
N LEU E 346 16.63 21.83 26.82
CA LEU E 346 15.57 20.85 27.06
C LEU E 346 14.57 20.84 25.92
N GLU E 347 14.30 19.66 25.36
CA GLU E 347 13.30 19.53 24.31
C GLU E 347 11.91 19.63 24.92
N ILE E 348 11.11 20.58 24.43
CA ILE E 348 9.72 20.67 24.84
C ILE E 348 8.84 20.66 23.60
N GLU E 349 7.83 19.81 23.60
CA GLU E 349 6.98 19.64 22.43
C GLU E 349 5.98 20.78 22.30
N ASP E 350 5.94 21.38 21.11
CA ASP E 350 4.92 22.38 20.79
C ASP E 350 3.64 21.64 20.46
N GLN E 351 2.74 21.55 21.43
CA GLN E 351 1.52 20.75 21.28
C GLN E 351 0.52 21.31 20.26
N THR E 352 0.70 22.56 19.86
CA THR E 352 -0.15 23.17 18.84
C THR E 352 0.21 22.68 17.45
N VAL E 353 1.38 22.05 17.32
CA VAL E 353 1.80 21.45 16.06
C VAL E 353 1.71 19.93 16.15
N GLY E 354 0.94 19.32 15.24
CA GLY E 354 0.71 17.89 15.25
C GLY E 354 1.92 16.98 15.11
N LEU E 355 1.80 15.77 15.65
CA LEU E 355 2.73 14.67 15.43
C LEU E 355 4.12 14.89 16.01
N GLY E 356 4.25 15.84 16.92
CA GLY E 356 5.54 16.14 17.52
C GLY E 356 6.58 16.57 16.49
N MET E 357 6.13 17.20 15.41
CA MET E 357 7.06 17.71 14.39
C MET E 357 7.92 18.85 14.92
N ILE E 358 7.41 19.55 15.91
CA ILE E 358 8.16 20.67 16.48
C ILE E 358 8.50 20.41 17.93
N GLN E 359 9.77 20.13 18.17
CA GLN E 359 10.31 20.05 19.51
C GLN E 359 11.10 21.32 19.72
N GLU E 360 10.55 22.25 20.50
CA GLU E 360 11.29 23.46 20.80
C GLU E 360 12.45 23.13 21.74
N LEU E 361 13.62 23.69 21.45
CA LEU E 361 14.77 23.51 22.30
C LEU E 361 14.83 24.68 23.28
N SER E 362 14.24 24.51 24.44
CA SER E 362 14.24 25.55 25.46
C SER E 362 15.57 25.51 26.19
N THR E 363 15.93 26.63 26.82
CA THR E 363 17.17 26.72 27.58
C THR E 363 16.92 27.31 28.95
N PHE E 364 17.61 26.79 29.96
CA PHE E 364 17.51 27.29 31.32
C PHE E 364 18.92 27.55 31.85
N CYS E 365 19.09 28.62 32.63
CA CYS E 365 20.37 28.87 33.28
C CYS E 365 20.20 28.97 34.79
N GLY E 366 21.21 28.52 35.53
CA GLY E 366 21.15 28.59 36.99
C GLY E 366 21.52 29.97 37.49
N ILE E 367 20.88 30.40 38.56
CA ILE E 367 21.23 31.67 39.21
C ILE E 367 21.39 31.50 40.72
N ASN E 368 22.18 32.37 41.32
CA ASN E 368 22.45 32.35 42.76
C ASN E 368 21.31 32.96 43.58
N SER E 369 20.31 33.48 42.89
CA SER E 369 19.15 34.02 43.59
C SER E 369 18.07 32.94 43.59
N PRO E 370 17.33 32.82 44.70
CA PRO E 370 16.19 31.91 44.73
C PRO E 370 15.06 32.48 43.88
N VAL E 371 14.19 31.62 43.36
CA VAL E 371 13.15 32.06 42.44
C VAL E 371 11.83 31.36 42.78
N GLN E 372 10.71 31.97 42.39
CA GLN E 372 9.40 31.37 42.61
C GLN E 372 9.28 30.05 41.86
N ASN E 373 8.48 29.14 42.41
CA ASN E 373 8.23 27.85 41.76
C ASN E 373 7.17 28.00 40.67
N ILE E 374 7.54 28.67 39.58
CA ILE E 374 6.60 28.92 38.48
C ILE E 374 6.54 27.76 37.48
N ASN E 375 5.35 27.50 36.94
CA ASN E 375 5.17 26.49 35.91
C ASN E 375 5.32 27.17 34.55
N TRP E 376 6.19 26.65 33.70
CA TRP E 376 6.44 27.25 32.39
C TRP E 376 5.61 26.64 31.26
N ASP E 377 4.56 25.88 31.61
CA ASP E 377 3.61 25.35 30.62
C ASP E 377 2.92 26.49 29.87
N TYR F 13 47.20 38.08 -3.24
CA TYR F 13 47.53 37.28 -4.41
C TYR F 13 47.83 35.82 -4.09
N TRP F 14 46.77 35.02 -4.11
CA TRP F 14 46.79 33.62 -3.73
C TRP F 14 47.71 32.74 -4.58
N ARG F 15 48.46 31.89 -3.90
CA ARG F 15 49.29 30.88 -4.55
C ARG F 15 48.87 29.50 -4.07
N ALA F 16 48.78 28.55 -5.00
CA ALA F 16 48.55 27.16 -4.61
C ALA F 16 49.81 26.73 -3.87
N LYS F 17 49.66 25.96 -2.81
CA LYS F 17 50.81 25.59 -1.99
C LYS F 17 51.81 24.70 -2.72
N SER F 18 52.94 24.43 -2.08
CA SER F 18 54.07 23.76 -2.72
C SER F 18 53.72 22.36 -3.19
N GLN F 19 53.01 21.61 -2.36
CA GLN F 19 52.67 20.23 -2.71
C GLN F 19 51.19 19.90 -2.56
N MET F 20 50.74 18.97 -3.40
CA MET F 20 49.39 18.40 -3.27
C MET F 20 49.32 17.54 -2.04
N CYS F 21 48.18 17.59 -1.35
CA CYS F 21 47.95 16.65 -0.27
C CYS F 21 47.77 15.27 -0.86
N GLU F 22 48.29 14.26 -0.17
CA GLU F 22 48.07 12.88 -0.59
C GLU F 22 46.61 12.52 -0.42
N VAL F 23 46.02 11.91 -1.43
CA VAL F 23 44.61 11.55 -1.39
C VAL F 23 44.44 10.04 -1.31
N LYS F 24 43.88 9.55 -0.20
CA LYS F 24 43.66 8.12 -0.01
C LYS F 24 42.17 7.81 0.11
N GLY F 25 41.36 8.86 0.18
CA GLY F 25 39.92 8.72 0.33
C GLY F 25 39.18 10.01 0.06
N TRP F 26 37.86 9.93 -0.03
CA TRP F 26 37.05 11.11 -0.27
C TRP F 26 35.92 11.19 0.75
N VAL F 27 35.79 12.34 1.40
CA VAL F 27 34.75 12.54 2.38
C VAL F 27 33.90 13.75 1.97
N PRO F 28 32.59 13.65 2.17
CA PRO F 28 31.64 14.70 1.79
C PRO F 28 31.67 15.88 2.74
N THR F 29 31.80 17.09 2.19
CA THR F 29 31.77 18.30 2.99
C THR F 29 30.38 18.90 2.91
N HIS F 30 29.66 18.58 1.84
CA HIS F 30 28.29 19.05 1.70
C HIS F 30 27.37 17.97 1.14
N ARG F 31 26.31 17.69 1.89
CA ARG F 31 25.33 16.68 1.56
C ARG F 31 24.13 16.95 2.43
N GLY F 32 23.00 17.33 1.82
CA GLY F 32 21.87 17.83 2.56
C GLY F 32 20.79 16.79 2.84
N PHE F 33 19.58 17.29 3.05
CA PHE F 33 18.44 16.45 3.38
C PHE F 33 17.34 16.61 2.32
N PRO F 34 16.42 15.64 2.24
CA PRO F 34 15.36 15.71 1.23
C PRO F 34 14.43 16.91 1.41
N TRP F 35 14.21 17.67 0.34
CA TRP F 35 13.33 18.84 0.39
C TRP F 35 11.90 18.47 0.02
N GLY F 36 11.64 17.16 0.01
CA GLY F 36 10.28 16.66 0.06
C GLY F 36 9.55 16.83 -1.25
N PRO F 37 8.31 16.30 -1.32
CA PRO F 37 7.43 16.45 -2.49
C PRO F 37 7.19 17.91 -2.83
N GLU F 38 6.74 18.68 -1.83
CA GLU F 38 6.40 20.08 -2.03
C GLU F 38 7.50 21.03 -1.57
N LEU F 39 7.75 22.08 -2.37
CA LEU F 39 8.77 23.06 -2.04
C LEU F 39 8.13 24.36 -1.52
N PRO F 40 8.85 25.09 -0.68
CA PRO F 40 8.47 26.47 -0.33
C PRO F 40 8.67 27.35 -1.57
N GLY F 41 8.04 28.52 -1.60
CA GLY F 41 7.97 29.33 -2.80
C GLY F 41 9.17 30.17 -3.21
N ASP F 42 10.09 30.44 -2.29
CA ASP F 42 11.15 31.41 -2.58
C ASP F 42 12.47 30.78 -3.02
N LEU F 43 12.46 29.49 -3.36
CA LEU F 43 13.68 28.84 -3.84
C LEU F 43 13.97 29.16 -5.30
N ILE F 44 15.26 29.31 -5.61
CA ILE F 44 15.70 29.58 -6.97
C ILE F 44 16.06 28.28 -7.68
N LEU F 45 15.44 28.03 -8.83
CA LEU F 45 15.73 26.83 -9.63
C LEU F 45 16.96 27.08 -10.47
N SER F 46 17.86 26.09 -10.52
CA SER F 46 19.18 26.29 -11.09
C SER F 46 19.66 25.15 -11.98
N ARG F 47 20.71 25.46 -12.74
CA ARG F 47 21.42 24.48 -13.55
C ARG F 47 22.85 24.97 -13.74
N ARG F 48 23.75 24.12 -14.23
CA ARG F 48 25.14 24.49 -14.51
C ARG F 48 25.84 25.12 -13.31
N ALA F 49 25.60 24.55 -12.13
CA ALA F 49 26.20 25.07 -10.90
C ALA F 49 27.60 24.53 -10.68
N TYR F 50 28.43 25.31 -9.99
CA TYR F 50 29.78 24.90 -9.61
C TYR F 50 30.21 25.64 -8.35
N VAL F 51 31.37 25.29 -7.80
CA VAL F 51 31.84 25.86 -6.55
C VAL F 51 33.16 26.60 -6.75
N SER F 52 33.30 27.75 -6.12
CA SER F 52 34.55 28.50 -6.13
C SER F 52 34.70 29.18 -4.77
N CYS F 53 35.94 29.23 -4.28
CA CYS F 53 36.18 29.70 -2.92
C CYS F 53 37.08 30.93 -2.90
N ASP F 54 36.88 31.78 -1.89
CA ASP F 54 37.83 32.84 -1.60
C ASP F 54 38.73 32.43 -0.45
N LEU F 55 39.32 33.40 0.24
CA LEU F 55 40.27 33.11 1.31
C LEU F 55 39.59 32.54 2.56
N THR F 56 38.33 32.91 2.76
CA THR F 56 37.60 32.47 3.94
C THR F 56 36.57 31.37 3.63
N SER F 57 35.72 31.59 2.63
CA SER F 57 34.58 30.70 2.39
C SER F 57 34.37 30.33 0.92
N CYS F 58 33.47 29.38 0.69
CA CYS F 58 33.14 28.92 -0.67
C CYS F 58 31.74 29.34 -1.10
N PHE F 59 31.51 29.36 -2.41
CA PHE F 59 30.22 29.83 -2.94
C PHE F 59 29.70 28.92 -4.05
N LYS F 60 28.38 28.84 -4.17
CA LYS F 60 27.75 28.18 -5.32
C LYS F 60 27.50 29.25 -6.37
N PHE F 61 27.98 29.00 -7.58
CA PHE F 61 27.69 29.86 -8.70
C PHE F 61 26.79 29.03 -9.59
N PHE F 62 25.70 29.62 -10.09
CA PHE F 62 24.74 28.86 -10.86
C PHE F 62 23.94 29.72 -11.82
N ILE F 63 23.32 29.07 -12.80
CA ILE F 63 22.46 29.75 -13.74
C ILE F 63 21.00 29.60 -13.29
N ALA F 64 20.40 30.71 -12.91
CA ALA F 64 19.03 30.71 -12.38
C ALA F 64 18.04 30.89 -13.52
N TYR F 65 16.93 30.16 -13.45
CA TYR F 65 15.93 30.21 -14.53
C TYR F 65 14.49 30.33 -14.04
N GLY F 66 14.28 30.14 -12.74
CA GLY F 66 12.92 30.18 -12.19
C GLY F 66 12.80 30.10 -10.69
N LEU F 67 11.56 30.15 -10.21
CA LEU F 67 11.27 30.04 -8.78
C LEU F 67 10.48 28.78 -8.44
N SER F 68 10.72 28.25 -7.25
CA SER F 68 10.09 27.00 -6.81
C SER F 68 8.59 27.13 -6.63
N ALA F 69 8.11 28.36 -6.45
CA ALA F 69 6.68 28.62 -6.39
C ALA F 69 6.01 28.18 -7.69
N ASN F 70 6.80 28.11 -8.77
CA ASN F 70 6.32 27.72 -10.08
C ASN F 70 6.85 26.34 -10.46
N GLN F 71 7.15 25.54 -9.43
CA GLN F 71 7.56 24.14 -9.55
C GLN F 71 6.76 23.40 -10.62
N HIS F 72 5.46 23.22 -10.36
CA HIS F 72 4.60 22.46 -11.27
C HIS F 72 4.12 23.24 -12.51
N LEU F 73 4.73 24.39 -12.78
CA LEU F 73 4.26 25.23 -13.89
C LEU F 73 5.32 25.54 -14.94
N LEU F 74 6.53 24.99 -14.78
CA LEU F 74 7.61 25.33 -15.70
C LEU F 74 8.08 24.16 -16.56
N ASN F 75 8.40 24.44 -17.82
CA ASN F 75 9.01 23.45 -18.69
C ASN F 75 10.41 23.17 -18.18
N THR F 76 10.87 21.93 -18.33
CA THR F 76 12.25 21.59 -18.03
C THR F 76 12.82 20.86 -19.24
N SER F 77 13.77 21.52 -19.89
CA SER F 77 14.35 22.73 -19.30
C SER F 77 13.89 24.04 -19.91
N MET F 78 14.19 25.13 -19.20
CA MET F 78 13.84 26.46 -19.64
C MET F 78 15.11 27.12 -20.09
N GLU F 79 15.21 27.32 -21.41
CA GLU F 79 16.36 27.95 -22.01
C GLU F 79 16.05 29.41 -22.27
N TRP F 80 15.41 30.08 -21.32
CA TRP F 80 15.03 31.46 -21.60
C TRP F 80 15.88 32.51 -20.91
N GLU F 81 15.29 33.54 -20.33
CA GLU F 81 16.16 34.60 -19.80
C GLU F 81 16.77 34.14 -18.48
N GLU F 82 18.06 33.86 -18.56
CA GLU F 82 18.81 33.23 -17.49
C GLU F 82 19.78 34.21 -16.88
N SER F 83 20.08 34.01 -15.61
CA SER F 83 20.94 34.95 -14.89
C SER F 83 21.84 34.17 -13.94
N LEU F 84 23.08 34.62 -13.83
CA LEU F 84 24.05 34.01 -12.93
C LEU F 84 23.88 34.54 -11.51
N TYR F 85 23.80 33.62 -10.55
CA TYR F 85 23.65 33.99 -9.16
C TYR F 85 24.72 33.31 -8.31
N LYS F 86 24.90 33.81 -7.09
CA LYS F 86 25.82 33.23 -6.14
C LYS F 86 25.14 33.08 -4.78
N THR F 87 25.54 32.04 -4.04
CA THR F 87 24.97 31.76 -2.73
C THR F 87 26.12 31.27 -1.85
N PRO F 88 26.18 31.72 -0.60
CA PRO F 88 27.19 31.17 0.32
C PRO F 88 27.03 29.66 0.44
N ILE F 89 28.13 28.91 0.32
CA ILE F 89 28.08 27.47 0.54
C ILE F 89 27.58 27.29 1.96
N GLY F 90 26.73 26.30 2.17
CA GLY F 90 26.13 26.12 3.49
C GLY F 90 24.73 26.70 3.55
N SER F 91 24.40 27.61 2.63
CA SER F 91 23.05 28.15 2.55
C SER F 91 22.30 27.62 1.35
N ALA F 92 20.99 27.41 1.51
CA ALA F 92 20.14 27.06 0.39
C ALA F 92 19.98 28.30 -0.49
N SER F 93 19.85 28.12 -1.81
CA SER F 93 19.69 29.26 -2.72
C SER F 93 18.25 29.79 -2.72
N THR F 94 18.04 30.90 -2.04
CA THR F 94 16.71 31.52 -1.97
C THR F 94 16.77 32.97 -2.41
N LEU F 95 15.61 33.59 -2.59
CA LEU F 95 15.50 34.99 -3.00
C LEU F 95 16.11 35.92 -1.96
N SER F 96 16.17 35.45 -0.71
CA SER F 96 16.69 36.25 0.39
C SER F 96 18.15 36.00 0.70
N THR F 97 18.70 34.90 0.17
CA THR F 97 20.07 34.52 0.46
C THR F 97 21.00 34.63 -0.75
N SER F 98 20.43 34.64 -1.95
CA SER F 98 21.24 34.62 -3.17
C SER F 98 21.40 36.00 -3.76
N GLU F 99 22.48 36.18 -4.52
CA GLU F 99 22.89 37.49 -5.04
C GLU F 99 23.04 37.42 -6.55
N MET F 100 22.41 38.34 -7.26
CA MET F 100 22.55 38.36 -8.71
C MET F 100 23.95 38.87 -9.04
N ILE F 101 24.57 38.28 -10.05
CA ILE F 101 25.86 38.77 -10.53
C ILE F 101 25.71 39.36 -11.94
N LEU F 102 25.39 38.52 -12.92
CA LEU F 102 25.22 38.95 -14.31
C LEU F 102 24.24 38.04 -15.04
N PRO F 103 23.59 38.58 -16.09
CA PRO F 103 22.85 37.69 -17.00
C PRO F 103 23.84 36.81 -17.74
N GLY F 104 23.50 35.56 -18.00
CA GLY F 104 24.42 34.62 -18.63
C GLY F 104 23.81 33.25 -18.85
N ARG F 105 24.39 32.50 -19.80
CA ARG F 105 23.90 31.18 -20.16
C ARG F 105 24.91 30.14 -19.67
N SER F 106 26.17 30.56 -19.62
CA SER F 106 27.24 29.77 -19.03
C SER F 106 28.19 30.74 -18.33
N SER F 107 29.01 30.23 -17.42
CA SER F 107 29.84 31.10 -16.60
C SER F 107 31.12 30.44 -16.08
N SER F 108 31.99 31.28 -15.52
CA SER F 108 33.15 30.83 -14.78
C SER F 108 33.50 31.91 -13.78
N ALA F 109 34.06 31.53 -12.64
CA ALA F 109 34.39 32.49 -11.59
C ALA F 109 35.62 32.04 -10.83
N CYS F 110 36.41 32.99 -10.36
CA CYS F 110 37.61 32.67 -9.58
C CYS F 110 38.07 33.88 -8.76
N PHE F 111 38.71 33.61 -7.62
CA PHE F 111 39.19 34.65 -6.73
C PHE F 111 40.72 34.68 -6.78
N ASP F 112 41.29 35.85 -7.07
CA ASP F 112 42.74 35.96 -7.29
C ASP F 112 43.51 36.30 -6.03
N GLY F 113 42.80 36.64 -4.96
CA GLY F 113 43.44 37.06 -3.72
C GLY F 113 42.98 38.44 -3.29
N LEU F 114 42.41 39.20 -4.23
CA LEU F 114 41.89 40.53 -3.94
C LEU F 114 40.41 40.67 -4.33
N LYS F 115 40.10 40.37 -5.59
CA LYS F 115 38.74 40.54 -6.09
C LYS F 115 38.29 39.32 -6.89
N TRP F 116 36.98 39.21 -7.10
CA TRP F 116 36.42 38.13 -7.90
C TRP F 116 36.46 38.47 -9.38
N THR F 117 36.84 37.47 -10.18
CA THR F 117 36.75 37.59 -11.63
C THR F 117 35.59 36.71 -12.06
N VAL F 118 34.65 37.29 -12.80
CA VAL F 118 33.48 36.56 -13.27
C VAL F 118 33.32 36.73 -14.76
N LEU F 119 33.11 35.63 -15.46
CA LEU F 119 32.85 35.65 -16.90
C LEU F 119 31.48 35.04 -17.17
N VAL F 120 30.73 35.65 -18.08
CA VAL F 120 29.47 35.09 -18.54
C VAL F 120 29.39 35.12 -20.05
N ALA F 121 28.67 34.16 -20.61
CA ALA F 121 28.46 34.11 -22.05
C ALA F 121 26.98 34.34 -22.28
N ASN F 122 26.65 35.24 -23.19
CA ASN F 122 25.25 35.52 -23.51
C ASN F 122 25.05 35.47 -25.00
N GLY F 123 23.84 35.14 -25.43
CA GLY F 123 23.53 35.09 -26.83
C GLY F 123 23.73 33.69 -27.36
N ARG F 124 23.03 33.38 -28.44
CA ARG F 124 23.22 32.15 -29.18
C ARG F 124 23.79 32.67 -30.48
N ASP F 125 24.16 31.78 -31.40
CA ASP F 125 24.69 32.18 -32.72
C ASP F 125 25.87 33.15 -32.68
N ARG F 126 25.97 33.98 -33.71
CA ARG F 126 27.12 34.86 -33.91
C ARG F 126 27.11 36.05 -32.98
N ASN F 127 25.91 36.40 -32.49
CA ASN F 127 25.74 37.50 -31.55
C ASN F 127 26.27 37.15 -30.17
N SER F 128 26.60 35.88 -29.98
CA SER F 128 27.16 35.42 -28.71
C SER F 128 28.44 36.19 -28.41
N PHE F 129 28.59 36.59 -27.16
CA PHE F 129 29.80 37.26 -26.69
C PHE F 129 29.98 37.04 -25.19
N ILE F 130 31.12 37.45 -24.67
CA ILE F 130 31.43 37.21 -23.27
C ILE F 130 31.67 38.53 -22.53
N MET F 131 31.10 38.65 -21.34
CA MET F 131 31.36 39.79 -20.47
C MET F 131 32.28 39.36 -19.34
N ILE F 132 33.22 40.21 -18.96
CA ILE F 132 34.11 39.91 -17.85
C ILE F 132 33.95 40.95 -16.74
N LYS F 133 33.76 40.47 -15.51
CA LYS F 133 33.58 41.32 -14.34
C LYS F 133 34.72 41.12 -13.37
N TYR F 134 35.19 42.22 -12.79
CA TYR F 134 36.25 42.16 -11.78
C TYR F 134 35.88 43.05 -10.60
N GLY F 135 35.40 42.43 -9.52
CA GLY F 135 34.98 43.15 -8.34
C GLY F 135 34.05 44.33 -8.56
N GLU F 136 32.79 44.05 -8.85
CA GLU F 136 31.72 45.05 -8.94
C GLU F 136 31.64 45.88 -10.23
N GLU F 137 32.68 45.87 -11.05
CA GLU F 137 32.60 46.57 -12.34
C GLU F 137 32.95 45.66 -13.51
N VAL F 138 32.26 45.88 -14.65
CA VAL F 138 32.51 45.13 -15.88
C VAL F 138 33.79 45.68 -16.53
N THR F 139 34.72 44.80 -16.85
CA THR F 139 36.07 45.22 -17.25
C THR F 139 36.39 44.94 -18.73
N ASP F 140 35.79 43.90 -19.30
CA ASP F 140 36.08 43.58 -20.70
C ASP F 140 34.97 42.78 -21.39
N THR F 141 35.01 42.79 -22.72
CA THR F 141 34.06 42.04 -23.55
C THR F 141 34.84 41.50 -24.76
N PHE F 142 34.38 40.38 -25.32
CA PHE F 142 34.87 39.91 -26.62
C PHE F 142 33.83 39.01 -27.28
N SER F 143 33.85 38.98 -28.60
CA SER F 143 32.78 38.34 -29.38
C SER F 143 33.17 36.98 -29.95
N ALA F 144 32.18 36.27 -30.49
CA ALA F 144 32.43 35.00 -31.16
C ALA F 144 33.28 35.25 -32.39
N SER F 145 34.26 34.36 -32.63
CA SER F 145 35.16 34.48 -33.78
C SER F 145 34.86 33.41 -34.83
N ARG F 146 34.25 32.32 -34.39
CA ARG F 146 34.01 31.17 -35.26
C ARG F 146 32.52 30.92 -35.45
N GLY F 147 31.72 31.98 -35.42
CA GLY F 147 30.31 31.87 -35.74
C GLY F 147 29.42 31.37 -34.62
N GLY F 148 29.77 30.21 -34.05
CA GLY F 148 28.94 29.57 -33.04
C GLY F 148 28.88 30.33 -31.73
N PRO F 149 28.09 29.80 -30.76
CA PRO F 149 27.97 30.49 -29.47
C PRO F 149 29.25 30.37 -28.66
N LEU F 150 29.60 31.43 -27.93
CA LEU F 150 30.75 31.34 -27.03
C LEU F 150 30.32 30.55 -25.80
N ARG F 151 31.21 29.70 -25.31
CA ARG F 151 30.85 28.80 -24.22
C ARG F 151 31.90 28.82 -23.11
N LEU F 152 31.43 29.00 -21.89
CA LEU F 152 32.28 28.93 -20.72
C LEU F 152 32.06 27.57 -20.07
N PRO F 153 33.03 27.08 -19.29
CA PRO F 153 32.98 25.66 -18.88
C PRO F 153 32.03 25.36 -17.74
N ASN F 154 31.43 26.39 -17.15
CA ASN F 154 30.59 26.22 -15.97
C ASN F 154 31.35 25.54 -14.86
N SER F 155 32.54 26.06 -14.60
CA SER F 155 33.38 25.56 -13.53
C SER F 155 34.37 26.67 -13.16
N GLU F 156 34.94 26.57 -11.97
CA GLU F 156 35.94 27.49 -11.47
C GLU F 156 37.06 27.74 -12.48
N CYS F 157 37.41 29.01 -12.72
CA CYS F 157 38.62 29.27 -13.49
C CYS F 157 39.78 29.23 -12.51
N ILE F 158 41.01 29.28 -13.02
CA ILE F 158 42.19 29.09 -12.18
C ILE F 158 43.10 30.31 -12.13
N CYS F 159 43.36 30.80 -10.91
CA CYS F 159 44.20 31.95 -10.69
C CYS F 159 45.56 31.62 -10.08
N ILE F 160 46.63 32.16 -10.67
CA ILE F 160 47.97 32.03 -10.11
C ILE F 160 48.64 33.40 -10.07
N GLU F 161 48.99 33.86 -8.87
CA GLU F 161 49.73 35.10 -8.69
C GLU F 161 49.15 36.30 -9.44
N GLY F 162 47.83 36.45 -9.46
CA GLY F 162 47.21 37.58 -10.12
C GLY F 162 46.87 37.30 -11.57
N SER F 163 47.26 36.13 -12.06
CA SER F 163 46.91 35.72 -13.40
C SER F 163 45.87 34.61 -13.35
N CYS F 164 44.74 34.82 -14.01
CA CYS F 164 43.64 33.86 -14.00
C CYS F 164 43.47 33.22 -15.38
N PHE F 165 43.20 31.91 -15.40
CA PHE F 165 43.11 31.20 -16.67
C PHE F 165 41.78 30.49 -16.80
N VAL F 166 41.21 30.53 -18.00
CA VAL F 166 39.90 29.96 -18.26
C VAL F 166 39.85 29.48 -19.71
N ILE F 167 39.13 28.40 -19.95
CA ILE F 167 38.98 27.85 -21.30
C ILE F 167 37.64 28.25 -21.90
N VAL F 168 37.70 28.87 -23.08
CA VAL F 168 36.51 29.34 -23.78
C VAL F 168 36.32 28.52 -25.06
N SER F 169 35.09 28.08 -25.29
CA SER F 169 34.76 27.30 -26.49
C SER F 169 33.90 28.11 -27.45
N ASP F 170 34.06 27.85 -28.74
CA ASP F 170 33.33 28.55 -29.79
C ASP F 170 33.10 27.55 -30.92
N GLY F 171 32.26 27.91 -31.89
CA GLY F 171 31.92 27.01 -32.97
C GLY F 171 30.53 26.47 -32.81
N PRO F 172 29.78 26.39 -33.93
CA PRO F 172 28.37 26.00 -33.92
C PRO F 172 28.16 24.49 -33.86
N ASN F 173 29.21 23.73 -34.12
CA ASN F 173 29.11 22.28 -34.14
C ASN F 173 30.21 21.57 -33.34
N VAL F 174 29.86 20.45 -32.73
CA VAL F 174 30.81 19.67 -31.94
C VAL F 174 31.88 19.03 -32.82
N ASN F 175 31.54 18.80 -34.09
CA ASN F 175 32.50 18.23 -35.03
C ASN F 175 33.45 19.28 -35.61
N GLN F 176 33.20 20.54 -35.29
CA GLN F 176 34.13 21.62 -35.63
C GLN F 176 34.10 22.75 -34.60
N SER F 177 34.53 22.43 -33.38
CA SER F 177 34.59 23.41 -32.31
C SER F 177 36.02 23.89 -32.14
N VAL F 178 36.19 25.11 -31.62
CA VAL F 178 37.52 25.62 -31.30
C VAL F 178 37.59 25.94 -29.82
N HIS F 179 38.79 25.86 -29.26
CA HIS F 179 38.95 26.07 -27.82
C HIS F 179 40.20 26.90 -27.53
N ARG F 180 40.07 27.87 -26.63
CA ARG F 180 41.17 28.78 -26.32
C ARG F 180 41.38 28.88 -24.83
N ILE F 181 42.64 29.01 -24.43
CA ILE F 181 42.99 29.33 -23.06
C ILE F 181 43.17 30.83 -22.97
N TYR F 182 42.39 31.48 -22.11
CA TYR F 182 42.53 32.93 -21.94
C TYR F 182 43.29 33.24 -20.66
N GLU F 183 44.19 34.21 -20.74
CA GLU F 183 44.89 34.69 -19.55
C GLU F 183 44.33 36.05 -19.20
N LEU F 184 43.86 36.18 -17.97
CA LEU F 184 43.22 37.42 -17.53
C LEU F 184 43.98 38.01 -16.36
N GLN F 185 43.92 39.33 -16.25
CA GLN F 185 44.50 40.06 -15.15
C GLN F 185 43.60 41.25 -14.90
N ASN F 186 43.11 41.35 -13.66
CA ASN F 186 42.17 42.38 -13.26
C ASN F 186 40.93 42.43 -14.17
N GLY F 187 40.49 41.26 -14.61
CA GLY F 187 39.33 41.17 -15.47
C GLY F 187 39.57 41.62 -16.90
N THR F 188 40.84 41.67 -17.30
CA THR F 188 41.19 42.11 -18.66
C THR F 188 41.95 41.01 -19.39
N VAL F 189 41.56 40.75 -20.65
CA VAL F 189 42.25 39.77 -21.48
C VAL F 189 43.67 40.26 -21.77
N GLN F 190 44.66 39.47 -21.37
CA GLN F 190 46.05 39.80 -21.67
C GLN F 190 46.43 39.11 -22.96
N ARG F 191 46.19 37.81 -23.01
CA ARG F 191 46.46 37.03 -24.21
C ARG F 191 45.77 35.67 -24.15
N TRP F 192 45.69 35.01 -25.31
CA TRP F 192 45.07 33.70 -25.39
C TRP F 192 45.83 32.78 -26.32
N LYS F 193 45.56 31.48 -26.20
CA LYS F 193 46.23 30.48 -27.03
C LYS F 193 45.15 29.53 -27.53
N GLN F 194 45.03 29.41 -28.84
CA GLN F 194 44.05 28.51 -29.42
C GLN F 194 44.68 27.13 -29.49
N LEU F 195 43.94 26.12 -29.05
CA LEU F 195 44.46 24.77 -28.96
C LEU F 195 44.24 24.02 -30.27
N ASN F 196 45.20 23.17 -30.62
CA ASN F 196 45.03 22.25 -31.72
C ASN F 196 44.24 21.04 -31.23
N THR F 197 42.93 21.09 -31.48
CA THR F 197 41.99 20.09 -30.99
C THR F 197 41.40 19.27 -32.13
N THR F 198 42.09 19.25 -33.27
CA THR F 198 41.61 18.54 -34.46
C THR F 198 41.37 17.07 -34.16
N GLY F 199 40.17 16.59 -34.50
CA GLY F 199 39.82 15.21 -34.25
C GLY F 199 38.99 15.03 -32.98
N ILE F 200 39.07 16.00 -32.07
CA ILE F 200 38.33 15.91 -30.81
C ILE F 200 37.47 17.13 -30.50
N ASN F 201 36.78 17.04 -29.36
CA ASN F 201 35.98 18.13 -28.84
C ASN F 201 36.27 18.23 -27.34
N PHE F 202 36.41 19.46 -26.82
CA PHE F 202 36.85 19.66 -25.45
C PHE F 202 35.94 20.61 -24.69
N GLU F 203 34.74 20.14 -24.34
CA GLU F 203 33.77 20.98 -23.65
C GLU F 203 33.82 20.77 -22.14
N TYR F 204 33.13 21.65 -21.42
CA TYR F 204 32.94 21.51 -19.97
C TYR F 204 34.24 21.27 -19.20
N SER F 205 35.27 22.03 -19.56
CA SER F 205 36.57 21.91 -18.89
C SER F 205 36.44 22.14 -17.40
N THR F 206 37.02 21.24 -16.61
CA THR F 206 37.13 21.44 -15.17
C THR F 206 38.60 21.33 -14.79
N CYS F 207 39.10 22.31 -14.04
CA CYS F 207 40.54 22.49 -13.89
C CYS F 207 40.98 22.63 -12.45
N TYR F 208 42.26 22.38 -12.21
CA TYR F 208 42.89 22.66 -10.93
C TYR F 208 44.36 23.01 -11.18
N THR F 209 45.03 23.62 -10.22
CA THR F 209 46.43 23.98 -10.40
C THR F 209 47.35 23.34 -9.36
N ILE F 210 48.54 22.95 -9.82
CA ILE F 210 49.59 22.48 -8.92
C ILE F 210 50.96 22.83 -9.47
N ASN F 211 51.79 23.37 -8.57
CA ASN F 211 53.13 23.88 -8.89
C ASN F 211 53.20 24.63 -10.22
N ASN F 212 52.41 25.69 -10.31
CA ASN F 212 52.36 26.57 -11.49
C ASN F 212 51.96 25.84 -12.78
N LEU F 213 51.28 24.72 -12.62
CA LEU F 213 50.70 24.00 -13.75
C LEU F 213 49.18 23.98 -13.61
N ILE F 214 48.48 24.09 -14.72
CA ILE F 214 47.03 23.93 -14.71
C ILE F 214 46.68 22.66 -15.45
N LYS F 215 45.83 21.84 -14.84
CA LYS F 215 45.39 20.60 -15.45
C LYS F 215 43.87 20.60 -15.51
N CYS F 216 43.35 20.36 -16.71
CA CYS F 216 41.92 20.45 -16.94
C CYS F 216 41.44 19.14 -17.54
N THR F 217 40.24 18.72 -17.13
CA THR F 217 39.60 17.56 -17.72
C THR F 217 38.47 18.07 -18.61
N GLY F 218 38.39 17.54 -19.83
CA GLY F 218 37.36 17.99 -20.75
C GLY F 218 36.31 16.93 -20.95
N THR F 219 35.32 17.26 -21.78
CA THR F 219 34.28 16.32 -22.14
C THR F 219 34.12 16.33 -23.65
N ASN F 220 34.19 15.17 -24.27
CA ASN F 220 34.04 15.05 -25.71
C ASN F 220 32.60 14.66 -26.05
N LEU F 221 31.88 15.58 -26.67
CA LEU F 221 30.48 15.38 -27.01
C LEU F 221 30.34 14.77 -28.40
N TRP F 222 31.48 14.49 -29.03
CA TRP F 222 31.49 14.13 -30.43
C TRP F 222 31.79 12.63 -30.68
N ASN F 223 33.00 12.19 -30.35
CA ASN F 223 33.47 10.87 -30.78
C ASN F 223 34.31 10.10 -29.74
N ASP F 224 34.12 10.39 -28.45
CA ASP F 224 34.97 9.76 -27.44
C ASP F 224 34.27 9.58 -26.10
N ALA F 225 34.41 8.39 -25.51
CA ALA F 225 33.83 8.10 -24.20
C ALA F 225 34.87 8.22 -23.10
N LYS F 226 36.13 8.42 -23.50
CA LYS F 226 37.17 8.80 -22.54
C LYS F 226 37.20 10.31 -22.40
N ARG F 227 37.79 10.79 -21.31
CA ARG F 227 37.89 12.22 -21.10
C ARG F 227 39.24 12.74 -21.53
N PRO F 228 39.24 13.69 -22.47
CA PRO F 228 40.48 14.34 -22.90
C PRO F 228 41.05 15.17 -21.77
N LEU F 229 42.38 15.23 -21.69
CA LEU F 229 43.05 15.93 -20.61
C LEU F 229 43.89 17.06 -21.15
N LEU F 230 43.99 18.13 -20.38
CA LEU F 230 44.78 19.28 -20.79
C LEU F 230 45.75 19.66 -19.68
N ARG F 231 46.98 19.95 -20.08
CA ARG F 231 48.00 20.44 -19.16
C ARG F 231 48.63 21.66 -19.80
N PHE F 232 48.73 22.74 -19.04
CA PHE F 232 49.40 23.91 -19.56
C PHE F 232 50.11 24.73 -18.50
N THR F 233 50.93 25.66 -18.95
CA THR F 233 51.76 26.48 -18.09
C THR F 233 51.23 27.90 -18.13
N LYS F 234 51.76 28.76 -17.26
CA LYS F 234 51.34 30.16 -17.27
C LYS F 234 51.66 30.85 -18.60
N GLU F 235 52.68 30.34 -19.28
CA GLU F 235 53.09 30.92 -20.56
C GLU F 235 52.33 30.25 -21.72
N LEU F 236 51.31 29.48 -21.36
CA LEU F 236 50.40 28.83 -22.31
C LEU F 236 51.05 27.75 -23.17
N ASN F 237 52.12 27.16 -22.68
CA ASN F 237 52.65 25.95 -23.30
C ASN F 237 51.74 24.82 -22.85
N TYR F 238 51.24 24.02 -23.80
CA TYR F 238 50.23 23.03 -23.46
C TYR F 238 50.44 21.65 -24.09
N GLN F 239 49.71 20.67 -23.57
CA GLN F 239 49.73 19.30 -24.07
C GLN F 239 48.35 18.71 -23.83
N ILE F 240 47.77 18.09 -24.85
CA ILE F 240 46.48 17.44 -24.70
C ILE F 240 46.64 15.92 -24.74
N VAL F 241 46.11 15.23 -23.74
CA VAL F 241 46.34 13.80 -23.58
C VAL F 241 45.05 12.99 -23.50
N GLU F 242 45.12 11.77 -24.03
CA GLU F 242 44.05 10.80 -23.95
C GLU F 242 44.47 9.75 -22.93
N PRO F 243 43.53 9.36 -22.05
CA PRO F 243 43.84 8.34 -21.05
C PRO F 243 44.21 7.02 -21.71
N CYS F 244 45.25 6.38 -21.21
CA CYS F 244 45.76 5.16 -21.81
C CYS F 244 45.07 4.01 -21.10
N ASN F 245 43.97 4.37 -20.44
CA ASN F 245 43.10 3.47 -19.70
C ASN F 245 42.38 2.49 -20.62
N GLY F 246 41.63 1.59 -20.01
CA GLY F 246 40.69 0.76 -20.74
C GLY F 246 39.29 1.00 -20.23
N ALA F 247 39.15 1.96 -19.32
CA ALA F 247 37.87 2.24 -18.67
C ALA F 247 37.40 3.66 -18.95
N PRO F 248 36.48 3.81 -19.91
CA PRO F 248 35.92 5.12 -20.25
C PRO F 248 35.12 5.68 -19.07
N THR F 249 35.16 6.98 -18.89
CA THR F 249 34.51 7.63 -17.74
C THR F 249 33.42 8.63 -18.10
N ASP F 250 33.21 8.87 -19.38
CA ASP F 250 32.15 9.79 -19.79
C ASP F 250 30.80 9.10 -19.60
N PHE F 251 29.72 9.86 -19.60
CA PHE F 251 28.39 9.29 -19.72
C PHE F 251 27.62 10.09 -20.76
N PRO F 252 27.10 9.40 -21.79
CA PRO F 252 27.10 7.94 -21.93
C PRO F 252 28.45 7.35 -22.31
N ARG F 253 28.56 6.02 -22.27
CA ARG F 253 29.81 5.32 -22.62
C ARG F 253 29.53 3.84 -22.95
N GLY F 254 30.50 3.19 -23.57
CA GLY F 254 30.41 1.77 -23.85
C GLY F 254 30.98 0.92 -22.73
N GLY F 255 31.20 -0.37 -23.02
CA GLY F 255 31.75 -1.27 -22.01
C GLY F 255 33.26 -1.21 -21.93
N LEU F 256 33.84 -2.03 -21.07
CA LEU F 256 35.29 -2.08 -20.90
C LEU F 256 36.03 -2.61 -22.13
N THR F 257 37.25 -2.11 -22.36
CA THR F 257 38.06 -2.51 -23.51
C THR F 257 39.49 -2.85 -23.10
N THR F 258 40.29 -3.26 -24.08
CA THR F 258 41.70 -3.52 -23.88
C THR F 258 42.40 -2.19 -23.62
N PRO F 259 43.16 -2.10 -22.51
CA PRO F 259 43.87 -0.86 -22.18
C PRO F 259 44.75 -0.39 -23.33
N SER F 260 44.54 0.85 -23.77
CA SER F 260 45.32 1.47 -24.85
C SER F 260 45.05 2.96 -24.85
N CYS F 261 45.87 3.71 -25.58
CA CYS F 261 45.72 5.16 -25.68
C CYS F 261 44.81 5.61 -26.83
N LYS F 262 43.96 4.71 -27.32
CA LYS F 262 43.03 5.06 -28.40
C LYS F 262 41.77 5.63 -27.81
N MET F 263 41.12 6.55 -28.52
CA MET F 263 39.85 7.09 -28.06
C MET F 263 38.83 5.95 -28.03
N ALA F 264 37.88 6.03 -27.11
CA ALA F 264 36.81 5.05 -27.03
C ALA F 264 35.62 5.56 -27.82
N GLN F 265 35.47 5.05 -29.03
CA GLN F 265 34.48 5.56 -29.97
C GLN F 265 33.07 5.06 -29.71
N GLU F 266 32.94 3.96 -28.99
CA GLU F 266 31.62 3.40 -28.69
C GLU F 266 30.85 4.32 -27.77
N LYS F 267 29.69 4.78 -28.25
CA LYS F 267 28.85 5.73 -27.53
C LYS F 267 29.60 7.00 -27.18
N GLY F 268 30.42 7.48 -28.11
CA GLY F 268 31.19 8.69 -27.90
C GLY F 268 30.38 9.95 -28.01
N GLU F 269 29.36 9.94 -28.87
CA GLU F 269 28.46 11.10 -28.99
C GLU F 269 27.78 11.42 -27.68
N GLY F 270 27.79 12.69 -27.33
CA GLY F 270 27.19 13.12 -26.08
C GLY F 270 28.24 13.05 -24.99
N GLY F 271 27.82 13.35 -23.77
CA GLY F 271 28.73 13.36 -22.65
C GLY F 271 28.17 14.22 -21.55
N ILE F 272 28.86 14.26 -20.41
CA ILE F 272 28.48 15.13 -19.30
C ILE F 272 29.75 15.58 -18.59
N GLN F 273 29.72 16.77 -18.00
CA GLN F 273 30.89 17.32 -17.32
C GLN F 273 31.40 16.38 -16.24
N GLY F 274 32.71 16.18 -16.23
CA GLY F 274 33.32 15.23 -15.31
C GLY F 274 34.80 15.50 -15.19
N PHE F 275 35.45 14.80 -14.27
CA PHE F 275 36.82 15.11 -13.93
C PHE F 275 37.73 13.90 -13.85
N ILE F 276 39.01 14.14 -14.13
CA ILE F 276 40.03 13.14 -13.90
C ILE F 276 41.18 13.83 -13.19
N LEU F 277 41.55 13.29 -12.03
CA LEU F 277 42.66 13.85 -11.28
C LEU F 277 43.91 13.17 -11.81
N ASP F 278 44.61 13.84 -12.75
CA ASP F 278 45.80 13.24 -13.34
C ASP F 278 47.09 13.59 -12.63
N GLU F 279 47.39 12.76 -11.64
CA GLU F 279 48.60 12.85 -10.85
C GLU F 279 49.17 11.45 -10.81
N LYS F 280 50.05 11.21 -9.85
CA LYS F 280 50.68 9.90 -9.67
C LYS F 280 50.75 9.70 -8.17
N PRO F 281 49.67 9.14 -7.60
CA PRO F 281 48.61 8.38 -8.27
C PRO F 281 47.43 9.21 -8.81
N ALA F 282 46.79 8.70 -9.86
CA ALA F 282 45.65 9.37 -10.47
C ALA F 282 44.34 8.87 -9.87
N TRP F 283 43.30 9.70 -9.91
CA TRP F 283 41.96 9.30 -9.49
C TRP F 283 40.96 9.48 -10.64
N THR F 284 40.15 8.45 -10.87
CA THR F 284 39.16 8.49 -11.94
C THR F 284 37.77 8.50 -11.29
N SER F 285 36.78 8.98 -12.05
CA SER F 285 35.42 9.11 -11.53
C SER F 285 34.41 8.88 -12.64
N LYS F 286 33.31 8.21 -12.30
CA LYS F 286 32.28 7.85 -13.26
C LYS F 286 31.07 7.26 -12.55
N THR F 287 29.97 7.11 -13.29
CA THR F 287 28.80 6.40 -12.80
C THR F 287 29.15 4.94 -12.51
N LYS F 288 28.28 4.27 -11.76
CA LYS F 288 28.49 2.88 -11.37
C LYS F 288 28.49 1.94 -12.59
N ALA F 289 27.49 2.10 -13.43
CA ALA F 289 27.35 1.30 -14.65
C ALA F 289 27.05 2.21 -15.84
N GLU F 290 27.24 1.70 -17.05
CA GLU F 290 27.06 2.51 -18.26
C GLU F 290 25.60 2.53 -18.71
N SER F 291 24.79 1.67 -18.10
CA SER F 291 23.39 1.54 -18.51
C SER F 291 22.54 2.66 -17.92
N SER F 292 23.02 3.25 -16.84
CA SER F 292 22.23 4.25 -16.12
C SER F 292 23.13 5.29 -15.45
N GLN F 293 22.56 6.46 -15.20
CA GLN F 293 23.29 7.59 -14.65
C GLN F 293 23.19 7.58 -13.14
N ASN F 294 23.30 6.39 -12.57
CA ASN F 294 23.18 6.20 -11.12
C ASN F 294 24.51 5.87 -10.49
N GLY F 295 24.71 6.34 -9.27
CA GLY F 295 25.91 6.02 -8.52
C GLY F 295 27.12 6.83 -8.95
N PHE F 296 28.22 6.65 -8.25
CA PHE F 296 29.45 7.36 -8.56
C PHE F 296 30.58 6.59 -7.90
N VAL F 297 31.56 6.18 -8.71
CA VAL F 297 32.68 5.41 -8.18
C VAL F 297 34.01 6.09 -8.49
N LEU F 298 34.86 6.17 -7.46
CA LEU F 298 36.18 6.76 -7.60
C LEU F 298 37.20 5.63 -7.55
N GLU F 299 38.11 5.61 -8.52
CA GLU F 299 39.11 4.54 -8.59
C GLU F 299 40.52 5.12 -8.68
N GLN F 300 41.44 4.54 -7.91
CA GLN F 300 42.81 5.03 -7.86
C GLN F 300 43.71 4.27 -8.83
N ILE F 301 44.56 4.99 -9.55
CA ILE F 301 45.50 4.37 -10.47
C ILE F 301 46.91 4.92 -10.18
N PRO F 302 47.69 4.16 -9.38
CA PRO F 302 49.02 4.54 -8.87
C PRO F 302 50.02 4.98 -9.92
N ASN F 303 50.05 4.31 -11.07
CA ASN F 303 51.05 4.61 -12.10
C ASN F 303 50.70 5.80 -13.01
N GLY F 304 49.63 6.51 -12.67
CA GLY F 304 49.20 7.67 -13.45
C GLY F 304 48.20 7.25 -14.51
N ILE F 305 47.55 8.21 -15.16
CA ILE F 305 46.50 7.89 -16.11
C ILE F 305 47.00 7.67 -17.54
N GLU F 306 48.28 7.95 -17.79
CA GLU F 306 48.88 7.62 -19.07
C GLU F 306 49.51 6.24 -19.00
N SER F 307 49.28 5.57 -17.88
CA SER F 307 49.79 4.23 -17.71
C SER F 307 48.69 3.26 -18.09
N GLU F 308 48.94 1.99 -17.81
CA GLU F 308 47.94 0.96 -17.94
C GLU F 308 46.92 1.17 -16.82
N GLY F 309 45.68 0.80 -17.08
CA GLY F 309 44.61 1.15 -16.16
C GLY F 309 44.45 0.17 -15.02
N THR F 310 45.44 0.12 -14.14
CA THR F 310 45.42 -0.78 -12.99
C THR F 310 44.95 -0.08 -11.71
N VAL F 311 43.80 -0.51 -11.22
CA VAL F 311 43.13 0.12 -10.09
C VAL F 311 43.63 -0.47 -8.76
N SER F 312 43.98 0.42 -7.84
CA SER F 312 44.45 0.01 -6.52
C SER F 312 43.33 0.20 -5.50
N LEU F 313 42.66 1.35 -5.55
CA LEU F 313 41.58 1.65 -4.63
C LEU F 313 40.30 1.94 -5.41
N SER F 314 39.17 1.43 -4.92
CA SER F 314 37.89 1.62 -5.58
C SER F 314 36.82 1.99 -4.56
N TYR F 315 36.34 3.23 -4.62
CA TYR F 315 35.30 3.72 -3.72
C TYR F 315 33.99 3.95 -4.45
N GLU F 316 32.91 3.34 -3.95
CA GLU F 316 31.58 3.57 -4.48
C GLU F 316 30.83 4.55 -3.58
N LEU F 317 30.89 5.84 -3.94
CA LEU F 317 30.29 6.88 -3.11
C LEU F 317 28.76 6.86 -3.15
N PHE F 318 28.20 6.52 -4.31
CA PHE F 318 26.76 6.39 -4.46
C PHE F 318 26.47 5.13 -5.29
N SER F 319 25.34 4.49 -5.04
CA SER F 319 24.93 3.33 -5.83
C SER F 319 23.65 3.61 -6.62
N ASN F 320 22.60 4.02 -5.92
CA ASN F 320 21.29 4.23 -6.55
C ASN F 320 20.98 5.69 -6.88
N LYS F 321 21.62 6.62 -6.17
CA LYS F 321 21.41 8.05 -6.40
C LYS F 321 21.66 8.42 -7.85
N ARG F 322 20.72 9.17 -8.44
CA ARG F 322 20.94 9.66 -9.79
C ARG F 322 22.02 10.72 -9.76
N THR F 323 22.97 10.60 -10.69
CA THR F 323 24.19 11.39 -10.66
C THR F 323 24.27 12.27 -11.91
N GLY F 324 24.89 13.45 -11.77
CA GLY F 324 25.03 14.36 -12.89
C GLY F 324 26.44 14.91 -13.06
N ARG F 325 26.52 16.22 -13.25
CA ARG F 325 27.80 16.90 -13.47
C ARG F 325 28.71 16.81 -12.26
N SER F 326 30.02 16.90 -12.51
CA SER F 326 31.02 16.99 -11.45
C SER F 326 32.23 17.77 -11.93
N GLY F 327 32.96 18.37 -11.00
CA GLY F 327 34.12 19.16 -11.35
C GLY F 327 34.94 19.56 -10.14
N PHE F 328 36.13 20.09 -10.38
CA PHE F 328 37.06 20.43 -9.32
C PHE F 328 36.76 21.78 -8.69
N PHE F 329 37.17 21.92 -7.44
CA PHE F 329 37.40 23.24 -6.84
C PHE F 329 38.46 23.10 -5.77
N GLN F 330 39.22 24.16 -5.55
CA GLN F 330 40.27 24.14 -4.56
C GLN F 330 39.97 25.16 -3.47
N PRO F 331 39.97 24.72 -2.21
CA PRO F 331 39.82 25.65 -1.08
C PRO F 331 41.09 26.49 -0.96
N LYS F 332 40.93 27.81 -0.89
CA LYS F 332 42.08 28.71 -0.84
C LYS F 332 42.20 29.40 0.51
N GLY F 333 42.57 28.64 1.54
CA GLY F 333 42.69 29.16 2.89
C GLY F 333 43.41 28.18 3.79
N ASP F 334 42.64 27.43 4.58
CA ASP F 334 43.16 26.33 5.41
C ASP F 334 44.43 26.62 6.23
N LEU F 335 44.24 26.95 7.51
CA LEU F 335 45.37 27.29 8.37
C LEU F 335 45.98 26.07 9.08
N ILE F 336 45.56 24.86 8.71
CA ILE F 336 46.05 23.65 9.39
C ILE F 336 46.88 22.68 8.53
N SER F 337 46.65 22.65 7.23
CA SER F 337 47.43 21.77 6.35
C SER F 337 48.46 22.59 5.57
N GLY F 338 49.67 22.07 5.44
CA GLY F 338 50.71 22.75 4.70
C GLY F 338 50.76 22.34 3.24
N CYS F 339 49.86 21.44 2.86
CA CYS F 339 49.76 20.99 1.48
C CYS F 339 48.48 21.49 0.82
N GLN F 340 48.46 21.50 -0.50
CA GLN F 340 47.30 21.98 -1.25
C GLN F 340 46.23 20.91 -1.34
N ARG F 341 45.08 21.18 -0.72
CA ARG F 341 43.95 20.26 -0.76
C ARG F 341 43.22 20.32 -2.11
N ILE F 342 42.55 19.22 -2.44
CA ILE F 342 41.74 19.14 -3.65
C ILE F 342 40.35 18.60 -3.31
N CYS F 343 39.34 19.22 -3.93
CA CYS F 343 37.96 18.87 -3.67
C CYS F 343 37.21 18.80 -5.00
N PHE F 344 36.06 18.15 -5.00
CA PHE F 344 35.19 18.19 -6.16
C PHE F 344 33.72 18.39 -5.77
N TRP F 345 32.95 18.98 -6.67
CA TRP F 345 31.51 19.12 -6.49
C TRP F 345 30.80 18.11 -7.37
N LEU F 346 29.56 17.77 -7.03
CA LEU F 346 28.83 16.74 -7.75
C LEU F 346 27.32 16.95 -7.65
N GLU F 347 26.64 16.94 -8.79
CA GLU F 347 25.18 17.02 -8.82
C GLU F 347 24.56 15.69 -8.41
N ILE F 348 23.73 15.72 -7.37
CA ILE F 348 22.95 14.55 -6.99
C ILE F 348 21.48 14.93 -6.95
N GLU F 349 20.65 14.15 -7.63
CA GLU F 349 19.23 14.49 -7.74
C GLU F 349 18.48 14.12 -6.47
N ASP F 350 17.73 15.09 -5.94
CA ASP F 350 16.85 14.85 -4.81
C ASP F 350 15.59 14.17 -5.33
N GLN F 351 15.53 12.85 -5.21
CA GLN F 351 14.43 12.08 -5.79
C GLN F 351 13.08 12.32 -5.12
N THR F 352 13.08 12.98 -3.96
CA THR F 352 11.82 13.32 -3.30
C THR F 352 11.13 14.47 -4.02
N VAL F 353 11.88 15.18 -4.87
CA VAL F 353 11.33 16.25 -5.68
C VAL F 353 11.17 15.75 -7.11
N GLY F 354 9.95 15.78 -7.62
CA GLY F 354 9.67 15.27 -8.95
C GLY F 354 10.40 15.98 -10.07
N LEU F 355 10.64 15.27 -11.16
CA LEU F 355 11.13 15.85 -12.41
C LEU F 355 12.53 16.46 -12.33
N GLY F 356 13.30 16.09 -11.31
CA GLY F 356 14.67 16.58 -11.17
C GLY F 356 14.81 18.09 -11.04
N MET F 357 13.83 18.74 -10.43
CA MET F 357 13.89 20.19 -10.21
C MET F 357 15.02 20.55 -9.24
N ILE F 358 15.37 19.61 -8.37
CA ILE F 358 16.42 19.85 -7.39
C ILE F 358 17.59 18.91 -7.58
N GLN F 359 18.68 19.48 -8.09
CA GLN F 359 19.97 18.79 -8.13
C GLN F 359 20.80 19.42 -7.04
N GLU F 360 21.00 18.67 -5.96
CA GLU F 360 21.84 19.16 -4.89
C GLU F 360 23.28 19.19 -5.37
N LEU F 361 23.99 20.25 -5.04
CA LEU F 361 25.40 20.33 -5.39
C LEU F 361 26.22 19.84 -4.20
N SER F 362 26.52 18.54 -4.18
CA SER F 362 27.30 17.97 -3.09
C SER F 362 28.78 18.23 -3.33
N THR F 363 29.57 18.22 -2.26
CA THR F 363 31.01 18.45 -2.37
C THR F 363 31.80 17.37 -1.61
N PHE F 364 32.92 16.97 -2.17
CA PHE F 364 33.80 16.00 -1.53
C PHE F 364 35.23 16.52 -1.50
N CYS F 365 35.95 16.27 -0.42
CA CYS F 365 37.35 16.67 -0.36
C CYS F 365 38.23 15.45 -0.11
N GLY F 366 39.44 15.48 -0.65
CA GLY F 366 40.37 14.38 -0.49
C GLY F 366 41.03 14.44 0.88
N ILE F 367 41.33 13.28 1.44
CA ILE F 367 42.04 13.19 2.72
C ILE F 367 43.23 12.23 2.62
N ASN F 368 44.24 12.43 3.47
CA ASN F 368 45.44 11.60 3.44
C ASN F 368 45.18 10.28 4.14
N SER F 369 44.04 10.18 4.78
CA SER F 369 43.66 8.98 5.49
C SER F 369 42.74 8.11 4.65
N PRO F 370 42.89 6.78 4.77
CA PRO F 370 41.94 5.86 4.15
C PRO F 370 40.62 5.90 4.90
N VAL F 371 39.52 5.62 4.22
CA VAL F 371 38.19 5.75 4.81
C VAL F 371 37.34 4.55 4.40
N GLN F 372 36.28 4.29 5.15
CA GLN F 372 35.37 3.18 4.83
C GLN F 372 34.69 3.36 3.48
N ASN F 373 34.41 2.25 2.80
CA ASN F 373 33.67 2.29 1.54
C ASN F 373 32.17 2.40 1.80
N ILE F 374 31.77 3.55 2.32
CA ILE F 374 30.38 3.83 2.69
C ILE F 374 29.56 4.32 1.50
N ASN F 375 28.29 3.92 1.44
CA ASN F 375 27.38 4.39 0.41
C ASN F 375 26.66 5.63 0.93
N TRP F 376 26.70 6.72 0.16
CA TRP F 376 26.07 7.97 0.58
C TRP F 376 24.65 8.14 0.03
N ASP F 377 24.07 7.07 -0.50
CA ASP F 377 22.66 7.10 -0.90
C ASP F 377 21.76 7.31 0.32
N TYR G 13 32.80 64.21 1.20
CA TYR G 13 33.16 64.90 -0.04
C TYR G 13 33.38 63.98 -1.24
N TRP G 14 32.30 63.64 -1.94
CA TRP G 14 32.42 62.81 -3.12
C TRP G 14 33.17 63.59 -4.19
N ARG G 15 33.86 62.87 -5.06
CA ARG G 15 34.62 63.46 -6.14
C ARG G 15 34.06 63.04 -7.50
N ALA G 16 33.39 63.97 -8.18
CA ALA G 16 32.98 63.71 -9.55
C ALA G 16 34.24 63.72 -10.41
N LYS G 17 34.37 62.75 -11.30
CA LYS G 17 35.58 62.64 -12.12
C LYS G 17 35.69 63.70 -13.22
N SER G 18 36.85 63.72 -13.88
CA SER G 18 37.20 64.76 -14.85
C SER G 18 36.38 64.74 -16.15
N GLN G 19 36.31 63.58 -16.80
CA GLN G 19 35.66 63.46 -18.10
C GLN G 19 34.69 62.30 -18.19
N MET G 20 33.68 62.43 -19.05
CA MET G 20 32.81 61.31 -19.33
C MET G 20 33.64 60.32 -20.12
N CYS G 21 33.50 59.04 -19.82
CA CYS G 21 34.18 58.00 -20.59
C CYS G 21 33.58 57.84 -21.98
N GLU G 22 34.42 57.47 -22.94
CA GLU G 22 33.96 57.20 -24.29
C GLU G 22 33.04 55.98 -24.25
N VAL G 23 31.84 56.12 -24.81
CA VAL G 23 30.86 55.02 -24.79
C VAL G 23 30.58 54.51 -26.20
N LYS G 24 30.90 53.24 -26.44
CA LYS G 24 30.71 52.65 -27.76
C LYS G 24 29.69 51.54 -27.69
N GLY G 25 29.30 51.19 -26.46
CA GLY G 25 28.35 50.11 -26.23
C GLY G 25 27.79 50.14 -24.82
N TRP G 26 26.75 49.34 -24.60
CA TRP G 26 26.08 49.29 -23.31
C TRP G 26 25.95 47.84 -22.89
N VAL G 27 26.36 47.54 -21.66
CA VAL G 27 26.28 46.17 -21.16
C VAL G 27 25.41 46.11 -19.92
N PRO G 28 24.57 45.06 -19.83
CA PRO G 28 23.68 44.91 -18.69
C PRO G 28 24.46 44.44 -17.48
N THR G 29 24.32 45.13 -16.36
CA THR G 29 24.99 44.75 -15.12
C THR G 29 24.00 43.99 -14.25
N HIS G 30 22.71 44.24 -14.49
CA HIS G 30 21.65 43.54 -13.78
C HIS G 30 20.51 43.16 -14.72
N ARG G 31 20.19 41.88 -14.74
CA ARG G 31 19.15 41.34 -15.59
C ARG G 31 18.83 39.96 -15.05
N GLY G 32 17.62 39.80 -14.52
CA GLY G 32 17.25 38.62 -13.77
C GLY G 32 16.52 37.58 -14.59
N PHE G 33 15.77 36.73 -13.90
CA PHE G 33 15.07 35.62 -14.52
C PHE G 33 13.57 35.76 -14.28
N PRO G 34 12.75 35.05 -15.08
CA PRO G 34 11.30 35.16 -14.92
C PRO G 34 10.86 34.65 -13.56
N TRP G 35 10.04 35.42 -12.84
CA TRP G 35 9.56 35.01 -11.52
C TRP G 35 8.25 34.24 -11.60
N GLY G 36 7.89 33.86 -12.82
CA GLY G 36 6.85 32.88 -13.07
C GLY G 36 5.47 33.48 -12.90
N PRO G 37 4.43 32.70 -13.24
CA PRO G 37 3.04 33.12 -13.08
C PRO G 37 2.74 33.45 -11.62
N GLU G 38 3.07 32.54 -10.71
CA GLU G 38 2.82 32.75 -9.29
C GLU G 38 4.04 33.25 -8.53
N LEU G 39 3.78 34.18 -7.61
CA LEU G 39 4.83 34.77 -6.80
C LEU G 39 4.76 34.20 -5.38
N PRO G 40 5.91 34.15 -4.68
CA PRO G 40 5.91 33.86 -3.24
C PRO G 40 5.29 35.04 -2.48
N GLY G 41 4.88 34.83 -1.25
CA GLY G 41 4.10 35.82 -0.53
C GLY G 41 4.78 37.05 0.06
N ASP G 42 6.09 36.97 0.27
CA ASP G 42 6.79 38.04 0.99
C ASP G 42 7.49 39.05 0.08
N LEU G 43 7.20 39.02 -1.22
CA LEU G 43 7.78 40.00 -2.14
C LEU G 43 7.06 41.33 -2.04
N ILE G 44 7.82 42.42 -2.12
CA ILE G 44 7.25 43.76 -2.05
C ILE G 44 6.93 44.30 -3.43
N LEU G 45 5.68 44.72 -3.63
CA LEU G 45 5.26 45.30 -4.91
C LEU G 45 5.68 46.77 -4.92
N SER G 46 6.23 47.23 -6.03
CA SER G 46 6.87 48.54 -6.06
C SER G 46 6.59 49.36 -7.32
N ARG G 47 6.88 50.66 -7.23
CA ARG G 47 6.82 51.55 -8.37
C ARG G 47 7.78 52.71 -8.17
N ARG G 48 8.03 53.48 -9.24
CA ARG G 48 8.91 54.64 -9.17
C ARG G 48 10.28 54.27 -8.62
N ALA G 49 10.80 53.13 -9.06
CA ALA G 49 12.09 52.65 -8.59
C ALA G 49 13.23 53.32 -9.35
N TYR G 50 14.38 53.45 -8.68
CA TYR G 50 15.59 53.99 -9.30
C TYR G 50 16.80 53.43 -8.57
N VAL G 51 18.00 53.76 -9.07
CA VAL G 51 19.24 53.23 -8.51
C VAL G 51 20.11 54.38 -8.01
N SER G 52 20.75 54.18 -6.86
CA SER G 52 21.74 55.13 -6.38
C SER G 52 22.81 54.36 -5.64
N CYS G 53 24.06 54.81 -5.76
CA CYS G 53 25.19 54.04 -5.25
C CYS G 53 25.92 54.82 -4.16
N ASP G 54 26.52 54.08 -3.23
CA ASP G 54 27.45 54.67 -2.27
C ASP G 54 28.87 54.41 -2.76
N LEU G 55 29.82 54.44 -1.84
CA LEU G 55 31.23 54.25 -2.19
C LEU G 55 31.56 52.79 -2.55
N THR G 56 30.80 51.86 -1.98
CA THR G 56 31.03 50.44 -2.20
C THR G 56 30.03 49.82 -3.16
N SER G 57 28.74 50.04 -2.89
CA SER G 57 27.68 49.33 -3.59
C SER G 57 26.51 50.21 -4.04
N CYS G 58 25.62 49.63 -4.84
CA CYS G 58 24.44 50.34 -5.32
C CYS G 58 23.17 49.82 -4.67
N PHE G 59 22.13 50.64 -4.68
CA PHE G 59 20.87 50.28 -4.03
C PHE G 59 19.67 50.60 -4.91
N LYS G 60 18.61 49.80 -4.77
CA LYS G 60 17.34 50.14 -5.41
C LYS G 60 16.51 50.93 -4.44
N PHE G 61 16.02 52.08 -4.90
CA PHE G 61 15.07 52.87 -4.12
C PHE G 61 13.75 52.79 -4.86
N PHE G 62 12.67 52.56 -4.11
CA PHE G 62 11.35 52.38 -4.70
C PHE G 62 10.22 52.77 -3.77
N ILE G 63 9.04 53.02 -4.34
CA ILE G 63 7.85 53.31 -3.58
C ILE G 63 7.06 52.01 -3.44
N ALA G 64 6.96 51.51 -2.21
CA ALA G 64 6.31 50.24 -1.94
C ALA G 64 4.83 50.47 -1.65
N TYR G 65 3.96 49.61 -2.17
CA TYR G 65 2.53 49.77 -2.02
C TYR G 65 1.78 48.50 -1.62
N GLY G 66 2.45 47.35 -1.66
CA GLY G 66 1.80 46.09 -1.35
C GLY G 66 2.67 44.86 -1.26
N LEU G 67 2.05 43.73 -0.93
CA LEU G 67 2.75 42.45 -0.85
C LEU G 67 2.27 41.50 -1.95
N SER G 68 3.16 40.60 -2.37
CA SER G 68 2.85 39.68 -3.47
C SER G 68 1.79 38.66 -3.08
N ALA G 69 1.62 38.43 -1.78
CA ALA G 69 0.56 37.55 -1.31
C ALA G 69 -0.82 38.06 -1.73
N ASN G 70 -0.92 39.36 -1.99
CA ASN G 70 -2.16 39.99 -2.39
C ASN G 70 -2.11 40.42 -3.87
N GLN G 71 -1.28 39.72 -4.63
CA GLN G 71 -1.14 39.85 -6.08
C GLN G 71 -2.46 39.96 -6.86
N HIS G 72 -3.52 39.35 -6.32
CA HIS G 72 -4.82 39.31 -6.99
C HIS G 72 -5.94 39.96 -6.17
N LEU G 73 -5.57 40.65 -5.10
CA LEU G 73 -6.55 41.21 -4.17
C LEU G 73 -6.37 42.72 -4.11
N LEU G 74 -5.49 43.23 -4.96
CA LEU G 74 -5.19 44.64 -5.00
C LEU G 74 -5.71 45.21 -6.31
N ASN G 75 -6.25 46.42 -6.27
CA ASN G 75 -6.64 47.13 -7.47
C ASN G 75 -5.35 47.39 -8.23
N THR G 76 -5.41 47.47 -9.55
CA THR G 76 -4.20 47.80 -10.28
C THR G 76 -4.41 49.05 -11.11
N SER G 77 -3.83 50.15 -10.65
CA SER G 77 -2.99 50.11 -9.44
C SER G 77 -3.61 50.84 -8.24
N MET G 78 -3.02 50.66 -7.07
CA MET G 78 -3.55 51.23 -5.82
C MET G 78 -2.69 52.38 -5.30
N GLU G 79 -3.29 53.57 -5.29
CA GLU G 79 -2.63 54.81 -4.88
C GLU G 79 -2.91 55.17 -3.42
N TRP G 80 -2.68 54.23 -2.51
CA TRP G 80 -3.04 54.47 -1.12
C TRP G 80 -1.80 54.78 -0.28
N GLU G 81 -1.64 54.09 0.84
CA GLU G 81 -0.53 54.38 1.74
C GLU G 81 0.75 53.81 1.18
N GLU G 82 1.63 54.70 0.71
CA GLU G 82 2.85 54.29 0.04
C GLU G 82 4.05 54.65 0.89
N SER G 83 5.12 53.88 0.77
CA SER G 83 6.29 54.08 1.61
C SER G 83 7.56 53.79 0.82
N LEU G 84 8.59 54.61 1.04
CA LEU G 84 9.86 54.45 0.34
C LEU G 84 10.72 53.40 1.00
N TYR G 85 11.19 52.44 0.21
CA TYR G 85 12.02 51.36 0.74
C TYR G 85 13.32 51.30 -0.05
N LYS G 86 14.30 50.59 0.50
CA LYS G 86 15.57 50.37 -0.18
C LYS G 86 15.98 48.90 -0.11
N THR G 87 16.60 48.42 -1.18
CA THR G 87 17.04 47.04 -1.29
C THR G 87 18.40 47.04 -1.96
N PRO G 88 19.34 46.25 -1.45
CA PRO G 88 20.62 46.10 -2.15
C PRO G 88 20.37 45.60 -3.56
N ILE G 89 20.95 46.27 -4.56
CA ILE G 89 20.87 45.79 -5.93
C ILE G 89 21.48 44.39 -5.95
N GLY G 90 20.90 43.48 -6.71
CA GLY G 90 21.39 42.12 -6.70
C GLY G 90 20.57 41.25 -5.76
N SER G 91 19.81 41.89 -4.86
CA SER G 91 18.88 41.17 -3.99
C SER G 91 17.46 41.44 -4.45
N ALA G 92 16.60 40.43 -4.32
CA ALA G 92 15.19 40.62 -4.60
C ALA G 92 14.56 41.41 -3.46
N SER G 93 13.56 42.23 -3.76
CA SER G 93 12.90 43.01 -2.72
C SER G 93 11.85 42.19 -1.96
N THR G 94 12.21 41.79 -0.74
CA THR G 94 11.32 41.04 0.14
C THR G 94 11.22 41.73 1.49
N LEU G 95 10.33 41.22 2.35
CA LEU G 95 10.17 41.77 3.69
C LEU G 95 11.45 41.61 4.53
N SER G 96 12.30 40.65 4.13
CA SER G 96 13.53 40.36 4.86
C SER G 96 14.79 41.02 4.29
N THR G 97 14.71 41.53 3.06
CA THR G 97 15.87 42.12 2.43
C THR G 97 15.74 43.64 2.31
N SER G 98 14.50 44.13 2.38
CA SER G 98 14.25 45.55 2.13
C SER G 98 14.13 46.32 3.43
N GLU G 99 14.44 47.62 3.36
CA GLU G 99 14.58 48.46 4.54
C GLU G 99 13.68 49.67 4.39
N MET G 100 12.84 49.94 5.39
CA MET G 100 11.96 51.11 5.31
C MET G 100 12.80 52.37 5.52
N ILE G 101 12.52 53.39 4.72
CA ILE G 101 13.23 54.67 4.85
C ILE G 101 12.30 55.76 5.38
N LEU G 102 11.31 56.14 4.56
CA LEU G 102 10.31 57.14 4.93
C LEU G 102 9.01 56.88 4.15
N PRO G 103 7.87 57.32 4.70
CA PRO G 103 6.63 57.34 3.92
C PRO G 103 6.79 58.34 2.79
N GLY G 104 6.25 58.04 1.61
CA GLY G 104 6.45 58.91 0.45
C GLY G 104 5.71 58.48 -0.80
N ARG G 105 5.47 59.44 -1.70
CA ARG G 105 4.73 59.19 -2.92
C ARG G 105 5.68 59.30 -4.11
N SER G 106 6.66 60.17 -3.95
CA SER G 106 7.77 60.28 -4.89
C SER G 106 9.00 60.62 -4.08
N SER G 107 10.19 60.38 -4.64
CA SER G 107 11.39 60.53 -3.85
C SER G 107 12.65 60.82 -4.67
N SER G 108 13.72 61.14 -3.96
CA SER G 108 15.06 61.23 -4.53
C SER G 108 16.06 60.96 -3.41
N ALA G 109 17.19 60.35 -3.76
CA ALA G 109 18.21 60.04 -2.78
C ALA G 109 19.60 60.16 -3.39
N CYS G 110 20.57 60.55 -2.57
CA CYS G 110 21.95 60.69 -3.03
C CYS G 110 22.94 60.62 -1.87
N PHE G 111 24.13 60.12 -2.16
CA PHE G 111 25.18 59.93 -1.17
C PHE G 111 26.32 60.93 -1.44
N ASP G 112 26.68 61.71 -0.42
CA ASP G 112 27.63 62.81 -0.60
C ASP G 112 29.08 62.41 -0.34
N GLY G 113 29.29 61.19 0.15
CA GLY G 113 30.62 60.70 0.47
C GLY G 113 30.71 60.26 1.91
N LEU G 114 29.78 60.74 2.72
CA LEU G 114 29.71 60.38 4.14
C LEU G 114 28.35 59.79 4.49
N LYS G 115 27.29 60.50 4.13
CA LYS G 115 25.94 60.07 4.46
C LYS G 115 24.97 60.16 3.29
N TRP G 116 23.83 59.48 3.45
CA TRP G 116 22.77 59.52 2.47
C TRP G 116 21.84 60.71 2.71
N THR G 117 21.49 61.39 1.62
CA THR G 117 20.47 62.42 1.65
C THR G 117 19.28 61.80 0.94
N VAL G 118 18.13 61.79 1.60
CA VAL G 118 16.92 61.20 1.04
C VAL G 118 15.81 62.22 1.10
N LEU G 119 15.10 62.40 -0.01
CA LEU G 119 13.95 63.30 -0.03
C LEU G 119 12.72 62.48 -0.35
N VAL G 120 11.62 62.76 0.33
CA VAL G 120 10.36 62.13 0.00
C VAL G 120 9.31 63.22 -0.07
N ALA G 121 8.32 63.04 -0.94
CA ALA G 121 7.27 64.02 -1.06
C ALA G 121 5.99 63.37 -0.58
N ASN G 122 5.27 64.09 0.28
CA ASN G 122 4.02 63.62 0.83
C ASN G 122 2.94 64.68 0.75
N GLY G 123 1.70 64.23 0.71
CA GLY G 123 0.57 65.14 0.67
C GLY G 123 0.14 65.39 -0.75
N ARG G 124 -1.12 65.72 -0.93
CA ARG G 124 -1.63 66.15 -2.22
C ARG G 124 -2.07 67.58 -1.95
N ASP G 125 -2.43 68.32 -3.00
CA ASP G 125 -2.94 69.68 -2.79
C ASP G 125 -2.02 70.57 -1.95
N ARG G 126 -2.62 71.49 -1.18
CA ARG G 126 -1.84 72.50 -0.47
C ARG G 126 -1.11 71.96 0.76
N ASN G 127 -1.61 70.85 1.31
CA ASN G 127 -0.96 70.22 2.46
C ASN G 127 0.31 69.45 2.06
N SER G 128 0.57 69.36 0.76
CA SER G 128 1.77 68.70 0.27
C SER G 128 3.03 69.37 0.80
N PHE G 129 4.01 68.56 1.19
CA PHE G 129 5.30 69.06 1.66
C PHE G 129 6.38 68.00 1.44
N ILE G 130 7.63 68.38 1.64
CA ILE G 130 8.76 67.48 1.43
C ILE G 130 9.60 67.28 2.69
N MET G 131 9.96 66.03 2.97
CA MET G 131 10.86 65.71 4.07
C MET G 131 12.25 65.39 3.55
N ILE G 132 13.27 65.85 4.27
CA ILE G 132 14.65 65.55 3.94
C ILE G 132 15.29 64.79 5.11
N LYS G 133 15.91 63.65 4.81
CA LYS G 133 16.57 62.86 5.83
C LYS G 133 18.06 62.82 5.50
N TYR G 134 18.90 62.99 6.53
CA TYR G 134 20.34 62.97 6.34
C TYR G 134 21.01 62.05 7.35
N GLY G 135 21.40 60.87 6.86
CA GLY G 135 21.98 59.83 7.69
C GLY G 135 21.15 59.53 8.92
N GLU G 136 20.00 58.89 8.71
CA GLU G 136 19.17 58.36 9.79
C GLU G 136 18.32 59.37 10.57
N GLU G 137 18.59 60.66 10.38
CA GLU G 137 17.78 61.68 11.04
C GLU G 137 17.18 62.70 10.05
N VAL G 138 15.93 63.08 10.31
CA VAL G 138 15.21 64.05 9.49
C VAL G 138 15.66 65.47 9.84
N THR G 139 16.06 66.24 8.83
CA THR G 139 16.75 67.50 9.08
C THR G 139 15.98 68.76 8.67
N ASP G 140 15.17 68.67 7.61
CA ASP G 140 14.44 69.86 7.17
C ASP G 140 13.17 69.49 6.39
N THR G 141 12.26 70.46 6.32
CA THR G 141 11.01 70.29 5.59
C THR G 141 10.67 71.61 4.92
N PHE G 142 9.89 71.55 3.85
CA PHE G 142 9.33 72.74 3.24
C PHE G 142 8.03 72.41 2.50
N SER G 143 7.15 73.39 2.40
CA SER G 143 5.79 73.14 1.93
C SER G 143 5.60 73.59 0.49
N ALA G 144 4.45 73.23 -0.08
CA ALA G 144 4.10 73.67 -1.42
C ALA G 144 3.98 75.18 -1.46
N SER G 145 4.49 75.79 -2.52
CA SER G 145 4.45 77.24 -2.64
C SER G 145 3.43 77.64 -3.71
N ARG G 146 3.13 76.70 -4.61
CA ARG G 146 2.31 77.00 -5.77
C ARG G 146 1.04 76.17 -5.84
N GLY G 147 0.48 75.85 -4.67
CA GLY G 147 -0.83 75.22 -4.59
C GLY G 147 -0.86 73.71 -4.83
N GLY G 148 -0.33 73.29 -5.97
CA GLY G 148 -0.34 71.90 -6.38
C GLY G 148 0.53 70.98 -5.55
N PRO G 149 0.54 69.69 -5.90
CA PRO G 149 1.33 68.70 -5.18
C PRO G 149 2.83 68.85 -5.45
N LEU G 150 3.66 68.64 -4.43
CA LEU G 150 5.11 68.61 -4.63
C LEU G 150 5.50 67.26 -5.23
N ARG G 151 6.43 67.29 -6.17
CA ARG G 151 6.80 66.08 -6.89
C ARG G 151 8.31 65.95 -7.03
N LEU G 152 8.82 64.78 -6.67
CA LEU G 152 10.23 64.48 -6.85
C LEU G 152 10.39 63.61 -8.09
N PRO G 153 11.58 63.62 -8.70
CA PRO G 153 11.74 63.06 -10.04
C PRO G 153 11.88 61.54 -10.04
N ASN G 154 11.93 60.93 -8.86
CA ASN G 154 12.13 59.49 -8.73
C ASN G 154 13.42 59.06 -9.40
N SER G 155 14.50 59.75 -9.08
CA SER G 155 15.82 59.43 -9.62
C SER G 155 16.89 59.97 -8.70
N GLU G 156 18.10 59.41 -8.83
CA GLU G 156 19.27 59.85 -8.07
C GLU G 156 19.45 61.36 -8.16
N CYS G 157 19.62 62.03 -7.03
CA CYS G 157 20.04 63.42 -7.03
C CYS G 157 21.56 63.46 -7.11
N ILE G 158 22.14 64.64 -7.27
CA ILE G 158 23.57 64.77 -7.53
C ILE G 158 24.31 65.54 -6.45
N CYS G 159 25.35 64.92 -5.89
CA CYS G 159 26.16 65.56 -4.85
C CYS G 159 27.54 65.95 -5.40
N ILE G 160 27.92 67.22 -5.20
CA ILE G 160 29.23 67.73 -5.58
C ILE G 160 29.84 68.58 -4.48
N GLU G 161 31.05 68.20 -4.05
CA GLU G 161 31.79 68.92 -3.02
C GLU G 161 30.97 69.12 -1.75
N GLY G 162 30.19 68.10 -1.39
CA GLY G 162 29.41 68.12 -0.17
C GLY G 162 28.03 68.74 -0.37
N SER G 163 27.80 69.26 -1.57
CA SER G 163 26.52 69.90 -1.91
C SER G 163 25.67 69.05 -2.85
N CYS G 164 24.41 68.82 -2.49
CA CYS G 164 23.51 67.98 -3.26
C CYS G 164 22.40 68.78 -3.94
N PHE G 165 22.06 68.39 -5.18
CA PHE G 165 21.07 69.12 -5.96
C PHE G 165 19.92 68.23 -6.44
N VAL G 166 18.70 68.75 -6.40
CA VAL G 166 17.51 68.01 -6.80
C VAL G 166 16.47 68.99 -7.32
N ILE G 167 15.70 68.56 -8.32
CA ILE G 167 14.66 69.42 -8.89
C ILE G 167 13.30 69.06 -8.31
N VAL G 168 12.62 70.07 -7.76
CA VAL G 168 11.33 69.85 -7.14
C VAL G 168 10.28 70.49 -8.03
N SER G 169 9.20 69.75 -8.29
CA SER G 169 8.13 70.26 -9.14
C SER G 169 6.90 70.54 -8.29
N ASP G 170 6.16 71.56 -8.68
CA ASP G 170 4.98 72.01 -7.94
C ASP G 170 3.98 72.54 -8.96
N GLY G 171 2.73 72.72 -8.53
CA GLY G 171 1.67 73.15 -9.42
C GLY G 171 0.74 72.00 -9.74
N PRO G 172 -0.58 72.25 -9.72
CA PRO G 172 -1.61 71.24 -9.89
C PRO G 172 -1.85 70.87 -11.36
N ASN G 173 -1.29 71.64 -12.28
CA ASN G 173 -1.52 71.36 -13.69
C ASN G 173 -0.22 71.35 -14.50
N VAL G 174 -0.15 70.45 -15.49
CA VAL G 174 1.04 70.32 -16.33
C VAL G 174 1.21 71.51 -17.27
N ASN G 175 0.11 72.16 -17.60
CA ASN G 175 0.13 73.32 -18.49
C ASN G 175 0.52 74.61 -17.77
N GLN G 176 0.66 74.53 -16.45
CA GLN G 176 1.19 75.62 -15.64
C GLN G 176 1.94 75.09 -14.42
N SER G 177 3.03 74.38 -14.67
CA SER G 177 3.85 73.82 -13.60
C SER G 177 5.09 74.68 -13.33
N VAL G 178 5.61 74.61 -12.11
CA VAL G 178 6.86 75.30 -11.77
C VAL G 178 7.93 74.31 -11.32
N HIS G 179 9.19 74.66 -11.53
CA HIS G 179 10.29 73.77 -11.20
C HIS G 179 11.45 74.55 -10.58
N ARG G 180 12.02 74.00 -9.52
CA ARG G 180 13.08 74.68 -8.79
C ARG G 180 14.24 73.73 -8.56
N ILE G 181 15.46 74.28 -8.58
CA ILE G 181 16.63 73.52 -8.14
C ILE G 181 16.90 73.85 -6.68
N TYR G 182 16.92 72.82 -5.84
CA TYR G 182 17.27 73.00 -4.43
C TYR G 182 18.71 72.57 -4.20
N GLU G 183 19.44 73.38 -3.46
CA GLU G 183 20.82 73.05 -3.09
C GLU G 183 20.85 72.69 -1.62
N LEU G 184 21.41 71.53 -1.32
CA LEU G 184 21.43 71.02 0.05
C LEU G 184 22.84 70.81 0.58
N GLN G 185 22.98 70.91 1.89
CA GLN G 185 24.23 70.62 2.58
C GLN G 185 23.89 70.02 3.92
N ASN G 186 24.40 68.82 4.18
CA ASN G 186 24.12 68.08 5.42
C ASN G 186 22.63 67.96 5.74
N GLY G 187 21.82 67.78 4.70
CA GLY G 187 20.39 67.61 4.84
C GLY G 187 19.65 68.89 5.21
N THR G 188 20.31 70.02 5.05
CA THR G 188 19.70 71.31 5.37
C THR G 188 19.71 72.17 4.12
N VAL G 189 18.57 72.77 3.81
CA VAL G 189 18.42 73.62 2.64
C VAL G 189 19.29 74.87 2.74
N GLN G 190 20.17 75.08 1.76
CA GLN G 190 20.97 76.30 1.70
C GLN G 190 20.26 77.35 0.87
N ARG G 191 19.87 76.99 -0.34
CA ARG G 191 19.12 77.89 -1.19
C ARG G 191 18.45 77.15 -2.34
N TRP G 192 17.53 77.84 -3.01
CA TRP G 192 16.82 77.28 -4.14
C TRP G 192 16.70 78.32 -5.24
N LYS G 193 16.53 77.87 -6.48
CA LYS G 193 16.45 78.79 -7.60
C LYS G 193 15.36 78.30 -8.52
N GLN G 194 14.38 79.15 -8.80
CA GLN G 194 13.32 78.78 -9.73
C GLN G 194 13.80 79.01 -11.14
N LEU G 195 13.55 78.02 -11.99
CA LEU G 195 13.94 78.09 -13.38
C LEU G 195 12.82 78.76 -14.15
N ASN G 196 13.18 79.50 -15.18
CA ASN G 196 12.20 79.99 -16.13
C ASN G 196 11.87 78.83 -17.08
N THR G 197 10.80 78.12 -16.76
CA THR G 197 10.39 76.93 -17.51
C THR G 197 9.08 77.20 -18.23
N THR G 198 8.75 78.48 -18.37
CA THR G 198 7.52 78.92 -19.01
C THR G 198 7.41 78.45 -20.47
N GLY G 199 6.27 77.88 -20.83
CA GLY G 199 6.03 77.37 -22.16
C GLY G 199 6.16 75.87 -22.27
N ILE G 200 6.85 75.25 -21.32
CA ILE G 200 7.05 73.80 -21.33
C ILE G 200 6.69 73.17 -19.98
N ASN G 201 6.89 71.86 -19.89
CA ASN G 201 6.73 71.11 -18.65
C ASN G 201 7.94 70.20 -18.48
N PHE G 202 8.49 70.13 -17.26
CA PHE G 202 9.76 69.45 -17.02
C PHE G 202 9.70 68.49 -15.83
N GLU G 203 9.04 67.35 -16.02
CA GLU G 203 8.89 66.36 -14.95
C GLU G 203 9.94 65.25 -15.00
N TYR G 204 9.98 64.46 -13.93
CA TYR G 204 10.79 63.23 -13.85
C TYR G 204 12.28 63.41 -14.21
N SER G 205 12.91 64.45 -13.69
CA SER G 205 14.32 64.69 -13.98
C SER G 205 15.20 63.49 -13.60
N THR G 206 16.03 63.06 -14.53
CA THR G 206 17.09 62.10 -14.23
C THR G 206 18.40 62.74 -14.69
N CYS G 207 19.39 62.75 -13.81
CA CYS G 207 20.54 63.63 -14.00
C CYS G 207 21.87 62.91 -13.88
N TYR G 208 22.91 63.57 -14.39
CA TYR G 208 24.28 63.12 -14.19
C TYR G 208 25.21 64.32 -14.09
N THR G 209 26.40 64.10 -13.55
CA THR G 209 27.35 65.20 -13.38
C THR G 209 28.66 64.97 -14.12
N ILE G 210 29.21 66.06 -14.65
CA ILE G 210 30.55 66.04 -15.21
C ILE G 210 31.20 67.42 -15.03
N ASN G 211 32.42 67.40 -14.49
CA ASN G 211 33.24 68.58 -14.19
C ASN G 211 32.42 69.80 -13.73
N ASN G 212 31.76 69.64 -12.59
CA ASN G 212 30.96 70.70 -11.95
C ASN G 212 29.76 71.16 -12.80
N LEU G 213 29.30 70.31 -13.71
CA LEU G 213 28.08 70.56 -14.46
C LEU G 213 27.09 69.46 -14.15
N ILE G 214 25.82 69.83 -14.00
CA ILE G 214 24.76 68.84 -13.86
C ILE G 214 23.88 68.89 -15.09
N LYS G 215 23.60 67.72 -15.66
CA LYS G 215 22.78 67.63 -16.84
C LYS G 215 21.60 66.74 -16.55
N CYS G 216 20.40 67.25 -16.82
CA CYS G 216 19.18 66.51 -16.53
C CYS G 216 18.34 66.38 -17.78
N THR G 217 17.70 65.23 -17.93
CA THR G 217 16.73 65.02 -18.98
C THR G 217 15.38 65.03 -18.29
N GLY G 218 14.45 65.81 -18.83
CA GLY G 218 13.13 65.93 -18.23
C GLY G 218 12.10 65.24 -19.09
N THR G 219 10.84 65.30 -18.68
CA THR G 219 9.75 64.74 -19.45
C THR G 219 8.66 65.79 -19.55
N ASN G 220 8.19 66.05 -20.76
CA ASN G 220 7.10 66.98 -20.96
C ASN G 220 5.80 66.19 -21.11
N LEU G 221 4.93 66.31 -20.12
CA LEU G 221 3.65 65.59 -20.11
C LEU G 221 2.55 66.39 -20.78
N TRP G 222 2.90 67.57 -21.28
CA TRP G 222 1.93 68.56 -21.75
C TRP G 222 1.88 68.72 -23.26
N ASN G 223 2.97 69.22 -23.83
CA ASN G 223 2.96 69.70 -25.20
C ASN G 223 4.23 69.37 -26.00
N ASP G 224 4.95 68.33 -25.61
CA ASP G 224 6.19 67.99 -26.28
C ASP G 224 6.50 66.50 -26.21
N ALA G 225 6.84 65.91 -27.36
CA ALA G 225 7.23 64.51 -27.42
C ALA G 225 8.74 64.42 -27.47
N LYS G 226 9.40 65.58 -27.55
CA LYS G 226 10.83 65.65 -27.33
C LYS G 226 11.10 65.81 -25.85
N ARG G 227 12.30 65.48 -25.42
CA ARG G 227 12.66 65.63 -24.03
C ARG G 227 13.45 66.91 -23.81
N PRO G 228 12.94 67.78 -22.94
CA PRO G 228 13.64 69.01 -22.54
C PRO G 228 14.89 68.67 -21.75
N LEU G 229 15.92 69.49 -21.90
CA LEU G 229 17.22 69.25 -21.27
C LEU G 229 17.60 70.38 -20.33
N LEU G 230 18.31 70.04 -19.26
CA LEU G 230 18.77 71.05 -18.31
C LEU G 230 20.27 70.94 -18.04
N ARG G 231 20.95 72.08 -18.02
CA ARG G 231 22.36 72.15 -17.67
C ARG G 231 22.53 73.25 -16.64
N PHE G 232 23.20 72.96 -15.53
CA PHE G 232 23.49 73.99 -14.54
C PHE G 232 24.77 73.75 -13.74
N THR G 233 25.22 74.82 -13.07
CA THR G 233 26.45 74.79 -12.29
C THR G 233 26.11 74.95 -10.81
N LYS G 234 27.13 74.86 -9.96
CA LYS G 234 26.96 75.01 -8.52
C LYS G 234 26.40 76.38 -8.11
N GLU G 235 26.61 77.38 -8.95
CA GLU G 235 26.15 78.74 -8.64
C GLU G 235 24.74 78.95 -9.18
N LEU G 236 24.11 77.85 -9.59
CA LEU G 236 22.73 77.84 -10.08
C LEU G 236 22.50 78.64 -11.37
N ASN G 237 23.57 78.81 -12.16
CA ASN G 237 23.43 79.32 -13.50
C ASN G 237 22.97 78.18 -14.39
N TYR G 238 21.90 78.40 -15.15
CA TYR G 238 21.29 77.32 -15.91
C TYR G 238 20.92 77.71 -17.34
N GLN G 239 20.65 76.70 -18.15
CA GLN G 239 20.19 76.89 -19.52
C GLN G 239 19.28 75.72 -19.85
N ILE G 240 18.13 76.01 -20.44
CA ILE G 240 17.21 74.95 -20.84
C ILE G 240 17.26 74.81 -22.35
N VAL G 241 17.43 73.58 -22.83
CA VAL G 241 17.72 73.31 -24.23
C VAL G 241 16.70 72.36 -24.85
N GLU G 242 16.36 72.59 -26.11
CA GLU G 242 15.50 71.68 -26.86
C GLU G 242 16.37 70.97 -27.87
N PRO G 243 16.21 69.65 -27.97
CA PRO G 243 16.98 68.88 -28.95
C PRO G 243 16.65 69.32 -30.37
N CYS G 244 17.67 69.52 -31.19
CA CYS G 244 17.47 70.03 -32.54
C CYS G 244 17.37 68.85 -33.51
N ASN G 245 17.12 67.67 -32.95
CA ASN G 245 16.91 66.44 -33.70
C ASN G 245 15.62 66.47 -34.48
N GLY G 246 15.37 65.40 -35.24
CA GLY G 246 14.08 65.18 -35.86
C GLY G 246 13.41 63.91 -35.35
N ALA G 247 14.03 63.30 -34.33
CA ALA G 247 13.56 62.02 -33.80
C ALA G 247 13.16 62.14 -32.34
N PRO G 248 11.85 62.23 -32.09
CA PRO G 248 11.31 62.35 -30.73
C PRO G 248 11.63 61.09 -29.94
N THR G 249 11.89 61.20 -28.64
CA THR G 249 12.27 60.03 -27.85
C THR G 249 11.29 59.69 -26.72
N ASP G 250 10.31 60.55 -26.46
CA ASP G 250 9.32 60.28 -25.43
C ASP G 250 8.30 59.24 -25.88
N PHE G 251 7.51 58.74 -24.94
CA PHE G 251 6.35 57.91 -25.25
C PHE G 251 5.15 58.46 -24.47
N PRO G 252 4.03 58.74 -25.17
CA PRO G 252 3.82 58.52 -26.61
C PRO G 252 4.50 59.57 -27.48
N ARG G 253 4.52 59.35 -28.79
CA ARG G 253 5.10 60.28 -29.74
C ARG G 253 4.62 59.95 -31.15
N GLY G 254 4.84 60.87 -32.08
CA GLY G 254 4.52 60.65 -33.48
C GLY G 254 5.69 60.05 -34.24
N GLY G 255 5.62 60.11 -35.56
CA GLY G 255 6.67 59.56 -36.41
C GLY G 255 7.84 60.51 -36.61
N LEU G 256 8.76 60.13 -37.49
CA LEU G 256 9.94 60.95 -37.79
C LEU G 256 9.56 62.30 -38.41
N THR G 257 10.37 63.32 -38.13
CA THR G 257 10.14 64.67 -38.66
C THR G 257 11.44 65.25 -39.22
N THR G 258 11.32 66.44 -39.82
CA THR G 258 12.48 67.19 -40.26
C THR G 258 13.19 67.75 -39.04
N PRO G 259 14.50 67.51 -38.94
CA PRO G 259 15.33 68.02 -37.83
C PRO G 259 15.19 69.53 -37.67
N SER G 260 14.89 69.97 -36.46
CA SER G 260 14.76 71.39 -36.14
C SER G 260 14.79 71.55 -34.63
N CYS G 261 14.97 72.78 -34.16
CA CYS G 261 14.97 73.05 -32.73
C CYS G 261 13.55 73.31 -32.24
N LYS G 262 12.57 72.92 -33.04
CA LYS G 262 11.18 73.11 -32.66
C LYS G 262 10.63 71.87 -31.96
N MET G 263 9.77 72.11 -30.99
CA MET G 263 9.12 71.04 -30.23
C MET G 263 8.15 70.25 -31.09
N ALA G 264 8.02 68.96 -30.80
CA ALA G 264 7.06 68.11 -31.50
C ALA G 264 5.75 67.96 -30.71
N GLN G 265 4.72 68.71 -31.11
CA GLN G 265 3.47 68.71 -30.36
C GLN G 265 2.61 67.48 -30.70
N GLU G 266 2.96 66.79 -31.77
CA GLU G 266 2.23 65.59 -32.17
C GLU G 266 2.36 64.56 -31.05
N LYS G 267 1.22 64.20 -30.46
CA LYS G 267 1.18 63.30 -29.30
C LYS G 267 2.09 63.79 -28.17
N GLY G 268 2.10 65.10 -27.96
CA GLY G 268 2.97 65.68 -26.94
C GLY G 268 2.49 65.45 -25.53
N GLU G 269 1.17 65.39 -25.34
CA GLU G 269 0.59 65.12 -24.04
C GLU G 269 0.99 63.75 -23.52
N GLY G 270 1.32 63.69 -22.24
CA GLY G 270 1.77 62.45 -21.63
C GLY G 270 3.28 62.34 -21.75
N GLY G 271 3.83 61.23 -21.27
CA GLY G 271 5.26 61.03 -21.29
C GLY G 271 5.65 59.96 -20.29
N ILE G 272 6.92 59.61 -20.28
CA ILE G 272 7.44 58.67 -19.31
C ILE G 272 8.87 59.09 -19.01
N GLN G 273 9.33 58.82 -17.80
CA GLN G 273 10.69 59.17 -17.41
C GLN G 273 11.67 58.50 -18.37
N GLY G 274 12.65 59.28 -18.83
CA GLY G 274 13.60 58.79 -19.81
C GLY G 274 14.83 59.68 -19.79
N PHE G 275 15.86 59.29 -20.54
CA PHE G 275 17.13 59.98 -20.45
C PHE G 275 17.75 60.31 -21.80
N ILE G 276 18.55 61.36 -21.81
CA ILE G 276 19.39 61.65 -22.97
C ILE G 276 20.77 62.04 -22.47
N LEU G 277 21.78 61.30 -22.95
CA LEU G 277 23.16 61.56 -22.59
C LEU G 277 23.73 62.60 -23.54
N ASP G 278 23.71 63.87 -23.12
CA ASP G 278 24.24 64.95 -23.96
C ASP G 278 25.72 65.24 -23.68
N GLU G 279 26.57 64.58 -24.47
CA GLU G 279 28.02 64.74 -24.41
C GLU G 279 28.56 65.03 -25.79
N LYS G 280 29.86 64.85 -26.01
CA LYS G 280 30.44 65.31 -27.26
C LYS G 280 30.19 64.39 -28.44
N PRO G 281 30.01 63.09 -28.18
CA PRO G 281 28.91 62.37 -28.84
C PRO G 281 27.75 62.19 -27.87
N ALA G 282 26.52 62.38 -28.34
CA ALA G 282 25.34 62.23 -27.48
C ALA G 282 24.72 60.84 -27.65
N TRP G 283 23.99 60.38 -26.64
CA TRP G 283 23.22 59.14 -26.76
C TRP G 283 21.74 59.39 -26.51
N THR G 284 20.91 58.87 -27.40
CA THR G 284 19.47 59.06 -27.30
C THR G 284 18.84 57.70 -26.99
N SER G 285 17.66 57.70 -26.38
CA SER G 285 17.01 56.44 -26.02
C SER G 285 15.49 56.52 -26.08
N LYS G 286 14.88 55.42 -26.49
CA LYS G 286 13.43 55.34 -26.67
C LYS G 286 13.01 53.90 -26.97
N THR G 287 11.70 53.66 -26.92
CA THR G 287 11.12 52.37 -27.34
C THR G 287 11.42 52.13 -28.81
N LYS G 288 11.28 50.88 -29.25
CA LYS G 288 11.58 50.51 -30.63
C LYS G 288 10.67 51.20 -31.64
N ALA G 289 9.37 51.20 -31.35
CA ALA G 289 8.39 51.82 -32.23
C ALA G 289 7.48 52.77 -31.46
N GLU G 290 6.82 53.67 -32.17
CA GLU G 290 5.97 54.68 -31.53
C GLU G 290 4.57 54.15 -31.31
N SER G 291 4.27 53.02 -31.93
CA SER G 291 2.94 52.43 -31.87
C SER G 291 2.77 51.65 -30.58
N SER G 292 3.89 51.27 -29.97
CA SER G 292 3.87 50.40 -28.81
C SER G 292 5.04 50.67 -27.87
N GLN G 293 4.85 50.32 -26.60
CA GLN G 293 5.86 50.57 -25.57
C GLN G 293 6.77 49.35 -25.43
N ASN G 294 7.10 48.73 -26.56
CA ASN G 294 7.94 47.53 -26.55
C ASN G 294 9.32 47.83 -27.06
N GLY G 295 10.32 47.14 -26.51
CA GLY G 295 11.69 47.27 -26.99
C GLY G 295 12.38 48.53 -26.49
N PHE G 296 13.66 48.67 -26.81
CA PHE G 296 14.44 49.81 -26.38
C PHE G 296 15.68 49.93 -27.24
N VAL G 297 15.85 51.09 -27.87
CA VAL G 297 16.99 51.30 -28.75
C VAL G 297 17.81 52.52 -28.31
N LEU G 298 19.13 52.35 -28.30
CA LEU G 298 20.05 53.43 -28.00
C LEU G 298 20.73 53.83 -29.30
N GLU G 299 20.73 55.13 -29.59
CA GLU G 299 21.35 55.60 -30.83
C GLU G 299 22.39 56.69 -30.53
N GLN G 300 23.55 56.58 -31.18
CA GLN G 300 24.62 57.55 -30.93
C GLN G 300 24.56 58.68 -31.95
N ILE G 301 24.77 59.90 -31.47
CA ILE G 301 24.79 61.08 -32.32
C ILE G 301 26.09 61.83 -32.08
N PRO G 302 27.08 61.58 -32.96
CA PRO G 302 28.47 62.08 -32.86
C PRO G 302 28.58 63.59 -32.68
N ASN G 303 27.76 64.36 -33.37
CA ASN G 303 27.87 65.82 -33.30
C ASN G 303 27.13 66.47 -32.13
N GLY G 304 26.60 65.65 -31.23
CA GLY G 304 25.88 66.17 -30.07
C GLY G 304 24.41 66.29 -30.39
N ILE G 305 23.59 66.55 -29.38
CA ILE G 305 22.13 66.58 -29.58
C ILE G 305 21.58 67.96 -29.97
N GLU G 306 22.43 68.99 -29.95
CA GLU G 306 22.02 70.30 -30.45
C GLU G 306 22.38 70.44 -31.92
N SER G 307 22.86 69.33 -32.49
CA SER G 307 23.12 69.26 -33.92
C SER G 307 21.88 68.64 -34.53
N GLU G 308 21.94 68.30 -35.81
CA GLU G 308 20.93 67.45 -36.39
C GLU G 308 21.26 66.04 -35.91
N GLY G 309 20.25 65.18 -35.81
CA GLY G 309 20.41 63.88 -35.21
C GLY G 309 20.95 62.83 -36.16
N THR G 310 22.24 62.90 -36.47
CA THR G 310 22.85 61.96 -37.41
C THR G 310 23.39 60.75 -36.67
N VAL G 311 22.80 59.58 -36.94
CA VAL G 311 23.11 58.37 -36.18
C VAL G 311 24.28 57.59 -36.76
N SER G 312 25.24 57.26 -35.90
CA SER G 312 26.39 56.44 -36.27
C SER G 312 26.20 55.02 -35.75
N LEU G 313 25.78 54.93 -34.49
CA LEU G 313 25.56 53.64 -33.84
C LEU G 313 24.12 53.51 -33.37
N SER G 314 23.54 52.33 -33.59
CA SER G 314 22.17 52.05 -33.18
C SER G 314 22.08 50.64 -32.58
N TYR G 315 21.82 50.57 -31.28
CA TYR G 315 21.69 49.27 -30.62
C TYR G 315 20.25 49.00 -30.24
N GLU G 316 19.74 47.83 -30.64
CA GLU G 316 18.41 47.40 -30.24
C GLU G 316 18.56 46.46 -29.04
N LEU G 317 18.52 47.03 -27.84
CA LEU G 317 18.73 46.25 -26.62
C LEU G 317 17.54 45.35 -26.34
N PHE G 318 16.34 45.84 -26.67
CA PHE G 318 15.15 45.03 -26.52
C PHE G 318 14.29 45.21 -27.78
N SER G 319 13.57 44.16 -28.15
CA SER G 319 12.67 44.22 -29.29
C SER G 319 11.21 44.06 -28.86
N ASN G 320 10.92 42.97 -28.16
CA ASN G 320 9.56 42.66 -27.75
C ASN G 320 9.25 42.99 -26.29
N LYS G 321 10.29 43.04 -25.45
CA LYS G 321 10.10 43.33 -24.04
C LYS G 321 9.37 44.64 -23.85
N ARG G 322 8.35 44.62 -23.00
CA ARG G 322 7.64 45.84 -22.68
C ARG G 322 8.53 46.66 -21.77
N THR G 323 8.68 47.95 -22.09
CA THR G 323 9.65 48.81 -21.47
C THR G 323 8.92 49.95 -20.76
N GLY G 324 9.50 50.44 -19.67
CA GLY G 324 8.89 51.53 -18.94
C GLY G 324 9.88 52.65 -18.68
N ARG G 325 9.94 53.09 -17.43
CA ARG G 325 10.83 54.18 -17.05
C ARG G 325 12.31 53.80 -17.20
N SER G 326 13.14 54.82 -17.41
CA SER G 326 14.59 54.67 -17.47
C SER G 326 15.24 55.94 -16.93
N GLY G 327 16.47 55.82 -16.42
CA GLY G 327 17.15 56.98 -15.87
C GLY G 327 18.62 56.72 -15.53
N PHE G 328 19.34 57.80 -15.26
CA PHE G 328 20.77 57.71 -15.02
C PHE G 328 21.09 57.31 -13.58
N PHE G 329 22.24 56.70 -13.40
CA PHE G 329 22.90 56.65 -12.10
C PHE G 329 24.40 56.54 -12.32
N GLN G 330 25.19 57.11 -11.41
CA GLN G 330 26.64 57.00 -11.54
C GLN G 330 27.16 56.19 -10.39
N PRO G 331 27.93 55.15 -10.70
CA PRO G 331 28.58 54.34 -9.66
C PRO G 331 29.68 55.14 -8.99
N LYS G 332 29.73 55.13 -7.66
CA LYS G 332 30.74 55.87 -6.93
C LYS G 332 31.78 54.92 -6.37
N GLY G 333 32.64 54.43 -7.25
CA GLY G 333 33.68 53.50 -6.85
C GLY G 333 34.70 53.39 -7.97
N ASP G 334 34.56 52.34 -8.77
CA ASP G 334 35.39 52.10 -9.96
C ASP G 334 36.88 52.36 -9.72
N LEU G 335 37.57 51.38 -9.17
CA LEU G 335 38.99 51.51 -8.89
C LEU G 335 39.84 50.93 -10.01
N ILE G 336 39.22 50.63 -11.15
CA ILE G 336 39.93 50.05 -12.29
C ILE G 336 39.99 51.02 -13.47
N SER G 337 38.97 51.86 -13.63
CA SER G 337 38.97 52.89 -14.67
C SER G 337 39.13 54.27 -14.05
N GLY G 338 39.92 55.13 -14.69
CA GLY G 338 40.15 56.47 -14.16
C GLY G 338 39.29 57.62 -14.65
N CYS G 339 38.32 57.35 -15.52
CA CYS G 339 37.40 58.38 -16.02
C CYS G 339 35.98 58.15 -15.50
N GLN G 340 35.12 59.16 -15.66
CA GLN G 340 33.77 59.06 -15.11
C GLN G 340 32.86 58.17 -15.95
N ARG G 341 32.48 57.02 -15.38
CA ARG G 341 31.55 56.10 -16.04
C ARG G 341 30.11 56.54 -15.87
N ILE G 342 29.25 56.10 -16.79
CA ILE G 342 27.83 56.40 -16.71
C ILE G 342 27.05 55.10 -16.90
N CYS G 343 25.94 54.99 -16.18
CA CYS G 343 25.09 53.81 -16.27
C CYS G 343 23.66 54.28 -16.32
N PHE G 344 22.76 53.42 -16.78
CA PHE G 344 21.34 53.73 -16.69
C PHE G 344 20.55 52.53 -16.17
N TRP G 345 19.43 52.82 -15.52
CA TRP G 345 18.51 51.77 -15.09
C TRP G 345 17.31 51.83 -16.02
N LEU G 346 16.58 50.73 -16.11
CA LEU G 346 15.46 50.63 -17.04
C LEU G 346 14.43 49.65 -16.51
N GLU G 347 13.18 50.10 -16.45
CA GLU G 347 12.08 49.23 -16.04
C GLU G 347 11.76 48.29 -17.20
N ILE G 348 11.83 46.99 -16.95
CA ILE G 348 11.41 46.00 -17.93
C ILE G 348 10.39 45.08 -17.29
N GLU G 349 9.27 44.86 -17.98
CA GLU G 349 8.18 44.07 -17.44
C GLU G 349 8.45 42.57 -17.47
N ASP G 350 8.25 41.92 -16.33
CA ASP G 350 8.31 40.46 -16.27
C ASP G 350 6.99 39.93 -16.80
N GLN G 351 6.97 39.55 -18.08
CA GLN G 351 5.72 39.15 -18.74
C GLN G 351 5.16 37.83 -18.22
N THR G 352 5.96 37.08 -17.47
CA THR G 352 5.46 35.83 -16.88
C THR G 352 4.55 36.14 -15.71
N VAL G 353 4.61 37.37 -15.21
CA VAL G 353 3.73 37.82 -14.13
C VAL G 353 2.66 38.72 -14.71
N GLY G 354 1.40 38.33 -14.54
CA GLY G 354 0.29 39.08 -15.10
C GLY G 354 0.17 40.50 -14.58
N LEU G 355 -0.40 41.37 -15.39
CA LEU G 355 -0.79 42.73 -14.98
C LEU G 355 0.36 43.66 -14.60
N GLY G 356 1.58 43.33 -15.03
CA GLY G 356 2.73 44.18 -14.78
C GLY G 356 3.04 44.47 -13.32
N MET G 357 2.71 43.52 -12.44
CA MET G 357 2.98 43.68 -11.02
C MET G 357 4.48 43.68 -10.75
N ILE G 358 5.23 43.08 -11.67
CA ILE G 358 6.68 43.03 -11.53
C ILE G 358 7.38 43.79 -12.66
N GLN G 359 7.94 44.95 -12.32
CA GLN G 359 8.83 45.66 -13.21
C GLN G 359 10.24 45.45 -12.70
N GLU G 360 11.01 44.63 -13.40
CA GLU G 360 12.40 44.43 -13.01
C GLU G 360 13.17 45.72 -13.28
N LEU G 361 14.04 46.08 -12.34
CA LEU G 361 14.90 47.23 -12.54
C LEU G 361 16.22 46.74 -13.12
N SER G 362 16.30 46.68 -14.44
CA SER G 362 17.52 46.25 -15.10
C SER G 362 18.47 47.44 -15.18
N THR G 363 19.78 47.15 -15.27
CA THR G 363 20.78 48.21 -15.32
C THR G 363 21.76 47.98 -16.47
N PHE G 364 22.17 49.06 -17.12
CA PHE G 364 23.17 48.98 -18.18
C PHE G 364 24.30 49.97 -17.93
N CYS G 365 25.53 49.57 -18.26
CA CYS G 365 26.66 50.47 -18.16
C CYS G 365 27.35 50.65 -19.51
N GLY G 366 27.90 51.82 -19.73
CA GLY G 366 28.61 52.09 -20.96
C GLY G 366 29.99 51.47 -20.87
N ILE G 367 30.50 50.99 -21.99
CA ILE G 367 31.86 50.48 -22.05
C ILE G 367 32.57 51.17 -23.20
N ASN G 368 33.90 51.24 -23.13
CA ASN G 368 34.69 51.93 -24.13
C ASN G 368 34.79 51.12 -25.42
N SER G 369 34.33 49.88 -25.34
CA SER G 369 34.35 48.99 -26.49
C SER G 369 32.98 48.89 -27.16
N PRO G 370 32.97 48.75 -28.49
CA PRO G 370 31.74 48.43 -29.22
C PRO G 370 31.36 46.98 -28.92
N VAL G 371 30.09 46.64 -29.01
CA VAL G 371 29.64 45.30 -28.66
C VAL G 371 28.63 44.81 -29.70
N GLN G 372 28.41 43.51 -29.78
CA GLN G 372 27.45 42.95 -30.72
C GLN G 372 26.04 43.49 -30.45
N ASN G 373 25.24 43.60 -31.50
CA ASN G 373 23.87 44.08 -31.36
C ASN G 373 22.97 42.97 -30.86
N ILE G 374 23.15 42.61 -29.59
CA ILE G 374 22.39 41.51 -29.00
C ILE G 374 21.04 41.98 -28.48
N ASN G 375 20.02 41.14 -28.65
CA ASN G 375 18.68 41.38 -28.14
C ASN G 375 18.60 40.76 -26.75
N TRP G 376 18.21 41.54 -25.74
CA TRP G 376 18.14 41.02 -24.38
C TRP G 376 16.78 40.48 -23.93
N ASP G 377 15.90 40.17 -24.89
CA ASP G 377 14.64 39.51 -24.57
C ASP G 377 14.87 38.14 -23.92
N TYR H 13 28.57 55.07 27.54
CA TYR H 13 27.85 55.61 28.69
C TYR H 13 27.13 56.92 28.36
N TRP H 14 25.92 56.73 27.84
CA TRP H 14 25.07 57.79 27.29
C TRP H 14 24.62 58.80 28.34
N ARG H 15 24.66 60.09 27.97
CA ARG H 15 24.21 61.20 28.81
C ARG H 15 23.09 62.02 28.15
N ALA H 16 22.04 62.36 28.89
CA ALA H 16 21.03 63.28 28.36
C ALA H 16 21.56 64.71 28.28
N LYS H 17 21.25 65.41 27.18
CA LYS H 17 21.73 66.78 26.95
C LYS H 17 21.05 67.92 27.75
N SER H 18 21.55 69.13 27.55
CA SER H 18 21.18 70.30 28.36
C SER H 18 19.72 70.76 28.26
N GLN H 19 19.23 70.98 27.03
CA GLN H 19 17.85 71.42 26.85
C GLN H 19 17.11 70.66 25.76
N MET H 20 15.79 70.61 25.90
CA MET H 20 14.92 70.00 24.91
C MET H 20 14.95 70.84 23.63
N CYS H 21 14.91 70.17 22.48
CA CYS H 21 14.82 70.87 21.21
C CYS H 21 13.45 71.51 21.06
N GLU H 22 13.40 72.66 20.41
CA GLU H 22 12.12 73.29 20.13
C GLU H 22 11.33 72.41 19.17
N VAL H 23 10.07 72.13 19.51
CA VAL H 23 9.23 71.31 18.66
C VAL H 23 8.04 72.10 18.14
N LYS H 24 7.98 72.27 16.82
CA LYS H 24 6.88 73.01 16.20
C LYS H 24 6.08 72.07 15.31
N GLY H 25 6.55 70.83 15.18
CA GLY H 25 5.88 69.85 14.35
C GLY H 25 6.35 68.42 14.56
N TRP H 26 5.60 67.47 14.01
CA TRP H 26 5.93 66.07 14.14
C TRP H 26 5.83 65.43 12.76
N VAL H 27 6.90 64.73 12.36
CA VAL H 27 6.92 64.08 11.06
C VAL H 27 7.21 62.59 11.22
N PRO H 28 6.57 61.76 10.38
CA PRO H 28 6.71 60.31 10.52
C PRO H 28 8.08 59.85 10.06
N THR H 29 8.74 59.07 10.91
CA THR H 29 10.05 58.51 10.60
C THR H 29 9.89 57.07 10.15
N HIS H 30 8.78 56.46 10.58
CA HIS H 30 8.43 55.12 10.15
C HIS H 30 6.92 55.04 9.94
N ARG H 31 6.56 54.65 8.72
CA ARG H 31 5.16 54.54 8.32
C ARG H 31 5.15 53.73 7.05
N GLY H 32 4.57 52.53 7.11
CA GLY H 32 4.69 51.57 6.05
C GLY H 32 3.53 51.53 5.08
N PHE H 33 3.37 50.39 4.42
CA PHE H 33 2.35 50.20 3.40
C PHE H 33 1.43 49.06 3.80
N PRO H 34 0.22 48.99 3.22
CA PRO H 34 -0.76 47.96 3.60
C PRO H 34 -0.28 46.54 3.26
N TRP H 35 -0.40 45.63 4.22
CA TRP H 35 -0.01 44.25 4.01
C TRP H 35 -1.14 43.38 3.51
N GLY H 36 -2.23 44.03 3.12
CA GLY H 36 -3.25 43.41 2.30
C GLY H 36 -4.08 42.44 3.10
N PRO H 37 -5.10 41.86 2.47
CA PRO H 37 -5.95 40.83 3.08
C PRO H 37 -5.13 39.61 3.52
N GLU H 38 -4.33 39.06 2.61
CA GLU H 38 -3.57 37.84 2.90
C GLU H 38 -2.12 38.11 3.29
N LEU H 39 -1.64 37.42 4.32
CA LEU H 39 -0.27 37.57 4.80
C LEU H 39 0.58 36.36 4.42
N PRO H 40 1.90 36.56 4.25
CA PRO H 40 2.80 35.42 4.15
C PRO H 40 2.83 34.71 5.50
N GLY H 41 3.25 33.45 5.52
CA GLY H 41 3.13 32.63 6.71
C GLY H 41 4.13 32.85 7.83
N ASP H 42 5.25 33.48 7.52
CA ASP H 42 6.35 33.57 8.47
C ASP H 42 6.38 34.87 9.26
N LEU H 43 5.31 35.65 9.17
CA LEU H 43 5.24 36.88 9.95
C LEU H 43 4.91 36.54 11.38
N ILE H 44 5.54 37.27 12.31
CA ILE H 44 5.29 37.04 13.72
C ILE H 44 4.21 37.98 14.20
N LEU H 45 3.16 37.42 14.82
CA LEU H 45 2.09 38.23 15.35
C LEU H 45 2.55 38.75 16.71
N SER H 46 2.28 40.02 16.98
CA SER H 46 2.87 40.69 18.13
C SER H 46 1.87 41.58 18.85
N ARG H 47 2.25 41.99 20.06
CA ARG H 47 1.51 42.98 20.85
C ARG H 47 2.49 43.66 21.77
N ARG H 48 2.09 44.78 22.38
CA ARG H 48 2.95 45.50 23.31
C ARG H 48 4.30 45.87 22.73
N ALA H 49 4.31 46.33 21.48
CA ALA H 49 5.56 46.72 20.86
C ALA H 49 5.96 48.12 21.30
N TYR H 50 7.26 48.38 21.34
CA TYR H 50 7.79 49.70 21.65
C TYR H 50 9.14 49.84 20.97
N VAL H 51 9.73 51.02 21.01
CA VAL H 51 10.98 51.29 20.31
C VAL H 51 12.06 51.73 21.29
N SER H 52 13.28 51.23 21.10
CA SER H 52 14.44 51.66 21.87
C SER H 52 15.67 51.59 20.97
N CYS H 53 16.59 52.53 21.14
CA CYS H 53 17.72 52.67 20.22
C CYS H 53 19.05 52.45 20.93
N ASP H 54 20.04 51.96 20.18
CA ASP H 54 21.41 51.93 20.68
C ASP H 54 22.15 53.14 20.10
N LEU H 55 23.46 53.06 20.02
CA LEU H 55 24.26 54.17 19.53
C LEU H 55 24.13 54.38 18.01
N THR H 56 23.87 53.29 17.29
CA THR H 56 23.76 53.35 15.83
C THR H 56 22.31 53.27 15.33
N SER H 57 21.55 52.30 15.82
CA SER H 57 20.22 52.03 15.26
C SER H 57 19.13 51.84 16.32
N CYS H 58 17.89 51.82 15.87
CA CYS H 58 16.73 51.62 16.74
C CYS H 58 16.10 50.25 16.50
N PHE H 59 15.38 49.74 17.49
CA PHE H 59 14.82 48.39 17.37
C PHE H 59 13.37 48.35 17.87
N LYS H 60 12.59 47.43 17.30
CA LYS H 60 11.26 47.16 17.83
C LYS H 60 11.36 46.01 18.82
N PHE H 61 10.84 46.21 20.02
CA PHE H 61 10.76 45.15 21.01
C PHE H 61 9.28 44.82 21.15
N PHE H 62 8.95 43.54 21.16
CA PHE H 62 7.55 43.12 21.18
C PHE H 62 7.33 41.75 21.82
N ILE H 63 6.08 41.51 22.19
CA ILE H 63 5.67 40.24 22.73
C ILE H 63 5.04 39.41 21.62
N ALA H 64 5.70 38.31 21.25
CA ALA H 64 5.25 37.45 20.16
C ALA H 64 4.36 36.33 20.70
N TYR H 65 3.29 36.00 19.97
CA TYR H 65 2.33 34.99 20.43
C TYR H 65 1.93 34.00 19.32
N GLY H 66 2.31 34.28 18.08
CA GLY H 66 1.91 33.41 16.98
C GLY H 66 2.52 33.73 15.62
N LEU H 67 2.16 32.91 14.63
CA LEU H 67 2.63 33.07 13.25
C LEU H 67 1.47 33.47 12.35
N SER H 68 1.77 34.22 11.29
CA SER H 68 0.73 34.69 10.38
C SER H 68 0.09 33.57 9.57
N ALA H 69 0.79 32.44 9.46
CA ALA H 69 0.24 31.25 8.82
C ALA H 69 -1.04 30.78 9.52
N ASN H 70 -1.17 31.14 10.78
CA ASN H 70 -2.33 30.78 11.57
C ASN H 70 -3.21 31.99 11.86
N GLN H 71 -3.11 32.97 10.96
CA GLN H 71 -3.93 34.18 10.92
C GLN H 71 -5.38 33.89 11.32
N HIS H 72 -6.04 33.05 10.53
CA HIS H 72 -7.45 32.72 10.72
C HIS H 72 -7.75 31.59 11.72
N LEU H 73 -6.74 31.18 12.48
CA LEU H 73 -6.87 30.05 13.41
C LEU H 73 -6.51 30.43 14.85
N LEU H 74 -6.26 31.71 15.11
CA LEU H 74 -5.79 32.13 16.42
C LEU H 74 -6.80 32.93 17.23
N ASN H 75 -6.73 32.75 18.54
CA ASN H 75 -7.55 33.48 19.49
C ASN H 75 -7.21 34.95 19.47
N THR H 76 -8.21 35.80 19.71
CA THR H 76 -7.97 37.22 19.89
C THR H 76 -8.63 37.62 21.19
N SER H 77 -7.82 37.79 22.24
CA SER H 77 -6.36 37.73 22.13
C SER H 77 -5.82 36.44 22.73
N MET H 78 -4.52 36.18 22.52
CA MET H 78 -3.91 34.92 22.97
C MET H 78 -3.05 35.10 24.20
N GLU H 79 -3.50 34.54 25.33
CA GLU H 79 -2.72 34.62 26.56
C GLU H 79 -1.98 33.32 26.85
N TRP H 80 -1.27 32.78 25.86
CA TRP H 80 -0.53 31.56 26.11
C TRP H 80 0.94 31.86 26.36
N GLU H 81 1.79 31.09 25.68
CA GLU H 81 3.22 31.21 25.86
C GLU H 81 3.69 32.39 25.03
N GLU H 82 4.06 33.47 25.72
CA GLU H 82 4.45 34.68 25.03
C GLU H 82 5.93 34.88 25.21
N SER H 83 6.56 35.52 24.24
CA SER H 83 8.01 35.67 24.25
C SER H 83 8.40 37.03 23.70
N LEU H 84 9.40 37.64 24.32
CA LEU H 84 9.87 38.95 23.89
C LEU H 84 10.85 38.78 22.74
N TYR H 85 10.61 39.52 21.66
CA TYR H 85 11.43 39.46 20.47
C TYR H 85 11.88 40.87 20.12
N LYS H 86 12.92 40.97 19.30
CA LYS H 86 13.35 42.27 18.79
C LYS H 86 13.64 42.20 17.30
N THR H 87 13.35 43.30 16.61
CA THR H 87 13.50 43.41 15.16
C THR H 87 14.05 44.77 14.84
N PRO H 88 15.03 44.84 13.92
CA PRO H 88 15.51 46.15 13.48
C PRO H 88 14.36 46.99 12.95
N ILE H 89 14.21 48.23 13.43
CA ILE H 89 13.22 49.13 12.87
C ILE H 89 13.57 49.29 11.38
N GLY H 90 12.56 49.32 10.54
CA GLY H 90 12.81 49.34 9.10
C GLY H 90 12.67 47.96 8.50
N SER H 91 12.74 46.93 9.35
CA SER H 91 12.49 45.56 8.92
C SER H 91 11.15 45.05 9.46
N ALA H 92 10.47 44.22 8.67
CA ALA H 92 9.27 43.55 9.13
C ALA H 92 9.65 42.45 10.12
N SER H 93 8.80 42.18 11.11
CA SER H 93 9.09 41.14 12.08
C SER H 93 8.72 39.75 11.55
N THR H 94 9.75 39.00 11.14
CA THR H 94 9.58 37.66 10.60
C THR H 94 10.44 36.65 11.34
N LEU H 95 10.24 35.37 11.04
CA LEU H 95 11.03 34.29 11.64
C LEU H 95 12.51 34.39 11.26
N SER H 96 12.79 35.03 10.14
CA SER H 96 14.16 35.18 9.64
C SER H 96 14.78 36.54 10.00
N THR H 97 13.96 37.48 10.44
CA THR H 97 14.44 38.81 10.77
C THR H 97 14.39 39.10 12.26
N SER H 98 13.55 38.38 13.00
CA SER H 98 13.35 38.70 14.41
C SER H 98 14.17 37.80 15.30
N GLU H 99 14.49 38.29 16.50
CA GLU H 99 15.43 37.62 17.37
C GLU H 99 14.82 37.45 18.77
N MET H 100 14.82 36.22 19.28
CA MET H 100 14.30 35.97 20.62
C MET H 100 15.24 36.51 21.67
N ILE H 101 14.68 37.11 22.71
CA ILE H 101 15.44 37.63 23.83
C ILE H 101 15.16 36.80 25.08
N LEU H 102 13.91 36.86 25.55
CA LEU H 102 13.47 36.13 26.73
C LEU H 102 11.98 35.84 26.65
N PRO H 103 11.52 34.77 27.32
CA PRO H 103 10.08 34.58 27.48
C PRO H 103 9.54 35.70 28.35
N GLY H 104 8.34 36.18 28.09
CA GLY H 104 7.82 37.32 28.83
C GLY H 104 6.40 37.71 28.48
N ARG H 105 5.75 38.41 29.41
CA ARG H 105 4.36 38.80 29.25
C ARG H 105 4.29 40.31 29.12
N SER H 106 5.22 40.99 29.80
CA SER H 106 5.42 42.41 29.64
C SER H 106 6.93 42.65 29.79
N SER H 107 7.41 43.78 29.29
CA SER H 107 8.85 43.99 29.23
C SER H 107 9.29 45.44 29.22
N SER H 108 10.60 45.64 29.34
CA SER H 108 11.23 46.92 29.15
C SER H 108 12.66 46.67 28.72
N ALA H 109 13.21 47.56 27.91
CA ALA H 109 14.56 47.43 27.41
C ALA H 109 15.18 48.80 27.29
N CYS H 110 16.48 48.89 27.52
CA CYS H 110 17.20 50.15 27.45
C CYS H 110 18.68 49.89 27.23
N PHE H 111 19.34 50.81 26.53
CA PHE H 111 20.75 50.66 26.23
C PHE H 111 21.58 51.71 26.96
N ASP H 112 22.61 51.26 27.70
CA ASP H 112 23.39 52.16 28.54
C ASP H 112 24.61 52.77 27.86
N GLY H 113 24.94 52.28 26.66
CA GLY H 113 26.11 52.75 25.96
C GLY H 113 27.09 51.61 25.70
N LEU H 114 26.90 50.52 26.44
CA LEU H 114 27.74 49.34 26.33
C LEU H 114 26.94 48.10 25.97
N LYS H 115 25.94 47.78 26.79
CA LYS H 115 25.13 46.59 26.59
C LYS H 115 23.66 46.87 26.83
N TRP H 116 22.81 45.92 26.42
CA TRP H 116 21.38 46.06 26.64
C TRP H 116 20.99 45.59 28.03
N THR H 117 20.12 46.36 28.68
CA THR H 117 19.48 45.92 29.90
C THR H 117 18.05 45.62 29.48
N VAL H 118 17.63 44.39 29.68
CA VAL H 118 16.29 43.98 29.27
C VAL H 118 15.60 43.35 30.47
N LEU H 119 14.36 43.76 30.73
CA LEU H 119 13.57 43.21 31.82
C LEU H 119 12.31 42.56 31.26
N VAL H 120 11.93 41.42 31.81
CA VAL H 120 10.69 40.74 31.45
C VAL H 120 9.95 40.36 32.71
N ALA H 121 8.62 40.34 32.63
CA ALA H 121 7.80 39.94 33.76
C ALA H 121 7.13 38.66 33.35
N ASN H 122 7.17 37.66 34.23
CA ASN H 122 6.55 36.38 33.92
C ASN H 122 5.69 35.90 35.07
N GLY H 123 4.68 35.09 34.76
CA GLY H 123 3.82 34.51 35.77
C GLY H 123 2.57 35.35 35.97
N ARG H 124 1.50 34.70 36.43
CA ARG H 124 0.29 35.40 36.82
C ARG H 124 0.19 35.19 38.32
N ASP H 125 -0.72 35.90 38.99
CA ASP H 125 -0.91 35.77 40.44
C ASP H 125 0.42 35.92 41.19
N ARG H 126 0.58 35.19 42.29
CA ARG H 126 1.71 35.41 43.20
C ARG H 126 3.08 34.89 42.74
N ASN H 127 3.11 33.92 41.83
CA ASN H 127 4.38 33.41 41.32
C ASN H 127 5.10 34.38 40.38
N SER H 128 4.42 35.49 40.07
CA SER H 128 4.99 36.50 39.19
C SER H 128 6.35 36.97 39.71
N PHE H 129 7.29 37.14 38.79
CA PHE H 129 8.62 37.62 39.12
C PHE H 129 9.22 38.27 37.88
N ILE H 130 10.36 38.93 38.05
CA ILE H 130 10.98 39.61 36.92
C ILE H 130 12.41 39.08 36.69
N MET H 131 12.74 38.82 35.43
CA MET H 131 14.08 38.43 35.04
C MET H 131 14.78 39.64 34.46
N ILE H 132 16.06 39.80 34.78
CA ILE H 132 16.84 40.88 34.19
C ILE H 132 17.99 40.29 33.40
N LYS H 133 18.09 40.71 32.14
CA LYS H 133 19.14 40.22 31.25
C LYS H 133 20.02 41.40 30.90
N TYR H 134 21.33 41.17 30.91
CA TYR H 134 22.28 42.20 30.56
C TYR H 134 23.29 41.65 29.56
N GLY H 135 23.08 41.97 28.29
CA GLY H 135 23.93 41.47 27.21
C GLY H 135 24.17 39.98 27.27
N GLU H 136 23.17 39.21 26.86
CA GLU H 136 23.25 37.76 26.67
C GLU H 136 23.15 36.94 27.97
N GLU H 137 23.32 37.57 29.13
CA GLU H 137 23.23 36.85 30.40
C GLU H 137 22.21 37.41 31.40
N VAL H 138 21.56 36.51 32.13
CA VAL H 138 20.61 36.88 33.18
C VAL H 138 21.39 37.28 34.44
N THR H 139 21.09 38.46 34.98
CA THR H 139 21.91 39.05 36.04
C THR H 139 21.18 39.13 37.38
N ASP H 140 19.86 39.31 37.35
CA ASP H 140 19.09 39.44 38.57
C ASP H 140 17.63 39.04 38.41
N THR H 141 16.99 38.77 39.54
CA THR H 141 15.57 38.44 39.61
C THR H 141 15.00 39.06 40.86
N PHE H 142 13.68 39.30 40.84
CA PHE H 142 12.95 39.67 42.05
C PHE H 142 11.47 39.30 41.90
N SER H 143 10.81 39.01 43.01
CA SER H 143 9.46 38.48 42.98
C SER H 143 8.41 39.53 43.36
N ALA H 144 7.15 39.19 43.13
CA ALA H 144 6.03 40.05 43.51
C ALA H 144 5.96 40.24 45.03
N SER H 145 5.60 41.44 45.46
CA SER H 145 5.50 41.76 46.88
C SER H 145 4.02 41.83 47.30
N ARG H 146 3.13 42.07 46.34
CA ARG H 146 1.72 42.29 46.64
C ARG H 146 0.76 41.27 46.06
N GLY H 147 1.19 40.02 45.89
CA GLY H 147 0.26 38.99 45.49
C GLY H 147 -0.05 39.05 44.01
N GLY H 148 -0.47 40.21 43.53
CA GLY H 148 -0.85 40.38 42.14
C GLY H 148 0.34 40.25 41.21
N PRO H 149 0.10 40.30 39.90
CA PRO H 149 1.19 40.14 38.92
C PRO H 149 2.12 41.34 38.85
N LEU H 150 3.40 41.08 38.65
CA LEU H 150 4.36 42.14 38.40
C LEU H 150 4.17 42.58 36.95
N ARG H 151 4.24 43.88 36.71
CA ARG H 151 3.95 44.41 35.40
C ARG H 151 5.01 45.43 34.99
N LEU H 152 5.55 45.25 33.79
CA LEU H 152 6.51 46.20 33.24
C LEU H 152 5.75 47.10 32.26
N PRO H 153 6.28 48.30 31.99
CA PRO H 153 5.44 49.30 31.31
C PRO H 153 5.32 49.09 29.80
N ASN H 154 6.04 48.11 29.26
CA ASN H 154 6.07 47.88 27.82
C ASN H 154 6.50 49.13 27.08
N SER H 155 7.60 49.71 27.53
CA SER H 155 8.19 50.90 26.93
C SER H 155 9.66 50.97 27.28
N GLU H 156 10.40 51.75 26.51
CA GLU H 156 11.82 52.01 26.75
C GLU H 156 12.09 52.41 28.19
N CYS H 157 13.06 51.78 28.84
CA CYS H 157 13.52 52.29 30.13
C CYS H 157 14.58 53.35 29.86
N ILE H 158 14.98 54.07 30.91
CA ILE H 158 15.88 55.21 30.74
C ILE H 158 17.19 54.98 31.48
N CYS H 159 18.30 55.08 30.75
CA CYS H 159 19.62 54.93 31.34
C CYS H 159 20.32 56.27 31.45
N ILE H 160 20.85 56.55 32.65
CA ILE H 160 21.62 57.76 32.86
C ILE H 160 22.91 57.40 33.58
N GLU H 161 24.03 57.66 32.92
CA GLU H 161 25.36 57.47 33.49
C GLU H 161 25.61 56.10 34.10
N GLY H 162 25.18 55.05 33.39
CA GLY H 162 25.41 53.69 33.82
C GLY H 162 24.29 53.18 34.70
N SER H 163 23.39 54.09 35.06
CA SER H 163 22.22 53.74 35.86
C SER H 163 20.99 53.78 34.98
N CYS H 164 20.25 52.68 34.97
CA CYS H 164 19.06 52.57 34.14
C CYS H 164 17.84 52.58 35.03
N PHE H 165 16.78 53.25 34.58
CA PHE H 165 15.59 53.40 35.40
C PHE H 165 14.35 52.86 34.71
N VAL H 166 13.51 52.18 35.50
CA VAL H 166 12.29 51.56 34.99
C VAL H 166 11.27 51.55 36.12
N ILE H 167 10.00 51.70 35.78
CA ILE H 167 8.92 51.67 36.76
C ILE H 167 8.20 50.32 36.75
N VAL H 168 8.11 49.71 37.92
CA VAL H 168 7.51 48.39 38.06
C VAL H 168 6.20 48.48 38.82
N SER H 169 5.15 47.84 38.30
CA SER H 169 3.85 47.85 38.96
C SER H 169 3.54 46.47 39.53
N ASP H 170 2.81 46.45 40.65
CA ASP H 170 2.46 45.21 41.34
C ASP H 170 1.09 45.42 41.95
N GLY H 171 0.47 44.34 42.43
CA GLY H 171 -0.86 44.41 42.98
C GLY H 171 -1.87 43.81 42.04
N PRO H 172 -2.82 43.04 42.59
CA PRO H 172 -3.81 42.30 41.81
C PRO H 172 -4.97 43.17 41.38
N ASN H 173 -5.06 44.37 41.95
CA ASN H 173 -6.17 45.25 41.66
C ASN H 173 -5.72 46.67 41.29
N VAL H 174 -6.44 47.31 40.37
CA VAL H 174 -6.13 48.67 39.97
C VAL H 174 -6.53 49.65 41.09
N ASN H 175 -7.50 49.25 41.91
CA ASN H 175 -7.98 50.08 43.02
C ASN H 175 -7.11 49.98 44.26
N GLN H 176 -6.14 49.05 44.22
CA GLN H 176 -5.12 48.93 45.24
C GLN H 176 -3.82 48.45 44.60
N SER H 177 -3.29 49.25 43.69
CA SER H 177 -2.04 48.92 42.99
C SER H 177 -0.87 49.69 43.60
N VAL H 178 0.32 49.13 43.49
CA VAL H 178 1.53 49.81 43.92
C VAL H 178 2.53 49.94 42.77
N HIS H 179 3.36 50.97 42.84
CA HIS H 179 4.28 51.25 41.76
C HIS H 179 5.64 51.66 42.34
N ARG H 180 6.70 51.11 41.77
CA ARG H 180 8.05 51.36 42.29
C ARG H 180 9.00 51.77 41.17
N ILE H 181 9.96 52.63 41.53
CA ILE H 181 11.06 52.95 40.64
C ILE H 181 12.23 52.05 41.00
N TYR H 182 12.71 51.28 40.03
CA TYR H 182 13.90 50.45 40.24
C TYR H 182 15.11 51.10 39.58
N GLU H 183 16.23 51.12 40.29
CA GLU H 183 17.47 51.64 39.74
C GLU H 183 18.42 50.47 39.48
N LEU H 184 18.88 50.35 38.24
CA LEU H 184 19.73 49.23 37.85
C LEU H 184 21.09 49.68 37.34
N GLN H 185 22.07 48.81 37.51
CA GLN H 185 23.43 49.03 37.06
C GLN H 185 24.00 47.69 36.61
N ASN H 186 24.45 47.62 35.35
CA ASN H 186 24.95 46.36 34.79
C ASN H 186 23.98 45.20 34.99
N GLY H 187 22.69 45.49 34.87
CA GLY H 187 21.65 44.49 35.04
C GLY H 187 21.40 44.08 36.48
N THR H 188 21.87 44.88 37.43
CA THR H 188 21.71 44.56 38.84
C THR H 188 20.92 45.63 39.58
N VAL H 189 19.96 45.19 40.39
CA VAL H 189 19.16 46.10 41.21
C VAL H 189 20.09 46.75 42.21
N GLN H 190 20.13 48.08 42.18
CA GLN H 190 20.94 48.82 43.14
C GLN H 190 20.05 49.16 44.32
N ARG H 191 18.88 49.71 44.01
CA ARG H 191 17.88 50.04 45.00
C ARG H 191 16.55 50.26 44.29
N TRP H 192 15.46 50.33 45.06
CA TRP H 192 14.17 50.65 44.50
C TRP H 192 13.51 51.62 45.46
N LYS H 193 12.53 52.38 44.97
CA LYS H 193 11.86 53.36 45.80
C LYS H 193 10.38 53.22 45.52
N GLN H 194 9.57 52.95 46.55
CA GLN H 194 8.15 52.80 46.33
C GLN H 194 7.47 54.16 46.39
N LEU H 195 6.62 54.41 45.40
CA LEU H 195 5.98 55.70 45.24
C LEU H 195 4.65 55.75 45.99
N ASN H 196 4.35 56.92 46.52
CA ASN H 196 3.04 57.18 47.11
C ASN H 196 2.03 57.51 46.03
N THR H 197 1.28 56.49 45.62
CA THR H 197 0.32 56.57 44.53
C THR H 197 -1.11 56.40 45.04
N THR H 198 -1.33 56.69 46.33
CA THR H 198 -2.64 56.54 46.94
C THR H 198 -3.71 57.39 46.25
N GLY H 199 -4.82 56.77 45.88
CA GLY H 199 -5.90 57.47 45.21
C GLY H 199 -5.88 57.29 43.70
N ILE H 200 -4.72 56.92 43.16
CA ILE H 200 -4.58 56.76 41.71
C ILE H 200 -3.99 55.43 41.28
N ASN H 201 -3.85 55.26 39.96
CA ASN H 201 -3.22 54.10 39.35
C ASN H 201 -2.26 54.56 38.27
N PHE H 202 -1.07 53.95 38.22
CA PHE H 202 -0.01 54.43 37.34
C PHE H 202 0.59 53.29 36.51
N GLU H 203 -0.18 52.83 35.52
CA GLU H 203 0.25 51.74 34.65
C GLU H 203 0.85 52.25 33.34
N TYR H 204 1.48 51.35 32.58
CA TYR H 204 1.98 51.62 31.24
C TYR H 204 2.85 52.88 31.12
N SER H 205 3.75 53.09 32.07
CA SER H 205 4.62 54.27 32.04
C SER H 205 5.47 54.36 30.77
N THR H 206 5.46 55.53 30.15
CA THR H 206 6.40 55.83 29.07
C THR H 206 7.17 57.10 29.41
N CYS H 207 8.49 57.03 29.33
CA CYS H 207 9.33 58.03 29.96
C CYS H 207 10.39 58.62 29.01
N TYR H 208 10.91 59.78 29.40
CA TYR H 208 12.06 60.38 28.70
C TYR H 208 12.88 61.17 29.70
N THR H 209 14.12 61.50 29.32
CA THR H 209 15.00 62.23 30.21
C THR H 209 15.46 63.58 29.66
N ILE H 210 15.58 64.55 30.57
CA ILE H 210 16.16 65.85 30.24
C ILE H 210 16.91 66.45 31.44
N ASN H 211 18.11 66.91 31.15
CA ASN H 211 19.03 67.53 32.12
C ASN H 211 18.99 66.82 33.49
N ASN H 212 19.37 65.53 33.45
CA ASN H 212 19.43 64.65 34.63
C ASN H 212 18.09 64.44 35.35
N LEU H 213 17.00 64.68 34.63
CA LEU H 213 15.67 64.41 35.16
C LEU H 213 14.93 63.41 34.28
N ILE H 214 14.15 62.54 34.90
CA ILE H 214 13.30 61.60 34.15
C ILE H 214 11.84 62.02 34.31
N LYS H 215 11.12 62.03 33.19
CA LYS H 215 9.70 62.40 33.21
C LYS H 215 8.89 61.27 32.58
N CYS H 216 7.88 60.81 33.30
CA CYS H 216 7.08 59.69 32.84
C CYS H 216 5.61 60.07 32.78
N THR H 217 4.93 59.59 31.75
CA THR H 217 3.48 59.75 31.67
C THR H 217 2.86 58.38 31.95
N GLY H 218 1.85 58.36 32.81
CA GLY H 218 1.20 57.11 33.16
C GLY H 218 -0.20 57.00 32.59
N THR H 219 -0.84 55.88 32.89
CA THR H 219 -2.21 55.64 32.47
C THR H 219 -2.97 55.17 33.70
N ASN H 220 -4.10 55.80 33.99
CA ASN H 220 -4.92 55.39 35.11
C ASN H 220 -6.06 54.51 34.60
N LEU H 221 -5.99 53.23 34.96
CA LEU H 221 -6.98 52.25 34.52
C LEU H 221 -8.13 52.16 35.52
N TRP H 222 -8.05 52.98 36.56
CA TRP H 222 -8.97 52.89 37.70
C TRP H 222 -10.02 54.01 37.73
N ASN H 223 -9.57 55.24 37.93
CA ASN H 223 -10.48 56.33 38.27
C ASN H 223 -10.16 57.67 37.62
N ASP H 224 -9.45 57.65 36.50
CA ASP H 224 -9.02 58.90 35.87
C ASP H 224 -8.87 58.80 34.35
N ALA H 225 -9.41 59.80 33.65
CA ALA H 225 -9.30 59.89 32.20
C ALA H 225 -8.22 60.90 31.80
N LYS H 226 -7.68 61.59 32.79
CA LYS H 226 -6.46 62.35 32.58
C LYS H 226 -5.27 61.44 32.83
N ARG H 227 -4.11 61.82 32.32
CA ARG H 227 -2.91 61.02 32.53
C ARG H 227 -2.07 61.59 33.67
N PRO H 228 -1.81 60.76 34.69
CA PRO H 228 -0.94 61.14 35.81
C PRO H 228 0.49 61.33 35.32
N LEU H 229 1.20 62.26 35.94
CA LEU H 229 2.56 62.59 35.52
C LEU H 229 3.54 62.35 36.66
N LEU H 230 4.75 61.89 36.31
CA LEU H 230 5.79 61.65 37.31
C LEU H 230 7.10 62.30 36.88
N ARG H 231 7.75 62.94 37.85
CA ARG H 231 9.07 63.54 37.64
C ARG H 231 9.97 63.10 38.77
N PHE H 232 11.17 62.62 38.44
CA PHE H 232 12.12 62.27 39.49
C PHE H 232 13.57 62.46 39.08
N THR H 233 14.46 62.44 40.06
CA THR H 233 15.88 62.65 39.86
C THR H 233 16.58 61.34 40.16
N LYS H 234 17.90 61.27 39.93
CA LYS H 234 18.64 60.05 40.18
C LYS H 234 18.64 59.61 41.65
N GLU H 235 18.44 60.55 42.57
CA GLU H 235 18.39 60.21 43.99
C GLU H 235 16.98 59.85 44.41
N LEU H 236 16.11 59.71 43.42
CA LEU H 236 14.73 59.24 43.58
C LEU H 236 13.83 60.11 44.45
N ASN H 237 14.17 61.39 44.58
CA ASN H 237 13.23 62.34 45.13
C ASN H 237 12.27 62.61 43.98
N TYR H 238 10.98 62.50 44.25
CA TYR H 238 10.00 62.50 43.17
C TYR H 238 8.79 63.37 43.46
N GLN H 239 8.01 63.61 42.40
CA GLN H 239 6.81 64.41 42.49
C GLN H 239 5.82 63.85 41.48
N ILE H 240 4.59 63.64 41.92
CA ILE H 240 3.55 63.15 41.02
C ILE H 240 2.61 64.31 40.70
N VAL H 241 2.35 64.52 39.41
CA VAL H 241 1.65 65.72 38.97
C VAL H 241 0.40 65.36 38.18
N GLU H 242 -0.66 66.15 38.36
CA GLU H 242 -1.87 66.01 37.58
C GLU H 242 -2.00 67.20 36.65
N PRO H 243 -2.40 66.95 35.40
CA PRO H 243 -2.57 68.05 34.45
C PRO H 243 -3.64 69.02 34.93
N CYS H 244 -3.35 70.31 34.84
CA CYS H 244 -4.27 71.33 35.31
C CYS H 244 -5.11 71.76 34.12
N ASN H 245 -5.07 70.91 33.09
CA ASN H 245 -5.82 71.05 31.86
C ASN H 245 -7.32 70.90 32.08
N GLY H 246 -8.08 71.06 31.00
CA GLY H 246 -9.50 70.73 30.99
C GLY H 246 -9.77 69.65 29.95
N ALA H 247 -8.71 69.12 29.35
CA ALA H 247 -8.81 68.15 28.25
C ALA H 247 -8.15 66.80 28.56
N PRO H 248 -8.97 65.80 28.90
CA PRO H 248 -8.44 64.45 29.16
C PRO H 248 -7.84 63.85 27.91
N THR H 249 -6.78 63.05 28.05
CA THR H 249 -6.09 62.48 26.89
C THR H 249 -6.10 60.95 26.87
N ASP H 250 -6.63 60.33 27.93
CA ASP H 250 -6.74 58.87 27.96
C ASP H 250 -7.91 58.47 27.07
N PHE H 251 -7.96 57.17 26.74
CA PHE H 251 -9.14 56.57 26.12
C PHE H 251 -9.49 55.27 26.84
N PRO H 252 -10.74 55.12 27.28
CA PRO H 252 -11.85 56.05 27.03
C PRO H 252 -11.76 57.31 27.87
N ARG H 253 -12.64 58.27 27.58
CA ARG H 253 -12.66 59.54 28.29
C ARG H 253 -14.00 60.24 28.11
N GLY H 254 -14.27 61.22 28.96
CA GLY H 254 -15.47 62.03 28.81
C GLY H 254 -15.16 63.21 27.93
N GLY H 255 -16.05 64.19 27.89
CA GLY H 255 -15.85 65.37 27.06
C GLY H 255 -14.99 66.42 27.74
N LEU H 256 -14.82 67.55 27.07
CA LEU H 256 -14.05 68.66 27.63
C LEU H 256 -14.79 69.25 28.83
N THR H 257 -14.03 69.69 29.83
CA THR H 257 -14.61 70.29 31.02
C THR H 257 -13.89 71.58 31.38
N THR H 258 -14.32 72.21 32.47
CA THR H 258 -13.66 73.40 32.99
C THR H 258 -12.29 73.02 33.51
N PRO H 259 -11.25 73.74 33.04
CA PRO H 259 -9.87 73.52 33.44
C PRO H 259 -9.68 73.55 34.96
N SER H 260 -9.04 72.52 35.49
CA SER H 260 -8.72 72.41 36.91
C SER H 260 -7.68 71.31 37.08
N CYS H 261 -7.06 71.26 38.26
CA CYS H 261 -6.09 70.21 38.56
C CYS H 261 -6.80 68.99 39.14
N LYS H 262 -8.10 68.91 38.84
CA LYS H 262 -8.98 67.85 39.31
C LYS H 262 -8.97 66.68 38.35
N MET H 263 -9.09 65.46 38.87
CA MET H 263 -9.15 64.28 38.01
C MET H 263 -10.41 64.29 37.15
N ALA H 264 -10.32 63.72 35.95
CA ALA H 264 -11.48 63.57 35.08
C ALA H 264 -12.07 62.19 35.32
N GLN H 265 -13.13 62.13 36.11
CA GLN H 265 -13.69 60.87 36.58
C GLN H 265 -14.65 60.20 35.60
N GLU H 266 -15.18 60.97 34.66
CA GLU H 266 -16.09 60.40 33.67
C GLU H 266 -15.33 59.47 32.75
N LYS H 267 -15.76 58.21 32.72
CA LYS H 267 -15.11 57.15 31.95
C LYS H 267 -13.64 57.01 32.36
N GLY H 268 -13.37 57.12 33.66
CA GLY H 268 -12.03 57.01 34.18
C GLY H 268 -11.55 55.57 34.18
N GLU H 269 -12.49 54.64 34.37
CA GLU H 269 -12.17 53.22 34.30
C GLU H 269 -11.65 52.85 32.93
N GLY H 270 -10.58 52.06 32.90
CA GLY H 270 -9.99 51.67 31.65
C GLY H 270 -8.94 52.68 31.23
N GLY H 271 -8.35 52.46 30.07
CA GLY H 271 -7.33 53.36 29.55
C GLY H 271 -6.47 52.65 28.53
N ILE H 272 -5.57 53.40 27.89
CA ILE H 272 -4.62 52.82 26.96
C ILE H 272 -3.33 53.63 27.06
N GLN H 273 -2.19 52.99 26.83
CA GLN H 273 -0.88 53.64 26.96
C GLN H 273 -0.77 54.89 26.08
N GLY H 274 -0.23 55.97 26.64
CA GLY H 274 -0.13 57.25 25.96
C GLY H 274 0.88 58.16 26.63
N PHE H 275 1.14 59.30 26.01
CA PHE H 275 2.22 60.18 26.46
C PHE H 275 1.83 61.66 26.55
N ILE H 276 2.52 62.39 27.42
CA ILE H 276 2.43 63.84 27.46
C ILE H 276 3.84 64.40 27.57
N LEU H 277 4.19 65.30 26.66
CA LEU H 277 5.50 65.93 26.68
C LEU H 277 5.44 67.16 27.57
N ASP H 278 5.87 67.01 28.84
CA ASP H 278 5.85 68.11 29.79
C ASP H 278 7.16 68.92 29.83
N GLU H 279 7.22 69.95 28.98
CA GLU H 279 8.37 70.83 28.88
C GLU H 279 7.97 72.30 28.89
N LYS H 280 8.86 73.15 28.39
CA LYS H 280 8.67 74.60 28.44
C LYS H 280 7.36 74.94 27.69
N PRO H 281 7.28 74.66 26.37
CA PRO H 281 5.88 74.47 26.00
C PRO H 281 5.58 72.98 26.02
N ALA H 282 4.39 72.59 26.46
CA ALA H 282 4.06 71.17 26.57
C ALA H 282 3.35 70.67 25.33
N TRP H 283 3.46 69.38 25.06
CA TRP H 283 2.74 68.74 23.96
C TRP H 283 1.84 67.61 24.48
N THR H 284 0.59 67.62 24.05
CA THR H 284 -0.37 66.62 24.46
C THR H 284 -0.78 65.78 23.24
N SER H 285 -1.28 64.58 23.50
CA SER H 285 -1.66 63.67 22.42
C SER H 285 -2.86 62.82 22.81
N LYS H 286 -3.74 62.55 21.85
CA LYS H 286 -4.97 61.79 22.10
C LYS H 286 -5.69 61.44 20.81
N THR H 287 -6.66 60.54 20.92
CA THR H 287 -7.55 60.22 19.80
C THR H 287 -8.33 61.46 19.39
N LYS H 288 -8.90 61.42 18.19
CA LYS H 288 -9.63 62.56 17.64
C LYS H 288 -10.89 62.88 18.44
N ALA H 289 -11.66 61.85 18.76
CA ALA H 289 -12.89 62.01 19.52
C ALA H 289 -12.94 60.99 20.64
N GLU H 290 -13.81 61.23 21.63
CA GLU H 290 -13.92 60.35 22.78
C GLU H 290 -14.85 59.19 22.46
N SER H 291 -15.53 59.32 21.32
CA SER H 291 -16.53 58.35 20.90
C SER H 291 -15.90 57.12 20.26
N SER H 292 -14.69 57.28 19.74
CA SER H 292 -14.05 56.20 18.99
C SER H 292 -12.53 56.30 19.07
N GLN H 293 -11.84 55.19 18.85
CA GLN H 293 -10.39 55.14 18.96
C GLN H 293 -9.75 55.42 17.60
N ASN H 294 -10.31 56.40 16.90
CA ASN H 294 -9.84 56.75 15.56
C ASN H 294 -9.08 58.07 15.56
N GLY H 295 -8.07 58.16 14.70
CA GLY H 295 -7.33 59.40 14.53
C GLY H 295 -6.36 59.65 15.66
N PHE H 296 -5.58 60.71 15.53
CA PHE H 296 -4.60 61.06 16.56
C PHE H 296 -4.25 62.53 16.37
N VAL H 297 -4.42 63.32 17.43
CA VAL H 297 -4.13 64.74 17.36
C VAL H 297 -3.13 65.16 18.44
N LEU H 298 -2.15 65.96 18.02
CA LEU H 298 -1.13 66.49 18.92
C LEU H 298 -1.40 67.96 19.15
N GLU H 299 -1.40 68.38 20.41
CA GLU H 299 -1.65 69.78 20.74
C GLU H 299 -0.54 70.36 21.62
N GLN H 300 -0.11 71.57 21.26
CA GLN H 300 0.96 72.25 21.98
C GLN H 300 0.37 73.18 23.04
N ILE H 301 0.98 73.19 24.22
CA ILE H 301 0.53 74.06 25.30
C ILE H 301 1.72 74.88 25.79
N PRO H 302 1.83 76.13 25.30
CA PRO H 302 2.97 77.03 25.55
C PRO H 302 3.32 77.24 27.02
N ASN H 303 2.31 77.38 27.89
CA ASN H 303 2.55 77.65 29.31
C ASN H 303 2.82 76.42 30.18
N GLY H 304 2.95 75.25 29.56
CA GLY H 304 3.21 74.03 30.32
C GLY H 304 1.89 73.35 30.69
N ILE H 305 1.98 72.12 31.20
CA ILE H 305 0.79 71.32 31.49
C ILE H 305 0.17 71.55 32.86
N GLU H 306 0.87 72.30 33.71
CA GLU H 306 0.34 72.63 35.03
C GLU H 306 -0.42 73.95 34.98
N SER H 307 -0.57 74.45 33.75
CA SER H 307 -1.35 75.65 33.50
C SER H 307 -2.73 75.21 33.06
N GLU H 308 -3.52 76.15 32.58
CA GLU H 308 -4.76 75.79 31.92
C GLU H 308 -4.31 75.25 30.58
N GLY H 309 -5.07 74.32 30.00
CA GLY H 309 -4.60 73.67 28.80
C GLY H 309 -4.95 74.52 27.60
N THR H 310 -4.31 75.68 27.48
CA THR H 310 -4.61 76.62 26.39
C THR H 310 -3.65 76.37 25.22
N VAL H 311 -4.24 75.92 24.12
CA VAL H 311 -3.52 75.41 22.95
C VAL H 311 -3.18 76.46 21.88
N SER H 312 -1.94 76.42 21.39
CA SER H 312 -1.48 77.29 20.30
C SER H 312 -1.46 76.53 18.98
N LEU H 313 -0.96 75.30 19.01
CA LEU H 313 -0.86 74.47 17.81
C LEU H 313 -1.67 73.18 17.91
N SER H 314 -2.34 72.81 16.82
CA SER H 314 -3.12 71.58 16.79
C SER H 314 -2.86 70.83 15.49
N TYR H 315 -2.17 69.70 15.60
CA TYR H 315 -1.86 68.86 14.45
C TYR H 315 -2.69 67.59 14.50
N GLU H 316 -3.45 67.33 13.44
CA GLU H 316 -4.18 66.08 13.32
C GLU H 316 -3.40 65.13 12.42
N LEU H 317 -2.59 64.29 13.05
CA LEU H 317 -1.72 63.37 12.32
C LEU H 317 -2.52 62.28 11.62
N PHE H 318 -3.61 61.84 12.25
CA PHE H 318 -4.48 60.83 11.69
C PHE H 318 -5.94 61.22 11.93
N SER H 319 -6.82 60.84 11.01
CA SER H 319 -8.26 61.10 11.19
C SER H 319 -9.08 59.81 11.33
N ASN H 320 -8.99 58.95 10.34
CA ASN H 320 -9.78 57.72 10.29
C ASN H 320 -9.04 56.46 10.73
N LYS H 321 -7.71 56.49 10.65
CA LYS H 321 -6.91 55.34 11.05
C LYS H 321 -7.23 54.97 12.49
N ARG H 322 -7.46 53.69 12.73
CA ARG H 322 -7.71 53.25 14.10
C ARG H 322 -6.41 53.33 14.87
N THR H 323 -6.47 53.92 16.06
CA THR H 323 -5.27 54.31 16.81
C THR H 323 -5.21 53.52 18.12
N GLY H 324 -3.99 53.22 18.57
CA GLY H 324 -3.81 52.49 19.80
C GLY H 324 -2.78 53.10 20.74
N ARG H 325 -1.89 52.27 21.26
CA ARG H 325 -0.88 52.69 22.22
C ARG H 325 0.11 53.70 21.63
N SER H 326 0.68 54.53 22.51
CA SER H 326 1.74 55.46 22.14
C SER H 326 2.68 55.67 23.33
N GLY H 327 3.94 56.02 23.05
CA GLY H 327 4.91 56.24 24.09
C GLY H 327 6.20 56.83 23.55
N PHE H 328 7.09 57.28 24.43
CA PHE H 328 8.31 57.95 24.00
C PHE H 328 9.44 56.99 23.66
N PHE H 329 10.33 57.45 22.80
CA PHE H 329 11.67 56.88 22.69
C PHE H 329 12.63 57.98 22.24
N GLN H 330 13.88 57.90 22.69
CA GLN H 330 14.88 58.87 22.29
C GLN H 330 16.02 58.19 21.54
N PRO H 331 16.32 58.70 20.34
CA PRO H 331 17.46 58.27 19.53
C PRO H 331 18.77 58.70 20.18
N LYS H 332 19.73 57.79 20.30
CA LYS H 332 20.99 58.10 20.97
C LYS H 332 22.12 58.22 19.96
N GLY H 333 22.13 59.33 19.22
CA GLY H 333 23.11 59.55 18.17
C GLY H 333 23.13 61.00 17.73
N ASP H 334 22.41 61.31 16.66
CA ASP H 334 22.28 62.68 16.13
C ASP H 334 23.60 63.45 15.97
N LEU H 335 24.20 63.37 14.79
CA LEU H 335 25.44 64.09 14.53
C LEU H 335 25.13 65.49 13.99
N ILE H 336 23.86 65.87 14.07
CA ILE H 336 23.40 67.19 13.64
C ILE H 336 22.90 68.06 14.79
N SER H 337 22.36 67.45 15.84
CA SER H 337 21.82 68.23 16.94
C SER H 337 22.66 68.19 18.22
N GLY H 338 22.79 69.37 18.83
CA GLY H 338 23.44 69.54 20.11
C GLY H 338 22.34 69.48 21.15
N CYS H 339 21.13 69.22 20.67
CA CYS H 339 19.96 69.08 21.53
C CYS H 339 19.45 67.64 21.55
N GLN H 340 18.71 67.31 22.60
CA GLN H 340 18.16 65.97 22.75
C GLN H 340 16.87 65.90 21.95
N ARG H 341 16.84 65.07 20.91
CA ARG H 341 15.59 64.91 20.16
C ARG H 341 14.61 64.05 20.94
N ILE H 342 13.33 64.23 20.64
CA ILE H 342 12.30 63.42 21.29
C ILE H 342 11.45 62.81 20.19
N CYS H 343 11.10 61.54 20.38
CA CYS H 343 10.31 60.83 19.40
C CYS H 343 9.28 60.00 20.13
N PHE H 344 8.23 59.63 19.43
CA PHE H 344 7.24 58.71 19.96
C PHE H 344 6.85 57.65 18.94
N TRP H 345 6.43 56.49 19.44
CA TRP H 345 5.91 55.43 18.59
C TRP H 345 4.40 55.37 18.80
N LEU H 346 3.69 54.80 17.83
CA LEU H 346 2.24 54.77 17.87
C LEU H 346 1.68 53.60 17.10
N GLU H 347 0.78 52.85 17.72
CA GLU H 347 0.09 51.75 17.06
C GLU H 347 -0.93 52.30 16.08
N ILE H 348 -0.82 51.90 14.81
CA ILE H 348 -1.85 52.21 13.83
C ILE H 348 -2.27 50.89 13.20
N GLU H 349 -3.58 50.66 13.14
CA GLU H 349 -4.08 49.38 12.65
C GLU H 349 -4.01 49.30 11.14
N ASP H 350 -3.43 48.21 10.64
CA ASP H 350 -3.47 47.95 9.21
C ASP H 350 -4.88 47.42 8.91
N GLN H 351 -5.75 48.31 8.44
CA GLN H 351 -7.16 47.97 8.23
C GLN H 351 -7.34 46.98 7.08
N THR H 352 -6.30 46.78 6.28
CA THR H 352 -6.33 45.81 5.21
C THR H 352 -6.22 44.38 5.77
N VAL H 353 -5.75 44.28 7.01
CA VAL H 353 -5.67 42.99 7.68
C VAL H 353 -6.77 42.90 8.72
N GLY H 354 -7.68 41.94 8.55
CA GLY H 354 -8.81 41.79 9.43
C GLY H 354 -8.48 41.52 10.89
N LEU H 355 -9.37 41.90 11.78
CA LEU H 355 -9.34 41.52 13.19
C LEU H 355 -8.15 42.09 13.97
N GLY H 356 -7.57 43.18 13.45
CA GLY H 356 -6.48 43.87 14.12
C GLY H 356 -5.25 43.01 14.36
N MET H 357 -5.03 42.05 13.47
CA MET H 357 -3.86 41.17 13.58
C MET H 357 -2.56 41.93 13.36
N ILE H 358 -2.62 43.04 12.64
CA ILE H 358 -1.44 43.83 12.36
C ILE H 358 -1.57 45.25 12.93
N GLN H 359 -0.79 45.53 13.97
CA GLN H 359 -0.66 46.87 14.51
C GLN H 359 0.69 47.38 14.03
N GLU H 360 0.69 48.26 13.04
CA GLU H 360 1.95 48.83 12.61
C GLU H 360 2.43 49.79 13.69
N LEU H 361 3.71 49.70 14.01
CA LEU H 361 4.29 50.61 14.99
C LEU H 361 4.90 51.80 14.28
N SER H 362 4.11 52.85 14.08
CA SER H 362 4.59 54.04 13.41
C SER H 362 5.39 54.88 14.39
N THR H 363 6.30 55.70 13.87
CA THR H 363 7.11 56.56 14.73
C THR H 363 7.14 58.00 14.19
N PHE H 364 7.13 58.96 15.11
CA PHE H 364 7.22 60.38 14.74
C PHE H 364 8.31 61.07 15.55
N CYS H 365 9.02 62.00 14.91
CA CYS H 365 10.04 62.80 15.61
C CYS H 365 9.76 64.30 15.51
N GLY H 366 10.16 65.05 16.54
CA GLY H 366 9.97 66.49 16.58
C GLY H 366 10.99 67.33 15.82
N ILE H 367 10.53 68.46 15.28
CA ILE H 367 11.40 69.42 14.59
C ILE H 367 11.15 70.86 15.05
N ASN H 368 12.14 71.73 14.86
CA ASN H 368 12.03 73.13 15.27
C ASN H 368 11.17 73.92 14.29
N SER H 369 10.85 73.29 13.16
CA SER H 369 10.04 73.92 12.15
C SER H 369 8.59 73.45 12.21
N PRO H 370 7.65 74.36 11.93
CA PRO H 370 6.24 73.99 11.74
C PRO H 370 6.09 73.25 10.43
N VAL H 371 5.04 72.43 10.31
CA VAL H 371 4.86 71.57 9.15
C VAL H 371 3.38 71.62 8.76
N GLN H 372 3.05 71.21 7.54
CA GLN H 372 1.66 71.17 7.11
C GLN H 372 0.82 70.24 7.98
N ASN H 373 -0.46 70.61 8.14
CA ASN H 373 -1.40 69.78 8.88
C ASN H 373 -1.92 68.68 7.97
N ILE H 374 -1.03 67.77 7.61
CA ILE H 374 -1.31 66.68 6.67
C ILE H 374 -1.92 65.47 7.38
N ASN H 375 -2.85 64.79 6.71
CA ASN H 375 -3.46 63.58 7.25
C ASN H 375 -2.63 62.38 6.79
N TRP H 376 -2.18 61.56 7.74
CA TRP H 376 -1.37 60.39 7.39
C TRP H 376 -2.17 59.11 7.20
N ASP H 377 -3.49 59.24 7.03
CA ASP H 377 -4.32 58.10 6.68
C ASP H 377 -3.88 57.54 5.32
N TYR I 13 1.87 -61.89 -26.92
CA TYR I 13 0.92 -61.01 -27.59
C TYR I 13 -0.52 -61.42 -27.35
N TRP I 14 -1.07 -60.94 -26.23
CA TRP I 14 -2.41 -61.32 -25.80
C TRP I 14 -3.51 -60.91 -26.75
N ARG I 15 -4.40 -61.85 -27.03
CA ARG I 15 -5.60 -61.60 -27.81
C ARG I 15 -6.84 -62.01 -27.00
N ALA I 16 -7.85 -61.17 -27.03
CA ALA I 16 -9.14 -61.47 -26.41
C ALA I 16 -9.80 -62.64 -27.12
N LYS I 17 -10.52 -63.47 -26.38
CA LYS I 17 -11.10 -64.68 -26.94
C LYS I 17 -12.11 -64.39 -28.05
N SER I 18 -12.56 -65.46 -28.72
CA SER I 18 -13.40 -65.32 -29.90
C SER I 18 -14.74 -64.68 -29.56
N GLN I 19 -15.36 -65.11 -28.47
CA GLN I 19 -16.68 -64.57 -28.13
C GLN I 19 -16.83 -64.13 -26.66
N MET I 20 -17.73 -63.18 -26.45
CA MET I 20 -18.07 -62.67 -25.11
C MET I 20 -18.81 -63.71 -24.27
N CYS I 21 -18.53 -63.72 -22.97
CA CYS I 21 -19.29 -64.55 -22.03
C CYS I 21 -20.71 -64.01 -21.85
N GLU I 22 -21.64 -64.93 -21.62
CA GLU I 22 -23.01 -64.57 -21.31
C GLU I 22 -23.04 -63.86 -19.95
N VAL I 23 -23.65 -62.68 -19.91
CA VAL I 23 -23.69 -61.90 -18.66
C VAL I 23 -25.11 -61.74 -18.13
N LYS I 24 -25.35 -62.29 -16.95
CA LYS I 24 -26.66 -62.23 -16.32
C LYS I 24 -26.64 -61.44 -15.01
N GLY I 25 -25.44 -61.12 -14.54
CA GLY I 25 -25.29 -60.45 -13.26
C GLY I 25 -23.92 -59.85 -13.02
N TRP I 26 -23.80 -59.06 -11.96
CA TRP I 26 -22.54 -58.40 -11.63
C TRP I 26 -22.18 -58.59 -10.15
N VAL I 27 -20.96 -59.06 -9.91
CA VAL I 27 -20.48 -59.28 -8.56
C VAL I 27 -19.18 -58.51 -8.28
N PRO I 28 -19.06 -57.97 -7.06
CA PRO I 28 -17.87 -57.20 -6.69
C PRO I 28 -16.67 -58.09 -6.40
N THR I 29 -15.53 -57.79 -7.02
CA THR I 29 -14.29 -58.53 -6.77
C THR I 29 -13.40 -57.75 -5.81
N HIS I 30 -13.61 -56.44 -5.76
CA HIS I 30 -12.87 -55.59 -4.84
C HIS I 30 -13.79 -54.55 -4.22
N ARG I 31 -13.83 -54.55 -2.90
CA ARG I 31 -14.71 -53.68 -2.14
C ARG I 31 -14.17 -53.73 -0.72
N GLY I 32 -13.70 -52.60 -0.22
CA GLY I 32 -12.97 -52.61 1.03
C GLY I 32 -13.88 -52.31 2.19
N PHE I 33 -13.30 -51.84 3.29
CA PHE I 33 -14.04 -51.58 4.51
C PHE I 33 -13.88 -50.09 4.84
N PRO I 34 -14.76 -49.56 5.71
CA PRO I 34 -14.66 -48.14 6.04
C PRO I 34 -13.35 -47.83 6.76
N TRP I 35 -12.62 -46.81 6.29
CA TRP I 35 -11.35 -46.44 6.90
C TRP I 35 -11.52 -45.36 7.97
N GLY I 36 -12.77 -45.10 8.35
CA GLY I 36 -13.07 -44.35 9.55
C GLY I 36 -12.83 -42.86 9.42
N PRO I 37 -13.18 -42.10 10.48
CA PRO I 37 -12.95 -40.65 10.53
C PRO I 37 -11.47 -40.32 10.37
N GLU I 38 -10.60 -40.93 11.16
CA GLU I 38 -9.17 -40.65 11.08
C GLU I 38 -8.38 -41.68 10.28
N LEU I 39 -7.50 -41.16 9.44
CA LEU I 39 -6.64 -41.98 8.58
C LEU I 39 -5.20 -41.99 9.09
N PRO I 40 -4.46 -43.06 8.78
CA PRO I 40 -3.00 -43.09 8.97
C PRO I 40 -2.33 -42.13 7.99
N GLY I 41 -1.08 -41.76 8.25
CA GLY I 41 -0.44 -40.70 7.50
C GLY I 41 0.11 -40.98 6.11
N ASP I 42 0.38 -42.24 5.78
CA ASP I 42 1.08 -42.53 4.53
C ASP I 42 0.17 -42.96 3.39
N LEU I 43 -1.14 -42.78 3.53
CA LEU I 43 -2.05 -43.13 2.45
C LEU I 43 -1.99 -42.06 1.36
N ILE I 44 -2.03 -42.50 0.11
CA ILE I 44 -1.96 -41.59 -1.03
C ILE I 44 -3.35 -41.18 -1.51
N LEU I 45 -3.57 -39.88 -1.58
CA LEU I 45 -4.83 -39.34 -2.07
C LEU I 45 -4.79 -39.32 -3.59
N SER I 46 -5.89 -39.73 -4.22
CA SER I 46 -5.89 -39.98 -5.65
C SER I 46 -7.12 -39.46 -6.38
N ARG I 47 -7.01 -39.43 -7.71
CA ARG I 47 -8.12 -39.14 -8.60
C ARG I 47 -7.88 -39.80 -9.94
N ARG I 48 -8.93 -39.91 -10.75
CA ARG I 48 -8.86 -40.49 -12.09
C ARG I 48 -8.24 -41.88 -12.10
N ALA I 49 -8.63 -42.70 -11.13
CA ALA I 49 -8.10 -44.05 -11.02
C ALA I 49 -8.82 -45.00 -11.98
N TYR I 50 -8.12 -46.04 -12.40
CA TYR I 50 -8.68 -47.09 -13.25
C TYR I 50 -7.89 -48.39 -13.03
N VAL I 51 -8.35 -49.47 -13.65
CA VAL I 51 -7.71 -50.77 -13.46
C VAL I 51 -7.17 -51.31 -14.78
N SER I 52 -6.00 -51.93 -14.71
CA SER I 52 -5.44 -52.65 -15.86
C SER I 52 -4.70 -53.86 -15.33
N CYS I 53 -4.76 -54.95 -16.09
CA CYS I 53 -4.23 -56.22 -15.63
C CYS I 53 -3.10 -56.68 -16.52
N ASP I 54 -2.16 -57.41 -15.94
CA ASP I 54 -1.17 -58.13 -16.74
C ASP I 54 -1.65 -59.56 -16.84
N LEU I 55 -0.76 -60.49 -17.16
CA LEU I 55 -1.16 -61.89 -17.32
C LEU I 55 -1.48 -62.55 -15.97
N THR I 56 -0.83 -62.04 -14.92
CA THR I 56 -0.94 -62.61 -13.58
C THR I 56 -1.86 -61.80 -12.66
N SER I 57 -1.68 -60.48 -12.61
CA SER I 57 -2.40 -59.66 -11.63
C SER I 57 -2.98 -58.40 -12.25
N CYS I 58 -3.86 -57.73 -11.49
CA CYS I 58 -4.44 -56.47 -11.93
C CYS I 58 -3.93 -55.33 -11.06
N PHE I 59 -4.02 -54.10 -11.58
CA PHE I 59 -3.46 -52.96 -10.86
C PHE I 59 -4.37 -51.74 -10.88
N LYS I 60 -4.27 -50.92 -9.84
CA LYS I 60 -4.90 -49.61 -9.83
C LYS I 60 -3.85 -48.61 -10.31
N PHE I 61 -4.21 -47.83 -11.32
CA PHE I 61 -3.37 -46.73 -11.76
C PHE I 61 -4.13 -45.46 -11.38
N PHE I 62 -3.42 -44.50 -10.82
CA PHE I 62 -4.07 -43.29 -10.33
C PHE I 62 -3.20 -42.06 -10.37
N ILE I 63 -3.85 -40.91 -10.33
CA ILE I 63 -3.17 -39.62 -10.28
C ILE I 63 -3.12 -39.16 -8.84
N ALA I 64 -1.92 -39.10 -8.29
CA ALA I 64 -1.70 -38.75 -6.89
C ALA I 64 -1.48 -37.25 -6.74
N TYR I 65 -2.05 -36.68 -5.66
CA TYR I 65 -1.95 -35.24 -5.42
C TYR I 65 -1.62 -34.87 -3.97
N GLY I 66 -1.68 -35.85 -3.06
CA GLY I 66 -1.46 -35.57 -1.66
C GLY I 66 -1.35 -36.77 -0.73
N LEU I 67 -1.11 -36.49 0.54
CA LEU I 67 -1.00 -37.52 1.56
C LEU I 67 -2.14 -37.45 2.57
N SER I 68 -2.51 -38.60 3.11
CA SER I 68 -3.61 -38.70 4.07
C SER I 68 -3.25 -38.01 5.38
N ALA I 69 -1.96 -37.87 5.62
CA ALA I 69 -1.47 -37.14 6.78
C ALA I 69 -1.95 -35.69 6.77
N ASN I 70 -2.31 -35.20 5.59
CA ASN I 70 -2.77 -33.81 5.47
C ASN I 70 -4.28 -33.76 5.31
N GLN I 71 -4.93 -34.84 5.73
CA GLN I 71 -6.36 -34.84 6.02
C GLN I 71 -6.57 -33.66 6.94
N HIS I 72 -7.71 -32.97 6.80
CA HIS I 72 -8.03 -31.80 7.62
C HIS I 72 -7.18 -30.55 7.29
N LEU I 73 -6.32 -30.64 6.28
CA LEU I 73 -5.42 -29.53 5.96
C LEU I 73 -5.39 -29.08 4.50
N LEU I 74 -6.19 -29.72 3.64
CA LEU I 74 -6.05 -29.45 2.20
C LEU I 74 -7.22 -28.80 1.47
N ASN I 75 -6.84 -27.95 0.53
CA ASN I 75 -7.74 -27.36 -0.46
C ASN I 75 -8.26 -28.43 -1.41
N THR I 76 -9.42 -28.16 -1.99
CA THR I 76 -10.01 -28.98 -3.05
C THR I 76 -11.16 -28.12 -3.59
N SER I 77 -11.10 -27.76 -4.87
CA SER I 77 -10.18 -28.35 -5.85
C SER I 77 -8.73 -27.86 -5.88
N MET I 78 -7.82 -28.82 -6.07
CA MET I 78 -6.38 -28.60 -6.14
C MET I 78 -5.89 -28.80 -7.55
N GLU I 79 -5.46 -27.71 -8.19
CA GLU I 79 -4.94 -27.80 -9.54
C GLU I 79 -3.42 -27.75 -9.48
N TRP I 80 -2.82 -28.54 -8.58
CA TRP I 80 -1.38 -28.45 -8.36
C TRP I 80 -0.57 -29.58 -9.01
N GLU I 81 0.51 -29.98 -8.35
CA GLU I 81 1.46 -30.95 -8.90
C GLU I 81 1.03 -32.40 -8.76
N GLU I 82 0.69 -33.02 -9.90
CA GLU I 82 0.17 -34.38 -9.91
C GLU I 82 1.13 -35.37 -10.57
N SER I 83 1.03 -36.64 -10.14
CA SER I 83 1.93 -37.69 -10.59
C SER I 83 1.19 -39.01 -10.72
N LEU I 84 1.50 -39.77 -11.75
CA LEU I 84 0.86 -41.07 -11.96
C LEU I 84 1.56 -42.15 -11.15
N TYR I 85 0.77 -42.90 -10.39
CA TYR I 85 1.30 -43.95 -9.53
C TYR I 85 0.55 -45.25 -9.83
N LYS I 86 1.11 -46.38 -9.42
CA LYS I 86 0.38 -47.64 -9.54
C LYS I 86 0.49 -48.49 -8.27
N THR I 87 -0.58 -49.22 -7.99
CA THR I 87 -0.67 -50.05 -6.80
C THR I 87 -1.33 -51.36 -7.18
N PRO I 88 -0.78 -52.48 -6.69
CA PRO I 88 -1.40 -53.79 -6.88
C PRO I 88 -2.84 -53.78 -6.37
N ILE I 89 -3.78 -54.27 -7.17
CA ILE I 89 -5.16 -54.40 -6.73
C ILE I 89 -5.17 -55.31 -5.50
N GLY I 90 -5.99 -54.97 -4.51
CA GLY I 90 -5.99 -55.73 -3.28
C GLY I 90 -5.13 -55.09 -2.21
N SER I 91 -4.21 -54.22 -2.63
CA SER I 91 -3.39 -53.47 -1.68
C SER I 91 -3.85 -52.01 -1.65
N ALA I 92 -3.83 -51.41 -0.47
CA ALA I 92 -4.12 -49.99 -0.32
C ALA I 92 -2.95 -49.16 -0.84
N SER I 93 -3.24 -47.98 -1.37
CA SER I 93 -2.21 -47.10 -1.89
C SER I 93 -1.49 -46.31 -0.80
N THR I 94 -0.29 -46.74 -0.45
CA THR I 94 0.54 -46.04 0.52
C THR I 94 1.92 -45.78 -0.09
N LEU I 95 2.76 -45.01 0.61
CA LEU I 95 4.11 -44.74 0.14
C LEU I 95 4.97 -46.01 0.09
N SER I 96 4.57 -47.02 0.86
CA SER I 96 5.33 -48.27 0.94
C SER I 96 4.81 -49.32 -0.03
N THR I 97 3.62 -49.08 -0.58
CA THR I 97 3.01 -50.03 -1.51
C THR I 97 2.92 -49.49 -2.95
N SER I 98 2.93 -48.17 -3.10
CA SER I 98 2.73 -47.57 -4.42
C SER I 98 4.04 -47.11 -5.07
N GLU I 99 4.02 -47.06 -6.40
CA GLU I 99 5.22 -46.81 -7.20
C GLU I 99 5.02 -45.66 -8.16
N MET I 100 5.96 -44.72 -8.18
CA MET I 100 5.89 -43.61 -9.13
C MET I 100 6.19 -44.16 -10.52
N ILE I 101 5.44 -43.70 -11.52
CA ILE I 101 5.68 -44.08 -12.91
C ILE I 101 6.17 -42.88 -13.69
N LEU I 102 5.29 -41.90 -13.84
CA LEU I 102 5.60 -40.65 -14.55
C LEU I 102 4.76 -39.52 -13.99
N PRO I 103 5.26 -38.28 -14.10
CA PRO I 103 4.41 -37.12 -13.81
C PRO I 103 3.32 -37.04 -14.87
N GLY I 104 2.11 -36.66 -14.49
CA GLY I 104 1.01 -36.66 -15.42
C GLY I 104 -0.28 -36.12 -14.82
N ARG I 105 -1.17 -35.66 -15.69
CA ARG I 105 -2.44 -35.07 -15.26
C ARG I 105 -3.57 -36.01 -15.64
N SER I 106 -3.37 -36.72 -16.75
CA SER I 106 -4.29 -37.77 -17.18
C SER I 106 -3.45 -38.90 -17.80
N SER I 107 -4.02 -40.09 -17.93
CA SER I 107 -3.22 -41.24 -18.36
C SER I 107 -4.01 -42.37 -19.01
N SER I 108 -3.26 -43.32 -19.56
CA SER I 108 -3.82 -44.60 -20.03
C SER I 108 -2.68 -45.62 -19.94
N ALA I 109 -3.03 -46.87 -19.66
CA ALA I 109 -2.01 -47.91 -19.51
C ALA I 109 -2.53 -49.25 -20.02
N CYS I 110 -1.63 -50.06 -20.55
CA CYS I 110 -2.00 -51.36 -21.10
C CYS I 110 -0.83 -52.33 -21.15
N PHE I 111 -1.13 -53.62 -21.03
CA PHE I 111 -0.14 -54.68 -21.08
C PHE I 111 -0.34 -55.44 -22.39
N ASP I 112 0.73 -55.56 -23.17
CA ASP I 112 0.65 -56.15 -24.50
C ASP I 112 0.92 -57.66 -24.53
N GLY I 113 1.43 -58.18 -23.42
CA GLY I 113 1.83 -59.58 -23.35
C GLY I 113 3.30 -59.71 -23.00
N LEU I 114 4.05 -58.62 -23.21
CA LEU I 114 5.47 -58.57 -22.88
C LEU I 114 5.74 -57.44 -21.90
N LYS I 115 5.34 -56.23 -22.27
CA LYS I 115 5.65 -55.04 -21.49
C LYS I 115 4.43 -54.13 -21.32
N TRP I 116 4.53 -53.21 -20.36
CA TRP I 116 3.48 -52.23 -20.15
C TRP I 116 3.70 -51.00 -21.04
N THR I 117 2.61 -50.50 -21.62
CA THR I 117 2.65 -49.23 -22.32
C THR I 117 1.92 -48.22 -21.44
N VAL I 118 2.60 -47.12 -21.14
CA VAL I 118 2.02 -46.09 -20.28
C VAL I 118 2.03 -44.77 -21.04
N LEU I 119 0.90 -44.10 -21.05
CA LEU I 119 0.80 -42.79 -21.71
C LEU I 119 0.40 -41.78 -20.66
N VAL I 120 1.04 -40.61 -20.68
CA VAL I 120 0.66 -39.53 -19.79
C VAL I 120 0.59 -38.23 -20.57
N ALA I 121 -0.31 -37.34 -20.16
CA ALA I 121 -0.44 -36.03 -20.77
C ALA I 121 -0.08 -34.98 -19.74
N ASN I 122 0.77 -34.02 -20.11
CA ASN I 122 1.15 -32.98 -19.18
C ASN I 122 1.00 -31.60 -19.79
N GLY I 123 0.72 -30.62 -18.94
CA GLY I 123 0.61 -29.27 -19.42
C GLY I 123 -0.83 -28.97 -19.80
N ARG I 124 -1.18 -27.69 -19.82
CA ARG I 124 -2.44 -27.27 -20.38
C ARG I 124 -1.96 -26.55 -21.61
N ASP I 125 -2.79 -25.68 -22.18
CA ASP I 125 -2.43 -24.84 -23.32
C ASP I 125 -1.80 -25.59 -24.51
N ARG I 126 -1.05 -24.88 -25.35
CA ARG I 126 -0.52 -25.44 -26.59
C ARG I 126 0.71 -26.31 -26.38
N ASN I 127 1.44 -26.03 -25.29
CA ASN I 127 2.63 -26.79 -24.95
C ASN I 127 2.28 -28.17 -24.42
N SER I 128 0.98 -28.44 -24.26
CA SER I 128 0.51 -29.73 -23.79
C SER I 128 1.07 -30.82 -24.70
N PHE I 129 1.52 -31.91 -24.09
CA PHE I 129 2.05 -33.03 -24.86
C PHE I 129 1.93 -34.34 -24.11
N ILE I 130 2.23 -35.43 -24.80
CA ILE I 130 2.09 -36.77 -24.25
C ILE I 130 3.41 -37.53 -24.24
N MET I 131 3.69 -38.21 -23.13
CA MET I 131 4.84 -39.10 -23.05
C MET I 131 4.34 -40.54 -23.15
N ILE I 132 5.09 -41.38 -23.87
CA ILE I 132 4.74 -42.79 -23.99
C ILE I 132 5.86 -43.62 -23.38
N LYS I 133 5.52 -44.52 -22.49
CA LYS I 133 6.53 -45.36 -21.85
C LYS I 133 6.28 -46.82 -22.18
N TYR I 134 7.35 -47.55 -22.51
CA TYR I 134 7.24 -48.96 -22.80
C TYR I 134 8.32 -49.69 -22.03
N GLY I 135 7.93 -50.28 -20.91
CA GLY I 135 8.85 -50.97 -20.02
C GLY I 135 10.11 -50.22 -19.63
N GLU I 136 9.99 -49.26 -18.71
CA GLU I 136 11.14 -48.59 -18.09
C GLU I 136 11.85 -47.52 -18.93
N GLU I 137 11.51 -47.43 -20.21
CA GLU I 137 12.13 -46.44 -21.09
C GLU I 137 11.12 -45.49 -21.73
N VAL I 138 11.52 -44.24 -21.91
CA VAL I 138 10.70 -43.27 -22.62
C VAL I 138 10.88 -43.56 -24.10
N THR I 139 9.77 -43.77 -24.81
CA THR I 139 9.84 -44.28 -26.18
C THR I 139 9.35 -43.28 -27.23
N ASP I 140 8.36 -42.46 -26.87
CA ASP I 140 7.83 -41.47 -27.82
C ASP I 140 7.16 -40.30 -27.13
N THR I 141 7.01 -39.21 -27.88
CA THR I 141 6.33 -38.01 -27.42
C THR I 141 5.57 -37.41 -28.59
N PHE I 142 4.49 -36.68 -28.30
CA PHE I 142 3.82 -35.87 -29.31
C PHE I 142 3.05 -34.72 -28.66
N SER I 143 2.91 -33.62 -29.39
CA SER I 143 2.40 -32.38 -28.82
C SER I 143 0.96 -32.09 -29.24
N ALA I 144 0.34 -31.13 -28.57
CA ALA I 144 -0.99 -30.68 -28.93
C ALA I 144 -0.96 -30.02 -30.30
N SER I 145 -1.96 -30.30 -31.12
CA SER I 145 -2.04 -29.74 -32.47
C SER I 145 -3.14 -28.68 -32.53
N ARG I 146 -4.07 -28.75 -31.59
CA ARG I 146 -5.26 -27.92 -31.70
C ARG I 146 -5.36 -26.93 -30.55
N GLY I 147 -4.21 -26.49 -30.05
CA GLY I 147 -4.16 -25.42 -29.08
C GLY I 147 -4.48 -25.89 -27.68
N GLY I 148 -5.63 -26.54 -27.52
CA GLY I 148 -6.07 -26.95 -26.19
C GLY I 148 -5.20 -28.05 -25.60
N PRO I 149 -5.48 -28.42 -24.34
CA PRO I 149 -4.67 -29.42 -23.64
C PRO I 149 -4.91 -30.81 -24.17
N LEU I 150 -3.86 -31.64 -24.20
CA LEU I 150 -4.04 -33.04 -24.55
C LEU I 150 -4.67 -33.75 -23.37
N ARG I 151 -5.58 -34.66 -23.67
CA ARG I 151 -6.34 -35.35 -22.64
C ARG I 151 -6.37 -36.83 -22.95
N LEU I 152 -6.03 -37.64 -21.95
CA LEU I 152 -6.12 -39.08 -22.06
C LEU I 152 -7.39 -39.52 -21.33
N PRO I 153 -7.93 -40.69 -21.68
CA PRO I 153 -9.28 -41.03 -21.20
C PRO I 153 -9.33 -41.52 -19.75
N ASN I 154 -8.17 -41.63 -19.10
CA ASN I 154 -8.08 -42.14 -17.74
C ASN I 154 -8.68 -43.54 -17.67
N SER I 155 -8.26 -44.40 -18.59
CA SER I 155 -8.76 -45.76 -18.65
C SER I 155 -7.78 -46.67 -19.37
N GLU I 156 -7.96 -47.97 -19.18
CA GLU I 156 -7.19 -49.00 -19.87
C GLU I 156 -7.17 -48.73 -21.37
N CYS I 157 -5.98 -48.76 -21.98
CA CYS I 157 -5.90 -48.76 -23.44
C CYS I 157 -6.07 -50.19 -23.91
N ILE I 158 -6.16 -50.39 -25.22
CA ILE I 158 -6.46 -51.72 -25.74
C ILE I 158 -5.31 -52.29 -26.57
N CYS I 159 -4.82 -53.47 -26.18
CA CYS I 159 -3.76 -54.15 -26.91
C CYS I 159 -4.25 -55.39 -27.62
N ILE I 160 -3.95 -55.47 -28.91
CA ILE I 160 -4.23 -56.64 -29.72
C ILE I 160 -3.02 -57.00 -30.55
N GLU I 161 -2.50 -58.21 -30.34
CA GLU I 161 -1.41 -58.73 -31.15
C GLU I 161 -0.22 -57.76 -31.27
N GLY I 162 0.11 -57.10 -30.17
CA GLY I 162 1.24 -56.18 -30.13
C GLY I 162 0.91 -54.76 -30.52
N SER I 163 -0.33 -54.53 -30.97
CA SER I 163 -0.76 -53.18 -31.34
C SER I 163 -1.70 -52.62 -30.28
N CYS I 164 -1.36 -51.44 -29.74
CA CYS I 164 -2.14 -50.83 -28.69
C CYS I 164 -2.89 -49.58 -29.16
N PHE I 165 -4.12 -49.44 -28.69
CA PHE I 165 -5.01 -48.38 -29.18
C PHE I 165 -5.54 -47.51 -28.05
N VAL I 166 -5.62 -46.21 -28.31
CA VAL I 166 -6.08 -45.24 -27.32
C VAL I 166 -6.75 -44.08 -28.03
N ILE I 167 -7.75 -43.49 -27.40
CA ILE I 167 -8.39 -42.30 -27.96
C ILE I 167 -7.81 -41.09 -27.26
N VAL I 168 -7.27 -40.17 -28.04
CA VAL I 168 -6.66 -38.98 -27.49
C VAL I 168 -7.52 -37.79 -27.85
N SER I 169 -7.80 -36.94 -26.88
CA SER I 169 -8.64 -35.77 -27.12
C SER I 169 -7.79 -34.50 -27.05
N ASP I 170 -8.18 -33.52 -27.85
CA ASP I 170 -7.47 -32.25 -27.96
C ASP I 170 -8.53 -31.18 -28.18
N GLY I 171 -8.15 -29.91 -28.06
CA GLY I 171 -9.11 -28.83 -28.16
C GLY I 171 -9.34 -28.18 -26.80
N PRO I 172 -9.47 -26.84 -26.78
CA PRO I 172 -9.54 -26.06 -25.54
C PRO I 172 -10.92 -26.04 -24.88
N ASN I 173 -11.97 -26.34 -25.64
CA ASN I 173 -13.33 -26.37 -25.12
C ASN I 173 -14.12 -27.57 -25.63
N VAL I 174 -15.17 -27.94 -24.91
CA VAL I 174 -15.99 -29.08 -25.29
C VAL I 174 -16.76 -28.82 -26.60
N ASN I 175 -17.01 -27.55 -26.93
CA ASN I 175 -17.70 -27.22 -28.18
C ASN I 175 -16.77 -27.20 -29.39
N GLN I 176 -15.47 -27.35 -29.14
CA GLN I 176 -14.50 -27.50 -30.23
C GLN I 176 -13.35 -28.40 -29.82
N SER I 177 -13.69 -29.66 -29.55
CA SER I 177 -12.72 -30.67 -29.20
C SER I 177 -12.45 -31.53 -30.42
N VAL I 178 -11.26 -32.11 -30.51
CA VAL I 178 -10.96 -33.06 -31.57
C VAL I 178 -10.54 -34.39 -30.95
N HIS I 179 -10.78 -35.50 -31.64
CA HIS I 179 -10.51 -36.80 -31.05
C HIS I 179 -9.85 -37.73 -32.06
N ARG I 180 -8.81 -38.43 -31.62
CA ARG I 180 -8.04 -39.31 -32.48
C ARG I 180 -7.82 -40.68 -31.84
N ILE I 181 -7.79 -41.71 -32.68
CA ILE I 181 -7.34 -43.03 -32.25
C ILE I 181 -5.87 -43.15 -32.59
N TYR I 182 -5.03 -43.39 -31.58
CA TYR I 182 -3.62 -43.63 -31.83
C TYR I 182 -3.33 -45.13 -31.74
N GLU I 183 -2.59 -45.66 -32.69
CA GLU I 183 -2.20 -47.05 -32.66
C GLU I 183 -0.73 -47.13 -32.32
N LEU I 184 -0.41 -47.90 -31.29
CA LEU I 184 0.95 -47.97 -30.78
C LEU I 184 1.55 -49.37 -30.89
N GLN I 185 2.87 -49.41 -31.05
CA GLN I 185 3.61 -50.67 -31.07
C GLN I 185 5.00 -50.41 -30.50
N ASN I 186 5.36 -51.22 -29.50
CA ASN I 186 6.62 -51.07 -28.77
C ASN I 186 6.82 -49.67 -28.22
N GLY I 187 5.71 -49.07 -27.77
CA GLY I 187 5.72 -47.74 -27.20
C GLY I 187 5.96 -46.65 -28.21
N THR I 188 5.80 -46.98 -29.48
CA THR I 188 6.03 -46.01 -30.55
C THR I 188 4.77 -45.84 -31.40
N VAL I 189 4.39 -44.59 -31.63
CA VAL I 189 3.23 -44.27 -32.45
C VAL I 189 3.47 -44.69 -33.90
N GLN I 190 2.61 -45.56 -34.42
CA GLN I 190 2.69 -45.98 -35.82
C GLN I 190 1.80 -45.12 -36.71
N ARG I 191 0.53 -44.96 -36.31
CA ARG I 191 -0.36 -44.07 -37.05
C ARG I 191 -1.57 -43.68 -36.22
N TRP I 192 -2.30 -42.68 -36.70
CA TRP I 192 -3.53 -42.23 -36.06
C TRP I 192 -4.60 -41.87 -37.08
N LYS I 193 -5.85 -41.85 -36.62
CA LYS I 193 -6.97 -41.55 -37.49
C LYS I 193 -7.86 -40.56 -36.75
N GLN I 194 -8.10 -39.39 -37.35
CA GLN I 194 -8.95 -38.40 -36.72
C GLN I 194 -10.41 -38.68 -37.03
N LEU I 195 -11.24 -38.64 -36.00
CA LEU I 195 -12.65 -38.97 -36.14
C LEU I 195 -13.49 -37.76 -36.50
N ASN I 196 -14.52 -37.99 -37.30
CA ASN I 196 -15.56 -36.99 -37.50
C ASN I 196 -16.51 -37.08 -36.31
N THR I 197 -16.25 -36.25 -35.31
CA THR I 197 -17.02 -36.21 -34.08
C THR I 197 -17.76 -34.89 -34.04
N THR I 198 -17.91 -34.29 -35.23
CA THR I 198 -18.57 -33.00 -35.40
C THR I 198 -20.01 -33.03 -34.88
N GLY I 199 -20.36 -32.05 -34.05
CA GLY I 199 -21.70 -31.99 -33.49
C GLY I 199 -21.76 -32.53 -32.07
N ILE I 200 -20.76 -33.36 -31.71
CA ILE I 200 -20.74 -33.97 -30.38
C ILE I 200 -19.40 -33.76 -29.66
N ASN I 201 -19.32 -34.30 -28.46
CA ASN I 201 -18.10 -34.27 -27.66
C ASN I 201 -17.85 -35.67 -27.13
N PHE I 202 -16.60 -36.13 -27.19
CA PHE I 202 -16.27 -37.52 -26.88
C PHE I 202 -15.11 -37.61 -25.90
N GLU I 203 -15.37 -37.27 -24.64
CA GLU I 203 -14.35 -37.31 -23.61
C GLU I 203 -14.44 -38.60 -22.80
N TYR I 204 -13.42 -38.84 -21.98
CA TYR I 204 -13.43 -39.93 -21.00
C TYR I 204 -13.76 -41.30 -21.57
N SER I 205 -13.14 -41.63 -22.71
CA SER I 205 -13.38 -42.91 -23.37
C SER I 205 -13.07 -44.10 -22.45
N THR I 206 -14.00 -45.04 -22.36
CA THR I 206 -13.73 -46.33 -21.72
C THR I 206 -14.08 -47.45 -22.69
N CYS I 207 -13.11 -48.33 -22.94
CA CYS I 207 -13.21 -49.23 -24.08
C CYS I 207 -12.91 -50.69 -23.73
N TYR I 208 -13.31 -51.60 -24.60
CA TYR I 208 -12.95 -53.01 -24.48
C TYR I 208 -12.87 -53.65 -25.87
N THR I 209 -12.27 -54.83 -25.93
CA THR I 209 -12.11 -55.54 -27.20
C THR I 209 -12.82 -56.89 -27.21
N ILE I 210 -13.39 -57.25 -28.35
CA ILE I 210 -13.89 -58.59 -28.55
C ILE I 210 -13.81 -58.97 -30.03
N ASN I 211 -13.23 -60.15 -30.27
CA ASN I 211 -13.02 -60.72 -31.59
C ASN I 211 -12.65 -59.70 -32.67
N ASN I 212 -11.48 -59.07 -32.50
CA ASN I 212 -10.91 -58.11 -33.44
C ASN I 212 -11.67 -56.79 -33.61
N LEU I 213 -12.54 -56.48 -32.66
CA LEU I 213 -13.19 -55.16 -32.60
C LEU I 213 -12.93 -54.49 -31.25
N ILE I 214 -12.73 -53.18 -31.28
CA ILE I 214 -12.64 -52.40 -30.05
C ILE I 214 -13.89 -51.54 -29.93
N LYS I 215 -14.51 -51.56 -28.76
CA LYS I 215 -15.72 -50.77 -28.53
C LYS I 215 -15.50 -49.86 -27.35
N CYS I 216 -15.75 -48.58 -27.56
CA CYS I 216 -15.48 -47.56 -26.57
C CYS I 216 -16.74 -46.78 -26.26
N THR I 217 -16.92 -46.45 -24.99
CA THR I 217 -18.03 -45.60 -24.58
C THR I 217 -17.43 -44.25 -24.25
N GLY I 218 -18.06 -43.18 -24.73
CA GLY I 218 -17.55 -41.85 -24.46
C GLY I 218 -18.46 -41.09 -23.53
N THR I 219 -18.07 -39.84 -23.21
CA THR I 219 -18.88 -38.96 -22.39
C THR I 219 -18.95 -37.61 -23.08
N ASN I 220 -20.17 -37.12 -23.29
CA ASN I 220 -20.36 -35.82 -23.93
C ASN I 220 -20.59 -34.75 -22.88
N LEU I 221 -19.63 -33.84 -22.75
CA LEU I 221 -19.69 -32.78 -21.76
C LEU I 221 -20.36 -31.55 -22.35
N TRP I 222 -20.77 -31.64 -23.60
CA TRP I 222 -21.24 -30.48 -24.35
C TRP I 222 -22.77 -30.45 -24.49
N ASN I 223 -23.34 -31.41 -25.19
CA ASN I 223 -24.74 -31.29 -25.59
C ASN I 223 -25.54 -32.59 -25.51
N ASP I 224 -25.12 -33.52 -24.66
CA ASP I 224 -25.78 -34.82 -24.63
C ASP I 224 -25.78 -35.46 -23.25
N ALA I 225 -26.95 -35.93 -22.83
CA ALA I 225 -27.10 -36.63 -21.57
C ALA I 225 -27.12 -38.12 -21.86
N LYS I 226 -27.15 -38.45 -23.14
CA LYS I 226 -26.90 -39.81 -23.60
C LYS I 226 -25.41 -39.98 -23.83
N ARG I 227 -24.96 -41.23 -23.83
CA ARG I 227 -23.55 -41.52 -24.06
C ARG I 227 -23.26 -41.95 -25.48
N PRO I 228 -22.36 -41.21 -26.15
CA PRO I 228 -21.94 -41.56 -27.51
C PRO I 228 -21.14 -42.86 -27.52
N LEU I 229 -21.28 -43.64 -28.59
CA LEU I 229 -20.64 -44.94 -28.68
C LEU I 229 -19.68 -44.98 -29.87
N LEU I 230 -18.57 -45.69 -29.70
CA LEU I 230 -17.61 -45.86 -30.77
C LEU I 230 -17.27 -47.33 -30.96
N ARG I 231 -17.25 -47.75 -32.22
CA ARG I 231 -16.85 -49.10 -32.58
C ARG I 231 -15.83 -48.98 -33.70
N PHE I 232 -14.70 -49.66 -33.55
CA PHE I 232 -13.69 -49.65 -34.58
C PHE I 232 -12.83 -50.92 -34.66
N THR I 233 -12.12 -51.03 -35.78
CA THR I 233 -11.30 -52.18 -36.11
C THR I 233 -9.83 -51.80 -36.09
N LYS I 234 -8.96 -52.79 -36.28
CA LYS I 234 -7.52 -52.55 -36.31
C LYS I 234 -7.06 -51.61 -37.43
N GLU I 235 -7.83 -51.55 -38.52
CA GLU I 235 -7.49 -50.66 -39.63
C GLU I 235 -8.11 -49.28 -39.47
N LEU I 236 -8.58 -48.99 -38.26
CA LEU I 236 -9.10 -47.68 -37.91
C LEU I 236 -10.35 -47.33 -38.71
N ASN I 237 -11.03 -48.37 -39.18
CA ASN I 237 -12.37 -48.21 -39.73
C ASN I 237 -13.28 -48.09 -38.52
N TYR I 238 -14.09 -47.05 -38.49
CA TYR I 238 -14.86 -46.78 -37.29
C TYR I 238 -16.29 -46.38 -37.62
N GLN I 239 -17.13 -46.41 -36.59
CA GLN I 239 -18.52 -46.01 -36.72
C GLN I 239 -18.94 -45.47 -35.36
N ILE I 240 -19.55 -44.29 -35.34
CA ILE I 240 -20.03 -43.72 -34.09
C ILE I 240 -21.54 -43.80 -34.03
N VAL I 241 -22.04 -44.35 -32.93
CA VAL I 241 -23.45 -44.68 -32.79
C VAL I 241 -24.02 -43.99 -31.57
N GLU I 242 -25.27 -43.54 -31.68
CA GLU I 242 -25.98 -42.94 -30.57
C GLU I 242 -27.04 -43.92 -30.12
N PRO I 243 -27.20 -44.07 -28.79
CA PRO I 243 -28.23 -44.97 -28.26
C PRO I 243 -29.61 -44.53 -28.72
N CYS I 244 -30.41 -45.49 -29.16
CA CYS I 244 -31.73 -45.20 -29.71
C CYS I 244 -32.75 -45.32 -28.59
N ASN I 245 -32.22 -45.29 -27.36
CA ASN I 245 -32.97 -45.35 -26.13
C ASN I 245 -33.84 -44.13 -25.88
N GLY I 246 -34.59 -44.17 -24.78
CA GLY I 246 -35.27 -43.02 -24.23
C GLY I 246 -34.74 -42.76 -22.83
N ALA I 247 -33.68 -43.51 -22.48
CA ALA I 247 -33.14 -43.50 -21.13
C ALA I 247 -31.68 -43.02 -21.07
N PRO I 248 -31.49 -41.75 -20.68
CA PRO I 248 -30.16 -41.14 -20.53
C PRO I 248 -29.37 -41.81 -19.41
N THR I 249 -28.05 -41.95 -19.58
CA THR I 249 -27.22 -42.61 -18.59
C THR I 249 -26.09 -41.74 -18.03
N ASP I 250 -25.88 -40.56 -18.62
CA ASP I 250 -24.87 -39.63 -18.15
C ASP I 250 -25.33 -38.95 -16.87
N PHE I 251 -24.42 -38.30 -16.16
CA PHE I 251 -24.80 -37.40 -15.06
C PHE I 251 -24.06 -36.08 -15.19
N PRO I 252 -24.80 -34.96 -15.21
CA PRO I 252 -26.26 -34.90 -15.02
C PRO I 252 -27.06 -35.38 -16.23
N ARG I 253 -28.37 -35.52 -16.04
CA ARG I 253 -29.27 -35.96 -17.10
C ARG I 253 -30.71 -35.59 -16.73
N GLY I 254 -31.60 -35.62 -17.72
CA GLY I 254 -33.01 -35.41 -17.46
C GLY I 254 -33.72 -36.73 -17.20
N GLY I 255 -35.05 -36.70 -17.23
CA GLY I 255 -35.83 -37.90 -16.99
C GLY I 255 -36.01 -38.72 -18.26
N LEU I 256 -36.76 -39.81 -18.15
CA LEU I 256 -37.03 -40.65 -19.31
C LEU I 256 -37.90 -39.91 -20.34
N THR I 257 -37.64 -40.16 -21.62
CA THR I 257 -38.46 -39.61 -22.70
C THR I 257 -38.73 -40.70 -23.73
N THR I 258 -39.42 -40.35 -24.81
CA THR I 258 -39.74 -41.28 -25.89
C THR I 258 -38.47 -41.73 -26.61
N PRO I 259 -38.31 -43.05 -26.79
CA PRO I 259 -37.15 -43.69 -27.43
C PRO I 259 -36.82 -43.11 -28.80
N SER I 260 -35.55 -42.72 -29.00
CA SER I 260 -35.10 -42.20 -30.29
C SER I 260 -33.57 -42.19 -30.40
N CYS I 261 -33.07 -42.07 -31.62
CA CYS I 261 -31.63 -42.01 -31.87
C CYS I 261 -31.10 -40.59 -31.87
N LYS I 262 -31.87 -39.68 -31.29
CA LYS I 262 -31.45 -38.29 -31.17
C LYS I 262 -30.73 -38.10 -29.85
N MET I 263 -29.79 -37.17 -29.81
CA MET I 263 -29.08 -36.83 -28.58
C MET I 263 -30.07 -36.27 -27.56
N ALA I 264 -29.78 -36.49 -26.28
CA ALA I 264 -30.62 -35.96 -25.21
C ALA I 264 -30.09 -34.60 -24.76
N GLN I 265 -30.73 -33.54 -25.22
CA GLN I 265 -30.25 -32.19 -24.96
C GLN I 265 -30.63 -31.69 -23.57
N GLU I 266 -31.58 -32.36 -22.93
CA GLU I 266 -31.95 -31.96 -21.57
C GLU I 266 -30.77 -32.23 -20.66
N LYS I 267 -30.19 -31.15 -20.14
CA LYS I 267 -29.01 -31.20 -19.28
C LYS I 267 -27.84 -31.97 -19.90
N GLY I 268 -27.61 -31.74 -21.19
CA GLY I 268 -26.54 -32.41 -21.91
C GLY I 268 -25.17 -31.87 -21.53
N GLU I 269 -25.11 -30.60 -21.16
CA GLU I 269 -23.87 -29.97 -20.71
C GLU I 269 -23.32 -30.66 -19.47
N GLY I 270 -22.01 -30.94 -19.47
CA GLY I 270 -21.39 -31.61 -18.36
C GLY I 270 -21.48 -33.12 -18.58
N GLY I 271 -21.03 -33.88 -17.59
CA GLY I 271 -21.07 -35.32 -17.69
C GLY I 271 -20.07 -35.94 -16.75
N ILE I 272 -20.08 -37.27 -16.68
CA ILE I 272 -19.08 -37.99 -15.88
C ILE I 272 -18.77 -39.28 -16.60
N GLN I 273 -17.53 -39.75 -16.45
CA GLN I 273 -17.07 -40.98 -17.11
C GLN I 273 -17.97 -42.16 -16.75
N GLY I 274 -18.36 -42.92 -17.76
CA GLY I 274 -19.28 -44.04 -17.58
C GLY I 274 -19.22 -44.98 -18.77
N PHE I 275 -19.92 -46.11 -18.67
CA PHE I 275 -19.78 -47.15 -19.66
C PHE I 275 -21.12 -47.69 -20.16
N ILE I 276 -21.11 -48.18 -21.39
CA ILE I 276 -22.23 -48.93 -21.94
C ILE I 276 -21.70 -50.17 -22.64
N LEU I 277 -22.18 -51.33 -22.21
CA LEU I 277 -21.77 -52.57 -22.83
C LEU I 277 -22.69 -52.86 -24.00
N ASP I 278 -22.26 -52.49 -25.20
CA ASP I 278 -23.07 -52.74 -26.39
C ASP I 278 -22.71 -54.08 -27.04
N GLU I 279 -23.42 -55.12 -26.61
CA GLU I 279 -23.19 -56.46 -27.13
C GLU I 279 -24.54 -56.99 -27.61
N LYS I 280 -24.66 -58.31 -27.74
CA LYS I 280 -25.85 -58.83 -28.41
C LYS I 280 -27.10 -58.78 -27.53
N PRO I 281 -26.95 -59.03 -26.21
CA PRO I 281 -27.77 -58.27 -25.27
C PRO I 281 -26.95 -57.13 -24.68
N ALA I 282 -27.54 -55.95 -24.52
CA ALA I 282 -26.78 -54.80 -24.01
C ALA I 282 -26.97 -54.58 -22.51
N TRP I 283 -25.98 -53.96 -21.88
CA TRP I 283 -26.08 -53.56 -20.48
C TRP I 283 -25.84 -52.05 -20.39
N THR I 284 -26.73 -51.34 -19.72
CA THR I 284 -26.58 -49.90 -19.54
C THR I 284 -26.39 -49.62 -18.06
N SER I 285 -25.80 -48.48 -17.72
CA SER I 285 -25.50 -48.16 -16.32
C SER I 285 -25.59 -46.67 -16.00
N LYS I 286 -26.07 -46.36 -14.80
CA LYS I 286 -26.27 -44.99 -14.36
C LYS I 286 -26.61 -44.94 -12.87
N THR I 287 -26.63 -43.73 -12.32
CA THR I 287 -27.11 -43.47 -10.96
C THR I 287 -28.56 -43.86 -10.79
N LYS I 288 -29.03 -43.96 -9.55
CA LYS I 288 -30.42 -44.35 -9.29
C LYS I 288 -31.42 -43.35 -9.84
N ALA I 289 -31.18 -42.08 -9.56
CA ALA I 289 -32.04 -41.00 -10.03
C ALA I 289 -31.19 -39.92 -10.66
N GLU I 290 -31.82 -39.05 -11.45
CA GLU I 290 -31.09 -38.03 -12.18
C GLU I 290 -30.84 -36.80 -11.31
N SER I 291 -31.48 -36.78 -10.15
CA SER I 291 -31.41 -35.62 -9.26
C SER I 291 -30.13 -35.56 -8.45
N SER I 292 -29.48 -36.71 -8.26
CA SER I 292 -28.33 -36.79 -7.38
C SER I 292 -27.36 -37.88 -7.81
N GLN I 293 -26.11 -37.76 -7.36
CA GLN I 293 -25.04 -38.68 -7.76
C GLN I 293 -24.97 -39.85 -6.78
N ASN I 294 -26.14 -40.34 -6.38
CA ASN I 294 -26.22 -41.45 -5.43
C ASN I 294 -26.67 -42.72 -6.10
N GLY I 295 -26.13 -43.85 -5.65
CA GLY I 295 -26.55 -45.15 -6.16
C GLY I 295 -25.95 -45.48 -7.52
N PHE I 296 -26.22 -46.69 -8.01
CA PHE I 296 -25.73 -47.14 -9.30
C PHE I 296 -26.58 -48.32 -9.77
N VAL I 297 -27.14 -48.23 -10.96
CA VAL I 297 -28.00 -49.30 -11.48
C VAL I 297 -27.54 -49.86 -12.82
N LEU I 298 -27.56 -51.19 -12.94
CA LEU I 298 -27.24 -51.89 -14.18
C LEU I 298 -28.53 -52.38 -14.80
N GLU I 299 -28.73 -52.10 -16.08
CA GLU I 299 -29.93 -52.57 -16.77
C GLU I 299 -29.56 -53.33 -18.03
N GLN I 300 -30.18 -54.50 -18.22
CA GLN I 300 -29.91 -55.31 -19.39
C GLN I 300 -30.95 -55.03 -20.46
N ILE I 301 -30.48 -54.89 -21.70
CA ILE I 301 -31.38 -54.69 -22.84
C ILE I 301 -31.04 -55.68 -23.96
N PRO I 302 -31.80 -56.79 -24.02
CA PRO I 302 -31.57 -57.92 -24.94
C PRO I 302 -31.46 -57.54 -26.42
N ASN I 303 -32.25 -56.58 -26.89
CA ASN I 303 -32.23 -56.24 -28.32
C ASN I 303 -31.09 -55.30 -28.72
N GLY I 304 -30.17 -55.04 -27.79
CA GLY I 304 -29.03 -54.18 -28.08
C GLY I 304 -29.36 -52.74 -27.77
N ILE I 305 -28.36 -51.86 -27.80
CA ILE I 305 -28.55 -50.48 -27.42
C ILE I 305 -29.01 -49.61 -28.59
N GLU I 306 -29.02 -50.18 -29.79
CA GLU I 306 -29.54 -49.48 -30.95
C GLU I 306 -31.02 -49.77 -31.11
N SER I 307 -31.61 -50.42 -30.11
CA SER I 307 -33.04 -50.67 -30.07
C SER I 307 -33.73 -49.61 -29.22
N GLU I 308 -35.04 -49.75 -29.02
CA GLU I 308 -35.76 -48.94 -28.03
C GLU I 308 -35.53 -49.51 -26.64
N GLY I 309 -35.65 -48.66 -25.62
CA GLY I 309 -35.25 -49.04 -24.28
C GLY I 309 -36.21 -49.80 -23.37
N THR I 310 -36.49 -51.06 -23.71
CA THR I 310 -37.30 -51.90 -22.83
C THR I 310 -36.35 -52.82 -22.03
N VAL I 311 -36.36 -52.66 -20.72
CA VAL I 311 -35.40 -53.33 -19.84
C VAL I 311 -35.90 -54.71 -19.42
N SER I 312 -35.02 -55.71 -19.46
CA SER I 312 -35.38 -57.06 -19.06
C SER I 312 -34.95 -57.30 -17.62
N LEU I 313 -33.71 -56.94 -17.31
CA LEU I 313 -33.17 -57.09 -15.97
C LEU I 313 -32.66 -55.75 -15.44
N SER I 314 -32.93 -55.46 -14.17
CA SER I 314 -32.46 -54.21 -13.57
C SER I 314 -31.90 -54.48 -12.19
N TYR I 315 -30.59 -54.31 -12.04
CA TYR I 315 -29.92 -54.54 -10.75
C TYR I 315 -29.59 -53.19 -10.14
N GLU I 316 -30.01 -52.99 -8.90
CA GLU I 316 -29.66 -51.79 -8.16
C GLU I 316 -28.48 -52.13 -7.25
N LEU I 317 -27.27 -51.91 -7.75
CA LEU I 317 -26.06 -52.29 -7.01
C LEU I 317 -25.85 -51.38 -5.81
N PHE I 318 -26.16 -50.10 -5.98
CA PHE I 318 -26.03 -49.15 -4.90
C PHE I 318 -27.23 -48.21 -4.89
N SER I 319 -27.63 -47.74 -3.70
CA SER I 319 -28.71 -46.76 -3.57
C SER I 319 -28.21 -45.44 -2.99
N ASN I 320 -27.56 -45.50 -1.84
CA ASN I 320 -27.14 -44.30 -1.13
C ASN I 320 -25.67 -43.91 -1.34
N LYS I 321 -24.83 -44.88 -1.68
CA LYS I 321 -23.41 -44.61 -1.89
C LYS I 321 -23.24 -43.54 -2.96
N ARG I 322 -22.40 -42.57 -2.67
CA ARG I 322 -22.14 -41.51 -3.63
C ARG I 322 -21.28 -42.10 -4.73
N THR I 323 -21.63 -41.78 -5.98
CA THR I 323 -21.06 -42.46 -7.13
C THR I 323 -20.25 -41.48 -7.98
N GLY I 324 -19.22 -42.00 -8.64
CA GLY I 324 -18.38 -41.19 -9.49
C GLY I 324 -18.19 -41.84 -10.84
N ARG I 325 -16.93 -41.88 -11.28
CA ARG I 325 -16.56 -42.43 -12.58
C ARG I 325 -16.84 -43.93 -12.66
N SER I 326 -17.03 -44.44 -13.88
CA SER I 326 -17.14 -45.88 -14.10
C SER I 326 -16.54 -46.20 -15.47
N GLY I 327 -15.99 -47.41 -15.61
CA GLY I 327 -15.34 -47.80 -16.85
C GLY I 327 -14.96 -49.27 -16.85
N PHE I 328 -14.58 -49.77 -18.02
CA PHE I 328 -14.29 -51.18 -18.23
C PHE I 328 -12.86 -51.56 -17.86
N PHE I 329 -12.65 -52.83 -17.54
CA PHE I 329 -11.33 -53.43 -17.64
C PHE I 329 -11.48 -54.92 -17.95
N GLN I 330 -10.49 -55.48 -18.66
CA GLN I 330 -10.52 -56.89 -19.03
C GLN I 330 -9.39 -57.65 -18.37
N PRO I 331 -9.73 -58.75 -17.67
CA PRO I 331 -8.67 -59.61 -17.14
C PRO I 331 -7.99 -60.33 -18.30
N LYS I 332 -6.67 -60.31 -18.35
CA LYS I 332 -5.94 -60.93 -19.43
C LYS I 332 -5.33 -62.22 -18.93
N GLY I 333 -6.17 -63.21 -18.70
CA GLY I 333 -5.73 -64.47 -18.16
C GLY I 333 -6.81 -65.51 -18.29
N ASP I 334 -7.59 -65.68 -17.21
CA ASP I 334 -8.68 -66.65 -17.16
C ASP I 334 -8.27 -68.01 -17.70
N LEU I 335 -7.65 -68.80 -16.84
CA LEU I 335 -7.16 -70.10 -17.24
C LEU I 335 -8.24 -71.13 -16.97
N ILE I 336 -9.40 -70.64 -16.54
CA ILE I 336 -10.50 -71.49 -16.12
C ILE I 336 -11.74 -71.32 -17.00
N SER I 337 -11.94 -70.12 -17.54
CA SER I 337 -13.05 -69.87 -18.45
C SER I 337 -12.48 -69.77 -19.87
N GLY I 338 -13.16 -70.38 -20.82
CA GLY I 338 -12.71 -70.35 -22.20
C GLY I 338 -13.30 -69.23 -23.02
N CYS I 339 -14.15 -68.42 -22.38
CA CYS I 339 -14.72 -67.25 -23.04
C CYS I 339 -14.15 -65.99 -22.38
N GLN I 340 -14.25 -64.87 -23.09
CA GLN I 340 -13.69 -63.62 -22.58
C GLN I 340 -14.57 -62.94 -21.55
N ARG I 341 -14.05 -62.84 -20.33
CA ARG I 341 -14.74 -62.16 -19.25
C ARG I 341 -14.62 -60.65 -19.40
N ILE I 342 -15.60 -59.93 -18.85
CA ILE I 342 -15.58 -58.47 -18.89
C ILE I 342 -15.85 -57.91 -17.49
N CYS I 343 -15.14 -56.85 -17.13
CA CYS I 343 -15.29 -56.27 -15.80
C CYS I 343 -15.32 -54.75 -15.89
N PHE I 344 -15.83 -54.12 -14.83
CA PHE I 344 -15.79 -52.67 -14.71
C PHE I 344 -15.38 -52.21 -13.31
N TRP I 345 -14.80 -51.01 -13.24
CA TRP I 345 -14.46 -50.40 -11.96
C TRP I 345 -15.41 -49.24 -11.67
N LEU I 346 -15.52 -48.84 -10.41
CA LEU I 346 -16.48 -47.81 -10.02
C LEU I 346 -16.04 -47.03 -8.79
N GLU I 347 -16.06 -45.70 -8.90
CA GLU I 347 -15.76 -44.82 -7.79
C GLU I 347 -16.93 -44.79 -6.83
N ILE I 348 -16.69 -45.16 -5.58
CA ILE I 348 -17.69 -45.03 -4.53
C ILE I 348 -17.11 -44.27 -3.34
N GLU I 349 -17.83 -43.26 -2.87
CA GLU I 349 -17.32 -42.42 -1.80
C GLU I 349 -17.43 -43.11 -0.45
N ASP I 350 -16.32 -43.16 0.27
CA ASP I 350 -16.32 -43.65 1.63
C ASP I 350 -16.84 -42.51 2.49
N GLN I 351 -18.13 -42.56 2.79
CA GLN I 351 -18.81 -41.47 3.50
C GLN I 351 -18.35 -41.34 4.95
N THR I 352 -17.64 -42.35 5.44
CA THR I 352 -17.08 -42.32 6.78
C THR I 352 -15.83 -41.44 6.83
N VAL I 353 -15.25 -41.15 5.67
CA VAL I 353 -14.10 -40.26 5.61
C VAL I 353 -14.62 -38.92 5.12
N GLY I 354 -14.45 -37.90 5.95
CA GLY I 354 -14.95 -36.57 5.66
C GLY I 354 -14.36 -35.98 4.39
N LEU I 355 -15.12 -35.07 3.79
CA LEU I 355 -14.63 -34.20 2.71
C LEU I 355 -14.30 -34.94 1.41
N GLY I 356 -14.81 -36.17 1.26
CA GLY I 356 -14.62 -36.92 0.03
C GLY I 356 -13.18 -37.18 -0.35
N MET I 357 -12.30 -37.26 0.65
CA MET I 357 -10.88 -37.52 0.41
C MET I 357 -10.65 -38.91 -0.16
N ILE I 358 -11.55 -39.83 0.17
CA ILE I 358 -11.38 -41.22 -0.24
C ILE I 358 -12.48 -41.76 -1.15
N GLN I 359 -12.11 -42.00 -2.41
CA GLN I 359 -12.95 -42.73 -3.35
C GLN I 359 -12.36 -44.12 -3.49
N GLU I 360 -13.01 -45.13 -2.93
CA GLU I 360 -12.48 -46.48 -3.16
C GLU I 360 -12.74 -46.85 -4.61
N LEU I 361 -11.76 -47.52 -5.22
CA LEU I 361 -11.93 -48.04 -6.56
C LEU I 361 -12.44 -49.48 -6.48
N SER I 362 -13.76 -49.63 -6.53
CA SER I 362 -14.37 -50.95 -6.47
C SER I 362 -14.31 -51.60 -7.85
N THR I 363 -14.37 -52.93 -7.89
CA THR I 363 -14.35 -53.66 -9.14
C THR I 363 -15.50 -54.66 -9.19
N PHE I 364 -16.11 -54.79 -10.36
CA PHE I 364 -17.21 -55.74 -10.56
C PHE I 364 -16.95 -56.59 -11.81
N CYS I 365 -17.32 -57.86 -11.77
CA CYS I 365 -17.20 -58.74 -12.93
C CYS I 365 -18.53 -59.34 -13.35
N GLY I 366 -18.70 -59.57 -14.65
CA GLY I 366 -19.92 -60.14 -15.18
C GLY I 366 -19.95 -61.64 -14.96
N ILE I 367 -21.14 -62.18 -14.71
CA ILE I 367 -21.29 -63.62 -14.51
C ILE I 367 -22.43 -64.23 -15.35
N ASN I 368 -22.31 -65.52 -15.63
CA ASN I 368 -23.30 -66.24 -16.41
C ASN I 368 -24.55 -66.59 -15.62
N SER I 369 -24.47 -66.41 -14.31
CA SER I 369 -25.60 -66.68 -13.44
C SER I 369 -26.30 -65.39 -13.03
N PRO I 370 -27.63 -65.44 -12.88
CA PRO I 370 -28.38 -64.31 -12.31
C PRO I 370 -28.05 -64.20 -10.82
N VAL I 371 -28.23 -63.02 -10.24
CA VAL I 371 -27.84 -62.79 -8.85
C VAL I 371 -28.97 -62.06 -8.14
N GLN I 372 -28.99 -62.18 -6.81
CA GLN I 372 -29.98 -61.50 -6.00
C GLN I 372 -29.79 -60.00 -6.16
N ASN I 373 -30.86 -59.22 -6.09
CA ASN I 373 -30.74 -57.77 -6.18
C ASN I 373 -30.35 -57.16 -4.84
N ILE I 374 -29.12 -57.46 -4.41
CA ILE I 374 -28.61 -56.97 -3.13
C ILE I 374 -28.00 -55.58 -3.27
N ASN I 375 -28.17 -54.74 -2.25
CA ASN I 375 -27.55 -53.43 -2.23
C ASN I 375 -26.21 -53.54 -1.54
N TRP I 376 -25.17 -53.00 -2.18
CA TRP I 376 -23.82 -53.08 -1.63
C TRP I 376 -23.47 -51.87 -0.76
N ASP I 377 -24.48 -51.10 -0.35
CA ASP I 377 -24.29 -50.02 0.60
C ASP I 377 -23.80 -50.58 1.94
N ARG J 15 28.78 -52.87 -20.22
CA ARG J 15 29.28 -52.22 -21.42
C ARG J 15 28.58 -50.89 -21.68
N ALA J 16 29.35 -49.83 -21.91
CA ALA J 16 28.78 -48.60 -22.43
C ALA J 16 28.48 -48.81 -23.91
N LYS J 17 27.35 -48.31 -24.38
CA LYS J 17 26.96 -48.48 -25.79
C LYS J 17 27.85 -47.69 -26.75
N SER J 18 27.60 -47.83 -28.05
CA SER J 18 28.51 -47.31 -29.07
C SER J 18 28.64 -45.79 -29.01
N GLN J 19 27.50 -45.10 -29.08
CA GLN J 19 27.49 -43.64 -29.01
C GLN J 19 26.33 -43.13 -28.16
N MET J 20 26.45 -41.89 -27.69
CA MET J 20 25.39 -41.25 -26.93
C MET J 20 24.17 -41.09 -27.81
N CYS J 21 22.97 -41.25 -27.24
CA CYS J 21 21.77 -40.96 -27.99
C CYS J 21 21.77 -39.46 -28.21
N GLU J 22 21.33 -39.02 -29.39
CA GLU J 22 21.24 -37.60 -29.66
C GLU J 22 20.16 -37.00 -28.78
N VAL J 23 20.46 -35.87 -28.17
CA VAL J 23 19.50 -35.25 -27.28
C VAL J 23 18.94 -33.95 -27.85
N LYS J 24 17.63 -33.95 -28.09
CA LYS J 24 16.95 -32.76 -28.59
C LYS J 24 15.92 -32.29 -27.56
N GLY J 25 15.78 -33.07 -26.50
CA GLY J 25 14.85 -32.73 -25.44
C GLY J 25 15.06 -33.52 -24.17
N TRP J 26 14.42 -33.07 -23.09
CA TRP J 26 14.54 -33.73 -21.80
C TRP J 26 13.15 -33.94 -21.22
N VAL J 27 12.86 -35.17 -20.82
CA VAL J 27 11.57 -35.48 -20.23
C VAL J 27 11.76 -36.11 -18.85
N PRO J 28 10.91 -35.73 -17.89
CA PRO J 28 11.03 -36.22 -16.53
C PRO J 28 10.57 -37.67 -16.42
N THR J 29 11.40 -38.50 -15.80
CA THR J 29 11.02 -39.89 -15.60
C THR J 29 10.51 -40.05 -14.19
N HIS J 30 10.93 -39.14 -13.31
CA HIS J 30 10.45 -39.15 -11.94
C HIS J 30 10.19 -37.74 -11.42
N ARG J 31 8.97 -37.51 -10.95
CA ARG J 31 8.52 -36.22 -10.44
C ARG J 31 7.24 -36.46 -9.65
N GLY J 32 7.28 -36.19 -8.36
CA GLY J 32 6.18 -36.56 -7.48
C GLY J 32 5.18 -35.46 -7.20
N PHE J 33 4.47 -35.60 -6.09
CA PHE J 33 3.41 -34.69 -5.68
C PHE J 33 3.75 -34.10 -4.31
N PRO J 34 3.10 -32.99 -3.93
CA PRO J 34 3.41 -32.37 -2.63
C PRO J 34 3.08 -33.28 -1.45
N TRP J 35 4.02 -33.40 -0.53
CA TRP J 35 3.83 -34.23 0.67
C TRP J 35 3.23 -33.40 1.80
N GLY J 36 2.77 -32.21 1.46
CA GLY J 36 1.88 -31.45 2.32
C GLY J 36 2.61 -30.83 3.49
N PRO J 37 1.89 -30.04 4.30
CA PRO J 37 2.48 -29.47 5.50
C PRO J 37 2.97 -30.57 6.44
N GLU J 38 2.09 -31.52 6.75
CA GLU J 38 2.42 -32.58 7.70
C GLU J 38 2.80 -33.91 7.06
N LEU J 39 3.84 -34.54 7.59
CA LEU J 39 4.35 -35.82 7.09
C LEU J 39 3.98 -36.99 8.00
N PRO J 40 3.91 -38.20 7.41
CA PRO J 40 3.84 -39.43 8.20
C PRO J 40 5.14 -39.64 8.95
N GLY J 41 5.12 -40.46 9.99
CA GLY J 41 6.26 -40.57 10.89
C GLY J 41 7.43 -41.42 10.43
N ASP J 42 7.18 -42.29 9.46
CA ASP J 42 8.17 -43.29 9.06
C ASP J 42 9.01 -42.93 7.82
N LEU J 43 8.94 -41.68 7.38
CA LEU J 43 9.80 -41.23 6.27
C LEU J 43 11.21 -40.97 6.77
N ILE J 44 12.20 -41.31 5.94
CA ILE J 44 13.59 -41.08 6.31
C ILE J 44 14.05 -39.73 5.77
N LEU J 45 14.58 -38.89 6.64
CA LEU J 45 15.09 -37.58 6.23
C LEU J 45 16.49 -37.78 5.68
N SER J 46 16.76 -37.17 4.53
CA SER J 46 17.98 -37.45 3.78
C SER J 46 18.64 -36.22 3.16
N ARG J 47 19.89 -36.42 2.73
CA ARG J 47 20.63 -35.43 1.96
C ARG J 47 21.67 -36.15 1.10
N ARG J 48 22.26 -35.42 0.15
CA ARG J 48 23.28 -35.98 -0.75
C ARG J 48 22.80 -37.22 -1.48
N ALA J 49 21.56 -37.20 -1.96
CA ALA J 49 21.00 -38.33 -2.67
C ALA J 49 21.47 -38.33 -4.12
N TYR J 50 21.57 -39.52 -4.69
CA TYR J 50 21.89 -39.66 -6.11
C TYR J 50 21.28 -40.95 -6.62
N VAL J 51 21.40 -41.19 -7.92
CA VAL J 51 20.76 -42.33 -8.55
C VAL J 51 21.81 -43.23 -9.19
N SER J 52 21.61 -44.53 -9.05
CA SER J 52 22.43 -45.49 -9.77
C SER J 52 21.54 -46.66 -10.15
N CYS J 53 21.78 -47.20 -11.34
CA CYS J 53 20.92 -48.22 -11.89
C CYS J 53 21.74 -49.47 -12.12
N ASP J 54 21.11 -50.62 -11.99
CA ASP J 54 21.74 -51.86 -12.41
C ASP J 54 21.24 -52.21 -13.79
N LEU J 55 21.37 -53.47 -14.17
CA LEU J 55 20.94 -53.91 -15.49
C LEU J 55 19.42 -53.98 -15.56
N THR J 56 18.80 -54.13 -14.40
CA THR J 56 17.36 -54.32 -14.29
C THR J 56 16.60 -53.05 -13.88
N SER J 57 16.99 -52.44 -12.75
CA SER J 57 16.25 -51.31 -12.19
C SER J 57 17.17 -50.22 -11.62
N CYS J 58 16.59 -49.07 -11.26
CA CYS J 58 17.38 -47.98 -10.68
C CYS J 58 17.07 -47.76 -9.20
N PHE J 59 18.01 -47.17 -8.47
CA PHE J 59 17.86 -46.99 -7.02
C PHE J 59 18.29 -45.60 -6.54
N LYS J 60 17.68 -45.15 -5.45
CA LYS J 60 18.12 -43.93 -4.79
C LYS J 60 19.12 -44.28 -3.70
N PHE J 61 20.27 -43.61 -3.73
CA PHE J 61 21.26 -43.77 -2.67
C PHE J 61 21.30 -42.43 -1.96
N PHE J 62 21.30 -42.45 -0.62
CA PHE J 62 21.23 -41.23 0.16
C PHE J 62 21.86 -41.37 1.54
N ILE J 63 22.18 -40.24 2.14
CA ILE J 63 22.71 -40.20 3.50
C ILE J 63 21.57 -39.88 4.46
N ALA J 64 21.27 -40.83 5.34
CA ALA J 64 20.14 -40.69 6.26
C ALA J 64 20.59 -40.05 7.57
N TYR J 65 19.77 -39.15 8.11
CA TYR J 65 20.12 -38.45 9.35
C TYR J 65 18.95 -38.33 10.33
N GLY J 66 17.74 -38.65 9.88
CA GLY J 66 16.57 -38.53 10.75
C GLY J 66 15.26 -39.07 10.21
N LEU J 67 14.21 -39.00 11.03
CA LEU J 67 12.88 -39.45 10.66
C LEU J 67 11.88 -38.30 10.59
N SER J 68 10.89 -38.43 9.72
CA SER J 68 9.88 -37.40 9.50
C SER J 68 8.98 -37.20 10.73
N ALA J 69 8.95 -38.20 11.60
CA ALA J 69 8.24 -38.10 12.86
C ALA J 69 8.76 -36.95 13.70
N ASN J 70 9.99 -36.52 13.40
CA ASN J 70 10.60 -35.44 14.16
C ASN J 70 10.60 -34.14 13.36
N GLN J 71 9.70 -34.06 12.39
CA GLN J 71 9.31 -32.81 11.77
C GLN J 71 8.90 -31.89 12.92
N HIS J 72 9.09 -30.58 12.76
CA HIS J 72 8.83 -29.58 13.82
C HIS J 72 9.81 -29.68 14.98
N LEU J 73 10.55 -30.77 15.06
CA LEU J 73 11.30 -31.12 16.28
C LEU J 73 12.80 -31.35 16.13
N LEU J 74 13.34 -31.08 14.95
CA LEU J 74 14.76 -31.29 14.71
C LEU J 74 15.48 -29.97 14.49
N ASN J 75 16.70 -29.86 15.00
CA ASN J 75 17.53 -28.73 14.64
C ASN J 75 17.90 -28.94 13.17
N THR J 76 18.02 -27.85 12.43
CA THR J 76 18.37 -27.89 11.00
C THR J 76 19.56 -26.97 10.73
N SER J 77 20.66 -27.54 10.27
CA SER J 77 20.71 -28.93 9.83
C SER J 77 21.44 -29.85 10.78
N MET J 78 21.41 -31.15 10.49
CA MET J 78 21.96 -32.14 11.39
C MET J 78 23.28 -32.68 10.82
N GLU J 79 24.38 -32.28 11.46
CA GLU J 79 25.73 -32.69 11.07
C GLU J 79 26.23 -33.80 11.97
N TRP J 80 25.40 -34.80 12.23
CA TRP J 80 25.79 -35.78 13.24
C TRP J 80 25.95 -37.22 12.74
N GLU J 81 25.31 -38.16 13.42
CA GLU J 81 25.50 -39.58 13.12
C GLU J 81 24.75 -39.98 11.86
N GLU J 82 25.50 -40.21 10.79
CA GLU J 82 24.94 -40.41 9.46
C GLU J 82 25.16 -41.81 8.88
N SER J 83 24.24 -42.24 8.01
CA SER J 83 24.28 -43.59 7.44
C SER J 83 23.79 -43.59 6.00
N LEU J 84 24.45 -44.39 5.16
CA LEU J 84 24.06 -44.53 3.76
C LEU J 84 22.98 -45.57 3.59
N TYR J 85 21.91 -45.21 2.89
CA TYR J 85 20.79 -46.10 2.66
C TYR J 85 20.52 -46.22 1.16
N LYS J 86 19.72 -47.21 0.78
CA LYS J 86 19.30 -47.37 -0.61
C LYS J 86 17.80 -47.59 -0.71
N THR J 87 17.20 -47.04 -1.77
CA THR J 87 15.76 -47.16 -1.99
C THR J 87 15.52 -47.29 -3.49
N PRO J 88 14.62 -48.20 -3.89
CA PRO J 88 14.24 -48.25 -5.29
C PRO J 88 13.66 -46.92 -5.73
N ILE J 89 14.13 -46.36 -6.85
CA ILE J 89 13.49 -45.17 -7.41
C ILE J 89 12.04 -45.58 -7.73
N GLY J 90 11.11 -44.66 -7.50
CA GLY J 90 9.71 -44.98 -7.66
C GLY J 90 9.03 -45.29 -6.33
N SER J 91 9.83 -45.62 -5.31
CA SER J 91 9.30 -45.79 -3.97
C SER J 91 9.77 -44.62 -3.11
N ALA J 92 8.92 -44.19 -2.18
CA ALA J 92 9.34 -43.18 -1.22
C ALA J 92 10.31 -43.83 -0.23
N SER J 93 11.26 -43.05 0.27
CA SER J 93 12.23 -43.58 1.22
C SER J 93 11.61 -43.66 2.61
N THR J 94 11.23 -44.87 3.01
CA THR J 94 10.65 -45.09 4.33
C THR J 94 11.39 -46.20 5.07
N LEU J 95 11.09 -46.36 6.35
CA LEU J 95 11.71 -47.40 7.18
C LEU J 95 11.37 -48.81 6.71
N SER J 96 10.27 -48.95 5.97
CA SER J 96 9.83 -50.25 5.49
C SER J 96 10.28 -50.52 4.05
N THR J 97 10.73 -49.48 3.35
CA THR J 97 11.16 -49.61 1.97
C THR J 97 12.66 -49.43 1.78
N SER J 98 13.31 -48.76 2.72
CA SER J 98 14.72 -48.42 2.54
C SER J 98 15.64 -49.39 3.25
N GLU J 99 16.86 -49.51 2.74
CA GLU J 99 17.78 -50.54 3.19
C GLU J 99 19.10 -49.86 3.57
N MET J 100 19.59 -50.13 4.78
CA MET J 100 20.87 -49.57 5.22
C MET J 100 22.00 -50.27 4.49
N ILE J 101 23.02 -49.52 4.08
CA ILE J 101 24.20 -50.07 3.45
C ILE J 101 25.41 -49.94 4.38
N LEU J 102 25.81 -48.70 4.64
CA LEU J 102 26.95 -48.43 5.51
C LEU J 102 26.80 -47.08 6.19
N PRO J 103 27.44 -46.91 7.36
CA PRO J 103 27.55 -45.56 7.94
C PRO J 103 28.42 -44.75 6.99
N GLY J 104 28.12 -43.46 6.83
CA GLY J 104 28.85 -42.64 5.89
C GLY J 104 28.44 -41.17 5.93
N ARG J 105 29.34 -40.31 5.48
CA ARG J 105 29.13 -38.87 5.51
C ARG J 105 28.95 -38.39 4.08
N SER J 106 29.66 -39.05 3.17
CA SER J 106 29.49 -38.87 1.73
C SER J 106 29.75 -40.22 1.10
N SER J 107 29.33 -40.41 -0.15
CA SER J 107 29.41 -41.73 -0.76
C SER J 107 29.47 -41.70 -2.29
N SER J 108 29.73 -42.86 -2.88
CA SER J 108 29.61 -43.07 -4.31
C SER J 108 29.32 -44.56 -4.51
N ALA J 109 28.56 -44.89 -5.55
CA ALA J 109 28.19 -46.28 -5.78
C ALA J 109 28.03 -46.59 -7.27
N CYS J 110 28.34 -47.83 -7.65
CA CYS J 110 28.25 -48.26 -9.03
C CYS J 110 28.15 -49.78 -9.18
N PHE J 111 27.46 -50.21 -10.24
CA PHE J 111 27.24 -51.62 -10.53
C PHE J 111 28.03 -52.04 -11.77
N ASP J 112 28.80 -53.11 -11.63
CA ASP J 112 29.73 -53.55 -12.67
C ASP J 112 29.14 -54.55 -13.67
N GLY J 113 27.97 -55.10 -13.32
CA GLY J 113 27.37 -56.13 -14.14
C GLY J 113 27.18 -57.40 -13.34
N LEU J 114 27.92 -57.49 -12.24
CA LEU J 114 27.86 -58.65 -11.38
C LEU J 114 27.45 -58.26 -9.95
N LYS J 115 28.19 -57.32 -9.37
CA LYS J 115 27.94 -56.93 -7.98
C LYS J 115 27.97 -55.40 -7.84
N TRP J 116 27.42 -54.91 -6.74
CA TRP J 116 27.45 -53.48 -6.45
C TRP J 116 28.74 -53.13 -5.73
N THR J 117 29.37 -52.04 -6.15
CA THR J 117 30.50 -51.51 -5.40
C THR J 117 30.00 -50.25 -4.71
N VAL J 118 30.15 -50.22 -3.40
CA VAL J 118 29.68 -49.09 -2.62
C VAL J 118 30.83 -48.56 -1.79
N LEU J 119 31.03 -47.24 -1.84
CA LEU J 119 32.06 -46.57 -1.07
C LEU J 119 31.42 -45.54 -0.16
N VAL J 120 31.92 -45.44 1.07
CA VAL J 120 31.48 -44.42 2.01
C VAL J 120 32.69 -43.75 2.64
N ALA J 121 32.55 -42.48 3.00
CA ALA J 121 33.63 -41.76 3.65
C ALA J 121 33.19 -41.40 5.05
N ASN J 122 34.04 -41.72 6.03
CA ASN J 122 33.75 -41.43 7.43
C ASN J 122 34.92 -40.82 8.17
N GLY J 123 34.60 -40.07 9.21
CA GLY J 123 35.59 -39.43 10.06
C GLY J 123 35.83 -37.99 9.64
N ARG J 124 36.29 -37.18 10.58
CA ARG J 124 36.75 -35.84 10.28
C ARG J 124 38.25 -35.78 10.50
N ASP J 125 38.84 -34.66 10.09
CA ASP J 125 40.27 -34.43 10.28
C ASP J 125 41.14 -35.58 9.75
N ARG J 126 42.28 -35.81 10.42
CA ARG J 126 43.30 -36.73 9.94
C ARG J 126 42.92 -38.20 10.07
N ASN J 127 42.03 -38.50 11.01
CA ASN J 127 41.57 -39.87 11.26
C ASN J 127 40.61 -40.38 10.19
N SER J 128 40.23 -39.49 9.27
CA SER J 128 39.35 -39.84 8.16
C SER J 128 39.91 -40.97 7.29
N PHE J 129 39.02 -41.85 6.85
CA PHE J 129 39.38 -42.93 5.93
C PHE J 129 38.13 -43.35 5.15
N ILE J 130 38.32 -44.20 4.15
CA ILE J 130 37.20 -44.63 3.31
C ILE J 130 37.02 -46.15 3.35
N MET J 131 35.78 -46.61 3.51
CA MET J 131 35.45 -48.03 3.48
C MET J 131 34.87 -48.39 2.13
N ILE J 132 35.23 -49.56 1.61
CA ILE J 132 34.69 -50.04 0.35
C ILE J 132 33.96 -51.37 0.52
N LYS J 133 32.73 -51.42 0.01
CA LYS J 133 31.90 -52.62 0.09
C LYS J 133 31.62 -53.18 -1.30
N TYR J 134 31.75 -54.49 -1.42
CA TYR J 134 31.47 -55.20 -2.67
C TYR J 134 30.62 -56.43 -2.38
N GLY J 135 29.30 -56.30 -2.62
CA GLY J 135 28.35 -57.36 -2.35
C GLY J 135 28.42 -58.00 -0.96
N GLU J 136 27.92 -57.29 0.04
CA GLU J 136 27.75 -57.82 1.41
C GLU J 136 29.01 -57.90 2.28
N GLU J 137 30.20 -57.79 1.68
CA GLU J 137 31.43 -57.79 2.47
C GLU J 137 32.31 -56.57 2.20
N VAL J 138 33.00 -56.12 3.26
CA VAL J 138 33.97 -55.03 3.11
C VAL J 138 35.22 -55.65 2.50
N THR J 139 35.71 -55.04 1.42
CA THR J 139 36.75 -55.65 0.61
C THR J 139 38.07 -54.85 0.72
N ASP J 140 37.94 -53.54 0.92
CA ASP J 140 39.11 -52.67 1.04
C ASP J 140 38.81 -51.41 1.83
N THR J 141 39.89 -50.80 2.34
CA THR J 141 39.84 -49.55 3.08
C THR J 141 41.09 -48.76 2.74
N PHE J 142 41.03 -47.45 2.89
CA PHE J 142 42.24 -46.62 2.83
C PHE J 142 42.06 -45.33 3.63
N SER J 143 43.15 -44.81 4.16
CA SER J 143 43.06 -43.69 5.08
C SER J 143 43.47 -42.37 4.45
N ALA J 144 43.15 -41.28 5.12
CA ALA J 144 43.54 -39.95 4.66
C ALA J 144 45.05 -39.79 4.69
N SER J 145 45.60 -39.20 3.63
CA SER J 145 47.04 -39.00 3.52
C SER J 145 47.41 -37.53 3.66
N ARG J 146 46.43 -36.66 3.45
CA ARG J 146 46.70 -35.23 3.31
C ARG J 146 46.04 -34.40 4.41
N GLY J 147 45.91 -34.98 5.59
CA GLY J 147 45.46 -34.23 6.75
C GLY J 147 43.95 -34.04 6.81
N GLY J 148 43.37 -33.48 5.75
CA GLY J 148 41.95 -33.20 5.73
C GLY J 148 41.05 -34.42 5.68
N PRO J 149 39.73 -34.22 5.76
CA PRO J 149 38.75 -35.31 5.72
C PRO J 149 38.61 -35.90 4.32
N LEU J 150 38.42 -37.21 4.22
CA LEU J 150 38.19 -37.83 2.92
C LEU J 150 36.76 -37.56 2.47
N ARG J 151 36.58 -37.29 1.18
CA ARG J 151 35.29 -36.85 0.66
C ARG J 151 34.91 -37.58 -0.63
N LEU J 152 33.71 -38.14 -0.69
CA LEU J 152 33.21 -38.75 -1.91
C LEU J 152 32.26 -37.80 -2.63
N PRO J 153 32.10 -37.97 -3.95
CA PRO J 153 31.45 -36.92 -4.76
C PRO J 153 29.92 -36.93 -4.68
N ASN J 154 29.36 -37.93 -3.99
CA ASN J 154 27.91 -38.10 -3.91
C ASN J 154 27.29 -38.25 -5.28
N SER J 155 27.86 -39.16 -6.07
CA SER J 155 27.37 -39.45 -7.41
C SER J 155 27.80 -40.84 -7.85
N GLU J 156 27.10 -41.36 -8.85
CA GLU J 156 27.43 -42.65 -9.46
C GLU J 156 28.91 -42.70 -9.86
N CYS J 157 29.60 -43.76 -9.45
CA CYS J 157 30.93 -44.00 -10.00
C CYS J 157 30.76 -44.74 -11.32
N ILE J 158 31.84 -44.90 -12.08
CA ILE J 158 31.72 -45.44 -13.43
C ILE J 158 32.44 -46.77 -13.57
N CYS J 159 31.69 -47.79 -14.01
CA CYS J 159 32.26 -49.11 -14.24
C CYS J 159 32.33 -49.42 -15.73
N ILE J 160 33.49 -49.88 -16.17
CA ILE J 160 33.66 -50.32 -17.55
C ILE J 160 34.34 -51.68 -17.53
N GLU J 161 33.61 -52.68 -18.02
CA GLU J 161 34.10 -54.05 -18.10
C GLU J 161 34.68 -54.56 -16.77
N GLY J 162 34.01 -54.23 -15.67
CA GLY J 162 34.42 -54.71 -14.36
C GLY J 162 35.39 -53.82 -13.59
N SER J 163 35.85 -52.74 -14.20
CA SER J 163 36.73 -51.80 -13.51
C SER J 163 35.96 -50.54 -13.17
N CYS J 164 35.96 -50.17 -11.89
CA CYS J 164 35.20 -49.03 -11.43
C CYS J 164 36.09 -47.86 -11.06
N PHE J 165 35.66 -46.66 -11.42
CA PHE J 165 36.45 -45.46 -11.23
C PHE J 165 35.65 -44.46 -10.42
N VAL J 166 36.32 -43.78 -9.49
CA VAL J 166 35.65 -42.86 -8.60
C VAL J 166 36.63 -41.74 -8.28
N ILE J 167 36.12 -40.54 -8.06
CA ILE J 167 36.97 -39.41 -7.74
C ILE J 167 36.97 -39.16 -6.25
N VAL J 168 38.16 -39.18 -5.65
CA VAL J 168 38.30 -39.03 -4.22
C VAL J 168 38.99 -37.72 -3.88
N SER J 169 38.42 -36.99 -2.93
CA SER J 169 38.98 -35.72 -2.52
C SER J 169 39.54 -35.77 -1.11
N ASP J 170 40.64 -35.03 -0.91
CA ASP J 170 41.32 -34.95 0.37
C ASP J 170 41.92 -33.56 0.46
N GLY J 171 42.42 -33.20 1.64
CA GLY J 171 42.94 -31.86 1.89
C GLY J 171 41.96 -31.13 2.78
N PRO J 172 42.48 -30.39 3.77
CA PRO J 172 41.61 -29.76 4.78
C PRO J 172 40.96 -28.47 4.31
N ASN J 173 41.47 -27.87 3.24
CA ASN J 173 40.89 -26.63 2.73
C ASN J 173 40.81 -26.64 1.19
N VAL J 174 39.79 -25.99 0.64
CA VAL J 174 39.56 -25.99 -0.81
C VAL J 174 40.64 -25.25 -1.60
N ASN J 175 41.35 -24.35 -0.93
CA ASN J 175 42.47 -23.66 -1.57
C ASN J 175 43.72 -24.55 -1.60
N GLN J 176 43.57 -25.74 -1.02
CA GLN J 176 44.60 -26.79 -1.07
C GLN J 176 43.97 -28.18 -1.12
N SER J 177 43.27 -28.50 -2.21
CA SER J 177 42.63 -29.80 -2.31
C SER J 177 43.46 -30.76 -3.14
N VAL J 178 43.34 -32.06 -2.85
CA VAL J 178 43.96 -33.08 -3.69
C VAL J 178 42.86 -33.99 -4.22
N HIS J 179 43.06 -34.53 -5.42
CA HIS J 179 42.05 -35.36 -6.05
C HIS J 179 42.70 -36.54 -6.75
N ARG J 180 42.11 -37.72 -6.55
CA ARG J 180 42.70 -38.92 -7.10
C ARG J 180 41.64 -39.77 -7.77
N ILE J 181 42.03 -40.41 -8.87
CA ILE J 181 41.18 -41.40 -9.51
C ILE J 181 41.63 -42.74 -8.95
N TYR J 182 40.71 -43.46 -8.34
CA TYR J 182 41.01 -44.79 -7.84
C TYR J 182 40.45 -45.80 -8.83
N GLU J 183 41.25 -46.80 -9.14
CA GLU J 183 40.79 -47.85 -10.03
C GLU J 183 40.50 -49.05 -9.16
N LEU J 184 39.25 -49.51 -9.22
CA LEU J 184 38.82 -50.58 -8.35
C LEU J 184 38.36 -51.76 -9.19
N GLN J 185 38.53 -52.95 -8.63
CA GLN J 185 38.05 -54.15 -9.29
C GLN J 185 37.64 -55.09 -8.16
N ASN J 186 36.38 -55.53 -8.20
CA ASN J 186 35.81 -56.35 -7.12
C ASN J 186 35.96 -55.76 -5.71
N GLY J 187 35.81 -54.44 -5.62
CA GLY J 187 35.90 -53.74 -4.35
C GLY J 187 37.29 -53.65 -3.76
N THR J 188 38.30 -53.92 -4.59
CA THR J 188 39.68 -53.84 -4.14
C THR J 188 40.43 -52.85 -5.02
N VAL J 189 41.16 -51.95 -4.38
CA VAL J 189 41.93 -50.91 -5.07
C VAL J 189 43.06 -51.47 -5.93
N GLN J 190 43.08 -51.09 -7.20
CA GLN J 190 44.19 -51.45 -8.07
C GLN J 190 45.29 -50.40 -8.03
N ARG J 191 44.93 -49.15 -8.26
CA ARG J 191 45.91 -48.07 -8.20
C ARG J 191 45.27 -46.69 -8.13
N TRP J 192 46.08 -45.68 -7.84
CA TRP J 192 45.59 -44.32 -7.78
C TRP J 192 46.48 -43.35 -8.55
N LYS J 193 45.84 -42.26 -8.97
CA LYS J 193 46.48 -41.27 -9.80
C LYS J 193 46.10 -39.92 -9.23
N GLN J 194 47.11 -39.16 -8.83
CA GLN J 194 46.87 -37.84 -8.28
C GLN J 194 46.79 -36.86 -9.43
N LEU J 195 45.75 -36.02 -9.43
CA LEU J 195 45.55 -35.09 -10.52
C LEU J 195 46.30 -33.81 -10.25
N ASN J 196 46.79 -33.19 -11.31
CA ASN J 196 47.28 -31.84 -11.19
C ASN J 196 46.09 -30.90 -11.25
N THR J 197 45.61 -30.51 -10.08
CA THR J 197 44.43 -29.66 -9.95
C THR J 197 44.83 -28.30 -9.42
N THR J 198 46.11 -27.97 -9.57
CA THR J 198 46.68 -26.72 -9.08
C THR J 198 46.01 -25.48 -9.65
N GLY J 199 45.62 -24.56 -8.76
CA GLY J 199 44.97 -23.34 -9.17
C GLY J 199 43.47 -23.42 -9.00
N ILE J 200 42.92 -24.64 -9.00
CA ILE J 200 41.48 -24.82 -8.86
C ILE J 200 41.11 -25.82 -7.76
N ASN J 201 39.81 -26.02 -7.61
CA ASN J 201 39.26 -26.99 -6.67
C ASN J 201 38.19 -27.78 -7.43
N PHE J 202 38.16 -29.10 -7.22
CA PHE J 202 37.34 -29.99 -8.05
C PHE J 202 36.46 -30.90 -7.19
N GLU J 203 35.40 -30.34 -6.62
CA GLU J 203 34.52 -31.08 -5.71
C GLU J 203 33.29 -31.64 -6.41
N TYR J 204 32.58 -32.51 -5.69
CA TYR J 204 31.25 -33.00 -6.09
C TYR J 204 31.18 -33.50 -7.53
N SER J 205 32.20 -34.27 -7.94
CA SER J 205 32.27 -34.80 -9.29
C SER J 205 31.07 -35.67 -9.64
N THR J 206 30.47 -35.42 -10.80
CA THR J 206 29.44 -36.30 -11.34
C THR J 206 29.84 -36.73 -12.77
N CYS J 207 29.79 -38.04 -13.03
CA CYS J 207 30.44 -38.59 -14.21
C CYS J 207 29.53 -39.50 -15.05
N TYR J 208 29.96 -39.71 -16.29
CA TYR J 208 29.33 -40.66 -17.20
C TYR J 208 30.38 -41.23 -18.15
N THR J 209 30.05 -42.33 -18.83
CA THR J 209 30.99 -42.95 -19.76
C THR J 209 30.44 -43.00 -21.18
N ILE J 210 31.32 -42.75 -22.15
CA ILE J 210 31.00 -42.92 -23.56
C ILE J 210 32.24 -43.24 -24.40
N ASN J 211 32.08 -44.23 -25.28
CA ASN J 211 33.12 -44.75 -26.15
C ASN J 211 34.48 -44.88 -25.46
N ASN J 212 34.51 -45.69 -24.40
CA ASN J 212 35.73 -46.00 -23.64
C ASN J 212 36.37 -44.77 -22.97
N LEU J 213 35.56 -43.73 -22.79
CA LEU J 213 35.98 -42.53 -22.07
C LEU J 213 35.09 -42.24 -20.86
N ILE J 214 35.68 -41.72 -19.80
CA ILE J 214 34.90 -41.21 -18.70
C ILE J 214 35.08 -39.69 -18.67
N LYS J 215 33.97 -38.97 -18.60
CA LYS J 215 33.99 -37.52 -18.57
C LYS J 215 33.27 -37.03 -17.33
N CYS J 216 33.94 -36.17 -16.56
CA CYS J 216 33.37 -35.74 -15.30
C CYS J 216 33.25 -34.23 -15.22
N THR J 217 32.17 -33.77 -14.59
CA THR J 217 31.95 -32.36 -14.34
C THR J 217 32.20 -32.12 -12.85
N GLY J 218 32.98 -31.10 -12.53
CA GLY J 218 33.32 -30.83 -11.14
C GLY J 218 32.73 -29.57 -10.58
N THR J 219 33.02 -29.29 -9.32
CA THR J 219 32.57 -28.08 -8.67
C THR J 219 33.70 -27.39 -7.92
N ASN J 220 33.91 -26.12 -8.22
CA ASN J 220 34.93 -25.31 -7.58
C ASN J 220 34.30 -24.44 -6.48
N LEU J 221 34.62 -24.74 -5.23
CA LEU J 221 34.06 -24.02 -4.09
C LEU J 221 34.96 -22.84 -3.71
N TRP J 222 36.02 -22.67 -4.48
CA TRP J 222 37.12 -21.78 -4.13
C TRP J 222 37.21 -20.45 -4.89
N ASN J 223 37.48 -20.53 -6.18
CA ASN J 223 37.88 -19.33 -6.93
C ASN J 223 37.29 -19.27 -8.35
N ASP J 224 36.18 -19.97 -8.56
CA ASP J 224 35.63 -20.08 -9.90
C ASP J 224 34.11 -20.24 -9.92
N ALA J 225 33.45 -19.50 -10.81
CA ALA J 225 32.01 -19.64 -11.00
C ALA J 225 31.74 -20.49 -12.24
N LYS J 226 32.80 -20.81 -12.98
CA LYS J 226 32.69 -21.83 -14.02
C LYS J 226 32.95 -23.22 -13.45
N ARG J 227 32.46 -24.23 -14.15
CA ARG J 227 32.67 -25.61 -13.74
C ARG J 227 33.77 -26.27 -14.57
N PRO J 228 34.87 -26.66 -13.90
CA PRO J 228 35.95 -27.41 -14.54
C PRO J 228 35.53 -28.84 -14.91
N LEU J 229 36.06 -29.36 -16.00
CA LEU J 229 35.70 -30.70 -16.47
C LEU J 229 36.92 -31.62 -16.54
N LEU J 230 36.69 -32.91 -16.33
CA LEU J 230 37.76 -33.90 -16.37
C LEU J 230 37.46 -35.01 -17.36
N ARG J 231 38.47 -35.38 -18.13
CA ARG J 231 38.36 -36.47 -19.09
C ARG J 231 39.54 -37.42 -18.91
N PHE J 232 39.24 -38.71 -18.84
CA PHE J 232 40.29 -39.71 -18.68
C PHE J 232 40.01 -41.07 -19.30
N THR J 233 41.06 -41.88 -19.36
CA THR J 233 41.02 -43.19 -19.98
C THR J 233 41.17 -44.28 -18.91
N LYS J 234 41.06 -45.54 -19.34
CA LYS J 234 41.25 -46.69 -18.47
C LYS J 234 42.65 -46.73 -17.86
N GLU J 235 43.61 -46.17 -18.58
CA GLU J 235 44.99 -46.10 -18.11
C GLU J 235 45.21 -44.84 -17.31
N LEU J 236 44.10 -44.15 -17.05
CA LEU J 236 44.05 -42.97 -16.19
C LEU J 236 44.91 -41.81 -16.67
N ASN J 237 45.22 -41.79 -17.97
CA ASN J 237 45.82 -40.62 -18.55
C ASN J 237 44.65 -39.65 -18.70
N TYR J 238 44.83 -38.44 -18.20
CA TYR J 238 43.69 -37.54 -18.00
C TYR J 238 43.99 -36.15 -18.53
N GLN J 239 42.94 -35.33 -18.62
CA GLN J 239 43.10 -33.95 -19.03
C GLN J 239 41.98 -33.12 -18.39
N ILE J 240 42.34 -31.99 -17.82
CA ILE J 240 41.35 -31.11 -17.19
C ILE J 240 41.06 -29.94 -18.12
N VAL J 241 39.77 -29.69 -18.36
CA VAL J 241 39.36 -28.72 -19.36
C VAL J 241 38.51 -27.67 -18.68
N GLU J 242 38.70 -26.41 -19.07
CA GLU J 242 37.86 -25.34 -18.56
C GLU J 242 37.01 -24.85 -19.72
N PRO J 243 35.71 -24.66 -19.47
CA PRO J 243 34.75 -24.20 -20.49
C PRO J 243 35.10 -22.84 -21.06
N CYS J 244 35.02 -22.73 -22.38
CA CYS J 244 35.40 -21.53 -23.09
C CYS J 244 34.15 -20.69 -23.32
N ASN J 245 33.13 -20.99 -22.54
CA ASN J 245 31.85 -20.29 -22.56
C ASN J 245 32.01 -18.85 -22.08
N GLY J 246 30.91 -18.10 -22.11
CA GLY J 246 30.85 -16.80 -21.47
C GLY J 246 29.78 -16.82 -20.40
N ALA J 247 29.25 -18.01 -20.13
CA ALA J 247 28.12 -18.19 -19.24
C ALA J 247 28.43 -19.06 -18.03
N PRO J 248 28.59 -18.43 -16.85
CA PRO J 248 28.85 -19.18 -15.62
C PRO J 248 27.66 -20.07 -15.27
N THR J 249 27.91 -21.26 -14.75
CA THR J 249 26.84 -22.21 -14.44
C THR J 249 26.75 -22.65 -12.98
N ASP J 250 27.74 -22.27 -12.17
CA ASP J 250 27.72 -22.62 -10.75
C ASP J 250 26.70 -21.76 -10.02
N PHE J 251 26.34 -22.15 -8.81
CA PHE J 251 25.59 -21.27 -7.92
C PHE J 251 26.28 -21.26 -6.57
N PRO J 252 26.65 -20.06 -6.08
CA PRO J 252 26.36 -18.76 -6.68
C PRO J 252 27.23 -18.45 -7.91
N ARG J 253 26.92 -17.36 -8.60
CA ARG J 253 27.68 -16.95 -9.78
C ARG J 253 27.43 -15.46 -10.07
N GLY J 254 28.29 -14.88 -10.88
CA GLY J 254 28.10 -13.51 -11.32
C GLY J 254 27.29 -13.51 -12.60
N GLY J 255 27.24 -12.38 -13.29
CA GLY J 255 26.47 -12.31 -14.52
C GLY J 255 27.23 -12.85 -15.72
N LEU J 256 26.58 -12.80 -16.88
CA LEU J 256 27.21 -13.27 -18.11
C LEU J 256 28.37 -12.35 -18.51
N THR J 257 29.42 -12.93 -19.08
CA THR J 257 30.60 -12.15 -19.47
C THR J 257 31.09 -12.48 -20.89
N THR J 258 32.15 -11.80 -21.31
CA THR J 258 32.79 -12.08 -22.59
C THR J 258 33.48 -13.43 -22.52
N PRO J 259 33.17 -14.32 -23.48
CA PRO J 259 33.66 -15.69 -23.66
C PRO J 259 35.18 -15.84 -23.73
N SER J 260 35.72 -16.75 -22.91
CA SER J 260 37.14 -17.10 -22.91
C SER J 260 37.30 -18.38 -22.09
N CYS J 261 38.46 -19.01 -22.19
CA CYS J 261 38.73 -20.23 -21.41
C CYS J 261 39.31 -19.88 -20.04
N LYS J 262 39.21 -18.61 -19.67
CA LYS J 262 39.75 -18.16 -18.40
C LYS J 262 38.69 -18.23 -17.33
N MET J 263 39.11 -18.47 -16.09
CA MET J 263 38.19 -18.66 -14.98
C MET J 263 37.27 -17.48 -14.72
N ALA J 264 36.08 -17.78 -14.22
CA ALA J 264 35.15 -16.74 -13.80
C ALA J 264 35.36 -16.52 -12.32
N GLN J 265 36.12 -15.48 -11.98
CA GLN J 265 36.54 -15.25 -10.61
C GLN J 265 35.51 -14.54 -9.73
N GLU J 266 34.53 -13.88 -10.35
CA GLU J 266 33.47 -13.21 -9.61
C GLU J 266 32.54 -14.19 -8.89
N LYS J 267 32.44 -14.05 -7.57
CA LYS J 267 31.62 -14.93 -6.73
C LYS J 267 32.00 -16.40 -6.88
N GLY J 268 33.30 -16.68 -6.97
CA GLY J 268 33.74 -18.05 -7.16
C GLY J 268 33.65 -18.90 -5.91
N GLU J 269 33.86 -18.30 -4.75
CA GLU J 269 33.73 -19.02 -3.49
C GLU J 269 32.31 -19.53 -3.27
N GLY J 270 32.23 -20.79 -2.82
CA GLY J 270 30.95 -21.45 -2.61
C GLY J 270 30.56 -22.20 -3.86
N GLY J 271 29.41 -22.87 -3.81
CA GLY J 271 28.97 -23.64 -4.96
C GLY J 271 27.99 -24.74 -4.59
N ILE J 272 27.48 -25.44 -5.60
CA ILE J 272 26.64 -26.61 -5.39
C ILE J 272 26.88 -27.58 -6.53
N GLN J 273 26.74 -28.88 -6.24
CA GLN J 273 26.98 -29.94 -7.21
C GLN J 273 26.14 -29.75 -8.47
N GLY J 274 26.78 -29.97 -9.63
CA GLY J 274 26.13 -29.77 -10.91
C GLY J 274 26.84 -30.51 -12.02
N PHE J 275 26.24 -30.50 -13.21
CA PHE J 275 26.69 -31.34 -14.31
C PHE J 275 26.78 -30.59 -15.64
N ILE J 276 27.66 -31.04 -16.53
CA ILE J 276 27.69 -30.56 -17.90
C ILE J 276 27.89 -31.74 -18.85
N LEU J 277 26.99 -31.87 -19.83
CA LEU J 277 27.11 -32.93 -20.82
C LEU J 277 27.98 -32.46 -21.98
N ASP J 278 29.26 -32.82 -21.95
CA ASP J 278 30.21 -32.43 -22.99
C ASP J 278 30.39 -33.44 -24.15
N GLU J 279 29.58 -33.26 -25.18
CA GLU J 279 29.66 -34.06 -26.40
C GLU J 279 29.66 -33.13 -27.60
N LYS J 280 29.38 -33.66 -28.80
CA LYS J 280 29.54 -32.84 -30.00
C LYS J 280 28.35 -31.90 -30.26
N PRO J 281 27.13 -32.28 -29.85
CA PRO J 281 26.20 -31.26 -29.37
C PRO J 281 26.24 -31.30 -27.85
N ALA J 282 26.71 -30.22 -27.21
CA ALA J 282 26.90 -30.24 -25.76
C ALA J 282 25.71 -29.66 -24.99
N TRP J 283 25.57 -30.07 -23.74
CA TRP J 283 24.51 -29.54 -22.89
C TRP J 283 25.02 -28.92 -21.59
N THR J 284 24.51 -27.73 -21.27
CA THR J 284 24.86 -27.03 -20.04
C THR J 284 23.62 -26.94 -19.14
N SER J 285 23.82 -26.76 -17.84
CA SER J 285 22.70 -26.68 -16.90
C SER J 285 23.01 -25.75 -15.72
N LYS J 286 21.99 -25.00 -15.28
CA LYS J 286 22.14 -24.03 -14.20
C LYS J 286 20.79 -23.44 -13.77
N THR J 287 20.80 -22.72 -12.64
CA THR J 287 19.63 -21.97 -12.19
C THR J 287 19.25 -20.88 -13.20
N LYS J 288 18.02 -20.39 -13.11
CA LYS J 288 17.52 -19.40 -14.06
C LYS J 288 18.25 -18.05 -13.95
N ALA J 289 18.42 -17.56 -12.72
CA ALA J 289 19.14 -16.31 -12.47
C ALA J 289 20.15 -16.54 -11.34
N GLU J 290 21.14 -15.66 -11.23
CA GLU J 290 22.18 -15.86 -10.20
C GLU J 290 21.75 -15.26 -8.88
N SER J 291 20.65 -14.50 -8.92
CA SER J 291 20.19 -13.78 -7.73
C SER J 291 19.49 -14.74 -6.78
N SER J 292 19.04 -15.87 -7.32
CA SER J 292 18.28 -16.82 -6.53
C SER J 292 18.46 -18.24 -7.04
N GLN J 293 18.24 -19.22 -6.16
CA GLN J 293 18.41 -20.62 -6.51
C GLN J 293 17.08 -21.21 -6.98
N ASN J 294 16.37 -20.45 -7.81
CA ASN J 294 15.07 -20.89 -8.30
C ASN J 294 15.17 -21.27 -9.76
N GLY J 295 14.42 -22.30 -10.15
CA GLY J 295 14.37 -22.70 -11.55
C GLY J 295 15.58 -23.50 -11.99
N PHE J 296 15.54 -23.97 -13.24
CA PHE J 296 16.64 -24.74 -13.80
C PHE J 296 16.52 -24.71 -15.32
N VAL J 297 17.58 -24.28 -15.98
CA VAL J 297 17.57 -24.14 -17.43
C VAL J 297 18.68 -24.95 -18.11
N LEU J 298 18.31 -25.65 -19.17
CA LEU J 298 19.24 -26.43 -19.97
C LEU J 298 19.50 -25.70 -21.27
N GLU J 299 20.77 -25.51 -21.60
CA GLU J 299 21.12 -24.80 -22.82
C GLU J 299 22.09 -25.64 -23.66
N GLN J 300 21.82 -25.71 -24.96
CA GLN J 300 22.58 -26.56 -25.87
C GLN J 300 23.70 -25.77 -26.57
N ILE J 301 24.87 -26.38 -26.69
CA ILE J 301 25.98 -25.75 -27.40
C ILE J 301 26.53 -26.69 -28.48
N PRO J 302 26.06 -26.50 -29.73
CA PRO J 302 26.39 -27.30 -30.91
C PRO J 302 27.89 -27.40 -31.20
N ASN J 303 28.64 -26.32 -31.01
CA ASN J 303 30.08 -26.37 -31.27
C ASN J 303 30.93 -26.92 -30.13
N GLY J 304 30.27 -27.44 -29.09
CA GLY J 304 30.97 -28.03 -27.96
C GLY J 304 31.24 -26.99 -26.90
N ILE J 305 31.67 -27.41 -25.71
CA ILE J 305 31.83 -26.50 -24.59
C ILE J 305 33.21 -25.83 -24.56
N GLU J 306 34.13 -26.27 -25.42
CA GLU J 306 35.43 -25.62 -25.54
C GLU J 306 35.44 -24.55 -26.61
N SER J 307 34.28 -24.28 -27.20
CA SER J 307 34.13 -23.19 -28.16
C SER J 307 33.52 -22.01 -27.43
N GLU J 308 33.17 -20.96 -28.16
CA GLU J 308 32.37 -19.90 -27.57
C GLU J 308 30.93 -20.41 -27.45
N GLY J 309 30.19 -19.85 -26.50
CA GLY J 309 28.88 -20.35 -26.13
C GLY J 309 27.69 -19.89 -26.95
N THR J 310 27.55 -20.43 -28.16
CA THR J 310 26.42 -20.07 -29.01
C THR J 310 25.28 -21.06 -28.82
N VAL J 311 24.17 -20.58 -28.27
CA VAL J 311 23.05 -21.44 -27.87
C VAL J 311 22.03 -21.64 -29.00
N SER J 312 21.66 -22.89 -29.26
CA SER J 312 20.64 -23.21 -30.26
C SER J 312 19.32 -23.55 -29.58
N LEU J 313 19.39 -24.42 -28.57
CA LEU J 313 18.19 -24.84 -27.86
C LEU J 313 18.32 -24.50 -26.38
N SER J 314 17.26 -23.94 -25.81
CA SER J 314 17.26 -23.56 -24.40
C SER J 314 15.93 -23.94 -23.76
N TYR J 315 15.98 -24.88 -22.82
CA TYR J 315 14.77 -25.34 -22.12
C TYR J 315 14.69 -24.85 -20.69
N GLU J 316 13.56 -24.24 -20.34
CA GLU J 316 13.31 -23.83 -18.96
C GLU J 316 12.45 -24.87 -18.27
N LEU J 317 13.10 -25.85 -17.63
CA LEU J 317 12.39 -26.94 -16.98
C LEU J 317 11.68 -26.47 -15.71
N PHE J 318 12.31 -25.54 -15.01
CA PHE J 318 11.70 -24.94 -13.83
C PHE J 318 11.94 -23.43 -13.86
N SER J 319 10.99 -22.69 -13.31
CA SER J 319 11.12 -21.24 -13.20
C SER J 319 11.21 -20.80 -11.75
N ASN J 320 10.23 -21.22 -10.95
CA ASN J 320 10.13 -20.82 -9.55
C ASN J 320 10.61 -21.84 -8.52
N LYS J 321 10.62 -23.10 -8.90
CA LYS J 321 11.04 -24.16 -7.97
C LYS J 321 12.44 -23.91 -7.44
N ARG J 322 12.60 -24.03 -6.12
CA ARG J 322 13.93 -23.89 -5.53
C ARG J 322 14.71 -25.13 -5.92
N THR J 323 15.95 -24.91 -6.39
CA THR J 323 16.71 -25.97 -7.04
C THR J 323 17.98 -26.24 -6.22
N GLY J 324 18.43 -27.49 -6.23
CA GLY J 324 19.63 -27.85 -5.50
C GLY J 324 20.63 -28.63 -6.32
N ARG J 325 21.13 -29.73 -5.76
CA ARG J 325 22.13 -30.55 -6.43
C ARG J 325 21.61 -31.18 -7.71
N SER J 326 22.54 -31.47 -8.62
CA SER J 326 22.25 -32.23 -9.83
C SER J 326 23.46 -33.04 -10.25
N GLY J 327 23.24 -34.13 -10.96
CA GLY J 327 24.33 -34.98 -11.41
C GLY J 327 23.89 -36.03 -12.40
N PHE J 328 24.85 -36.70 -13.02
CA PHE J 328 24.57 -37.71 -14.04
C PHE J 328 24.25 -39.07 -13.44
N PHE J 329 23.46 -39.85 -14.18
CA PHE J 329 23.40 -41.29 -13.99
C PHE J 329 23.06 -41.93 -15.33
N GLN J 330 23.55 -43.14 -15.56
CA GLN J 330 23.29 -43.81 -16.82
C GLN J 330 22.49 -45.08 -16.58
N PRO J 331 21.34 -45.20 -17.27
CA PRO J 331 20.53 -46.43 -17.24
C PRO J 331 21.23 -47.54 -18.00
N LYS J 332 21.32 -48.72 -17.38
CA LYS J 332 22.02 -49.84 -17.99
C LYS J 332 21.07 -50.92 -18.47
N GLY J 333 20.38 -50.64 -19.57
CA GLY J 333 19.43 -51.57 -20.15
C GLY J 333 19.10 -51.16 -21.57
N ASP J 334 17.91 -50.59 -21.78
CA ASP J 334 17.49 -50.08 -23.09
C ASP J 334 17.89 -50.98 -24.27
N LEU J 335 17.05 -51.96 -24.56
CA LEU J 335 17.37 -52.91 -25.62
C LEU J 335 16.80 -52.47 -26.95
N ILE J 336 16.32 -51.22 -26.99
CA ILE J 336 15.69 -50.67 -28.20
C ILE J 336 16.53 -49.55 -28.82
N SER J 337 17.33 -48.88 -28.01
CA SER J 337 18.22 -47.87 -28.57
C SER J 337 19.60 -48.51 -28.64
N GLY J 338 20.26 -48.32 -29.77
CA GLY J 338 21.59 -48.86 -29.98
C GLY J 338 22.58 -47.81 -29.57
N CYS J 339 22.03 -46.70 -29.08
CA CYS J 339 22.82 -45.60 -28.57
C CYS J 339 22.64 -45.61 -27.07
N GLN J 340 23.61 -45.06 -26.34
CA GLN J 340 23.48 -45.02 -24.90
C GLN J 340 22.70 -43.79 -24.47
N ARG J 341 21.56 -44.00 -23.81
CA ARG J 341 20.77 -42.88 -23.31
C ARG J 341 21.46 -42.23 -22.12
N ILE J 342 21.11 -40.97 -21.86
CA ILE J 342 21.67 -40.24 -20.74
C ILE J 342 20.55 -39.66 -19.91
N CYS J 343 20.73 -39.70 -18.60
CA CYS J 343 19.73 -39.17 -17.69
C CYS J 343 20.44 -38.41 -16.58
N PHE J 344 19.71 -37.50 -15.95
CA PHE J 344 20.23 -36.78 -14.78
C PHE J 344 19.20 -36.65 -13.66
N TRP J 345 19.71 -36.53 -12.43
CA TRP J 345 18.84 -36.29 -11.28
C TRP J 345 18.99 -34.85 -10.82
N LEU J 346 18.00 -34.37 -10.07
CA LEU J 346 17.98 -32.97 -9.64
C LEU J 346 17.20 -32.79 -8.34
N GLU J 347 17.81 -32.11 -7.39
CA GLU J 347 17.12 -31.77 -6.15
C GLU J 347 16.11 -30.65 -6.38
N ILE J 348 14.84 -30.92 -6.08
CA ILE J 348 13.81 -29.89 -6.11
C ILE J 348 13.10 -29.86 -4.76
N GLU J 349 12.96 -28.67 -4.17
CA GLU J 349 12.37 -28.54 -2.85
C GLU J 349 10.85 -28.60 -2.86
N ASP J 350 10.30 -29.45 -1.99
CA ASP J 350 8.87 -29.52 -1.77
C ASP J 350 8.47 -28.37 -0.83
N GLN J 351 7.95 -27.30 -1.41
CA GLN J 351 7.63 -26.08 -0.67
C GLN J 351 6.46 -26.22 0.30
N THR J 352 5.70 -27.31 0.18
CA THR J 352 4.60 -27.56 1.10
C THR J 352 5.14 -28.08 2.44
N VAL J 353 6.37 -28.57 2.44
CA VAL J 353 7.01 -29.04 3.66
C VAL J 353 8.01 -27.99 4.11
N GLY J 354 7.81 -27.46 5.31
CA GLY J 354 8.65 -26.37 5.82
C GLY J 354 10.13 -26.65 5.98
N LEU J 355 10.92 -25.58 5.88
CA LEU J 355 12.35 -25.60 6.23
C LEU J 355 13.22 -26.44 5.31
N GLY J 356 12.70 -26.75 4.12
CA GLY J 356 13.46 -27.53 3.16
C GLY J 356 13.82 -28.93 3.66
N MET J 357 12.99 -29.47 4.53
CA MET J 357 13.20 -30.84 5.04
C MET J 357 13.06 -31.86 3.93
N ILE J 358 12.32 -31.50 2.89
CA ILE J 358 12.10 -32.39 1.76
C ILE J 358 12.66 -31.82 0.46
N GLN J 359 13.75 -32.42 0.00
CA GLN J 359 14.28 -32.14 -1.32
C GLN J 359 13.95 -33.36 -2.16
N GLU J 360 12.96 -33.23 -3.04
CA GLU J 360 12.60 -34.34 -3.93
C GLU J 360 13.69 -34.55 -4.99
N LEU J 361 14.06 -35.82 -5.22
CA LEU J 361 15.05 -36.15 -6.23
C LEU J 361 14.37 -36.55 -7.55
N SER J 362 14.19 -35.57 -8.44
CA SER J 362 13.56 -35.81 -9.73
C SER J 362 14.59 -36.34 -10.73
N THR J 363 14.11 -37.00 -11.78
CA THR J 363 14.99 -37.53 -12.83
C THR J 363 14.48 -37.11 -14.21
N PHE J 364 15.41 -36.79 -15.11
CA PHE J 364 15.07 -36.44 -16.48
C PHE J 364 15.91 -37.29 -17.44
N CYS J 365 15.32 -37.70 -18.56
CA CYS J 365 16.08 -38.43 -19.56
C CYS J 365 16.06 -37.69 -20.90
N GLY J 366 17.17 -37.80 -21.64
CA GLY J 366 17.30 -37.15 -22.94
C GLY J 366 16.59 -37.94 -24.01
N ILE J 367 16.06 -37.24 -25.01
CA ILE J 367 15.38 -37.89 -26.12
C ILE J 367 15.86 -37.40 -27.49
N ASN J 368 15.67 -38.24 -28.51
CA ASN J 368 16.08 -37.95 -29.87
C ASN J 368 15.13 -36.95 -30.52
N SER J 369 14.03 -36.70 -29.81
CA SER J 369 13.02 -35.76 -30.26
C SER J 369 13.14 -34.40 -29.59
N PRO J 370 12.80 -33.34 -30.34
CA PRO J 370 12.66 -32.05 -29.68
C PRO J 370 11.39 -32.12 -28.85
N VAL J 371 11.29 -31.32 -27.80
CA VAL J 371 10.14 -31.42 -26.90
C VAL J 371 9.65 -30.01 -26.60
N GLN J 372 8.40 -29.88 -26.18
CA GLN J 372 7.85 -28.58 -25.83
C GLN J 372 8.63 -27.99 -24.66
N ASN J 373 8.78 -26.67 -24.64
CA ASN J 373 9.44 -26.02 -23.51
C ASN J 373 8.44 -25.85 -22.36
N ILE J 374 8.03 -26.97 -21.76
CA ILE J 374 7.03 -26.95 -20.70
C ILE J 374 7.68 -26.67 -19.35
N ASN J 375 6.97 -25.95 -18.49
CA ASN J 375 7.43 -25.62 -17.14
C ASN J 375 6.99 -26.74 -16.20
N TRP J 376 7.93 -27.30 -15.45
CA TRP J 376 7.62 -28.41 -14.55
C TRP J 376 7.29 -28.01 -13.12
N ASP J 377 7.00 -26.73 -12.90
CA ASP J 377 6.48 -26.28 -11.61
C ASP J 377 5.12 -26.94 -11.34
N TRP K 14 27.23 -76.28 5.39
CA TRP K 14 28.22 -75.20 5.25
C TRP K 14 29.53 -75.56 5.95
N ARG K 15 30.65 -75.29 5.29
CA ARG K 15 31.95 -75.52 5.90
C ARG K 15 32.70 -74.19 6.05
N ALA K 16 33.19 -73.95 7.26
CA ALA K 16 34.05 -72.80 7.53
C ALA K 16 35.43 -72.98 6.90
N LYS K 17 36.00 -71.90 6.41
CA LYS K 17 37.31 -71.95 5.74
C LYS K 17 38.47 -72.36 6.67
N SER K 18 39.65 -72.47 6.08
CA SER K 18 40.81 -73.10 6.71
C SER K 18 41.40 -72.45 7.97
N GLN K 19 41.75 -71.17 7.89
CA GLN K 19 42.38 -70.45 8.99
C GLN K 19 41.75 -69.07 9.16
N MET K 20 41.89 -68.48 10.34
CA MET K 20 41.35 -67.13 10.56
C MET K 20 42.02 -66.14 9.63
N CYS K 21 41.24 -65.18 9.13
CA CYS K 21 41.82 -64.08 8.38
C CYS K 21 42.60 -63.24 9.36
N GLU K 22 43.71 -62.68 8.90
CA GLU K 22 44.50 -61.80 9.74
C GLU K 22 43.68 -60.55 10.02
N VAL K 23 43.53 -60.21 11.29
CA VAL K 23 42.72 -59.06 11.69
C VAL K 23 43.59 -57.98 12.33
N LYS K 24 43.64 -56.82 11.70
CA LYS K 24 44.46 -55.70 12.19
C LYS K 24 43.58 -54.55 12.64
N GLY K 25 42.29 -54.66 12.34
CA GLY K 25 41.34 -53.62 12.69
C GLY K 25 39.90 -54.06 12.53
N TRP K 26 38.99 -53.24 13.05
CA TRP K 26 37.55 -53.53 12.97
C TRP K 26 36.80 -52.31 12.46
N VAL K 27 35.97 -52.55 11.45
CA VAL K 27 35.18 -51.49 10.84
C VAL K 27 33.69 -51.83 10.94
N PRO K 28 32.85 -50.81 11.18
CA PRO K 28 31.41 -51.03 11.34
C PRO K 28 30.73 -51.28 10.01
N THR K 29 29.91 -52.33 9.96
CA THR K 29 29.14 -52.67 8.77
C THR K 29 27.72 -52.16 8.94
N HIS K 30 27.31 -51.98 10.19
CA HIS K 30 25.99 -51.44 10.48
C HIS K 30 25.97 -50.42 11.61
N ARG K 31 25.43 -49.25 11.28
CA ARG K 31 25.34 -48.12 12.18
C ARG K 31 24.33 -47.16 11.59
N GLY K 32 23.22 -46.97 12.29
CA GLY K 32 22.11 -46.23 11.73
C GLY K 32 22.14 -44.78 12.14
N PHE K 33 20.98 -44.13 12.10
CA PHE K 33 20.90 -42.71 12.40
C PHE K 33 19.98 -42.51 13.60
N PRO K 34 20.07 -41.35 14.27
CA PRO K 34 19.22 -41.11 15.43
C PRO K 34 17.75 -41.06 15.04
N TRP K 35 16.91 -41.79 15.76
CA TRP K 35 15.48 -41.83 15.46
C TRP K 35 14.74 -40.74 16.23
N GLY K 36 15.50 -39.82 16.81
CA GLY K 36 14.94 -38.59 17.31
C GLY K 36 14.21 -38.84 18.61
N PRO K 37 13.72 -37.76 19.22
CA PRO K 37 12.91 -37.83 20.45
C PRO K 37 11.68 -38.71 20.23
N GLU K 38 10.91 -38.43 19.18
CA GLU K 38 9.68 -39.15 18.92
C GLU K 38 9.81 -40.26 17.87
N LEU K 39 9.18 -41.39 18.17
CA LEU K 39 9.20 -42.55 17.29
C LEU K 39 7.87 -42.69 16.56
N PRO K 40 7.89 -43.31 15.37
CA PRO K 40 6.66 -43.74 14.70
C PRO K 40 6.04 -44.89 15.48
N GLY K 41 4.75 -45.16 15.27
CA GLY K 41 4.04 -46.10 16.12
C GLY K 41 4.29 -47.59 15.88
N ASP K 42 4.84 -47.93 14.73
CA ASP K 42 4.94 -49.34 14.33
C ASP K 42 6.30 -49.99 14.59
N LEU K 43 7.19 -49.31 15.32
CA LEU K 43 8.50 -49.91 15.61
C LEU K 43 8.38 -50.93 16.74
N ILE K 44 9.11 -52.03 16.62
CA ILE K 44 9.08 -53.08 17.63
C ILE K 44 10.19 -52.91 18.66
N LEU K 45 9.81 -52.90 19.93
CA LEU K 45 10.77 -52.82 21.02
C LEU K 45 11.33 -54.21 21.28
N SER K 46 12.65 -54.27 21.48
CA SER K 46 13.34 -55.54 21.54
C SER K 46 14.36 -55.59 22.67
N ARG K 47 14.81 -56.79 22.96
CA ARG K 47 15.92 -57.01 23.87
C ARG K 47 16.57 -58.35 23.50
N ARG K 48 17.76 -58.58 24.01
CA ARG K 48 18.48 -59.83 23.76
C ARG K 48 18.62 -60.12 22.27
N ALA K 49 18.95 -59.08 21.50
CA ALA K 49 19.12 -59.22 20.06
C ALA K 49 20.50 -59.78 19.74
N TYR K 50 20.60 -60.51 18.63
CA TYR K 50 21.88 -61.01 18.16
C TYR K 50 21.81 -61.18 16.65
N VAL K 51 22.94 -61.50 16.03
CA VAL K 51 22.98 -61.61 14.57
C VAL K 51 23.43 -63.00 14.15
N SER K 52 22.78 -63.52 13.12
CA SER K 52 23.21 -64.74 12.46
C SER K 52 22.87 -64.62 10.99
N CYS K 53 23.73 -65.16 10.15
CA CYS K 53 23.58 -65.01 8.71
C CYS K 53 23.44 -66.40 8.10
N ASP K 54 22.71 -66.49 6.99
CA ASP K 54 22.71 -67.70 6.19
C ASP K 54 23.67 -67.50 5.01
N LEU K 55 23.50 -68.27 3.93
CA LEU K 55 24.43 -68.18 2.81
C LEU K 55 24.30 -66.88 2.02
N THR K 56 23.12 -66.28 2.04
CA THR K 56 22.87 -65.09 1.23
C THR K 56 22.90 -63.78 2.01
N SER K 57 22.11 -63.70 3.08
CA SER K 57 21.90 -62.44 3.79
C SER K 57 21.94 -62.61 5.30
N CYS K 58 21.98 -61.50 6.02
CA CYS K 58 22.00 -61.55 7.48
C CYS K 58 20.68 -61.09 8.09
N PHE K 59 20.43 -61.56 9.30
CA PHE K 59 19.15 -61.32 9.97
C PHE K 59 19.36 -60.94 11.44
N LYS K 60 18.46 -60.14 11.98
CA LYS K 60 18.43 -59.86 13.41
C LYS K 60 17.43 -60.77 14.11
N PHE K 61 17.87 -61.44 15.17
CA PHE K 61 16.97 -62.23 15.99
C PHE K 61 16.85 -61.52 17.33
N PHE K 62 15.62 -61.38 17.82
CA PHE K 62 15.36 -60.62 19.04
C PHE K 62 14.09 -61.08 19.76
N ILE K 63 14.01 -60.71 21.03
CA ILE K 63 12.83 -60.98 21.84
C ILE K 63 11.94 -59.74 21.85
N ALA K 64 10.74 -59.86 21.30
CA ALA K 64 9.85 -58.71 21.19
C ALA K 64 8.93 -58.62 22.41
N TYR K 65 8.69 -57.40 22.89
CA TYR K 65 7.84 -57.22 24.06
C TYR K 65 6.84 -56.06 23.93
N GLY K 66 6.99 -55.22 22.91
CA GLY K 66 6.12 -54.08 22.77
C GLY K 66 6.22 -53.25 21.51
N LEU K 67 5.36 -52.24 21.41
CA LEU K 67 5.34 -51.34 20.26
C LEU K 67 5.76 -49.92 20.62
N SER K 68 6.35 -49.24 19.64
CA SER K 68 6.87 -47.90 19.84
C SER K 68 5.76 -46.88 20.10
N ALA K 69 4.55 -47.23 19.69
CA ALA K 69 3.37 -46.41 19.98
C ALA K 69 3.16 -46.24 21.48
N ASN K 70 3.72 -47.16 22.27
CA ASN K 70 3.52 -47.11 23.71
C ASN K 70 4.77 -46.58 24.39
N GLN K 71 5.58 -45.88 23.59
CA GLN K 71 6.60 -44.98 24.09
C GLN K 71 5.87 -44.10 25.09
N HIS K 72 6.46 -43.88 26.26
CA HIS K 72 5.86 -43.10 27.35
C HIS K 72 4.67 -43.81 28.02
N LEU K 73 4.37 -45.03 27.62
CA LEU K 73 3.20 -45.75 28.18
C LEU K 73 3.54 -47.12 28.75
N LEU K 74 4.80 -47.50 28.70
CA LEU K 74 5.20 -48.80 29.22
C LEU K 74 6.14 -48.58 30.38
N ASN K 75 5.99 -49.38 31.44
CA ASN K 75 6.98 -49.35 32.50
C ASN K 75 8.25 -49.91 31.91
N THR K 76 9.38 -49.46 32.43
CA THR K 76 10.68 -49.91 31.93
C THR K 76 11.47 -50.50 33.09
N SER K 77 11.72 -51.82 33.04
CA SER K 77 11.41 -52.65 31.89
C SER K 77 10.31 -53.72 32.11
N MET K 78 9.88 -54.36 31.02
CA MET K 78 8.80 -55.36 31.03
C MET K 78 9.20 -56.82 30.76
N GLU K 79 8.98 -57.67 31.75
CA GLU K 79 9.25 -59.11 31.68
C GLU K 79 8.00 -59.94 31.35
N TRP K 80 7.23 -59.53 30.36
CA TRP K 80 5.93 -60.20 30.16
C TRP K 80 5.83 -61.15 28.97
N GLU K 81 4.77 -61.03 28.17
CA GLU K 81 4.58 -61.99 27.09
C GLU K 81 5.55 -61.66 25.97
N GLU K 82 6.57 -62.51 25.84
CA GLU K 82 7.63 -62.25 24.90
C GLU K 82 7.62 -63.26 23.77
N SER K 83 8.08 -62.83 22.60
CA SER K 83 8.02 -63.65 21.39
C SER K 83 9.26 -63.40 20.56
N LEU K 84 9.79 -64.46 19.98
CA LEU K 84 10.97 -64.32 19.14
C LEU K 84 10.58 -63.88 17.74
N TYR K 85 11.22 -62.82 17.27
CA TYR K 85 10.95 -62.27 15.95
C TYR K 85 12.25 -62.23 15.17
N LYS K 86 12.13 -62.06 13.85
CA LYS K 86 13.29 -61.91 12.98
C LYS K 86 13.08 -60.78 11.98
N THR K 87 14.17 -60.09 11.66
CA THR K 87 14.13 -58.97 10.72
C THR K 87 15.39 -59.06 9.88
N PRO K 88 15.25 -58.88 8.56
CA PRO K 88 16.40 -58.79 7.68
C PRO K 88 17.30 -57.64 8.13
N ILE K 89 18.60 -57.89 8.26
CA ILE K 89 19.54 -56.82 8.59
C ILE K 89 19.45 -55.73 7.52
N GLY K 90 19.56 -54.47 7.93
CA GLY K 90 19.41 -53.38 7.00
C GLY K 90 18.02 -52.76 7.03
N SER K 91 17.06 -53.51 7.58
CA SER K 91 15.70 -53.00 7.75
C SER K 91 15.45 -52.69 9.22
N ALA K 92 14.65 -51.66 9.47
CA ALA K 92 14.24 -51.35 10.83
C ALA K 92 13.25 -52.42 11.26
N SER K 93 13.24 -52.75 12.54
CA SER K 93 12.30 -53.76 13.03
C SER K 93 10.93 -53.13 13.22
N THR K 94 10.03 -53.37 12.27
CA THR K 94 8.66 -52.89 12.34
C THR K 94 7.73 -54.07 12.12
N LEU K 95 6.42 -53.85 12.30
CA LEU K 95 5.44 -54.90 12.06
C LEU K 95 5.41 -55.33 10.60
N SER K 96 5.90 -54.48 9.70
CA SER K 96 5.89 -54.77 8.28
C SER K 96 7.20 -55.39 7.80
N THR K 97 8.25 -55.31 8.63
CA THR K 97 9.55 -55.86 8.27
C THR K 97 9.93 -57.08 9.11
N SER K 98 9.33 -57.19 10.29
CA SER K 98 9.70 -58.25 11.22
C SER K 98 8.73 -59.42 11.16
N GLU K 99 9.23 -60.61 11.47
CA GLU K 99 8.46 -61.85 11.32
C GLU K 99 8.51 -62.66 12.61
N MET K 100 7.33 -63.11 13.06
CA MET K 100 7.26 -63.92 14.26
C MET K 100 7.86 -65.30 13.97
N ILE K 101 8.63 -65.82 14.92
CA ILE K 101 9.19 -67.15 14.82
C ILE K 101 8.56 -68.06 15.86
N LEU K 102 8.84 -67.76 17.12
CA LEU K 102 8.32 -68.56 18.24
C LEU K 102 8.13 -67.71 19.47
N PRO K 103 7.19 -68.10 20.34
CA PRO K 103 7.17 -67.48 21.67
C PRO K 103 8.43 -67.92 22.41
N GLY K 104 9.04 -67.02 23.16
CA GLY K 104 10.30 -67.32 23.82
C GLY K 104 10.84 -66.20 24.68
N ARG K 105 11.71 -66.55 25.63
CA ARG K 105 12.26 -65.58 26.57
C ARG K 105 13.73 -65.40 26.27
N SER K 106 14.34 -66.48 25.78
CA SER K 106 15.72 -66.47 25.31
C SER K 106 15.77 -67.39 24.11
N SER K 107 16.81 -67.25 23.30
CA SER K 107 16.85 -67.97 22.04
C SER K 107 18.25 -68.19 21.49
N SER K 108 18.31 -69.02 20.44
CA SER K 108 19.52 -69.16 19.65
C SER K 108 19.06 -69.63 18.29
N ALA K 109 19.77 -69.21 17.25
CA ALA K 109 19.40 -69.58 15.90
C ALA K 109 20.67 -69.78 15.08
N CYS K 110 20.60 -70.72 14.15
CA CYS K 110 21.74 -71.04 13.31
C CYS K 110 21.23 -71.72 12.05
N PHE K 111 21.95 -71.52 10.94
CA PHE K 111 21.54 -72.07 9.67
C PHE K 111 22.54 -73.14 9.25
N ASP K 112 22.04 -74.32 8.88
CA ASP K 112 22.92 -75.45 8.62
C ASP K 112 23.42 -75.53 7.18
N GLY K 113 22.82 -74.72 6.30
CA GLY K 113 23.14 -74.75 4.89
C GLY K 113 21.94 -75.05 4.03
N LEU K 114 20.90 -75.62 4.65
CA LEU K 114 19.66 -75.92 3.96
C LEU K 114 18.47 -75.25 4.65
N LYS K 115 18.35 -75.45 5.95
CA LYS K 115 17.20 -74.95 6.70
C LYS K 115 17.67 -74.29 8.00
N TRP K 116 16.82 -73.45 8.60
CA TRP K 116 17.17 -72.79 9.84
C TRP K 116 16.87 -73.64 11.07
N THR K 117 17.81 -73.64 12.03
CA THR K 117 17.56 -74.25 13.33
C THR K 117 17.41 -73.12 14.33
N VAL K 118 16.28 -73.08 15.02
CA VAL K 118 16.01 -72.05 16.02
C VAL K 118 15.57 -72.71 17.32
N LEU K 119 16.14 -72.27 18.44
CA LEU K 119 15.74 -72.77 19.76
C LEU K 119 15.20 -71.63 20.60
N VAL K 120 14.13 -71.89 21.35
CA VAL K 120 13.59 -70.91 22.29
C VAL K 120 13.33 -71.57 23.64
N ALA K 121 13.44 -70.79 24.72
CA ALA K 121 13.16 -71.27 26.06
C ALA K 121 12.00 -70.51 26.66
N ASN K 122 11.06 -71.23 27.28
CA ASN K 122 9.89 -70.60 27.89
C ASN K 122 9.68 -71.09 29.31
N GLY K 123 9.08 -70.24 30.14
CA GLY K 123 8.77 -70.62 31.50
C GLY K 123 9.85 -70.21 32.49
N ARG K 124 9.48 -70.07 33.75
CA ARG K 124 10.44 -69.85 34.82
C ARG K 124 10.43 -71.06 35.74
N ASP K 125 11.37 -71.09 36.68
CA ASP K 125 11.54 -72.22 37.61
C ASP K 125 11.63 -73.56 36.87
N ARG K 126 11.17 -74.63 37.53
CA ARG K 126 11.37 -75.99 37.04
C ARG K 126 10.49 -76.36 35.85
N ASN K 127 9.40 -75.63 35.66
CA ASN K 127 8.51 -75.88 34.53
C ASN K 127 9.12 -75.38 33.21
N SER K 128 10.28 -74.72 33.30
CA SER K 128 11.00 -74.23 32.13
C SER K 128 11.38 -75.35 31.17
N PHE K 129 11.26 -75.09 29.87
CA PHE K 129 11.66 -76.05 28.85
C PHE K 129 12.03 -75.34 27.54
N ILE K 130 12.57 -76.09 26.59
CA ILE K 130 13.02 -75.53 25.31
C ILE K 130 12.35 -76.19 24.09
N MET K 131 11.94 -75.36 23.13
CA MET K 131 11.41 -75.84 21.85
C MET K 131 12.49 -75.74 20.78
N ILE K 132 12.55 -76.72 19.89
CA ILE K 132 13.54 -76.71 18.82
C ILE K 132 12.85 -76.69 17.46
N LYS K 133 13.17 -75.70 16.63
CA LYS K 133 12.53 -75.58 15.32
C LYS K 133 13.55 -75.73 14.19
N TYR K 134 13.18 -76.49 13.17
CA TYR K 134 14.06 -76.73 12.03
C TYR K 134 13.30 -76.55 10.72
N GLY K 135 13.50 -75.41 10.06
CA GLY K 135 12.79 -75.09 8.83
C GLY K 135 11.29 -75.27 8.89
N GLU K 136 10.63 -74.34 9.57
CA GLU K 136 9.17 -74.21 9.63
C GLU K 136 8.40 -75.13 10.60
N GLU K 137 9.01 -76.22 11.05
CA GLU K 137 8.36 -77.04 12.09
C GLU K 137 9.27 -77.37 13.29
N VAL K 138 8.64 -77.44 14.46
CA VAL K 138 9.31 -77.80 15.72
C VAL K 138 9.57 -79.31 15.75
N THR K 139 10.80 -79.70 16.05
CA THR K 139 11.25 -81.08 15.86
C THR K 139 11.49 -81.82 17.17
N ASP K 140 11.88 -81.10 18.20
CA ASP K 140 12.16 -81.71 19.50
C ASP K 140 11.96 -80.71 20.63
N THR K 141 11.79 -81.24 21.83
CA THR K 141 11.64 -80.40 23.02
C THR K 141 12.35 -81.09 24.18
N PHE K 142 12.76 -80.30 25.16
CA PHE K 142 13.26 -80.86 26.42
C PHE K 142 13.08 -79.91 27.58
N SER K 143 12.94 -80.49 28.77
CA SER K 143 12.58 -79.74 29.97
C SER K 143 13.79 -79.54 30.87
N ALA K 144 13.65 -78.66 31.86
CA ALA K 144 14.71 -78.45 32.84
C ALA K 144 14.94 -79.73 33.64
N SER K 145 16.21 -80.04 33.89
CA SER K 145 16.57 -81.23 34.65
C SER K 145 17.03 -80.84 36.05
N ARG K 146 17.44 -79.58 36.19
CA ARG K 146 18.08 -79.13 37.42
C ARG K 146 17.33 -78.00 38.14
N GLY K 147 16.01 -78.01 38.10
CA GLY K 147 15.22 -77.12 38.92
C GLY K 147 15.08 -75.70 38.41
N GLY K 148 16.20 -75.05 38.15
CA GLY K 148 16.17 -73.67 37.70
C GLY K 148 15.61 -73.52 36.30
N PRO K 149 15.45 -72.27 35.85
CA PRO K 149 14.93 -71.99 34.52
C PRO K 149 15.96 -72.32 33.45
N LEU K 150 15.49 -72.82 32.30
CA LEU K 150 16.38 -73.06 31.17
C LEU K 150 16.70 -71.75 30.46
N ARG K 151 17.95 -71.59 30.06
CA ARG K 151 18.40 -70.35 29.44
C ARG K 151 19.26 -70.62 28.21
N LEU K 152 18.94 -69.91 27.13
CA LEU K 152 19.74 -69.96 25.91
C LEU K 152 20.64 -68.73 25.88
N PRO K 153 21.76 -68.81 25.14
CA PRO K 153 22.79 -67.78 25.28
C PRO K 153 22.47 -66.50 24.51
N ASN K 154 21.39 -66.51 23.73
CA ASN K 154 21.00 -65.37 22.91
C ASN K 154 22.09 -64.92 21.94
N SER K 155 22.58 -65.89 21.16
CA SER K 155 23.61 -65.65 20.16
C SER K 155 23.54 -66.74 19.11
N GLU K 156 24.18 -66.51 17.97
CA GLU K 156 24.29 -67.50 16.92
C GLU K 156 24.77 -68.83 17.51
N CYS K 157 24.06 -69.91 17.20
CA CYS K 157 24.58 -71.22 17.53
C CYS K 157 25.52 -71.66 16.42
N ILE K 158 26.24 -72.75 16.63
CA ILE K 158 27.28 -73.12 15.67
C ILE K 158 26.97 -74.46 15.02
N CYS K 159 26.88 -74.45 13.69
CA CYS K 159 26.65 -75.68 12.95
C CYS K 159 27.89 -76.05 12.14
N ILE K 160 28.32 -77.30 12.32
CA ILE K 160 29.47 -77.83 11.61
C ILE K 160 29.13 -79.18 11.02
N GLU K 161 29.22 -79.28 9.69
CA GLU K 161 29.00 -80.53 8.98
C GLU K 161 27.66 -81.18 9.35
N GLY K 162 26.64 -80.35 9.46
CA GLY K 162 25.28 -80.80 9.74
C GLY K 162 24.92 -80.88 11.20
N SER K 163 25.90 -80.68 12.08
CA SER K 163 25.64 -80.72 13.52
C SER K 163 25.65 -79.31 14.09
N CYS K 164 24.58 -78.97 14.80
CA CYS K 164 24.44 -77.63 15.33
C CYS K 164 24.66 -77.68 16.83
N PHE K 165 25.41 -76.72 17.36
CA PHE K 165 25.77 -76.76 18.78
C PHE K 165 25.35 -75.49 19.50
N VAL K 166 24.88 -75.67 20.74
CA VAL K 166 24.40 -74.57 21.54
C VAL K 166 24.68 -74.88 23.01
N ILE K 167 25.00 -73.85 23.78
CA ILE K 167 25.26 -74.02 25.20
C ILE K 167 24.04 -73.61 26.00
N VAL K 168 23.57 -74.53 26.84
CA VAL K 168 22.38 -74.33 27.64
C VAL K 168 22.75 -74.26 29.13
N SER K 169 22.20 -73.29 29.83
CA SER K 169 22.45 -73.10 31.25
C SER K 169 21.19 -73.45 32.04
N ASP K 170 21.39 -73.96 33.26
CA ASP K 170 20.28 -74.37 34.11
C ASP K 170 20.67 -74.09 35.56
N GLY K 171 19.70 -74.18 36.47
CA GLY K 171 19.94 -73.87 37.88
C GLY K 171 19.33 -72.52 38.25
N PRO K 172 18.69 -72.45 39.43
CA PRO K 172 17.98 -71.23 39.83
C PRO K 172 18.86 -70.12 40.41
N ASN K 173 20.11 -70.42 40.78
CA ASN K 173 21.02 -69.40 41.30
C ASN K 173 22.38 -69.42 40.61
N VAL K 174 22.97 -68.23 40.47
CA VAL K 174 24.24 -68.06 39.77
C VAL K 174 25.42 -68.71 40.48
N ASN K 175 25.33 -68.91 41.79
CA ASN K 175 26.41 -69.53 42.54
C ASN K 175 26.46 -71.05 42.46
N GLN K 176 25.44 -71.64 41.84
CA GLN K 176 25.45 -73.08 41.57
C GLN K 176 24.69 -73.39 40.28
N SER K 177 25.21 -72.91 39.16
CA SER K 177 24.58 -73.15 37.87
C SER K 177 25.28 -74.31 37.17
N VAL K 178 24.55 -74.99 36.30
CA VAL K 178 25.14 -76.03 35.47
C VAL K 178 24.98 -75.64 34.00
N HIS K 179 25.92 -76.07 33.17
CA HIS K 179 25.93 -75.65 31.77
C HIS K 179 26.26 -76.84 30.89
N ARG K 180 25.55 -76.97 29.78
CA ARG K 180 25.73 -78.12 28.90
C ARG K 180 25.91 -77.74 27.44
N ILE K 181 26.67 -78.57 26.73
CA ILE K 181 26.72 -78.48 25.28
C ILE K 181 25.68 -79.45 24.74
N TYR K 182 24.72 -78.94 23.98
CA TYR K 182 23.75 -79.77 23.28
C TYR K 182 24.15 -79.90 21.83
N GLU K 183 24.10 -81.13 21.32
CA GLU K 183 24.44 -81.42 19.94
C GLU K 183 23.18 -81.75 19.15
N LEU K 184 22.97 -81.05 18.05
CA LEU K 184 21.75 -81.21 17.26
C LEU K 184 22.01 -81.68 15.84
N GLN K 185 21.04 -82.39 15.28
CA GLN K 185 21.07 -82.83 13.89
C GLN K 185 19.64 -82.84 13.38
N ASN K 186 19.41 -82.11 12.30
CA ASN K 186 18.07 -81.94 11.74
C ASN K 186 17.05 -81.50 12.79
N GLY K 187 17.48 -80.66 13.72
CA GLY K 187 16.61 -80.18 14.76
C GLY K 187 16.28 -81.22 15.82
N THR K 188 17.06 -82.29 15.89
CA THR K 188 16.79 -83.35 16.85
C THR K 188 17.97 -83.47 17.81
N VAL K 189 17.67 -83.52 19.12
CA VAL K 189 18.71 -83.64 20.12
C VAL K 189 19.37 -85.00 19.92
N GLN K 190 20.67 -84.97 19.62
CA GLN K 190 21.40 -86.21 19.41
C GLN K 190 22.07 -86.67 20.70
N ARG K 191 22.83 -85.77 21.29
CA ARG K 191 23.50 -86.03 22.55
C ARG K 191 23.93 -84.71 23.17
N TRP K 192 24.28 -84.73 24.45
CA TRP K 192 24.68 -83.51 25.14
C TRP K 192 25.89 -83.74 26.04
N LYS K 193 26.53 -82.64 26.42
CA LYS K 193 27.74 -82.68 27.24
C LYS K 193 27.66 -81.69 28.38
N GLN K 194 27.74 -82.18 29.63
CA GLN K 194 27.75 -81.30 30.78
C GLN K 194 29.17 -80.88 31.10
N LEU K 195 29.37 -79.58 31.28
CA LEU K 195 30.67 -79.04 31.58
C LEU K 195 30.80 -79.00 33.10
N ASN K 196 32.01 -79.26 33.59
CA ASN K 196 32.30 -79.04 35.01
C ASN K 196 32.64 -77.57 35.23
N THR K 197 31.65 -76.81 35.69
CA THR K 197 31.78 -75.36 35.82
C THR K 197 31.84 -74.90 37.28
N THR K 198 32.21 -75.82 38.18
CA THR K 198 32.30 -75.53 39.61
C THR K 198 33.25 -74.39 39.92
N GLY K 199 32.78 -73.42 40.70
CA GLY K 199 33.62 -72.30 41.10
C GLY K 199 33.40 -71.03 40.31
N ILE K 200 32.84 -71.16 39.11
CA ILE K 200 32.61 -70.01 38.24
C ILE K 200 31.15 -69.96 37.77
N ASN K 201 30.85 -68.98 36.92
CA ASN K 201 29.54 -68.89 36.30
C ASN K 201 29.73 -68.64 34.81
N PHE K 202 28.96 -69.35 33.98
CA PHE K 202 29.20 -69.31 32.53
C PHE K 202 27.93 -69.07 31.71
N GLU K 203 27.41 -67.85 31.77
CA GLU K 203 26.19 -67.48 31.04
C GLU K 203 26.46 -66.74 29.73
N TYR K 204 25.40 -66.54 28.94
CA TYR K 204 25.43 -65.69 27.75
C TYR K 204 26.54 -66.06 26.77
N SER K 205 26.72 -67.35 26.52
CA SER K 205 27.77 -67.83 25.62
C SER K 205 27.63 -67.25 24.21
N THR K 206 28.71 -66.68 23.69
CA THR K 206 28.77 -66.30 22.27
C THR K 206 30.00 -66.95 21.64
N CYS K 207 29.80 -67.61 20.51
CA CYS K 207 30.81 -68.54 20.01
C CYS K 207 31.17 -68.30 18.55
N TYR K 208 32.30 -68.88 18.12
CA TYR K 208 32.68 -68.88 16.72
C TYR K 208 33.44 -70.17 16.40
N THR K 209 33.61 -70.44 15.11
CA THR K 209 34.29 -71.65 14.68
C THR K 209 35.56 -71.37 13.88
N ILE K 210 36.55 -72.24 14.06
CA ILE K 210 37.74 -72.23 13.23
C ILE K 210 38.16 -73.69 13.06
N ASN K 211 38.26 -74.07 11.78
CA ASN K 211 38.57 -75.42 11.32
C ASN K 211 38.03 -76.51 12.26
N ASN K 212 36.70 -76.52 12.43
CA ASN K 212 36.00 -77.48 13.28
C ASN K 212 36.31 -77.43 14.79
N LEU K 213 36.77 -76.28 15.27
CA LEU K 213 36.89 -76.02 16.70
C LEU K 213 35.98 -74.86 17.08
N ILE K 214 35.34 -74.97 18.24
CA ILE K 214 34.51 -73.87 18.75
C ILE K 214 35.10 -73.25 20.00
N LYS K 215 35.12 -71.91 20.01
CA LYS K 215 35.58 -71.15 21.16
C LYS K 215 34.47 -70.21 21.57
N CYS K 216 34.12 -70.25 22.86
CA CYS K 216 33.02 -69.46 23.37
C CYS K 216 33.51 -68.57 24.50
N THR K 217 32.98 -67.36 24.58
CA THR K 217 33.26 -66.48 25.70
C THR K 217 32.02 -66.42 26.58
N GLY K 218 32.20 -66.58 27.88
CA GLY K 218 31.07 -66.56 28.79
C GLY K 218 31.08 -65.32 29.64
N THR K 219 30.10 -65.20 30.52
CA THR K 219 30.02 -64.08 31.45
C THR K 219 29.77 -64.63 32.85
N ASN K 220 30.60 -64.23 33.80
CA ASN K 220 30.46 -64.69 35.17
C ASN K 220 29.69 -63.67 35.99
N LEU K 221 28.48 -64.05 36.40
CA LEU K 221 27.58 -63.16 37.13
C LEU K 221 27.79 -63.25 38.62
N TRP K 222 28.73 -64.10 39.04
CA TRP K 222 28.87 -64.46 40.44
C TRP K 222 30.13 -63.90 41.13
N ASN K 223 31.29 -64.35 40.68
CA ASN K 223 32.53 -64.17 41.44
C ASN K 223 33.76 -63.82 40.60
N ASP K 224 33.53 -63.23 39.44
CA ASP K 224 34.62 -62.95 38.53
C ASP K 224 34.34 -61.73 37.65
N ALA K 225 35.34 -60.86 37.51
CA ALA K 225 35.23 -59.71 36.63
C ALA K 225 35.96 -60.02 35.33
N LYS K 226 36.65 -61.16 35.30
CA LYS K 226 37.21 -61.70 34.08
C LYS K 226 36.25 -62.65 33.37
N ARG K 227 36.47 -62.85 32.07
CA ARG K 227 35.64 -63.77 31.30
C ARG K 227 36.28 -65.13 31.07
N PRO K 228 35.60 -66.19 31.52
CA PRO K 228 36.00 -67.57 31.29
C PRO K 228 35.88 -67.94 29.81
N LEU K 229 36.74 -68.82 29.34
CA LEU K 229 36.75 -69.21 27.93
C LEU K 229 36.46 -70.69 27.82
N LEU K 230 35.79 -71.08 26.74
CA LEU K 230 35.54 -72.49 26.51
C LEU K 230 35.99 -72.84 25.10
N ARG K 231 36.67 -73.98 24.97
CA ARG K 231 37.07 -74.49 23.67
C ARG K 231 36.57 -75.92 23.62
N PHE K 232 35.92 -76.31 22.53
CA PHE K 232 35.50 -77.69 22.41
C PHE K 232 35.49 -78.22 20.98
N THR K 233 35.34 -79.53 20.87
CA THR K 233 35.40 -80.23 19.59
C THR K 233 34.01 -80.75 19.26
N LYS K 234 33.85 -81.28 18.05
CA LYS K 234 32.59 -81.88 17.64
C LYS K 234 32.24 -83.05 18.55
N GLU K 235 33.29 -83.66 19.11
CA GLU K 235 33.11 -84.82 19.97
C GLU K 235 32.95 -84.39 21.43
N LEU K 236 32.73 -83.08 21.61
CA LEU K 236 32.40 -82.49 22.90
C LEU K 236 33.50 -82.57 23.97
N ASN K 237 34.74 -82.71 23.52
CA ASN K 237 35.89 -82.58 24.39
C ASN K 237 36.23 -81.11 24.60
N TYR K 238 36.38 -80.69 25.86
CA TYR K 238 36.52 -79.27 26.16
C TYR K 238 37.62 -78.95 27.18
N GLN K 239 37.96 -77.66 27.26
CA GLN K 239 38.95 -77.16 28.20
C GLN K 239 38.54 -75.74 28.56
N ILE K 240 38.52 -75.42 29.85
CA ILE K 240 38.12 -74.09 30.31
C ILE K 240 39.32 -73.28 30.80
N VAL K 241 39.41 -72.04 30.31
CA VAL K 241 40.58 -71.19 30.47
C VAL K 241 40.20 -69.86 31.13
N GLU K 242 41.10 -69.32 31.94
CA GLU K 242 40.94 -68.01 32.55
C GLU K 242 41.93 -67.08 31.88
N PRO K 243 41.51 -65.84 31.56
CA PRO K 243 42.46 -64.92 30.93
C PRO K 243 43.61 -64.65 31.87
N CYS K 244 44.84 -64.73 31.37
CA CYS K 244 46.00 -64.59 32.22
C CYS K 244 46.45 -63.13 32.18
N ASN K 245 45.54 -62.30 31.69
CA ASN K 245 45.69 -60.85 31.68
C ASN K 245 45.62 -60.33 33.10
N GLY K 246 45.78 -59.03 33.26
CA GLY K 246 45.53 -58.37 34.53
C GLY K 246 44.41 -57.35 34.33
N ALA K 247 43.76 -57.46 33.17
CA ALA K 247 42.78 -56.47 32.74
C ALA K 247 41.38 -57.06 32.71
N PRO K 248 40.57 -56.70 33.71
CA PRO K 248 39.19 -57.17 33.78
C PRO K 248 38.44 -56.65 32.57
N THR K 249 37.55 -57.45 32.00
CA THR K 249 36.87 -57.02 30.79
C THR K 249 35.36 -56.94 30.95
N ASP K 250 34.84 -57.51 32.04
CA ASP K 250 33.40 -57.49 32.27
C ASP K 250 32.94 -56.12 32.75
N PHE K 251 31.64 -55.90 32.73
CA PHE K 251 31.06 -54.75 33.41
C PHE K 251 29.88 -55.22 34.26
N PRO K 252 29.92 -54.90 35.56
CA PRO K 252 30.96 -54.08 36.20
C PRO K 252 32.29 -54.80 36.42
N ARG K 253 33.31 -54.06 36.82
CA ARG K 253 34.65 -54.62 37.07
C ARG K 253 35.48 -53.70 37.95
N GLY K 254 36.54 -54.26 38.53
CA GLY K 254 37.47 -53.48 39.33
C GLY K 254 38.59 -52.95 38.46
N GLY K 255 39.65 -52.47 39.08
CA GLY K 255 40.77 -51.92 38.33
C GLY K 255 41.72 -52.99 37.85
N LEU K 256 42.79 -52.57 37.18
CA LEU K 256 43.80 -53.49 36.68
C LEU K 256 44.54 -54.20 37.80
N THR K 257 44.96 -55.44 37.55
CA THR K 257 45.70 -56.22 38.52
C THR K 257 46.92 -56.85 37.88
N THR K 258 47.68 -57.61 38.67
CA THR K 258 48.86 -58.34 38.18
C THR K 258 48.41 -59.41 37.20
N PRO K 259 49.07 -59.48 36.03
CA PRO K 259 48.71 -60.49 35.04
C PRO K 259 48.74 -61.87 35.69
N SER K 260 47.62 -62.59 35.61
CA SER K 260 47.52 -63.90 36.22
C SER K 260 46.32 -64.68 35.69
N CYS K 261 46.37 -65.99 35.88
CA CYS K 261 45.29 -66.88 35.45
C CYS K 261 44.24 -67.02 36.54
N LYS K 262 44.25 -66.07 37.48
CA LYS K 262 43.32 -66.05 38.59
C LYS K 262 42.08 -65.24 38.22
N MET K 263 40.94 -65.63 38.77
CA MET K 263 39.69 -64.91 38.54
C MET K 263 39.79 -63.51 39.13
N ALA K 264 39.11 -62.55 38.51
CA ALA K 264 39.07 -61.20 39.05
C ALA K 264 37.83 -61.04 39.91
N GLN K 265 37.99 -61.18 41.22
CA GLN K 265 36.86 -61.19 42.13
C GLN K 265 36.39 -59.78 42.48
N GLU K 266 37.23 -58.78 42.22
CA GLU K 266 36.84 -57.41 42.49
C GLU K 266 35.71 -57.01 41.54
N LYS K 267 34.57 -56.66 42.13
CA LYS K 267 33.37 -56.28 41.38
C LYS K 267 32.92 -57.40 40.44
N GLY K 268 32.98 -58.63 40.95
CA GLY K 268 32.60 -59.81 40.20
C GLY K 268 31.10 -60.02 40.04
N GLU K 269 30.34 -59.56 41.02
CA GLU K 269 28.87 -59.64 40.95
C GLU K 269 28.29 -58.89 39.76
N GLY K 270 27.39 -59.56 39.04
CA GLY K 270 26.79 -58.95 37.87
C GLY K 270 27.64 -59.22 36.64
N GLY K 271 27.22 -58.69 35.49
CA GLY K 271 27.96 -58.88 34.27
C GLY K 271 27.10 -58.63 33.05
N ILE K 272 27.73 -58.63 31.88
CA ILE K 272 27.00 -58.45 30.64
C ILE K 272 27.69 -59.23 29.52
N GLN K 273 26.89 -59.71 28.57
CA GLN K 273 27.37 -60.51 27.44
C GLN K 273 28.45 -59.77 26.65
N GLY K 274 29.51 -60.50 26.31
CA GLY K 274 30.67 -59.94 25.64
C GLY K 274 31.49 -61.02 24.98
N PHE K 275 32.53 -60.63 24.26
CA PHE K 275 33.28 -61.55 23.44
C PHE K 275 34.79 -61.40 23.63
N ILE K 276 35.53 -62.49 23.44
CA ILE K 276 36.98 -62.43 23.41
C ILE K 276 37.48 -63.27 22.24
N LEU K 277 38.23 -62.66 21.34
CA LEU K 277 38.76 -63.39 20.20
C LEU K 277 40.11 -64.01 20.56
N ASP K 278 40.07 -65.27 21.00
CA ASP K 278 41.29 -65.98 21.34
C ASP K 278 41.84 -66.87 20.20
N GLU K 279 42.72 -66.27 19.40
CA GLU K 279 43.38 -66.94 18.30
C GLU K 279 44.86 -66.65 18.55
N LYS K 280 45.72 -66.71 17.54
CA LYS K 280 47.15 -66.63 17.84
C LYS K 280 47.64 -65.21 18.16
N PRO K 281 46.99 -64.18 17.59
CA PRO K 281 46.94 -62.89 18.29
C PRO K 281 45.59 -62.71 18.97
N ALA K 282 45.54 -62.16 20.17
CA ALA K 282 44.27 -62.01 20.86
C ALA K 282 43.66 -60.62 20.71
N TRP K 283 42.34 -60.55 20.79
CA TRP K 283 41.63 -59.28 20.85
C TRP K 283 40.75 -59.24 22.10
N THR K 284 40.87 -58.17 22.88
CA THR K 284 40.04 -58.03 24.06
C THR K 284 39.11 -56.85 23.83
N SER K 285 38.00 -56.81 24.55
CA SER K 285 37.02 -55.75 24.37
C SER K 285 36.37 -55.40 25.69
N LYS K 286 36.12 -54.11 25.87
CA LYS K 286 35.54 -53.59 27.10
C LYS K 286 35.21 -52.12 26.92
N THR K 287 34.41 -51.60 27.85
CA THR K 287 34.12 -50.17 27.91
C THR K 287 35.40 -49.40 28.19
N LYS K 288 35.37 -48.10 27.95
CA LYS K 288 36.55 -47.27 28.18
C LYS K 288 36.90 -47.28 29.65
N ALA K 289 35.87 -47.16 30.49
CA ALA K 289 36.10 -47.14 31.93
C ALA K 289 35.20 -48.10 32.71
N GLU K 290 35.64 -48.42 33.91
CA GLU K 290 34.91 -49.28 34.83
C GLU K 290 33.96 -48.41 35.64
N SER K 291 34.14 -47.09 35.50
CA SER K 291 33.37 -46.12 36.27
C SER K 291 31.98 -45.93 35.66
N SER K 292 31.85 -46.21 34.37
CA SER K 292 30.59 -46.04 33.66
C SER K 292 30.53 -46.99 32.46
N GLN K 293 29.31 -47.27 31.99
CA GLN K 293 29.12 -48.19 30.86
C GLN K 293 29.15 -47.42 29.55
N ASN K 294 30.06 -46.46 29.47
CA ASN K 294 30.21 -45.63 28.28
C ASN K 294 31.47 -46.01 27.52
N GLY K 295 31.39 -45.90 26.19
CA GLY K 295 32.53 -46.16 25.34
C GLY K 295 32.77 -47.64 25.10
N PHE K 296 33.73 -47.93 24.22
CA PHE K 296 34.07 -49.31 23.89
C PHE K 296 35.44 -49.36 23.24
N VAL K 297 36.34 -50.15 23.82
CA VAL K 297 37.70 -50.26 23.29
C VAL K 297 38.14 -51.72 23.02
N LEU K 298 38.73 -51.93 21.84
CA LEU K 298 39.25 -53.24 21.47
C LEU K 298 40.77 -53.19 21.54
N GLU K 299 41.36 -54.18 22.22
CA GLU K 299 42.81 -54.23 22.38
C GLU K 299 43.40 -55.57 21.96
N GLN K 300 44.51 -55.49 21.22
CA GLN K 300 45.15 -56.67 20.65
C GLN K 300 46.27 -57.23 21.53
N ILE K 301 46.32 -58.56 21.67
CA ILE K 301 47.36 -59.23 22.45
C ILE K 301 48.05 -60.35 21.66
N PRO K 302 49.23 -60.04 21.09
CA PRO K 302 50.01 -60.92 20.21
C PRO K 302 50.34 -62.30 20.77
N ASN K 303 50.65 -62.38 22.06
CA ASN K 303 51.03 -63.66 22.66
C ASN K 303 49.86 -64.54 23.09
N GLY K 304 48.65 -64.13 22.74
CA GLY K 304 47.46 -64.89 23.10
C GLY K 304 46.94 -64.41 24.44
N ILE K 305 45.75 -64.85 24.82
CA ILE K 305 45.11 -64.39 26.06
C ILE K 305 45.54 -65.29 27.23
N GLU K 306 46.30 -66.34 26.92
CA GLU K 306 46.83 -67.24 27.93
C GLU K 306 48.19 -66.74 28.40
N SER K 307 48.60 -65.58 27.89
CA SER K 307 49.84 -64.93 28.29
C SER K 307 49.55 -63.83 29.31
N GLU K 308 50.58 -63.09 29.68
CA GLU K 308 50.36 -61.87 30.44
C GLU K 308 49.83 -60.83 29.45
N GLY K 309 49.10 -59.85 29.96
CA GLY K 309 48.34 -58.97 29.11
C GLY K 309 49.07 -57.83 28.43
N THR K 310 49.89 -58.16 27.45
CA THR K 310 50.65 -57.15 26.71
C THR K 310 49.95 -56.76 25.40
N VAL K 311 49.48 -55.51 25.38
CA VAL K 311 48.66 -54.97 24.29
C VAL K 311 49.51 -54.24 23.24
N SER K 312 49.22 -54.49 21.97
CA SER K 312 49.94 -53.80 20.89
C SER K 312 49.09 -52.67 20.32
N LEU K 313 47.82 -52.97 20.05
CA LEU K 313 46.91 -51.98 19.47
C LEU K 313 45.71 -51.75 20.36
N SER K 314 45.29 -50.49 20.47
CA SER K 314 44.14 -50.13 21.27
C SER K 314 43.26 -49.18 20.49
N TYR K 315 42.08 -49.65 20.10
CA TYR K 315 41.13 -48.84 19.34
C TYR K 315 39.98 -48.43 20.22
N GLU K 316 39.74 -47.13 20.31
CA GLU K 316 38.60 -46.62 21.05
C GLU K 316 37.51 -46.30 20.03
N LEU K 317 36.68 -47.30 19.75
CA LEU K 317 35.63 -47.18 18.74
C LEU K 317 34.50 -46.28 19.24
N PHE K 318 34.24 -46.34 20.54
CA PHE K 318 33.24 -45.48 21.14
C PHE K 318 33.81 -44.92 22.44
N SER K 319 33.46 -43.69 22.76
CA SER K 319 33.86 -43.07 24.02
C SER K 319 32.64 -42.76 24.89
N ASN K 320 31.68 -42.04 24.32
CA ASN K 320 30.51 -41.62 25.07
C ASN K 320 29.24 -42.45 24.83
N LYS K 321 29.13 -43.10 23.67
CA LYS K 321 27.98 -43.96 23.39
C LYS K 321 27.84 -45.02 24.48
N ARG K 322 26.64 -45.15 25.03
CA ARG K 322 26.39 -46.14 26.05
C ARG K 322 26.30 -47.53 25.41
N THR K 323 26.96 -48.50 26.04
CA THR K 323 27.18 -49.81 25.44
C THR K 323 26.49 -50.92 26.25
N GLY K 324 26.07 -51.98 25.57
CA GLY K 324 25.42 -53.10 26.21
C GLY K 324 26.06 -54.41 25.79
N ARG K 325 25.23 -55.38 25.40
CA ARG K 325 25.71 -56.70 25.02
C ARG K 325 26.60 -56.64 23.79
N SER K 326 27.50 -57.62 23.69
CA SER K 326 28.32 -57.79 22.50
C SER K 326 28.58 -59.30 22.32
N GLY K 327 28.76 -59.71 21.08
CA GLY K 327 28.97 -61.11 20.78
C GLY K 327 29.31 -61.33 19.33
N PHE K 328 29.73 -62.56 19.01
CA PHE K 328 30.18 -62.91 17.67
C PHE K 328 29.04 -63.28 16.72
N PHE K 329 29.32 -63.09 15.43
CA PHE K 329 28.57 -63.75 14.37
C PHE K 329 29.49 -63.95 13.18
N GLN K 330 29.28 -65.02 12.43
CA GLN K 330 30.12 -65.28 11.26
C GLN K 330 29.28 -65.20 10.00
N PRO K 331 29.71 -64.38 9.04
CA PRO K 331 29.05 -64.37 7.74
C PRO K 331 29.38 -65.68 7.06
N LYS K 332 28.37 -66.37 6.55
CA LYS K 332 28.59 -67.67 5.96
C LYS K 332 28.48 -67.54 4.45
N GLY K 333 29.45 -66.83 3.87
CA GLY K 333 29.48 -66.57 2.44
C GLY K 333 30.80 -66.00 2.00
N ASP K 334 30.85 -64.67 1.86
CA ASP K 334 32.06 -63.95 1.47
C ASP K 334 32.76 -64.59 0.28
N LEU K 335 32.38 -64.17 -0.92
CA LEU K 335 32.86 -64.79 -2.15
C LEU K 335 34.18 -64.20 -2.63
N ILE K 336 34.81 -63.38 -1.78
CA ILE K 336 36.08 -62.74 -2.13
C ILE K 336 37.22 -63.28 -1.28
N SER K 337 36.90 -63.78 -0.09
CA SER K 337 37.90 -64.30 0.83
C SER K 337 37.98 -65.82 0.85
N GLY K 338 39.20 -66.34 0.85
CA GLY K 338 39.44 -67.77 0.97
C GLY K 338 39.72 -68.12 2.41
N CYS K 339 39.67 -67.11 3.27
CA CYS K 339 39.85 -67.29 4.71
C CYS K 339 38.55 -66.95 5.46
N GLN K 340 38.44 -67.43 6.69
CA GLN K 340 37.24 -67.18 7.50
C GLN K 340 37.26 -65.82 8.16
N ARG K 341 36.36 -64.94 7.75
CA ARG K 341 36.21 -63.65 8.41
C ARG K 341 35.41 -63.80 9.69
N ILE K 342 35.60 -62.83 10.58
CA ILE K 342 34.86 -62.80 11.84
C ILE K 342 34.23 -61.43 12.03
N CYS K 343 32.99 -61.43 12.53
CA CYS K 343 32.27 -60.21 12.76
C CYS K 343 31.59 -60.28 14.12
N PHE K 344 31.24 -59.14 14.69
CA PHE K 344 30.51 -59.10 15.94
C PHE K 344 29.40 -58.05 15.97
N TRP K 345 28.38 -58.28 16.80
CA TRP K 345 27.34 -57.28 17.00
C TRP K 345 27.49 -56.64 18.37
N LEU K 346 26.90 -55.46 18.55
CA LEU K 346 27.02 -54.72 19.80
C LEU K 346 25.82 -53.81 20.03
N GLU K 347 25.23 -53.91 21.22
CA GLU K 347 24.13 -53.03 21.59
C GLU K 347 24.66 -51.64 21.90
N ILE K 348 24.14 -50.64 21.19
CA ILE K 348 24.47 -49.24 21.44
C ILE K 348 23.23 -48.37 21.65
N GLU K 349 23.26 -47.53 22.69
CA GLU K 349 22.10 -46.71 23.04
C GLU K 349 21.92 -45.49 22.14
N ASP K 350 20.72 -45.36 21.59
CA ASP K 350 20.34 -44.14 20.89
C ASP K 350 19.94 -43.13 21.96
N GLN K 351 20.87 -42.24 22.29
CA GLN K 351 20.68 -41.28 23.37
C GLN K 351 19.62 -40.24 23.04
N THR K 352 19.23 -40.18 21.77
CA THR K 352 18.17 -39.29 21.34
C THR K 352 16.80 -39.85 21.74
N VAL K 353 16.76 -41.14 22.04
CA VAL K 353 15.54 -41.79 22.51
C VAL K 353 15.61 -42.09 24.01
N GLY K 354 14.69 -41.52 24.77
CA GLY K 354 14.67 -41.66 26.22
C GLY K 354 14.50 -43.06 26.78
N LEU K 355 15.03 -43.27 27.99
CA LEU K 355 14.78 -44.47 28.78
C LEU K 355 15.34 -45.75 28.15
N GLY K 356 16.29 -45.57 27.23
CA GLY K 356 16.96 -46.69 26.58
C GLY K 356 16.05 -47.62 25.82
N MET K 357 14.94 -47.09 25.33
CA MET K 357 13.99 -47.89 24.55
C MET K 357 14.55 -48.34 23.22
N ILE K 358 15.54 -47.61 22.70
CA ILE K 358 16.16 -47.99 21.44
C ILE K 358 17.64 -48.32 21.64
N GLN K 359 17.96 -49.62 21.58
CA GLN K 359 19.33 -50.07 21.53
C GLN K 359 19.56 -50.57 20.11
N GLU K 360 20.30 -49.81 19.32
CA GLU K 360 20.61 -50.23 17.97
C GLU K 360 21.55 -51.42 17.97
N LEU K 361 21.30 -52.37 17.08
CA LEU K 361 22.18 -53.53 16.93
C LEU K 361 23.24 -53.25 15.86
N SER K 362 24.39 -52.73 16.29
CA SER K 362 25.48 -52.43 15.37
C SER K 362 26.29 -53.69 15.07
N THR K 363 26.95 -53.70 13.91
CA THR K 363 27.78 -54.83 13.51
C THR K 363 29.14 -54.34 13.03
N PHE K 364 30.18 -55.10 13.36
CA PHE K 364 31.55 -54.77 12.94
C PHE K 364 32.21 -55.99 12.30
N CYS K 365 33.01 -55.77 11.27
CA CYS K 365 33.78 -56.86 10.68
C CYS K 365 35.28 -56.63 10.70
N GLY K 366 36.02 -57.73 10.85
CA GLY K 366 37.46 -57.70 10.85
C GLY K 366 37.96 -57.61 9.43
N ILE K 367 39.08 -56.93 9.22
CA ILE K 367 39.65 -56.78 7.89
C ILE K 367 41.14 -57.15 7.86
N ASN K 368 41.62 -57.48 6.67
CA ASN K 368 43.02 -57.85 6.47
C ASN K 368 43.92 -56.61 6.49
N SER K 369 43.27 -55.46 6.47
CA SER K 369 43.92 -54.15 6.52
C SER K 369 43.85 -53.49 7.90
N PRO K 370 44.87 -52.69 8.25
CA PRO K 370 44.85 -51.83 9.44
C PRO K 370 43.86 -50.67 9.27
N VAL K 371 43.40 -50.08 10.37
CA VAL K 371 42.35 -49.05 10.30
C VAL K 371 42.67 -47.84 11.19
N GLN K 372 42.09 -46.69 10.85
CA GLN K 372 42.22 -45.47 11.64
C GLN K 372 41.56 -45.61 13.01
N ASN K 373 42.07 -44.88 14.00
CA ASN K 373 41.47 -44.83 15.33
C ASN K 373 40.30 -43.85 15.35
N ILE K 374 39.23 -44.18 14.64
CA ILE K 374 38.08 -43.29 14.53
C ILE K 374 37.07 -43.52 15.67
N ASN K 375 36.47 -42.43 16.13
CA ASN K 375 35.42 -42.49 17.14
C ASN K 375 34.09 -42.59 16.41
N TRP K 376 33.31 -43.62 16.74
CA TRP K 376 32.01 -43.84 16.12
C TRP K 376 30.83 -43.28 16.92
N ASP K 377 31.11 -42.40 17.88
CA ASP K 377 30.05 -41.71 18.62
C ASP K 377 29.19 -40.88 17.68
N TYR L 13 -4.29 -82.35 -6.75
CA TYR L 13 -3.15 -83.26 -6.56
C TYR L 13 -2.65 -83.37 -5.13
N TRP L 14 -3.00 -82.42 -4.26
CA TRP L 14 -2.56 -82.50 -2.87
C TRP L 14 -3.18 -83.70 -2.17
N ARG L 15 -2.35 -84.41 -1.43
CA ARG L 15 -2.83 -85.49 -0.59
C ARG L 15 -2.46 -85.27 0.87
N ALA L 16 -3.45 -85.39 1.75
CA ALA L 16 -3.13 -85.53 3.15
C ALA L 16 -2.58 -86.94 3.21
N LYS L 17 -1.54 -87.18 4.00
CA LYS L 17 -0.92 -88.50 4.02
C LYS L 17 -1.79 -89.62 4.60
N SER L 18 -1.25 -90.83 4.54
CA SER L 18 -1.95 -92.05 4.90
C SER L 18 -2.34 -92.11 6.38
N GLN L 19 -1.40 -91.76 7.25
CA GLN L 19 -1.63 -91.85 8.69
C GLN L 19 -1.29 -90.59 9.48
N MET L 20 -2.02 -90.40 10.58
CA MET L 20 -1.72 -89.34 11.54
C MET L 20 -0.53 -89.73 12.42
N CYS L 21 0.31 -88.75 12.75
CA CYS L 21 1.34 -88.95 13.75
C CYS L 21 0.67 -89.02 15.11
N GLU L 22 1.20 -89.83 16.03
CA GLU L 22 0.67 -89.82 17.39
C GLU L 22 0.93 -88.48 18.02
N VAL L 23 -0.09 -87.92 18.66
CA VAL L 23 0.03 -86.60 19.28
C VAL L 23 0.00 -86.77 20.80
N LYS L 24 1.10 -86.38 21.42
CA LYS L 24 1.29 -86.55 22.86
C LYS L 24 1.34 -85.18 23.52
N GLY L 25 1.35 -84.15 22.70
CA GLY L 25 1.42 -82.78 23.17
C GLY L 25 1.09 -81.75 22.11
N TRP L 26 0.91 -80.50 22.56
CA TRP L 26 0.57 -79.41 21.66
C TRP L 26 1.50 -78.24 21.93
N VAL L 27 2.13 -77.72 20.87
CA VAL L 27 3.06 -76.61 21.03
C VAL L 27 2.70 -75.41 20.17
N PRO L 28 2.90 -74.20 20.71
CA PRO L 28 2.56 -72.96 19.99
C PRO L 28 3.58 -72.67 18.91
N THR L 29 3.10 -72.42 17.70
CA THR L 29 3.95 -72.06 16.58
C THR L 29 3.85 -70.56 16.35
N HIS L 30 2.73 -69.99 16.79
CA HIS L 30 2.52 -68.54 16.70
C HIS L 30 1.86 -68.01 17.96
N ARG L 31 2.52 -67.04 18.58
CA ARG L 31 2.06 -66.42 19.81
C ARG L 31 2.83 -65.13 20.00
N GLY L 32 2.13 -64.01 19.95
CA GLY L 32 2.81 -62.72 19.92
C GLY L 32 2.95 -62.04 21.26
N PHE L 33 3.16 -60.73 21.21
CA PHE L 33 3.40 -59.92 22.39
C PHE L 33 2.35 -58.81 22.49
N PRO L 34 2.21 -58.21 23.68
CA PRO L 34 1.17 -57.18 23.83
C PRO L 34 1.41 -55.98 22.93
N TRP L 35 0.38 -55.59 22.18
CA TRP L 35 0.48 -54.45 21.28
C TRP L 35 0.09 -53.18 22.02
N GLY L 36 0.01 -53.32 23.35
CA GLY L 36 0.00 -52.19 24.24
C GLY L 36 -1.33 -51.49 24.27
N PRO L 37 -1.44 -50.47 25.14
CA PRO L 37 -2.64 -49.63 25.22
C PRO L 37 -2.95 -48.98 23.88
N GLU L 38 -1.96 -48.32 23.29
CA GLU L 38 -2.17 -47.63 22.02
C GLU L 38 -1.66 -48.41 20.82
N LEU L 39 -2.46 -48.41 19.75
CA LEU L 39 -2.10 -49.12 18.54
C LEU L 39 -1.66 -48.10 17.49
N PRO L 40 -0.77 -48.52 16.57
CA PRO L 40 -0.48 -47.67 15.41
C PRO L 40 -1.70 -47.60 14.51
N GLY L 41 -1.78 -46.60 13.64
CA GLY L 41 -2.99 -46.31 12.89
C GLY L 41 -3.24 -47.24 11.71
N ASP L 42 -2.21 -47.94 11.29
CA ASP L 42 -2.25 -48.71 10.06
C ASP L 42 -2.56 -50.20 10.26
N LEU L 43 -2.92 -50.58 11.48
CA LEU L 43 -3.31 -51.97 11.73
C LEU L 43 -4.75 -52.21 11.31
N ILE L 44 -5.02 -53.38 10.74
CA ILE L 44 -6.37 -53.72 10.33
C ILE L 44 -7.09 -54.49 11.43
N LEU L 45 -8.25 -53.99 11.82
CA LEU L 45 -9.06 -54.64 12.85
C LEU L 45 -9.86 -55.76 12.19
N SER L 46 -9.92 -56.92 12.84
CA SER L 46 -10.46 -58.12 12.21
C SER L 46 -11.36 -58.96 13.11
N ARG L 47 -12.09 -59.89 12.49
CA ARG L 47 -12.88 -60.89 13.21
C ARG L 47 -13.08 -62.13 12.34
N ARG L 48 -13.56 -63.22 12.94
CA ARG L 48 -13.83 -64.46 12.22
C ARG L 48 -12.61 -64.97 11.46
N ALA L 49 -11.45 -64.89 12.12
CA ALA L 49 -10.19 -65.30 11.51
C ALA L 49 -9.95 -66.81 11.56
N TYR L 50 -9.20 -67.31 10.59
CA TYR L 50 -8.77 -68.70 10.57
C TYR L 50 -7.46 -68.81 9.78
N VAL L 51 -6.88 -70.00 9.75
CA VAL L 51 -5.59 -70.23 9.11
C VAL L 51 -5.72 -71.28 8.02
N SER L 52 -5.04 -71.07 6.89
CA SER L 52 -4.94 -72.11 5.85
C SER L 52 -3.58 -72.01 5.15
N CYS L 53 -3.03 -73.15 4.79
CA CYS L 53 -1.66 -73.21 4.27
C CYS L 53 -1.57 -73.79 2.87
N ASP L 54 -0.57 -73.34 2.12
CA ASP L 54 -0.20 -73.98 0.87
C ASP L 54 1.00 -74.90 1.08
N LEU L 55 1.72 -75.24 0.02
CA LEU L 55 2.87 -76.12 0.13
C LEU L 55 4.06 -75.41 0.77
N THR L 56 4.09 -74.09 0.63
CA THR L 56 5.18 -73.26 1.11
C THR L 56 4.84 -72.51 2.41
N SER L 57 3.67 -71.88 2.45
CA SER L 57 3.34 -71.01 3.57
C SER L 57 1.91 -71.17 4.11
N CYS L 58 1.67 -70.60 5.29
CA CYS L 58 0.35 -70.59 5.91
C CYS L 58 -0.17 -69.16 5.92
N PHE L 59 -1.49 -68.98 5.99
CA PHE L 59 -2.04 -67.63 5.91
C PHE L 59 -3.17 -67.38 6.90
N LYS L 60 -3.31 -66.13 7.35
CA LYS L 60 -4.47 -65.76 8.14
C LYS L 60 -5.54 -65.24 7.20
N PHE L 61 -6.74 -65.80 7.31
CA PHE L 61 -7.88 -65.31 6.55
C PHE L 61 -8.82 -64.69 7.56
N PHE L 62 -9.29 -63.47 7.26
CA PHE L 62 -10.11 -62.75 8.21
C PHE L 62 -11.04 -61.72 7.59
N ILE L 63 -12.03 -61.32 8.37
CA ILE L 63 -12.96 -60.26 7.98
C ILE L 63 -12.51 -58.93 8.59
N ALA L 64 -12.15 -58.00 7.72
CA ALA L 64 -11.67 -56.68 8.14
C ALA L 64 -12.88 -55.76 8.24
N TYR L 65 -12.90 -54.90 9.26
CA TYR L 65 -14.04 -54.03 9.47
C TYR L 65 -13.66 -52.58 9.78
N GLY L 66 -12.38 -52.35 10.08
CA GLY L 66 -11.93 -51.02 10.43
C GLY L 66 -10.43 -50.87 10.58
N LEU L 67 -9.98 -49.65 10.85
CA LEU L 67 -8.56 -49.37 11.05
C LEU L 67 -8.28 -48.93 12.48
N SER L 68 -7.08 -49.24 12.95
CA SER L 68 -6.68 -48.97 14.32
C SER L 68 -6.53 -47.49 14.63
N ALA L 69 -6.39 -46.69 13.57
CA ALA L 69 -6.37 -45.24 13.70
C ALA L 69 -7.66 -44.72 14.33
N ASN L 70 -8.73 -45.52 14.23
CA ASN L 70 -10.01 -45.11 14.78
C ASN L 70 -10.29 -45.87 16.07
N GLN L 71 -9.23 -46.39 16.68
CA GLN L 71 -9.28 -46.81 18.06
C GLN L 71 -9.77 -45.59 18.82
N HIS L 72 -10.55 -45.83 19.88
CA HIS L 72 -11.17 -44.78 20.70
C HIS L 72 -12.33 -44.10 19.93
N LEU L 73 -12.59 -44.54 18.71
CA LEU L 73 -13.65 -43.92 17.89
C LEU L 73 -14.60 -44.90 17.22
N LEU L 74 -14.40 -46.21 17.42
CA LEU L 74 -15.28 -47.19 16.77
C LEU L 74 -16.07 -48.01 17.78
N ASN L 75 -17.35 -48.19 17.49
CA ASN L 75 -18.22 -49.08 18.25
C ASN L 75 -17.86 -50.54 17.94
N THR L 76 -18.07 -51.42 18.91
CA THR L 76 -17.89 -52.84 18.68
C THR L 76 -19.15 -53.60 19.07
N SER L 77 -19.86 -54.11 18.07
CA SER L 77 -19.38 -54.02 16.70
C SER L 77 -20.19 -53.12 15.77
N MET L 78 -19.58 -52.82 14.63
CA MET L 78 -20.19 -52.06 13.55
C MET L 78 -20.38 -53.09 12.45
N GLU L 79 -21.62 -53.40 12.10
CA GLU L 79 -21.91 -54.47 11.15
C GLU L 79 -22.03 -53.95 9.72
N TRP L 80 -21.04 -53.20 9.26
CA TRP L 80 -21.16 -52.59 7.94
C TRP L 80 -20.35 -53.28 6.84
N GLU L 81 -19.62 -52.50 6.07
CA GLU L 81 -18.96 -53.06 4.89
C GLU L 81 -17.74 -53.84 5.32
N GLU L 82 -17.85 -55.16 5.21
CA GLU L 82 -16.83 -56.06 5.69
C GLU L 82 -16.17 -56.71 4.47
N SER L 83 -14.89 -57.04 4.60
CA SER L 83 -14.14 -57.56 3.47
C SER L 83 -13.16 -58.62 3.93
N LEU L 84 -13.01 -59.65 3.12
CA LEU L 84 -12.09 -60.73 3.43
C LEU L 84 -10.67 -60.35 3.02
N TYR L 85 -9.73 -60.51 3.95
CA TYR L 85 -8.34 -60.18 3.71
C TYR L 85 -7.45 -61.39 4.01
N LYS L 86 -6.22 -61.35 3.52
CA LYS L 86 -5.25 -62.39 3.84
C LYS L 86 -3.92 -61.78 4.24
N THR L 87 -3.24 -62.46 5.16
CA THR L 87 -1.95 -62.00 5.66
C THR L 87 -1.08 -63.24 5.88
N PRO L 88 0.21 -63.16 5.50
CA PRO L 88 1.12 -64.25 5.83
C PRO L 88 1.13 -64.48 7.33
N ILE L 89 0.99 -65.75 7.75
CA ILE L 89 1.08 -66.10 9.16
C ILE L 89 2.45 -65.65 9.64
N GLY L 90 2.52 -65.10 10.85
CA GLY L 90 3.78 -64.58 11.35
C GLY L 90 3.94 -63.08 11.18
N SER L 91 3.16 -62.49 10.28
CA SER L 91 3.14 -61.04 10.12
C SER L 91 1.83 -60.46 10.65
N ALA L 92 1.91 -59.26 11.22
CA ALA L 92 0.71 -58.55 11.65
C ALA L 92 -0.05 -58.04 10.43
N SER L 93 -1.37 -57.99 10.57
CA SER L 93 -2.24 -57.54 9.48
C SER L 93 -2.30 -56.01 9.39
N THR L 94 -1.61 -55.46 8.40
CA THR L 94 -1.61 -54.02 8.16
C THR L 94 -2.01 -53.77 6.71
N LEU L 95 -2.23 -52.50 6.36
CA LEU L 95 -2.60 -52.14 5.00
C LEU L 95 -1.50 -52.48 3.98
N SER L 96 -0.27 -52.62 4.46
CA SER L 96 0.86 -52.92 3.59
C SER L 96 1.21 -54.41 3.54
N THR L 97 0.68 -55.21 4.47
CA THR L 97 0.96 -56.64 4.51
C THR L 97 -0.24 -57.48 4.12
N SER L 98 -1.44 -56.90 4.24
CA SER L 98 -2.66 -57.67 3.99
C SER L 98 -3.20 -57.41 2.60
N GLU L 99 -3.93 -58.40 2.08
CA GLU L 99 -4.38 -58.37 0.70
C GLU L 99 -5.88 -58.58 0.68
N MET L 100 -6.59 -57.68 0.00
CA MET L 100 -8.03 -57.81 -0.12
C MET L 100 -8.34 -58.95 -1.08
N ILE L 101 -9.33 -59.77 -0.73
CA ILE L 101 -9.77 -60.86 -1.57
C ILE L 101 -11.20 -60.62 -2.08
N LEU L 102 -12.17 -60.59 -1.18
CA LEU L 102 -13.57 -60.38 -1.56
C LEU L 102 -14.37 -59.67 -0.46
N PRO L 103 -15.45 -58.97 -0.84
CA PRO L 103 -16.40 -58.46 0.15
C PRO L 103 -17.06 -59.66 0.83
N GLY L 104 -17.33 -59.59 2.12
CA GLY L 104 -17.86 -60.75 2.80
C GLY L 104 -18.24 -60.57 4.26
N ARG L 105 -19.13 -61.44 4.72
CA ARG L 105 -19.63 -61.42 6.08
C ARG L 105 -19.12 -62.66 6.81
N SER L 106 -18.98 -63.73 6.04
CA SER L 106 -18.38 -64.98 6.51
C SER L 106 -17.63 -65.61 5.33
N SER L 107 -16.75 -66.57 5.61
CA SER L 107 -15.87 -67.09 4.56
C SER L 107 -15.35 -68.52 4.78
N SER L 108 -14.71 -69.06 3.74
CA SER L 108 -13.95 -70.30 3.82
C SER L 108 -12.90 -70.30 2.70
N ALA L 109 -11.74 -70.92 2.94
CA ALA L 109 -10.68 -70.93 1.93
C ALA L 109 -9.84 -72.22 1.97
N CYS L 110 -9.38 -72.67 0.81
CA CYS L 110 -8.53 -73.86 0.71
C CYS L 110 -7.72 -73.90 -0.59
N PHE L 111 -6.56 -74.53 -0.50
CA PHE L 111 -5.60 -74.65 -1.60
C PHE L 111 -5.54 -76.11 -2.07
N ASP L 112 -5.72 -76.34 -3.37
CA ASP L 112 -5.82 -77.72 -3.88
C ASP L 112 -4.48 -78.31 -4.31
N GLY L 113 -3.45 -77.48 -4.34
CA GLY L 113 -2.13 -77.92 -4.80
C GLY L 113 -1.70 -77.08 -5.97
N LEU L 114 -2.66 -76.39 -6.57
CA LEU L 114 -2.40 -75.54 -7.73
C LEU L 114 -2.78 -74.11 -7.41
N LYS L 115 -4.04 -73.93 -7.02
CA LYS L 115 -4.58 -72.59 -6.75
C LYS L 115 -5.44 -72.59 -5.49
N TRP L 116 -5.72 -71.39 -4.99
CA TRP L 116 -6.56 -71.21 -3.81
C TRP L 116 -8.04 -71.11 -4.21
N THR L 117 -8.90 -71.80 -3.45
CA THR L 117 -10.35 -71.66 -3.61
C THR L 117 -10.89 -70.87 -2.43
N VAL L 118 -11.62 -69.80 -2.73
CA VAL L 118 -12.16 -68.93 -1.68
C VAL L 118 -13.66 -68.77 -1.83
N LEU L 119 -14.39 -68.93 -0.72
CA LEU L 119 -15.83 -68.74 -0.70
C LEU L 119 -16.19 -67.63 0.28
N VAL L 120 -17.13 -66.76 -0.11
CA VAL L 120 -17.63 -65.72 0.79
C VAL L 120 -19.16 -65.65 0.74
N ALA L 121 -19.77 -65.29 1.86
CA ALA L 121 -21.21 -65.09 1.91
C ALA L 121 -21.51 -63.64 2.26
N ASN L 122 -22.43 -63.02 1.50
CA ASN L 122 -22.83 -61.64 1.73
C ASN L 122 -24.34 -61.49 1.73
N GLY L 123 -24.83 -60.42 2.34
CA GLY L 123 -26.25 -60.13 2.35
C GLY L 123 -26.95 -60.52 3.62
N ARG L 124 -28.09 -59.89 3.85
CA ARG L 124 -28.96 -60.23 4.96
C ARG L 124 -30.16 -60.86 4.28
N ASP L 125 -31.07 -61.45 5.07
CA ASP L 125 -32.27 -62.09 4.53
C ASP L 125 -31.93 -63.00 3.34
N ARG L 126 -32.88 -63.18 2.44
CA ARG L 126 -32.70 -64.09 1.32
C ARG L 126 -31.88 -63.52 0.16
N ASN L 127 -31.49 -62.25 0.26
CA ASN L 127 -30.62 -61.64 -0.74
C ASN L 127 -29.21 -62.22 -0.65
N SER L 128 -29.01 -63.02 0.39
CA SER L 128 -27.75 -63.71 0.64
C SER L 128 -27.32 -64.64 -0.51
N PHE L 129 -26.03 -64.65 -0.80
CA PHE L 129 -25.47 -65.55 -1.81
C PHE L 129 -23.97 -65.80 -1.55
N ILE L 130 -23.39 -66.74 -2.30
CA ILE L 130 -21.98 -67.10 -2.13
C ILE L 130 -21.14 -66.92 -3.41
N MET L 131 -19.96 -66.31 -3.28
CA MET L 131 -19.00 -66.18 -4.39
C MET L 131 -17.83 -67.13 -4.26
N ILE L 132 -17.40 -67.71 -5.38
CA ILE L 132 -16.24 -68.59 -5.40
C ILE L 132 -15.15 -68.08 -6.35
N LYS L 133 -13.92 -68.03 -5.84
CA LYS L 133 -12.76 -67.57 -6.61
C LYS L 133 -11.77 -68.74 -6.75
N TYR L 134 -11.22 -68.91 -7.95
CA TYR L 134 -10.22 -69.94 -8.18
C TYR L 134 -9.04 -69.33 -8.93
N GLY L 135 -7.97 -69.05 -8.19
CA GLY L 135 -6.79 -68.40 -8.74
C GLY L 135 -7.10 -67.14 -9.53
N GLU L 136 -7.40 -66.05 -8.82
CA GLU L 136 -7.55 -64.71 -9.39
C GLU L 136 -8.86 -64.38 -10.10
N GLU L 137 -9.67 -65.40 -10.41
CA GLU L 137 -10.95 -65.16 -11.06
C GLU L 137 -12.15 -65.76 -10.34
N VAL L 138 -13.27 -65.04 -10.35
CA VAL L 138 -14.50 -65.55 -9.77
C VAL L 138 -15.10 -66.53 -10.77
N THR L 139 -15.42 -67.73 -10.29
CA THR L 139 -15.74 -68.83 -11.19
C THR L 139 -17.21 -69.25 -11.09
N ASP L 140 -17.80 -69.12 -9.89
CA ASP L 140 -19.20 -69.48 -9.71
C ASP L 140 -19.87 -68.77 -8.54
N THR L 141 -21.20 -68.78 -8.57
CA THR L 141 -22.04 -68.22 -7.52
C THR L 141 -23.27 -69.11 -7.38
N PHE L 142 -23.90 -69.07 -6.22
CA PHE L 142 -25.23 -69.67 -6.04
C PHE L 142 -25.91 -68.88 -4.93
N SER L 143 -27.24 -68.83 -4.95
CA SER L 143 -27.96 -67.96 -4.04
C SER L 143 -28.56 -68.73 -2.88
N ALA L 144 -29.02 -68.01 -1.86
CA ALA L 144 -29.68 -68.67 -0.74
C ALA L 144 -30.98 -69.31 -1.21
N SER L 145 -31.20 -70.54 -0.78
CA SER L 145 -32.39 -71.29 -1.16
C SER L 145 -33.34 -71.52 0.01
N ARG L 146 -32.82 -71.37 1.23
CA ARG L 146 -33.55 -71.84 2.41
C ARG L 146 -33.92 -70.78 3.47
N GLY L 147 -34.35 -69.60 3.01
CA GLY L 147 -34.89 -68.58 3.90
C GLY L 147 -33.93 -67.63 4.58
N GLY L 148 -32.91 -68.17 5.25
CA GLY L 148 -31.95 -67.36 5.97
C GLY L 148 -30.72 -66.96 5.18
N PRO L 149 -29.79 -66.25 5.84
CA PRO L 149 -28.53 -65.83 5.21
C PRO L 149 -27.61 -67.02 5.01
N LEU L 150 -26.83 -67.02 3.93
CA LEU L 150 -25.86 -68.10 3.73
C LEU L 150 -24.69 -67.87 4.67
N ARG L 151 -24.17 -68.97 5.23
CA ARG L 151 -23.11 -68.88 6.22
C ARG L 151 -22.01 -69.88 5.92
N LEU L 152 -20.79 -69.38 5.89
CA LEU L 152 -19.60 -70.20 5.69
C LEU L 152 -18.92 -70.45 7.03
N PRO L 153 -18.09 -71.51 7.10
CA PRO L 153 -17.67 -71.96 8.44
C PRO L 153 -16.57 -71.11 9.08
N ASN L 154 -16.02 -70.16 8.34
CA ASN L 154 -14.88 -69.37 8.82
C ASN L 154 -13.76 -70.32 9.23
N SER L 155 -13.45 -71.25 8.35
CA SER L 155 -12.39 -72.23 8.59
C SER L 155 -11.91 -72.81 7.27
N GLU L 156 -10.71 -73.39 7.31
CA GLU L 156 -10.12 -74.09 6.18
C GLU L 156 -11.09 -75.12 5.60
N CYS L 157 -11.33 -75.05 4.29
CA CYS L 157 -12.02 -76.12 3.61
C CYS L 157 -11.00 -77.17 3.19
N ILE L 158 -11.48 -78.31 2.70
CA ILE L 158 -10.59 -79.44 2.42
C ILE L 158 -10.59 -79.86 0.95
N CYS L 159 -9.39 -79.94 0.37
CA CYS L 159 -9.23 -80.39 -1.01
C CYS L 159 -8.64 -81.80 -1.05
N ILE L 160 -9.24 -82.68 -1.84
CA ILE L 160 -8.69 -84.04 -2.03
C ILE L 160 -8.67 -84.41 -3.50
N GLU L 161 -7.47 -84.70 -4.02
CA GLU L 161 -7.30 -85.11 -5.42
C GLU L 161 -7.98 -84.17 -6.41
N GLY L 162 -7.87 -82.87 -6.14
CA GLY L 162 -8.42 -81.86 -7.03
C GLY L 162 -9.86 -81.51 -6.69
N SER L 163 -10.43 -82.23 -5.72
CA SER L 163 -11.78 -81.99 -5.26
C SER L 163 -11.77 -81.31 -3.89
N CYS L 164 -12.47 -80.18 -3.78
CA CYS L 164 -12.49 -79.41 -2.53
C CYS L 164 -13.85 -79.49 -1.84
N PHE L 165 -13.83 -79.57 -0.51
CA PHE L 165 -15.05 -79.81 0.26
C PHE L 165 -15.32 -78.76 1.34
N VAL L 166 -16.57 -78.32 1.45
CA VAL L 166 -16.96 -77.29 2.43
C VAL L 166 -18.44 -77.41 2.82
N ILE L 167 -18.78 -77.04 4.06
CA ILE L 167 -20.17 -77.07 4.55
C ILE L 167 -20.83 -75.69 4.58
N VAL L 168 -22.02 -75.58 3.99
CA VAL L 168 -22.77 -74.32 3.98
C VAL L 168 -24.01 -74.41 4.86
N SER L 169 -24.23 -73.39 5.68
CA SER L 169 -25.40 -73.33 6.55
C SER L 169 -26.37 -72.26 6.06
N ASP L 170 -27.66 -72.49 6.27
CA ASP L 170 -28.69 -71.57 5.81
C ASP L 170 -29.86 -71.58 6.80
N GLY L 171 -30.75 -70.59 6.69
CA GLY L 171 -31.85 -70.48 7.63
C GLY L 171 -31.64 -69.34 8.61
N PRO L 172 -32.70 -68.58 8.92
CA PRO L 172 -32.54 -67.41 9.78
C PRO L 172 -32.48 -67.80 11.25
N ASN L 173 -32.84 -69.05 11.56
CA ASN L 173 -32.85 -69.51 12.94
C ASN L 173 -32.15 -70.85 13.19
N VAL L 174 -31.54 -70.94 14.35
CA VAL L 174 -30.84 -72.14 14.80
C VAL L 174 -31.81 -73.27 15.14
N ASN L 175 -33.07 -72.91 15.42
CA ASN L 175 -34.06 -73.93 15.74
C ASN L 175 -34.54 -74.64 14.48
N GLN L 176 -34.13 -74.12 13.33
CA GLN L 176 -34.30 -74.79 12.05
C GLN L 176 -33.23 -74.39 11.04
N SER L 177 -31.98 -74.80 11.27
CA SER L 177 -30.92 -74.47 10.34
C SER L 177 -30.79 -75.62 9.35
N VAL L 178 -30.34 -75.31 8.13
CA VAL L 178 -30.09 -76.37 7.16
C VAL L 178 -28.61 -76.37 6.81
N HIS L 179 -28.09 -77.54 6.48
CA HIS L 179 -26.65 -77.68 6.25
C HIS L 179 -26.35 -78.59 5.07
N ARG L 180 -25.43 -78.14 4.23
CA ARG L 180 -25.08 -78.86 3.02
C ARG L 180 -23.57 -78.96 2.88
N ILE L 181 -23.08 -80.08 2.36
CA ILE L 181 -21.68 -80.18 1.96
C ILE L 181 -21.58 -79.86 0.47
N TYR L 182 -20.78 -78.87 0.12
CA TYR L 182 -20.57 -78.56 -1.28
C TYR L 182 -19.24 -79.13 -1.76
N GLU L 183 -19.26 -79.74 -2.94
CA GLU L 183 -18.07 -80.28 -3.57
C GLU L 183 -17.68 -79.39 -4.72
N LEU L 184 -16.44 -78.90 -4.70
CA LEU L 184 -15.98 -77.97 -5.71
C LEU L 184 -14.79 -78.54 -6.46
N GLN L 185 -14.66 -78.18 -7.74
CA GLN L 185 -13.52 -78.57 -8.57
C GLN L 185 -13.20 -77.46 -9.56
N ASN L 186 -11.94 -77.04 -9.58
CA ASN L 186 -11.51 -75.88 -10.37
C ASN L 186 -12.38 -74.68 -10.04
N GLY L 187 -12.76 -74.58 -8.77
CA GLY L 187 -13.60 -73.50 -8.30
C GLY L 187 -15.03 -73.64 -8.78
N THR L 188 -15.41 -74.83 -9.22
CA THR L 188 -16.74 -75.08 -9.77
C THR L 188 -17.49 -76.20 -9.01
N VAL L 189 -18.76 -75.93 -8.69
CA VAL L 189 -19.63 -76.88 -7.99
C VAL L 189 -19.86 -78.14 -8.83
N GLN L 190 -19.52 -79.30 -8.27
CA GLN L 190 -19.77 -80.57 -8.94
C GLN L 190 -21.12 -81.13 -8.50
N ARG L 191 -21.31 -81.22 -7.19
CA ARG L 191 -22.58 -81.61 -6.62
C ARG L 191 -22.56 -81.19 -5.16
N TRP L 192 -23.73 -81.24 -4.52
CA TRP L 192 -23.83 -80.88 -3.12
C TRP L 192 -24.71 -81.89 -2.40
N LYS L 193 -24.58 -81.96 -1.08
CA LYS L 193 -25.27 -82.98 -0.30
C LYS L 193 -25.86 -82.34 0.95
N GLN L 194 -27.17 -82.43 1.13
CA GLN L 194 -27.84 -81.89 2.32
C GLN L 194 -27.85 -82.86 3.51
N LEU L 195 -27.56 -82.32 4.69
CA LEU L 195 -27.50 -83.09 5.92
C LEU L 195 -28.84 -83.18 6.65
N ASN L 196 -29.06 -84.33 7.29
CA ASN L 196 -30.16 -84.50 8.23
C ASN L 196 -29.81 -83.97 9.62
N THR L 197 -30.24 -82.74 9.91
CA THR L 197 -29.90 -82.12 11.19
C THR L 197 -31.13 -81.88 12.06
N THR L 198 -32.22 -82.57 11.77
CA THR L 198 -33.45 -82.41 12.54
C THR L 198 -33.16 -82.77 14.00
N GLY L 199 -33.51 -81.87 14.92
CA GLY L 199 -33.25 -82.09 16.33
C GLY L 199 -32.02 -81.34 16.84
N ILE L 200 -31.13 -80.94 15.94
CA ILE L 200 -29.90 -80.23 16.32
C ILE L 200 -29.64 -78.94 15.53
N ASN L 201 -28.51 -78.30 15.86
CA ASN L 201 -28.01 -77.14 15.13
C ASN L 201 -26.51 -77.33 14.89
N PHE L 202 -26.05 -76.99 13.69
CA PHE L 202 -24.68 -77.33 13.28
C PHE L 202 -23.94 -76.13 12.68
N GLU L 203 -23.55 -75.17 13.52
CA GLU L 203 -22.85 -73.98 13.04
C GLU L 203 -21.34 -74.12 13.18
N TYR L 204 -20.61 -73.21 12.54
CA TYR L 204 -19.16 -73.09 12.69
C TYR L 204 -18.40 -74.40 12.50
N SER L 205 -18.76 -75.17 11.48
CA SER L 205 -18.08 -76.42 11.21
C SER L 205 -16.60 -76.16 11.00
N THR L 206 -15.75 -76.89 11.73
CA THR L 206 -14.31 -76.85 11.47
C THR L 206 -13.81 -78.25 11.20
N CYS L 207 -13.06 -78.41 10.12
CA CYS L 207 -12.82 -79.74 9.57
C CYS L 207 -11.35 -80.06 9.34
N TYR L 208 -11.09 -81.36 9.21
CA TYR L 208 -9.80 -81.89 8.82
C TYR L 208 -10.06 -83.18 8.05
N THR L 209 -9.07 -83.66 7.31
CA THR L 209 -9.26 -84.88 6.50
C THR L 209 -8.29 -85.99 6.88
N ILE L 210 -8.74 -87.23 6.74
CA ILE L 210 -7.85 -88.36 6.94
C ILE L 210 -8.18 -89.53 6.01
N ASN L 211 -7.14 -89.99 5.32
CA ASN L 211 -7.20 -91.08 4.35
C ASN L 211 -8.51 -91.12 3.55
N ASN L 212 -8.78 -90.01 2.86
CA ASN L 212 -10.00 -89.84 2.05
C ASN L 212 -11.29 -89.87 2.87
N LEU L 213 -11.18 -89.64 4.17
CA LEU L 213 -12.33 -89.44 5.02
C LEU L 213 -12.17 -88.03 5.59
N ILE L 214 -13.24 -87.27 5.62
CA ILE L 214 -13.19 -85.92 6.18
C ILE L 214 -13.98 -85.87 7.47
N LYS L 215 -13.39 -85.28 8.50
CA LYS L 215 -14.02 -85.22 9.79
C LYS L 215 -14.16 -83.77 10.21
N CYS L 216 -15.38 -83.38 10.55
CA CYS L 216 -15.65 -81.99 10.88
C CYS L 216 -16.30 -81.91 12.25
N THR L 217 -15.92 -80.90 13.02
CA THR L 217 -16.54 -80.64 14.30
C THR L 217 -17.44 -79.42 14.15
N GLY L 218 -18.67 -79.52 14.64
CA GLY L 218 -19.60 -78.42 14.52
C GLY L 218 -19.86 -77.73 15.85
N THR L 219 -20.70 -76.70 15.81
CA THR L 219 -21.07 -75.97 17.01
C THR L 219 -22.58 -75.79 17.04
N ASN L 220 -23.21 -76.17 18.15
CA ASN L 220 -24.65 -76.03 18.30
C ASN L 220 -25.01 -74.78 19.11
N LEU L 221 -25.64 -73.81 18.44
CA LEU L 221 -26.03 -72.56 19.09
C LEU L 221 -27.43 -72.62 19.69
N TRP L 222 -28.09 -73.77 19.53
CA TRP L 222 -29.52 -73.87 19.80
C TRP L 222 -29.86 -74.60 21.11
N ASN L 223 -29.54 -75.88 21.18
CA ASN L 223 -30.05 -76.73 22.24
C ASN L 223 -29.00 -77.71 22.75
N ASP L 224 -27.73 -77.35 22.60
CA ASP L 224 -26.66 -78.26 22.96
C ASP L 224 -25.38 -77.56 23.42
N ALA L 225 -24.81 -78.06 24.52
CA ALA L 225 -23.54 -77.58 25.04
C ALA L 225 -22.44 -78.56 24.64
N LYS L 226 -22.86 -79.65 24.01
CA LYS L 226 -21.94 -80.60 23.38
C LYS L 226 -21.70 -80.23 21.92
N ARG L 227 -20.58 -80.70 21.35
CA ARG L 227 -20.29 -80.44 19.94
C ARG L 227 -20.60 -81.64 19.03
N PRO L 228 -21.44 -81.40 18.00
CA PRO L 228 -21.79 -82.38 16.96
C PRO L 228 -20.62 -82.73 16.05
N LEU L 229 -20.61 -83.97 15.55
CA LEU L 229 -19.50 -84.47 14.73
C LEU L 229 -19.96 -84.90 13.33
N LEU L 230 -19.08 -84.75 12.36
CA LEU L 230 -19.35 -85.20 11.00
C LEU L 230 -18.18 -86.02 10.46
N ARG L 231 -18.50 -87.14 9.82
CA ARG L 231 -17.49 -87.95 9.13
C ARG L 231 -18.01 -88.28 7.74
N PHE L 232 -17.20 -88.05 6.72
CA PHE L 232 -17.58 -88.43 5.36
C PHE L 232 -16.43 -88.76 4.42
N THR L 233 -16.77 -89.39 3.30
CA THR L 233 -15.79 -89.82 2.31
C THR L 233 -16.02 -89.00 1.03
N LYS L 234 -15.17 -89.23 0.04
CA LYS L 234 -15.22 -88.49 -1.23
C LYS L 234 -16.55 -88.57 -1.98
N GLU L 235 -17.32 -89.63 -1.74
CA GLU L 235 -18.64 -89.78 -2.37
C GLU L 235 -19.73 -89.13 -1.52
N LEU L 236 -19.30 -88.35 -0.54
CA LEU L 236 -20.20 -87.60 0.32
C LEU L 236 -21.09 -88.52 1.15
N ASN L 237 -20.64 -89.76 1.36
CA ASN L 237 -21.31 -90.67 2.28
C ASN L 237 -20.94 -90.26 3.69
N TYR L 238 -21.94 -90.04 4.54
CA TYR L 238 -21.68 -89.42 5.83
C TYR L 238 -22.43 -90.05 7.01
N GLN L 239 -22.01 -89.67 8.21
CA GLN L 239 -22.67 -90.06 9.45
C GLN L 239 -22.45 -88.94 10.45
N ILE L 240 -23.52 -88.57 11.16
CA ILE L 240 -23.40 -87.54 12.19
C ILE L 240 -23.47 -88.21 13.57
N VAL L 241 -22.49 -87.90 14.40
CA VAL L 241 -22.28 -88.60 15.67
C VAL L 241 -22.27 -87.64 16.85
N GLU L 242 -22.79 -88.09 17.99
CA GLU L 242 -22.76 -87.31 19.21
C GLU L 242 -21.76 -87.95 20.17
N PRO L 243 -20.94 -87.11 20.82
CA PRO L 243 -19.94 -87.54 21.81
C PRO L 243 -20.63 -88.21 22.99
N CYS L 244 -20.07 -89.32 23.47
CA CYS L 244 -20.73 -90.11 24.51
C CYS L 244 -20.22 -89.67 25.88
N ASN L 245 -19.56 -88.52 25.92
CA ASN L 245 -19.04 -87.92 27.15
C ASN L 245 -20.13 -87.44 28.10
N GLY L 246 -19.69 -86.95 29.25
CA GLY L 246 -20.55 -86.22 30.17
C GLY L 246 -19.98 -84.82 30.34
N ALA L 247 -18.97 -84.50 29.54
CA ALA L 247 -18.23 -83.26 29.66
C ALA L 247 -18.37 -82.40 28.40
N PRO L 248 -19.27 -81.42 28.45
CA PRO L 248 -19.52 -80.47 27.35
C PRO L 248 -18.32 -79.58 27.10
N THR L 249 -18.10 -79.19 25.84
CA THR L 249 -16.93 -78.40 25.48
C THR L 249 -17.30 -77.02 24.93
N ASP L 250 -18.59 -76.79 24.72
CA ASP L 250 -19.08 -75.51 24.22
C ASP L 250 -19.06 -74.47 25.35
N PHE L 251 -19.18 -73.19 24.99
CA PHE L 251 -19.42 -72.15 25.98
C PHE L 251 -20.55 -71.26 25.48
N PRO L 252 -21.58 -71.06 26.32
CA PRO L 252 -21.66 -71.53 27.71
C PRO L 252 -21.97 -73.02 27.84
N ARG L 253 -21.89 -73.52 29.06
CA ARG L 253 -22.16 -74.91 29.37
C ARG L 253 -22.44 -75.02 30.87
N GLY L 254 -23.06 -76.13 31.27
CA GLY L 254 -23.27 -76.39 32.68
C GLY L 254 -22.11 -77.16 33.24
N GLY L 255 -22.28 -77.73 34.43
CA GLY L 255 -21.23 -78.52 35.05
C GLY L 255 -21.27 -79.92 34.49
N LEU L 256 -20.41 -80.79 35.01
CA LEU L 256 -20.34 -82.18 34.56
C LEU L 256 -21.61 -82.97 34.89
N THR L 257 -21.93 -83.92 34.04
CA THR L 257 -23.10 -84.76 34.21
C THR L 257 -22.73 -86.23 34.07
N THR L 258 -23.71 -87.11 34.24
CA THR L 258 -23.48 -88.54 34.04
C THR L 258 -23.31 -88.79 32.54
N PRO L 259 -22.20 -89.45 32.17
CA PRO L 259 -21.83 -89.78 30.79
C PRO L 259 -22.91 -90.52 29.99
N SER L 260 -23.22 -90.00 28.80
CA SER L 260 -24.17 -90.61 27.89
C SER L 260 -23.99 -89.96 26.52
N CYS L 261 -24.55 -90.57 25.47
CA CYS L 261 -24.45 -90.02 24.13
C CYS L 261 -25.58 -89.02 23.85
N LYS L 262 -26.24 -88.56 24.91
CA LYS L 262 -27.33 -87.60 24.80
C LYS L 262 -26.84 -86.16 24.95
N MET L 263 -27.58 -85.21 24.38
CA MET L 263 -27.24 -83.79 24.42
C MET L 263 -27.13 -83.22 25.84
N ALA L 264 -26.29 -82.20 25.98
CA ALA L 264 -26.12 -81.48 27.26
C ALA L 264 -27.02 -80.25 27.26
N GLN L 265 -28.15 -80.35 27.94
CA GLN L 265 -29.20 -79.33 27.87
C GLN L 265 -29.03 -78.09 28.76
N GLU L 266 -28.21 -78.18 29.82
CA GLU L 266 -27.97 -77.01 30.65
C GLU L 266 -27.12 -75.97 29.89
N LYS L 267 -27.68 -74.78 29.69
CA LYS L 267 -27.05 -73.69 28.94
C LYS L 267 -26.64 -74.02 27.50
N GLY L 268 -27.49 -74.71 26.76
CA GLY L 268 -27.18 -75.05 25.39
C GLY L 268 -27.31 -73.91 24.39
N GLU L 269 -28.27 -73.01 24.62
CA GLU L 269 -28.43 -71.84 23.75
C GLU L 269 -27.21 -70.94 23.80
N GLY L 270 -26.81 -70.45 22.63
CA GLY L 270 -25.59 -69.68 22.49
C GLY L 270 -24.50 -70.66 22.16
N GLY L 271 -23.26 -70.18 22.02
CA GLY L 271 -22.18 -71.07 21.68
C GLY L 271 -20.97 -70.39 21.08
N ILE L 272 -19.92 -71.16 20.84
CA ILE L 272 -18.71 -70.65 20.20
C ILE L 272 -18.02 -71.74 19.36
N GLN L 273 -17.39 -71.33 18.26
CA GLN L 273 -16.68 -72.26 17.39
C GLN L 273 -15.60 -73.01 18.17
N GLY L 274 -15.51 -74.31 17.92
CA GLY L 274 -14.56 -75.14 18.65
C GLY L 274 -14.30 -76.44 17.90
N PHE L 275 -13.35 -77.21 18.41
CA PHE L 275 -12.89 -78.39 17.68
C PHE L 275 -12.80 -79.63 18.55
N ILE L 276 -13.00 -80.79 17.93
CA ILE L 276 -12.79 -82.07 18.59
C ILE L 276 -12.04 -82.98 17.63
N LEU L 277 -10.89 -83.49 18.07
CA LEU L 277 -10.11 -84.40 17.25
C LEU L 277 -10.52 -85.85 17.47
N ASP L 278 -11.34 -86.40 16.59
CA ASP L 278 -11.76 -87.79 16.71
C ASP L 278 -10.90 -88.77 15.89
N GLU L 279 -9.86 -89.29 16.54
CA GLU L 279 -8.97 -90.29 15.95
C GLU L 279 -8.90 -91.41 16.96
N LYS L 280 -7.88 -92.26 16.88
CA LYS L 280 -7.87 -93.46 17.73
C LYS L 280 -7.72 -93.03 19.19
N PRO L 281 -6.77 -92.15 19.50
CA PRO L 281 -7.05 -91.46 20.76
C PRO L 281 -7.73 -90.15 20.42
N ALA L 282 -8.70 -89.74 21.20
CA ALA L 282 -9.41 -88.50 20.90
C ALA L 282 -8.79 -87.36 21.70
N TRP L 283 -8.87 -86.15 21.16
CA TRP L 283 -8.45 -84.98 21.91
C TRP L 283 -9.64 -84.04 21.95
N THR L 284 -9.98 -83.57 23.15
CA THR L 284 -11.12 -82.69 23.31
C THR L 284 -10.59 -81.33 23.73
N SER L 285 -11.37 -80.28 23.51
CA SER L 285 -10.92 -78.93 23.79
C SER L 285 -12.05 -78.05 24.29
N LYS L 286 -11.73 -77.20 25.26
CA LYS L 286 -12.71 -76.34 25.92
C LYS L 286 -12.05 -75.33 26.85
N THR L 287 -12.83 -74.36 27.32
CA THR L 287 -12.39 -73.41 28.34
C THR L 287 -12.04 -74.13 29.63
N LYS L 288 -11.31 -73.46 30.51
CA LYS L 288 -10.93 -74.06 31.79
C LYS L 288 -12.15 -74.31 32.65
N ALA L 289 -13.01 -73.30 32.77
CA ALA L 289 -14.23 -73.40 33.56
C ALA L 289 -15.44 -72.88 32.80
N GLU L 290 -16.62 -73.28 33.28
CA GLU L 290 -17.90 -72.91 32.68
C GLU L 290 -18.37 -71.56 33.21
N SER L 291 -17.65 -71.08 34.22
CA SER L 291 -18.01 -69.84 34.90
C SER L 291 -17.58 -68.64 34.06
N SER L 292 -16.57 -68.85 33.22
CA SER L 292 -15.99 -67.76 32.45
C SER L 292 -15.36 -68.28 31.18
N GLN L 293 -15.19 -67.38 30.20
CA GLN L 293 -14.64 -67.76 28.90
C GLN L 293 -13.13 -67.63 28.92
N ASN L 294 -12.54 -67.98 30.05
CA ASN L 294 -11.10 -67.85 30.21
C ASN L 294 -10.40 -69.20 30.27
N GLY L 295 -9.18 -69.25 29.75
CA GLY L 295 -8.39 -70.46 29.76
C GLY L 295 -8.77 -71.38 28.61
N PHE L 296 -8.02 -72.46 28.47
CA PHE L 296 -8.21 -73.41 27.38
C PHE L 296 -7.52 -74.71 27.80
N VAL L 297 -8.27 -75.81 27.84
CA VAL L 297 -7.70 -77.08 28.29
C VAL L 297 -7.87 -78.17 27.25
N LEU L 298 -6.80 -78.91 26.99
CA LEU L 298 -6.86 -80.02 26.05
C LEU L 298 -6.78 -81.33 26.84
N GLU L 299 -7.74 -82.22 26.58
CA GLU L 299 -7.75 -83.51 27.24
C GLU L 299 -7.87 -84.66 26.23
N GLN L 300 -7.05 -85.68 26.43
CA GLN L 300 -6.98 -86.81 25.52
C GLN L 300 -7.85 -88.00 25.94
N ILE L 301 -8.50 -88.62 24.95
CA ILE L 301 -9.31 -89.80 25.19
C ILE L 301 -8.90 -90.96 24.27
N PRO L 302 -8.05 -91.86 24.78
CA PRO L 302 -7.51 -93.04 24.10
C PRO L 302 -8.62 -93.94 23.56
N ASN L 303 -9.72 -94.04 24.29
CA ASN L 303 -10.80 -94.94 23.92
C ASN L 303 -11.74 -94.38 22.84
N GLY L 304 -11.43 -93.19 22.33
CA GLY L 304 -12.25 -92.59 21.28
C GLY L 304 -13.38 -91.75 21.84
N ILE L 305 -14.04 -90.98 20.96
CA ILE L 305 -15.11 -90.08 21.39
C ILE L 305 -16.48 -90.75 21.39
N GLU L 306 -16.56 -91.95 20.83
CA GLU L 306 -17.80 -92.72 20.88
C GLU L 306 -17.79 -93.64 22.09
N SER L 307 -16.75 -93.48 22.92
CA SER L 307 -16.65 -94.20 24.17
C SER L 307 -17.09 -93.30 25.32
N GLU L 308 -16.98 -93.79 26.55
CA GLU L 308 -17.21 -92.94 27.71
C GLU L 308 -15.96 -92.09 27.96
N GLY L 309 -16.14 -90.95 28.63
CA GLY L 309 -15.10 -89.96 28.74
C GLY L 309 -14.01 -90.14 29.78
N THR L 310 -13.13 -91.11 29.55
CA THR L 310 -12.00 -91.38 30.45
C THR L 310 -10.73 -90.71 29.92
N VAL L 311 -10.25 -89.71 30.65
CA VAL L 311 -9.13 -88.88 30.22
C VAL L 311 -7.78 -89.46 30.68
N SER L 312 -6.82 -89.53 29.77
CA SER L 312 -5.47 -90.02 30.10
C SER L 312 -4.49 -88.87 30.26
N LEU L 313 -4.50 -87.94 29.29
CA LEU L 313 -3.61 -86.79 29.33
C LEU L 313 -4.44 -85.51 29.32
N SER L 314 -4.03 -84.54 30.15
CA SER L 314 -4.76 -83.28 30.27
C SER L 314 -3.82 -82.08 30.29
N TYR L 315 -3.91 -81.26 29.24
CA TYR L 315 -3.08 -80.07 29.10
C TYR L 315 -3.84 -78.76 29.28
N GLU L 316 -3.37 -77.91 30.18
CA GLU L 316 -3.92 -76.57 30.34
C GLU L 316 -3.04 -75.55 29.64
N LEU L 317 -3.36 -75.25 28.38
CA LEU L 317 -2.57 -74.31 27.60
C LEU L 317 -2.75 -72.88 28.09
N PHE L 318 -3.96 -72.55 28.54
CA PHE L 318 -4.23 -71.23 29.07
C PHE L 318 -5.08 -71.34 30.34
N SER L 319 -4.90 -70.40 31.26
CA SER L 319 -5.72 -70.34 32.47
C SER L 319 -6.56 -69.06 32.54
N ASN L 320 -5.89 -67.92 32.43
CA ASN L 320 -6.53 -66.62 32.63
C ASN L 320 -6.85 -65.85 31.35
N LYS L 321 -6.14 -66.15 30.26
CA LYS L 321 -6.37 -65.49 28.98
C LYS L 321 -7.82 -65.65 28.52
N ARG L 322 -8.41 -64.55 28.04
CA ARG L 322 -9.75 -64.61 27.49
C ARG L 322 -9.70 -65.36 26.17
N THR L 323 -10.64 -66.29 25.99
CA THR L 323 -10.56 -67.25 24.89
C THR L 323 -11.72 -67.06 23.93
N GLY L 324 -11.49 -67.34 22.66
CA GLY L 324 -12.53 -67.22 21.65
C GLY L 324 -12.64 -68.43 20.77
N ARG L 325 -12.73 -68.19 19.46
CA ARG L 325 -12.91 -69.25 18.48
C ARG L 325 -11.69 -70.17 18.44
N SER L 326 -11.89 -71.41 18.02
CA SER L 326 -10.80 -72.33 17.75
C SER L 326 -11.19 -73.27 16.61
N GLY L 327 -10.21 -73.78 15.88
CA GLY L 327 -10.47 -74.64 14.75
C GLY L 327 -9.23 -75.29 14.20
N PHE L 328 -9.41 -76.27 13.31
CA PHE L 328 -8.30 -77.04 12.76
C PHE L 328 -7.65 -76.32 11.59
N PHE L 329 -6.37 -76.61 11.35
CA PHE L 329 -5.76 -76.41 10.04
C PHE L 329 -4.64 -77.43 9.88
N GLN L 330 -4.38 -77.85 8.65
CA GLN L 330 -3.30 -78.78 8.40
C GLN L 330 -2.24 -78.12 7.55
N PRO L 331 -0.98 -78.16 8.02
CA PRO L 331 0.11 -77.68 7.18
C PRO L 331 0.25 -78.64 6.03
N LYS L 332 0.28 -78.14 4.81
CA LYS L 332 0.35 -79.01 3.64
C LYS L 332 1.76 -78.95 3.08
N GLY L 333 2.68 -79.57 3.80
CA GLY L 333 4.09 -79.58 3.41
C GLY L 333 4.81 -80.61 4.24
N ASP L 334 5.47 -80.15 5.30
CA ASP L 334 6.20 -81.01 6.24
C ASP L 334 7.04 -82.03 5.47
N LEU L 335 8.23 -81.60 5.04
CA LEU L 335 9.09 -82.44 4.22
C LEU L 335 10.12 -83.20 5.07
N ILE L 336 9.92 -83.20 6.38
CA ILE L 336 10.85 -83.91 7.28
C ILE L 336 10.16 -85.12 7.92
N SER L 337 8.84 -85.05 8.10
CA SER L 337 8.08 -86.16 8.64
C SER L 337 7.32 -86.86 7.52
N GLY L 338 7.29 -88.19 7.56
CA GLY L 338 6.57 -88.96 6.56
C GLY L 338 5.14 -89.25 6.98
N CYS L 339 4.78 -88.76 8.17
CA CYS L 339 3.40 -88.86 8.64
C CYS L 339 2.79 -87.46 8.76
N GLN L 340 1.46 -87.40 8.74
CA GLN L 340 0.73 -86.13 8.75
C GLN L 340 0.53 -85.47 10.13
N ARG L 341 1.04 -84.26 10.27
CA ARG L 341 0.82 -83.46 11.46
C ARG L 341 -0.59 -82.85 11.51
N ILE L 342 -1.01 -82.48 12.72
CA ILE L 342 -2.29 -81.78 12.90
C ILE L 342 -2.10 -80.52 13.75
N CYS L 343 -2.79 -79.46 13.38
CA CYS L 343 -2.66 -78.18 14.06
C CYS L 343 -4.02 -77.54 14.27
N PHE L 344 -4.09 -76.62 15.23
CA PHE L 344 -5.28 -75.80 15.41
C PHE L 344 -4.94 -74.33 15.69
N TRP L 345 -5.87 -73.44 15.35
CA TRP L 345 -5.70 -72.02 15.65
C TRP L 345 -6.61 -71.65 16.81
N LEU L 346 -6.30 -70.56 17.51
CA LEU L 346 -7.08 -70.15 18.68
C LEU L 346 -7.01 -68.66 18.93
N GLU L 347 -8.18 -68.03 19.06
CA GLU L 347 -8.27 -66.61 19.39
C GLU L 347 -7.97 -66.37 20.86
N ILE L 348 -6.98 -65.55 21.14
CA ILE L 348 -6.73 -65.09 22.51
C ILE L 348 -6.65 -63.57 22.57
N GLU L 349 -7.38 -63.00 23.52
CA GLU L 349 -7.51 -61.54 23.63
C GLU L 349 -6.31 -60.86 24.29
N ASP L 350 -5.81 -59.83 23.63
CA ASP L 350 -4.78 -58.97 24.23
C ASP L 350 -5.49 -57.99 25.16
N GLN L 351 -5.51 -58.26 26.45
CA GLN L 351 -6.24 -57.43 27.40
C GLN L 351 -5.63 -56.05 27.57
N THR L 352 -4.43 -55.87 27.03
CA THR L 352 -3.76 -54.57 27.08
C THR L 352 -4.40 -53.60 26.08
N VAL L 353 -5.15 -54.13 25.13
CA VAL L 353 -5.87 -53.29 24.17
C VAL L 353 -7.33 -53.28 24.60
N GLY L 354 -7.85 -52.09 24.90
CA GLY L 354 -9.20 -51.95 25.39
C GLY L 354 -10.26 -52.47 24.44
N LEU L 355 -11.38 -52.91 25.01
CA LEU L 355 -12.58 -53.24 24.26
C LEU L 355 -12.43 -54.45 23.34
N GLY L 356 -11.44 -55.30 23.60
CA GLY L 356 -11.23 -56.51 22.82
C GLY L 356 -11.02 -56.30 21.33
N MET L 357 -10.44 -55.15 20.97
CA MET L 357 -10.17 -54.84 19.57
C MET L 357 -9.14 -55.76 18.91
N ILE L 358 -8.29 -56.37 19.73
CA ILE L 358 -7.26 -57.25 19.20
C ILE L 358 -7.49 -58.68 19.67
N GLN L 359 -7.93 -59.53 18.73
CA GLN L 359 -8.01 -60.95 19.00
C GLN L 359 -6.82 -61.56 18.28
N GLU L 360 -5.81 -61.91 19.06
CA GLU L 360 -4.63 -62.55 18.49
C GLU L 360 -5.03 -63.95 18.06
N LEU L 361 -4.65 -64.32 16.84
CA LEU L 361 -4.94 -65.68 16.38
C LEU L 361 -3.72 -66.54 16.64
N SER L 362 -3.71 -67.19 17.80
CA SER L 362 -2.59 -68.05 18.17
C SER L 362 -2.74 -69.38 17.46
N THR L 363 -1.64 -70.09 17.30
CA THR L 363 -1.66 -71.39 16.63
C THR L 363 -0.92 -72.42 17.47
N PHE L 364 -1.45 -73.65 17.49
CA PHE L 364 -0.77 -74.76 18.15
C PHE L 364 -0.69 -75.95 17.21
N CYS L 365 0.43 -76.67 17.27
CA CYS L 365 0.58 -77.89 16.50
C CYS L 365 0.90 -79.07 17.41
N GLY L 366 0.46 -80.26 17.01
CA GLY L 366 0.73 -81.46 17.77
C GLY L 366 2.14 -81.96 17.55
N ILE L 367 2.72 -82.58 18.58
CA ILE L 367 4.05 -83.19 18.47
C ILE L 367 4.03 -84.62 19.01
N ASN L 368 4.95 -85.43 18.52
CA ASN L 368 5.04 -86.84 18.92
C ASN L 368 5.66 -87.05 20.29
N SER L 369 6.23 -85.98 20.84
CA SER L 369 6.84 -86.02 22.16
C SER L 369 5.93 -85.40 23.21
N PRO L 370 5.95 -85.94 24.43
CA PRO L 370 5.23 -85.25 25.50
C PRO L 370 5.98 -83.98 25.87
N VAL L 371 5.26 -82.98 26.37
CA VAL L 371 5.85 -81.68 26.71
C VAL L 371 5.25 -81.28 28.06
N GLN L 372 5.94 -80.42 28.80
CA GLN L 372 5.42 -80.01 30.11
C GLN L 372 4.10 -79.28 29.96
N ASN L 373 3.22 -79.43 30.95
CA ASN L 373 1.93 -78.76 30.96
C ASN L 373 2.08 -77.32 31.47
N ILE L 374 2.72 -76.50 30.65
CA ILE L 374 3.02 -75.10 30.95
C ILE L 374 1.86 -74.16 30.60
N ASN L 375 1.72 -73.09 31.38
CA ASN L 375 0.72 -72.05 31.13
C ASN L 375 1.24 -71.00 30.16
N TRP L 376 0.52 -70.78 29.05
CA TRP L 376 0.98 -69.80 28.06
C TRP L 376 0.38 -68.41 28.25
N ASP L 377 -0.26 -68.18 29.39
CA ASP L 377 -0.74 -66.84 29.74
C ASP L 377 0.42 -65.88 29.94
C1 NAG M . -30.04 -17.28 31.54
C2 NAG M . -30.68 -18.12 32.65
C3 NAG M . -29.64 -18.58 33.67
C4 NAG M . -28.46 -19.23 32.97
C5 NAG M . -27.89 -18.28 31.92
C6 NAG M . -26.77 -18.97 31.15
C7 NAG M . -33.03 -17.66 33.06
C8 NAG M . -34.06 -16.88 33.83
N2 NAG M . -31.74 -17.39 33.31
O3 NAG M . -30.23 -19.49 34.57
O4 NAG M . -27.45 -19.56 33.89
O5 NAG M . -28.88 -17.89 31.00
O6 NAG M . -27.30 -19.54 29.97
O7 NAG M . -33.37 -18.51 32.23
C1 FUC M . -26.27 -19.61 28.97
C2 FUC M . -26.79 -20.38 27.73
C3 FUC M . -27.79 -19.52 26.95
C4 FUC M . -27.10 -18.20 26.54
C5 FUC M . -26.67 -17.47 27.82
C6 FUC M . -25.92 -16.16 27.55
O2 FUC M . -27.37 -21.63 28.08
O3 FUC M . -28.20 -20.19 25.75
O4 FUC M . -25.98 -18.49 25.73
O5 FUC M . -25.78 -18.31 28.62
C1 NAG N . -55.75 50.85 18.58
C2 NAG N . -57.20 51.18 18.94
C3 NAG N . -57.35 51.80 20.34
C4 NAG N . -56.50 51.08 21.38
C5 NAG N . -55.06 50.99 20.87
C6 NAG N . -54.09 50.45 21.94
C7 NAG N . -58.76 51.74 17.16
C8 NAG N . -58.56 51.86 15.67
N2 NAG N . -57.73 52.09 17.93
O3 NAG N . -58.71 51.75 20.71
O4 NAG N . -56.53 51.83 22.58
O5 NAG N . -55.02 50.27 19.65
O6 NAG N . -53.48 49.18 21.69
O7 NAG N . -59.82 51.33 17.62
C1 NAG N . -57.28 51.15 23.61
C2 NAG N . -56.53 51.25 24.93
C3 NAG N . -56.27 52.73 25.15
C4 NAG N . -57.59 53.46 25.29
C5 NAG N . -58.69 53.02 24.30
C6 NAG N . -58.81 54.02 23.15
C7 NAG N . -56.95 50.57 27.29
C8 NAG N . -57.77 49.66 28.15
N2 NAG N . -57.29 50.62 26.00
O3 NAG N . -55.55 53.28 24.06
O4 NAG N . -58.07 53.30 26.61
O5 NAG N . -58.58 51.68 23.80
O6 NAG N . -59.33 55.24 23.66
O7 NAG N . -56.04 51.21 27.79
C1 FUL N . -54.38 48.06 21.52
C2 FUL N . -55.03 47.51 22.81
O2 FUL N . -55.27 48.47 23.83
C3 FUL N . -56.32 46.77 22.41
O3 FUL N . -56.80 45.95 23.47
C4 FUL N . -56.12 45.88 21.13
O4 FUL N . -56.67 44.58 21.34
C5 FUL N . -54.61 45.77 20.66
C6 FUL N . -53.82 44.62 21.33
O5 FUL N . -53.81 47.00 20.80
C1 NAG O . 35.67 -3.08 35.01
C2 NAG O . 36.71 -3.83 35.82
C3 NAG O . 36.14 -4.82 36.85
C4 NAG O . 34.70 -4.58 37.30
C5 NAG O . 33.84 -3.85 36.28
C6 NAG O . 32.64 -3.26 37.00
C7 NAG O . 38.87 -4.20 34.75
C8 NAG O . 39.62 -4.82 33.62
N2 NAG O . 37.59 -4.55 34.91
O3 NAG O . 36.96 -4.73 38.01
O4 NAG O . 34.09 -5.81 37.57
O5 NAG O . 34.54 -2.75 35.78
O6 NAG O . 33.15 -2.14 37.69
O7 NAG O . 39.41 -3.39 35.49
C1 FUC O . 32.09 -1.40 38.31
C2 FUC O . 32.70 -0.42 39.33
C3 FUC O . 33.32 0.81 38.65
C4 FUC O . 32.35 1.42 37.63
C5 FUC O . 31.96 0.34 36.64
C6 FUC O . 30.99 0.83 35.56
O2 FUC O . 33.67 -1.07 40.18
O3 FUC O . 33.59 1.83 39.61
O4 FUC O . 31.19 1.90 38.30
O5 FUC O . 31.31 -0.75 37.34
C1 NAG P . 47.00 18.90 -34.44
C2 NAG P . 48.44 18.86 -34.94
C3 NAG P . 48.69 17.66 -35.85
C4 NAG P . 48.17 16.39 -35.19
C5 NAG P . 46.69 16.56 -34.85
C6 NAG P . 46.12 15.22 -34.33
C7 NAG P . 49.96 20.66 -35.53
C8 NAG P . 50.02 22.16 -35.70
N2 NAG P . 48.76 20.09 -35.65
O3 NAG P . 50.07 17.56 -36.10
O4 NAG P . 48.31 15.28 -36.06
O5 NAG P . 46.52 17.66 -33.97
O6 NAG P . 45.40 15.26 -33.11
O7 NAG P . 50.99 20.03 -35.31
C1 NAG P . 49.45 14.49 -35.65
C2 NAG P . 49.08 13.02 -35.50
C3 NAG P . 48.75 12.37 -36.85
C4 NAG P . 49.15 13.20 -38.08
C5 NAG P . 50.28 14.21 -37.88
C6 NAG P . 50.01 15.49 -38.69
C7 NAG P . 49.99 11.03 -34.41
C8 NAG P . 49.77 10.80 -32.94
N2 NAG P . 50.14 12.29 -34.81
O3 NAG P . 47.38 12.09 -36.92
O4 NAG P . 49.53 12.30 -39.10
O5 NAG P . 50.55 14.58 -36.54
O6 NAG P . 49.91 15.17 -40.06
O7 NAG P . 50.05 10.06 -35.17
C1 FUL P . 46.18 15.47 -31.90
C2 FUL P . 47.18 14.35 -31.50
O2 FUL P . 47.89 13.73 -32.57
C3 FUL P . 48.16 14.91 -30.46
O3 FUL P . 48.79 13.84 -29.74
C4 FUL P . 47.50 15.87 -29.42
O4 FUL P . 47.88 15.52 -28.09
C5 FUL P . 45.92 15.97 -29.51
C6 FUL P . 45.20 15.03 -28.52
O5 FUL P . 45.32 15.73 -30.83
C1 NAG Q . -19.46 -35.73 -40.03
C2 NAG Q . -19.89 -36.03 -41.46
C3 NAG Q . -21.32 -35.64 -41.83
C4 NAG Q . -22.29 -35.83 -40.67
C5 NAG Q . -21.77 -35.14 -39.43
C6 NAG Q . -22.71 -35.50 -38.29
C7 NAG Q . -18.55 -35.93 -43.49
C8 NAG Q . -17.38 -35.31 -44.18
N2 NAG Q . -19.00 -35.34 -42.39
O3 NAG Q . -21.76 -36.46 -42.90
O4 NAG Q . -23.55 -35.28 -41.01
O5 NAG Q . -20.50 -35.65 -39.06
O6 NAG Q . -22.57 -36.90 -38.13
O7 NAG Q . -19.06 -36.96 -43.93
C1 FUC Q . -23.63 -37.45 -37.34
C2 FUC Q . -23.87 -38.87 -37.83
C3 FUC Q . -22.57 -39.68 -37.72
C4 FUC Q . -22.01 -39.60 -36.27
C5 FUC Q . -21.97 -38.12 -35.78
C6 FUC Q . -21.63 -37.97 -34.30
O2 FUC Q . -24.37 -38.92 -39.17
O3 FUC Q . -22.78 -41.06 -38.02
O4 FUC Q . -22.79 -40.38 -35.39
O5 FUC Q . -23.24 -37.45 -36.00
CA CA R . -14.24 -9.67 22.94
C1 NAG S . -8.31 16.52 20.47
C2 NAG S . -7.05 15.67 20.60
C3 NAG S . -6.14 16.19 21.72
C4 NAG S . -6.81 17.32 22.48
C5 NAG S . -8.23 16.92 22.85
C6 NAG S . -8.95 18.07 23.56
C7 NAG S . -6.95 13.50 21.76
C8 NAG S . -7.85 13.20 22.92
N2 NAG S . -7.44 14.28 20.80
O3 NAG S . -4.91 16.62 21.16
O4 NAG S . -6.08 17.61 23.65
O5 NAG S . -8.99 16.51 21.72
O6 NAG S . -10.27 17.70 23.85
O7 NAG S . -5.81 13.02 21.72
C1 NAG T . -48.77 0.13 8.50
C2 NAG T . -50.09 -0.60 8.71
C3 NAG T . -51.20 0.37 8.37
C4 NAG T . -51.14 0.62 6.88
C5 NAG T . -49.73 1.02 6.45
C6 NAG T . -49.74 2.29 5.62
C7 NAG T . -49.59 -2.90 7.80
C8 NAG T . -50.07 -3.90 6.79
N2 NAG T . -50.27 -1.74 7.80
O3 NAG T . -50.98 1.59 9.05
O4 NAG T . -51.50 -0.57 6.22
O5 NAG T . -48.93 1.22 7.60
O6 NAG T . -48.41 2.70 5.38
O7 NAG T . -48.65 -3.16 8.54
CA CA U . -38.00 43.80 22.21
C1 NAG V . -57.02 29.01 -9.62
C2 NAG V . -58.33 29.72 -9.94
C3 NAG V . -59.40 28.65 -9.78
C4 NAG V . -59.14 27.55 -10.80
C5 NAG V . -57.68 27.07 -10.79
C6 NAG V . -57.34 26.26 -12.05
C7 NAG V . -57.98 32.07 -9.42
C8 NAG V . -58.50 33.29 -8.71
N2 NAG V . -58.51 30.88 -9.08
O3 NAG V . -60.68 29.21 -9.94
O4 NAG V . -59.98 26.45 -10.54
O5 NAG V . -56.75 28.14 -10.70
O6 NAG V . -55.94 26.22 -12.22
O7 NAG V . -57.09 32.19 -10.25
CA CA W . -22.14 50.22 -34.00
C1 NAG X . -30.42 46.65 -51.02
C2 NAG X . -31.05 47.05 -52.35
C3 NAG X . -30.92 48.53 -52.73
C4 NAG X . -30.97 49.45 -51.52
C5 NAG X . -30.05 48.93 -50.43
C6 NAG X . -30.04 49.85 -49.22
C7 NAG X . -31.22 45.59 -54.28
C8 NAG X . -30.53 44.75 -55.32
N2 NAG X . -30.46 46.26 -53.43
O3 NAG X . -31.97 48.88 -53.59
O4 NAG X . -30.55 50.74 -51.92
O5 NAG X . -30.49 47.65 -50.03
O6 NAG X . -31.08 49.47 -48.32
O7 NAG X . -32.44 45.63 -54.25
CA CA Y . 1.97 -3.34 -33.05
C1 NAG Z . 9.34 -14.47 -25.02
C2 NAG Z . 10.79 -14.52 -25.46
C3 NAG Z . 11.71 -14.62 -24.25
C4 NAG Z . 11.04 -14.16 -22.94
C5 NAG Z . 10.00 -13.04 -23.19
C6 NAG Z . 10.65 -11.67 -23.42
C7 NAG Z . 10.48 -15.55 -27.63
C8 NAG Z . 10.11 -16.83 -28.31
N2 NAG Z . 10.97 -15.63 -26.39
O3 NAG Z . 12.88 -13.86 -24.49
O4 NAG Z . 10.35 -15.28 -22.43
O5 NAG Z . 9.09 -13.32 -24.23
O6 NAG Z . 9.70 -10.67 -23.73
O7 NAG Z . 10.32 -14.48 -28.22
C1 NAG AA . -5.62 -22.13 -38.01
C2 NAG AA . -5.13 -23.44 -38.62
C3 NAG AA . -3.64 -23.54 -38.95
C4 NAG AA . -3.00 -22.18 -39.14
C5 NAG AA . -3.39 -21.26 -38.01
C6 NAG AA . -2.64 -19.95 -38.15
C7 NAG AA . -6.52 -25.29 -37.92
C8 NAG AA . -6.62 -26.57 -37.13
N2 NAG AA . -5.47 -24.52 -37.69
O3 NAG AA . -3.53 -24.25 -40.16
O4 NAG AA . -1.60 -22.29 -39.14
O5 NAG AA . -4.76 -21.00 -38.08
O6 NAG AA . -2.82 -19.48 -39.46
O7 NAG AA . -7.40 -24.99 -38.72
C1 NAG BA . -1.45 -21.40 -42.21
C2 NAG BA . -0.04 -20.89 -42.31
C3 NAG BA . 0.43 -20.23 -43.59
C4 NAG BA . 0.62 -21.33 -44.63
C5 NAG BA . -0.59 -22.25 -44.49
C6 NAG BA . -0.29 -23.72 -44.16
C7 NAG BA . 0.88 -20.54 -40.06
C8 NAG BA . 0.94 -19.66 -38.85
N2 NAG BA . 0.26 -20.06 -41.14
O3 NAG BA . 1.68 -19.59 -43.37
O4 NAG BA . 0.61 -20.76 -45.91
O5 NAG BA . -1.53 -21.62 -43.63
O6 NAG BA . -0.78 -24.54 -45.20
O7 NAG BA . 1.40 -21.65 -40.03
C1 FUC CA . -3.62 -16.63 -40.79
C2 FUC CA . -4.69 -17.63 -41.46
C3 FUC CA . -6.06 -17.80 -40.66
C4 FUC CA . -6.14 -16.86 -39.44
C5 FUC CA . -4.82 -17.02 -38.69
C6 FUC CA . -4.34 -15.75 -37.97
O2 FUC CA . -4.16 -18.92 -41.76
O3 FUC CA . -7.17 -17.52 -41.53
O4 FUC CA . -6.37 -15.49 -39.82
O5 FUC CA . -3.78 -17.45 -39.61
CA CA DA . 17.43 3.22 31.17
C1 NAG EA . 46.83 24.14 17.06
C2 NAG EA . 47.84 23.77 18.15
C3 NAG EA . 49.25 23.88 17.57
C4 NAG EA . 49.53 25.29 17.07
C5 NAG EA . 48.25 25.96 16.58
C6 NAG EA . 48.52 27.06 15.56
C7 NAG EA . 48.01 24.33 20.54
C8 NAG EA . 49.21 25.02 21.12
N2 NAG EA . 47.68 24.65 19.30
O3 NAG EA . 49.38 22.97 16.51
O4 NAG EA . 50.08 26.04 18.14
O5 NAG EA . 47.41 24.96 16.06
O6 NAG EA . 47.37 27.88 15.47
O7 NAG EA . 47.37 23.53 21.23
CA CA FA . 31.38 11.43 -25.09
C1 NAG GA . 46.08 46.31 -11.24
C2 NAG GA . 47.09 46.16 -10.10
C3 NAG GA . 48.46 46.61 -10.61
C4 NAG GA . 48.82 45.84 -11.87
C5 NAG GA . 47.70 45.93 -12.91
C6 NAG GA . 47.98 45.05 -14.13
C7 NAG GA . 45.84 46.36 -8.02
C8 NAG GA . 46.08 46.75 -6.59
N2 NAG GA . 46.64 46.90 -8.94
O3 NAG GA . 49.43 46.43 -9.61
O4 NAG GA . 50.01 46.37 -12.44
O5 NAG GA . 46.47 45.52 -12.34
O6 NAG GA . 46.93 45.17 -15.06
O7 NAG GA . 44.93 45.58 -8.30
CA CA HA . 5.42 64.04 -23.92
C1 NAG IA . 11.50 82.49 -20.06
C2 NAG IA . 11.61 83.96 -20.47
C3 NAG IA . 10.56 84.31 -21.51
C4 NAG IA . 10.67 83.34 -22.68
C5 NAG IA . 10.56 81.90 -22.19
C6 NAG IA . 10.77 80.91 -23.33
C7 NAG IA . 12.54 85.56 -18.89
C8 NAG IA . 12.24 86.74 -18.01
N2 NAG IA . 11.51 84.82 -19.30
O3 NAG IA . 10.74 85.63 -21.95
O4 NAG IA . 9.64 83.59 -23.61
O5 NAG IA . 11.52 81.63 -21.19
O6 NAG IA . 11.97 80.19 -23.13
O7 NAG IA . 13.70 85.32 -19.21
CA CA JA . -8.54 56.00 32.44
C1 NAG KA . 0.42 60.26 49.60
C2 NAG KA . 0.75 61.18 50.78
C3 NAG KA . -0.51 61.78 51.37
C4 NAG KA . -1.34 62.43 50.27
C5 NAG KA . -1.62 61.44 49.16
C6 NAG KA . -2.33 62.12 47.98
C7 NAG KA . 2.50 61.04 52.47
C8 NAG KA . 3.88 60.57 52.14
N2 NAG KA . 1.49 60.46 51.81
O3 NAG KA . -0.16 62.75 52.33
O4 NAG KA . -2.55 62.91 50.79
O5 NAG KA . -0.42 60.89 48.65
O6 NAG KA . -1.42 62.93 47.28
O7 NAG KA . 2.33 61.92 53.30
CA CA LA . -23.57 -34.86 -20.71
C1 NAG MA . 8.70 -54.68 -31.25
C2 NAG MA . 9.48 -54.78 -32.56
C3 NAG MA . 10.32 -56.05 -32.68
C4 NAG MA . 10.15 -57.02 -31.50
C5 NAG MA . 10.09 -56.32 -30.14
C6 NAG MA . 11.49 -56.22 -29.53
C7 NAG MA . 7.31 -55.04 -33.70
C8 NAG MA . 6.98 -56.44 -34.11
N2 NAG MA . 8.60 -54.69 -33.72
O3 NAG MA . 11.69 -55.71 -32.80
O4 NAG MA . 9.00 -57.82 -31.71
O5 NAG MA . 9.52 -55.02 -30.16
O6 NAG MA . 12.22 -55.21 -30.21
O7 NAG MA . 6.41 -54.26 -33.40
CA CA NA . 32.13 -21.74 -7.26
CA CA OA . 31.07 -60.36 36.64
C1 NAG PA . 35.29 -79.91 38.60
C2 NAG PA . 35.82 -81.34 38.69
C3 NAG PA . 36.65 -81.63 39.94
C4 NAG PA . 37.55 -80.45 40.30
C5 NAG PA . 36.70 -79.17 40.40
C6 NAG PA . 37.52 -77.96 40.84
C7 NAG PA . 33.93 -82.74 39.52
C8 NAG PA . 32.52 -82.21 39.54
N2 NAG PA . 34.73 -82.30 38.54
O3 NAG PA . 37.44 -82.77 39.71
O4 NAG PA . 38.18 -80.71 41.53
O5 NAG PA . 36.14 -78.91 39.14
O6 NAG PA . 37.17 -76.83 40.08
O7 NAG PA . 34.28 -83.56 40.37
CA CA QA . -24.31 -74.28 22.66
C1 NAG RA . -32.32 -87.68 11.10
C2 NAG RA . -31.64 -88.87 10.38
C3 NAG RA . -31.43 -90.09 11.26
C4 NAG RA . -30.94 -89.70 12.64
C5 NAG RA . -31.91 -88.71 13.26
C6 NAG RA . -31.49 -88.35 14.68
C7 NAG RA . -31.83 -89.48 8.03
C8 NAG RA . -32.72 -89.55 6.83
N2 NAG RA . -32.41 -89.25 9.21
O3 NAG RA . -30.49 -90.94 10.64
O4 NAG RA . -30.83 -90.84 13.45
O5 NAG RA . -31.96 -87.53 12.47
O6 NAG RA . -30.84 -89.44 15.28
O7 NAG RA . -30.61 -89.61 7.90
#